data_2RNY
#
_entry.id   2RNY
#
loop_
_entity.id
_entity.type
_entity.pdbx_description
1 polymer 'CREB-binding protein'
2 polymer 'Histone H4'
#
loop_
_entity_poly.entity_id
_entity_poly.type
_entity_poly.pdbx_seq_one_letter_code
_entity_poly.pdbx_strand_id
1 'polypeptide(L)'
;GSHMRKKIFKPEELRQALMPTLEALYRQDPESLPFRQPVDPQLLGIPDYFDIVKNPMDLSTIKRKLDTGQYQEPWQYVDD
VWLMFNNAWLYNRKTSRVYKFCSKLAEVFEQEIDPVMQSLG
;
A
2 'polypeptide(L)' GGAKRHR(ALY)VLRDNIQ B
#
# COMPACT_ATOMS: atom_id res chain seq x y z
N GLY A 1 12.13 -11.21 16.31
CA GLY A 1 12.34 -11.97 15.04
C GLY A 1 11.12 -12.78 14.66
N SER A 2 10.79 -13.78 15.47
CA SER A 2 9.64 -14.63 15.20
C SER A 2 8.35 -13.99 15.75
N HIS A 3 8.16 -14.10 17.05
CA HIS A 3 6.97 -13.54 17.70
C HIS A 3 7.31 -12.20 18.34
N MET A 4 6.71 -11.12 17.83
CA MET A 4 6.97 -9.78 18.37
C MET A 4 6.83 -9.77 19.89
N ARG A 5 5.59 -9.66 20.39
CA ARG A 5 5.34 -9.62 21.84
C ARG A 5 3.88 -9.92 22.14
N LYS A 6 3.00 -9.60 21.20
CA LYS A 6 1.56 -9.81 21.37
C LYS A 6 1.18 -11.27 21.14
N LYS A 7 0.36 -11.50 20.10
CA LYS A 7 -0.13 -12.83 19.78
C LYS A 7 0.77 -13.51 18.75
N ILE A 8 0.79 -13.00 17.52
CA ILE A 8 1.63 -13.57 16.46
C ILE A 8 1.22 -15.01 16.15
N PHE A 9 0.58 -15.18 14.99
CA PHE A 9 0.06 -16.46 14.56
C PHE A 9 0.82 -16.93 13.33
N LYS A 10 0.16 -17.77 12.55
CA LYS A 10 0.71 -18.26 11.31
C LYS A 10 0.52 -17.19 10.24
N PRO A 11 1.51 -17.00 9.34
CA PRO A 11 1.40 -15.98 8.29
C PRO A 11 0.07 -16.06 7.53
N GLU A 12 -0.58 -17.23 7.60
CA GLU A 12 -1.86 -17.43 6.93
C GLU A 12 -2.99 -16.85 7.78
N GLU A 13 -2.87 -16.98 9.09
CA GLU A 13 -3.86 -16.45 10.02
C GLU A 13 -4.03 -14.99 9.75
N LEU A 14 -2.89 -14.33 9.76
CA LEU A 14 -2.83 -12.92 9.53
C LEU A 14 -3.52 -12.62 8.23
N ARG A 15 -3.01 -13.21 7.16
CA ARG A 15 -3.60 -13.02 5.84
C ARG A 15 -5.10 -13.06 5.90
N GLN A 16 -5.62 -14.00 6.69
CA GLN A 16 -7.05 -14.15 6.81
C GLN A 16 -7.69 -12.84 7.16
N ALA A 17 -7.02 -12.12 8.02
CA ALA A 17 -7.47 -10.79 8.39
C ALA A 17 -6.92 -9.75 7.39
N LEU A 18 -5.60 -9.72 7.29
CA LEU A 18 -4.86 -8.80 6.42
C LEU A 18 -5.35 -8.74 4.99
N MET A 19 -5.15 -9.81 4.25
CA MET A 19 -5.52 -9.81 2.86
C MET A 19 -6.86 -9.15 2.63
N PRO A 20 -7.93 -9.62 3.29
CA PRO A 20 -9.26 -9.02 3.14
C PRO A 20 -9.16 -7.51 3.15
N THR A 21 -8.34 -6.99 4.06
CA THR A 21 -8.13 -5.55 4.14
C THR A 21 -7.58 -5.03 2.81
N LEU A 22 -6.44 -5.58 2.42
CA LEU A 22 -5.82 -5.21 1.16
C LEU A 22 -6.79 -5.32 0.02
N GLU A 23 -7.62 -6.33 0.11
CA GLU A 23 -8.60 -6.61 -0.91
C GLU A 23 -9.64 -5.50 -0.99
N ALA A 24 -9.92 -4.83 0.13
CA ALA A 24 -10.86 -3.71 0.11
C ALA A 24 -10.23 -2.58 -0.67
N LEU A 25 -8.92 -2.51 -0.57
CA LEU A 25 -8.13 -1.51 -1.27
C LEU A 25 -8.03 -1.92 -2.73
N TYR A 26 -8.02 -3.23 -2.94
CA TYR A 26 -7.91 -3.78 -4.26
C TYR A 26 -9.17 -3.48 -5.04
N ARG A 27 -10.25 -3.22 -4.30
CA ARG A 27 -11.53 -2.84 -4.91
C ARG A 27 -11.39 -1.43 -5.41
N GLN A 28 -10.59 -0.68 -4.67
CA GLN A 28 -10.33 0.71 -5.01
C GLN A 28 -9.24 0.74 -6.06
N ASP A 29 -9.32 -0.24 -6.97
CA ASP A 29 -8.38 -0.37 -8.08
C ASP A 29 -7.80 0.96 -8.58
N PRO A 30 -8.63 1.92 -9.06
CA PRO A 30 -8.08 3.19 -9.58
C PRO A 30 -7.22 3.90 -8.55
N GLU A 31 -7.34 3.43 -7.33
CA GLU A 31 -6.60 3.97 -6.21
C GLU A 31 -5.53 3.00 -5.72
N SER A 32 -5.72 1.70 -6.00
CA SER A 32 -4.78 0.68 -5.56
C SER A 32 -3.76 0.32 -6.63
N LEU A 33 -4.23 0.16 -7.87
CA LEU A 33 -3.35 -0.20 -8.99
C LEU A 33 -1.99 0.48 -8.92
N PRO A 34 -1.96 1.83 -8.78
CA PRO A 34 -0.71 2.59 -8.66
C PRO A 34 0.26 1.95 -7.66
N PHE A 35 -0.23 0.95 -6.92
CA PHE A 35 0.58 0.25 -5.95
C PHE A 35 0.49 -1.26 -6.12
N ARG A 36 -0.64 -1.74 -6.64
CA ARG A 36 -0.81 -3.18 -6.84
C ARG A 36 0.41 -3.72 -7.58
N GLN A 37 1.06 -2.80 -8.29
CA GLN A 37 2.28 -3.06 -9.01
C GLN A 37 3.38 -2.16 -8.44
N PRO A 38 4.66 -2.55 -8.54
CA PRO A 38 5.76 -1.74 -8.00
C PRO A 38 5.71 -0.29 -8.51
N VAL A 39 5.93 0.66 -7.61
CA VAL A 39 5.92 2.08 -7.97
C VAL A 39 7.13 2.39 -8.83
N ASP A 40 7.04 1.97 -10.09
CA ASP A 40 8.10 2.17 -11.05
C ASP A 40 8.47 3.65 -11.19
N PRO A 41 9.65 4.06 -10.72
CA PRO A 41 10.07 5.46 -10.83
C PRO A 41 10.41 5.79 -12.28
N GLN A 42 10.39 4.76 -13.11
CA GLN A 42 10.65 4.89 -14.54
C GLN A 42 9.33 5.14 -15.24
N LEU A 43 8.36 4.27 -14.94
CA LEU A 43 7.02 4.40 -15.46
C LEU A 43 6.47 5.74 -15.02
N LEU A 44 6.83 6.13 -13.80
CA LEU A 44 6.42 7.41 -13.23
C LEU A 44 7.33 8.51 -13.76
N GLY A 45 8.61 8.26 -13.70
CA GLY A 45 9.59 9.22 -14.16
C GLY A 45 10.01 10.13 -13.04
N ILE A 46 9.97 9.61 -11.83
CA ILE A 46 10.32 10.36 -10.63
C ILE A 46 11.60 9.84 -9.99
N PRO A 47 12.78 10.29 -10.46
CA PRO A 47 14.07 9.88 -9.89
C PRO A 47 14.12 10.16 -8.39
N ASP A 48 13.24 11.06 -7.94
CA ASP A 48 13.17 11.44 -6.54
C ASP A 48 12.71 10.28 -5.66
N TYR A 49 12.44 9.13 -6.25
CA TYR A 49 12.01 7.98 -5.46
C TYR A 49 13.15 7.49 -4.59
N PHE A 50 12.81 6.97 -3.41
CA PHE A 50 13.80 6.51 -2.44
C PHE A 50 14.58 7.71 -1.90
N ASP A 51 14.14 8.92 -2.28
CA ASP A 51 14.78 10.15 -1.86
C ASP A 51 13.79 10.98 -1.08
N ILE A 52 12.68 10.35 -0.76
CA ILE A 52 11.60 11.00 -0.08
C ILE A 52 10.89 10.03 0.85
N VAL A 53 10.40 8.96 0.26
CA VAL A 53 9.67 7.94 0.99
C VAL A 53 10.61 7.07 1.81
N LYS A 54 11.78 6.78 1.25
CA LYS A 54 12.80 5.95 1.92
C LYS A 54 12.38 4.48 1.92
N ASN A 55 11.08 4.26 1.96
CA ASN A 55 10.53 2.92 1.97
C ASN A 55 9.38 2.85 0.97
N PRO A 56 9.75 2.74 -0.32
CA PRO A 56 8.81 2.70 -1.44
C PRO A 56 7.57 1.88 -1.13
N MET A 57 7.71 0.55 -1.03
CA MET A 57 6.58 -0.33 -0.78
C MET A 57 5.51 -0.14 -1.86
N ASP A 58 4.61 -1.10 -1.96
CA ASP A 58 3.54 -1.06 -2.95
C ASP A 58 2.67 -2.30 -2.82
N LEU A 59 1.36 -2.13 -3.01
CA LEU A 59 0.41 -3.24 -2.91
C LEU A 59 0.93 -4.50 -3.61
N SER A 60 1.91 -4.35 -4.49
CA SER A 60 2.49 -5.50 -5.16
C SER A 60 3.31 -6.27 -4.14
N THR A 61 4.34 -5.63 -3.61
CA THR A 61 5.17 -6.24 -2.59
C THR A 61 4.29 -6.63 -1.43
N ILE A 62 3.32 -5.77 -1.15
CA ILE A 62 2.39 -5.98 -0.05
C ILE A 62 1.57 -7.25 -0.24
N LYS A 63 0.59 -7.19 -1.15
CA LYS A 63 -0.24 -8.36 -1.43
C LYS A 63 0.61 -9.60 -1.62
N ARG A 64 1.90 -9.42 -1.87
CA ARG A 64 2.80 -10.56 -2.04
C ARG A 64 3.28 -11.08 -0.70
N LYS A 65 4.18 -10.33 -0.04
CA LYS A 65 4.69 -10.76 1.27
C LYS A 65 3.56 -11.33 2.12
N LEU A 66 2.39 -10.72 1.99
CA LEU A 66 1.23 -11.20 2.72
C LEU A 66 0.91 -12.62 2.26
N ASP A 67 0.47 -12.71 1.01
CA ASP A 67 0.09 -13.97 0.37
C ASP A 67 1.13 -15.08 0.52
N THR A 68 2.36 -14.75 0.17
CA THR A 68 3.46 -15.68 0.22
C THR A 68 3.78 -16.14 1.63
N GLY A 69 3.52 -15.27 2.61
CA GLY A 69 3.77 -15.63 3.99
C GLY A 69 5.02 -14.99 4.57
N GLN A 70 5.48 -13.92 3.94
CA GLN A 70 6.66 -13.21 4.43
C GLN A 70 6.28 -12.28 5.57
N TYR A 71 5.62 -12.86 6.56
CA TYR A 71 5.15 -12.10 7.72
C TYR A 71 5.07 -13.02 8.94
N GLN A 72 4.57 -12.46 10.02
CA GLN A 72 4.38 -13.18 11.27
C GLN A 72 3.58 -12.33 12.23
N GLU A 73 3.70 -11.01 12.07
CA GLU A 73 2.98 -10.06 12.88
C GLU A 73 2.16 -9.14 11.97
N PRO A 74 0.85 -9.03 12.20
CA PRO A 74 -0.05 -8.20 11.38
C PRO A 74 0.37 -6.73 11.30
N TRP A 75 0.82 -6.14 12.42
CA TRP A 75 1.20 -4.73 12.40
C TRP A 75 2.30 -4.47 11.39
N GLN A 76 3.04 -5.51 11.04
CA GLN A 76 4.11 -5.39 10.06
C GLN A 76 3.51 -5.08 8.69
N TYR A 77 2.51 -5.87 8.31
CA TYR A 77 1.85 -5.68 7.04
C TYR A 77 1.19 -4.32 7.00
N VAL A 78 0.69 -3.90 8.16
CA VAL A 78 0.03 -2.61 8.28
C VAL A 78 1.01 -1.47 8.10
N ASP A 79 2.10 -1.54 8.85
CA ASP A 79 3.14 -0.55 8.77
C ASP A 79 3.64 -0.41 7.33
N ASP A 80 3.42 -1.47 6.53
CA ASP A 80 3.87 -1.46 5.15
C ASP A 80 2.79 -0.86 4.24
N VAL A 81 1.57 -1.34 4.40
CA VAL A 81 0.46 -0.84 3.59
C VAL A 81 0.27 0.63 3.87
N TRP A 82 0.50 1.03 5.11
CA TRP A 82 0.40 2.43 5.48
C TRP A 82 1.63 3.17 5.01
N LEU A 83 2.74 2.48 4.97
CA LEU A 83 3.95 3.06 4.48
C LEU A 83 3.76 3.35 2.99
N MET A 84 2.89 2.55 2.38
CA MET A 84 2.55 2.69 0.98
C MET A 84 1.74 3.96 0.73
N PHE A 85 0.51 4.04 1.26
CA PHE A 85 -0.29 5.24 1.05
C PHE A 85 0.57 6.44 1.45
N ASN A 86 1.52 6.19 2.36
CA ASN A 86 2.44 7.22 2.85
C ASN A 86 3.28 7.77 1.71
N ASN A 87 3.89 6.89 0.92
CA ASN A 87 4.71 7.36 -0.20
C ASN A 87 3.88 8.26 -1.10
N ALA A 88 2.65 7.85 -1.37
CA ALA A 88 1.76 8.64 -2.22
C ALA A 88 1.47 9.98 -1.55
N TRP A 89 1.59 9.96 -0.24
CA TRP A 89 1.27 11.11 0.61
C TRP A 89 2.40 12.15 0.70
N LEU A 90 3.55 11.76 1.20
CA LEU A 90 4.65 12.69 1.37
C LEU A 90 5.50 12.83 0.10
N TYR A 91 5.19 12.02 -0.91
CA TYR A 91 5.89 12.07 -2.19
C TYR A 91 5.16 12.97 -3.18
N ASN A 92 3.86 12.72 -3.36
CA ASN A 92 3.07 13.50 -4.31
C ASN A 92 2.81 14.92 -3.81
N ARG A 93 3.57 15.36 -2.81
CA ARG A 93 3.43 16.70 -2.27
C ARG A 93 2.00 16.99 -1.82
N LYS A 94 1.21 15.92 -1.61
CA LYS A 94 -0.17 16.04 -1.17
C LYS A 94 -1.10 16.53 -2.27
N THR A 95 -0.80 17.66 -2.89
CA THR A 95 -1.67 18.18 -3.95
C THR A 95 -1.42 17.46 -5.27
N SER A 96 -1.89 16.22 -5.37
CA SER A 96 -1.73 15.42 -6.57
C SER A 96 -2.92 14.50 -6.83
N ARG A 97 -2.73 13.53 -7.72
CA ARG A 97 -3.78 12.58 -8.08
C ARG A 97 -3.82 11.41 -7.09
N VAL A 98 -2.67 10.81 -6.82
CA VAL A 98 -2.66 9.70 -5.89
C VAL A 98 -3.28 10.17 -4.60
N TYR A 99 -3.05 11.43 -4.24
CA TYR A 99 -3.61 11.99 -3.01
C TYR A 99 -5.01 11.42 -2.75
N LYS A 100 -5.80 11.32 -3.82
CA LYS A 100 -7.14 10.78 -3.72
C LYS A 100 -7.07 9.27 -3.58
N PHE A 101 -6.21 8.68 -4.40
CA PHE A 101 -6.04 7.22 -4.40
C PHE A 101 -5.55 6.67 -3.06
N CYS A 102 -4.54 7.29 -2.48
CA CYS A 102 -3.99 6.84 -1.19
C CYS A 102 -4.96 7.15 -0.06
N SER A 103 -5.63 8.29 -0.16
CA SER A 103 -6.60 8.71 0.85
C SER A 103 -7.59 7.58 1.15
N LYS A 104 -8.20 7.05 0.09
CA LYS A 104 -9.16 5.96 0.24
C LYS A 104 -8.50 4.70 0.75
N LEU A 105 -7.46 4.27 0.05
CA LEU A 105 -6.74 3.07 0.44
C LEU A 105 -6.52 3.02 1.94
N ALA A 106 -6.03 4.12 2.49
CA ALA A 106 -5.78 4.20 3.93
C ALA A 106 -7.10 4.23 4.68
N GLU A 107 -8.12 4.75 4.02
CA GLU A 107 -9.45 4.84 4.60
C GLU A 107 -10.08 3.46 4.76
N VAL A 108 -10.42 2.84 3.63
CA VAL A 108 -11.00 1.49 3.67
C VAL A 108 -10.11 0.62 4.51
N PHE A 109 -8.82 0.65 4.24
CA PHE A 109 -7.89 -0.17 4.99
C PHE A 109 -7.97 0.11 6.49
N GLU A 110 -8.03 1.38 6.88
CA GLU A 110 -8.12 1.71 8.29
C GLU A 110 -9.43 1.16 8.83
N GLN A 111 -10.33 0.89 7.90
CA GLN A 111 -11.64 0.35 8.20
C GLN A 111 -11.65 -1.18 8.04
N GLU A 112 -10.61 -1.68 7.38
CA GLU A 112 -10.46 -3.10 7.13
C GLU A 112 -9.53 -3.72 8.16
N ILE A 113 -8.55 -2.94 8.54
CA ILE A 113 -7.54 -3.34 9.51
C ILE A 113 -8.10 -3.28 10.93
N ASP A 114 -9.35 -2.91 11.08
CA ASP A 114 -9.93 -2.85 12.41
C ASP A 114 -10.27 -4.27 12.84
N PRO A 115 -11.11 -4.97 12.04
CA PRO A 115 -11.43 -6.36 12.34
C PRO A 115 -10.14 -7.17 12.38
N VAL A 116 -9.13 -6.66 11.68
CA VAL A 116 -7.82 -7.30 11.62
C VAL A 116 -7.00 -7.00 12.85
N MET A 117 -6.52 -5.77 12.97
CA MET A 117 -5.69 -5.39 14.11
C MET A 117 -6.30 -5.83 15.43
N GLN A 118 -7.60 -6.10 15.43
CA GLN A 118 -8.29 -6.54 16.65
C GLN A 118 -8.23 -8.06 16.81
N SER A 119 -8.39 -8.80 15.70
CA SER A 119 -8.35 -10.25 15.74
C SER A 119 -6.96 -10.77 15.36
N LEU A 120 -6.06 -9.83 15.13
CA LEU A 120 -4.69 -10.13 14.74
C LEU A 120 -3.71 -9.61 15.79
N GLY A 121 -4.05 -8.48 16.39
CA GLY A 121 -3.20 -7.90 17.42
C GLY A 121 -3.98 -7.49 18.65
N GLY B 1 -9.30 15.77 -17.94
CA GLY B 1 -7.83 15.61 -18.11
C GLY B 1 -7.25 14.49 -17.26
N GLY B 2 -5.94 14.51 -17.08
CA GLY B 2 -5.29 13.48 -16.29
C GLY B 2 -4.71 12.37 -17.13
N ALA B 3 -5.47 11.29 -17.30
CA ALA B 3 -5.04 10.14 -18.10
C ALA B 3 -3.79 9.49 -17.50
N LYS B 4 -3.44 8.32 -18.02
CA LYS B 4 -2.28 7.59 -17.56
C LYS B 4 -1.04 7.94 -18.37
N ARG B 5 -0.14 8.71 -17.78
CA ARG B 5 1.09 9.13 -18.46
C ARG B 5 2.05 9.80 -17.49
N HIS B 6 3.32 9.84 -17.87
CA HIS B 6 4.36 10.46 -17.04
C HIS B 6 4.42 9.80 -15.66
N ARG B 7 4.00 10.54 -14.62
CA ARG B 7 4.03 10.01 -13.26
C ARG B 7 2.98 8.90 -13.08
OH ALY B 8 4.53 8.74 -6.38
CH ALY B 8 3.64 7.89 -6.34
CH3 ALY B 8 3.25 7.29 -4.99
NZ ALY B 8 3.03 7.45 -7.44
CE ALY B 8 2.85 6.04 -7.75
CD ALY B 8 2.22 5.83 -9.11
CG ALY B 8 0.93 6.60 -9.25
CB ALY B 8 1.13 7.91 -10.02
CA ALY B 8 1.52 7.72 -11.49
N ALY B 8 2.51 8.73 -11.85
C ALY B 8 0.31 7.86 -12.42
O ALY B 8 0.27 7.30 -13.51
HH31 ALY B 8 3.67 7.89 -4.19
HH32 ALY B 8 2.18 7.27 -4.89
HH33 ALY B 8 3.63 6.28 -4.91
HZ ALY B 8 2.70 8.11 -8.08
HE3 ALY B 8 3.81 5.56 -7.74
HE2 ALY B 8 2.21 5.60 -7.00
HD3 ALY B 8 2.92 6.16 -9.87
HD2 ALY B 8 2.01 4.78 -9.24
HG3 ALY B 8 0.21 6.01 -9.78
HG2 ALY B 8 0.56 6.86 -8.26
HB3 ALY B 8 0.21 8.47 -9.96
HB2 ALY B 8 1.91 8.46 -9.52
HA ALY B 8 1.97 6.74 -11.64
H ALY B 8 2.85 9.31 -11.13
N VAL B 9 -0.68 8.61 -11.95
CA VAL B 9 -1.86 8.90 -12.74
C VAL B 9 -1.91 10.42 -12.84
N LEU B 10 -0.79 10.99 -12.41
CA LEU B 10 -0.56 12.41 -12.38
C LEU B 10 -0.79 13.06 -13.76
N ARG B 11 0.29 13.33 -14.48
CA ARG B 11 0.21 13.93 -15.81
C ARG B 11 -0.73 15.14 -15.80
N ASP B 12 -0.23 16.26 -15.29
CA ASP B 12 -1.02 17.49 -15.23
C ASP B 12 -1.41 17.96 -16.62
N ASN B 13 -0.40 18.36 -17.41
CA ASN B 13 -0.63 18.84 -18.77
C ASN B 13 -1.47 20.12 -18.78
N ILE B 14 -0.88 21.20 -19.27
CA ILE B 14 -1.56 22.48 -19.34
C ILE B 14 -1.08 23.31 -20.54
N GLN B 15 0.19 23.12 -20.90
CA GLN B 15 0.77 23.85 -22.03
C GLN B 15 1.37 22.87 -23.03
N GLY A 1 12.49 -10.50 13.07
CA GLY A 1 11.15 -10.24 12.48
C GLY A 1 10.45 -11.51 12.02
N SER A 2 10.01 -12.32 12.96
CA SER A 2 9.33 -13.57 12.65
C SER A 2 8.33 -13.93 13.74
N HIS A 3 8.25 -13.09 14.76
CA HIS A 3 7.33 -13.32 15.88
C HIS A 3 7.42 -12.19 16.91
N MET A 4 6.74 -11.08 16.64
CA MET A 4 6.73 -9.96 17.56
C MET A 4 6.18 -10.40 18.91
N ARG A 5 6.37 -9.58 19.93
CA ARG A 5 5.88 -9.89 21.26
C ARG A 5 4.44 -9.41 21.39
N LYS A 6 3.55 -10.03 20.62
CA LYS A 6 2.14 -9.67 20.64
C LYS A 6 1.25 -10.89 20.65
N LYS A 7 1.08 -11.48 19.47
CA LYS A 7 0.25 -12.65 19.29
C LYS A 7 0.87 -13.61 18.28
N ILE A 8 0.78 -13.27 17.00
CA ILE A 8 1.35 -14.08 15.93
C ILE A 8 0.72 -15.48 15.87
N PHE A 9 0.06 -15.73 14.74
CA PHE A 9 -0.63 -16.97 14.49
C PHE A 9 0.01 -17.63 13.27
N LYS A 10 -0.81 -18.33 12.50
CA LYS A 10 -0.34 -18.94 11.28
C LYS A 10 -0.40 -17.88 10.18
N PRO A 11 0.58 -17.84 9.26
CA PRO A 11 0.58 -16.85 8.18
C PRO A 11 -0.73 -16.86 7.41
N GLU A 12 -1.51 -17.93 7.59
CA GLU A 12 -2.80 -18.07 6.94
C GLU A 12 -3.87 -17.30 7.71
N GLU A 13 -3.73 -17.29 9.04
CA GLU A 13 -4.64 -16.56 9.90
C GLU A 13 -4.60 -15.10 9.53
N LEU A 14 -3.39 -14.62 9.55
CA LEU A 14 -3.09 -13.25 9.24
C LEU A 14 -3.57 -12.92 7.85
N ARG A 15 -3.08 -13.62 6.85
CA ARG A 15 -3.52 -13.37 5.48
C ARG A 15 -5.03 -13.37 5.42
N GLN A 16 -5.64 -14.15 6.31
CA GLN A 16 -7.09 -14.28 6.33
C GLN A 16 -7.76 -13.01 6.81
N ALA A 17 -7.06 -12.24 7.59
CA ALA A 17 -7.58 -10.97 8.05
C ALA A 17 -7.00 -9.85 7.18
N LEU A 18 -5.68 -9.86 7.09
CA LEU A 18 -4.90 -8.90 6.32
C LEU A 18 -5.31 -8.79 4.87
N MET A 19 -5.06 -9.83 4.10
CA MET A 19 -5.37 -9.81 2.69
C MET A 19 -6.73 -9.18 2.45
N PRO A 20 -7.79 -9.64 3.15
CA PRO A 20 -9.12 -9.07 3.01
C PRO A 20 -9.05 -7.55 3.02
N THR A 21 -8.24 -7.02 3.94
CA THR A 21 -8.03 -5.58 4.01
C THR A 21 -7.46 -5.08 2.69
N LEU A 22 -6.38 -5.72 2.26
CA LEU A 22 -5.71 -5.40 1.01
C LEU A 22 -6.71 -5.42 -0.14
N GLU A 23 -7.70 -6.29 0.00
CA GLU A 23 -8.72 -6.46 -1.01
C GLU A 23 -9.67 -5.27 -1.04
N ALA A 24 -10.01 -4.73 0.13
CA ALA A 24 -10.91 -3.57 0.16
C ALA A 24 -10.29 -2.45 -0.63
N LEU A 25 -8.97 -2.40 -0.57
CA LEU A 25 -8.21 -1.42 -1.30
C LEU A 25 -8.20 -1.78 -2.77
N TYR A 26 -8.18 -3.08 -3.01
CA TYR A 26 -8.15 -3.59 -4.36
C TYR A 26 -9.47 -3.24 -5.05
N ARG A 27 -10.49 -2.98 -4.22
CA ARG A 27 -11.79 -2.58 -4.73
C ARG A 27 -11.71 -1.14 -5.19
N GLN A 28 -10.85 -0.39 -4.50
CA GLN A 28 -10.65 1.00 -4.82
C GLN A 28 -9.88 1.13 -6.12
N ASP A 29 -9.76 -0.01 -6.78
CA ASP A 29 -9.06 -0.18 -8.05
C ASP A 29 -8.27 1.05 -8.54
N PRO A 30 -8.90 2.08 -9.12
CA PRO A 30 -8.15 3.24 -9.64
C PRO A 30 -7.26 3.88 -8.59
N GLU A 31 -7.42 3.45 -7.36
CA GLU A 31 -6.66 3.97 -6.24
C GLU A 31 -5.62 2.98 -5.77
N SER A 32 -5.89 1.70 -5.96
CA SER A 32 -4.97 0.65 -5.53
C SER A 32 -4.06 0.19 -6.65
N LEU A 33 -4.57 0.18 -7.88
CA LEU A 33 -3.80 -0.27 -9.04
C LEU A 33 -2.43 0.38 -9.14
N PRO A 34 -2.31 1.70 -8.91
CA PRO A 34 -1.02 2.38 -9.01
C PRO A 34 -0.02 1.79 -8.02
N PHE A 35 -0.50 0.88 -7.18
CA PHE A 35 0.34 0.21 -6.20
C PHE A 35 0.32 -1.30 -6.39
N ARG A 36 -0.83 -1.83 -6.82
CA ARG A 36 -0.96 -3.27 -7.00
C ARG A 36 0.26 -3.81 -7.76
N GLN A 37 0.83 -2.97 -8.62
CA GLN A 37 2.00 -3.33 -9.42
C GLN A 37 3.01 -2.17 -9.58
N PRO A 38 2.55 -0.95 -10.00
CA PRO A 38 3.42 0.23 -10.25
C PRO A 38 4.20 0.72 -9.02
N VAL A 39 4.37 2.06 -8.97
CA VAL A 39 5.13 2.74 -7.90
C VAL A 39 6.61 2.57 -8.13
N ASP A 40 7.09 3.18 -9.21
CA ASP A 40 8.49 3.10 -9.59
C ASP A 40 8.94 4.42 -10.24
N PRO A 41 10.24 4.76 -10.18
CA PRO A 41 10.77 5.99 -10.77
C PRO A 41 11.00 5.84 -12.27
N GLN A 42 10.10 5.11 -12.93
CA GLN A 42 10.20 4.87 -14.36
C GLN A 42 8.83 4.99 -15.01
N LEU A 43 7.90 4.14 -14.59
CA LEU A 43 6.55 4.17 -15.13
C LEU A 43 5.97 5.57 -14.98
N LEU A 44 6.39 6.24 -13.92
CA LEU A 44 5.94 7.58 -13.62
C LEU A 44 6.94 8.61 -14.13
N GLY A 45 8.21 8.25 -14.05
CA GLY A 45 9.27 9.14 -14.50
C GLY A 45 9.60 10.20 -13.47
N ILE A 46 9.78 9.75 -12.22
CA ILE A 46 10.09 10.66 -11.12
C ILE A 46 11.38 10.25 -10.40
N PRO A 47 12.53 10.82 -10.80
CA PRO A 47 13.82 10.52 -10.17
C PRO A 47 13.79 10.79 -8.68
N ASP A 48 12.83 11.62 -8.27
CA ASP A 48 12.67 11.99 -6.86
C ASP A 48 12.35 10.77 -6.00
N TYR A 49 12.05 9.65 -6.66
CA TYR A 49 11.73 8.42 -5.93
C TYR A 49 12.96 7.98 -5.13
N PHE A 50 12.71 7.39 -3.96
CA PHE A 50 13.78 6.94 -3.07
C PHE A 50 14.52 8.13 -2.46
N ASP A 51 14.04 9.35 -2.74
CA ASP A 51 14.66 10.55 -2.20
C ASP A 51 13.75 11.14 -1.15
N ILE A 52 12.49 10.84 -1.34
CA ILE A 52 11.42 11.28 -0.48
C ILE A 52 10.92 10.13 0.35
N VAL A 53 10.50 9.08 -0.34
CA VAL A 53 9.99 7.91 0.32
C VAL A 53 11.10 6.86 0.48
N LYS A 54 11.74 6.89 1.64
CA LYS A 54 12.83 5.96 1.92
C LYS A 54 12.35 4.52 1.94
N ASN A 55 11.10 4.33 2.34
CA ASN A 55 10.51 3.00 2.39
C ASN A 55 9.27 2.94 1.51
N PRO A 56 9.49 2.86 0.20
CA PRO A 56 8.44 2.79 -0.82
C PRO A 56 7.23 1.95 -0.39
N MET A 57 7.32 0.65 -0.62
CA MET A 57 6.24 -0.28 -0.28
C MET A 57 5.00 0.00 -1.15
N ASP A 58 4.63 -0.97 -1.98
CA ASP A 58 3.47 -0.82 -2.84
C ASP A 58 2.58 -2.06 -2.79
N LEU A 59 1.27 -1.89 -2.97
CA LEU A 59 0.32 -3.02 -2.92
C LEU A 59 0.88 -4.26 -3.59
N SER A 60 1.84 -4.09 -4.49
CA SER A 60 2.44 -5.23 -5.14
C SER A 60 3.18 -6.05 -4.09
N THR A 61 4.13 -5.42 -3.40
CA THR A 61 4.86 -6.10 -2.34
C THR A 61 3.94 -6.32 -1.17
N ILE A 62 2.94 -5.48 -1.04
CA ILE A 62 2.01 -5.60 0.06
C ILE A 62 1.13 -6.83 -0.11
N LYS A 63 0.17 -6.75 -1.01
CA LYS A 63 -0.70 -7.89 -1.29
C LYS A 63 0.12 -9.17 -1.50
N ARG A 64 1.36 -9.05 -1.96
CA ARG A 64 2.20 -10.23 -2.17
C ARG A 64 2.92 -10.64 -0.89
N LYS A 65 3.92 -9.85 -0.47
CA LYS A 65 4.68 -10.15 0.74
C LYS A 65 3.74 -10.50 1.90
N LEU A 66 2.45 -10.20 1.72
CA LEU A 66 1.41 -10.59 2.67
C LEU A 66 1.12 -12.05 2.39
N ASP A 67 0.57 -12.27 1.19
CA ASP A 67 0.20 -13.60 0.69
C ASP A 67 1.33 -14.61 0.81
N THR A 68 2.55 -14.13 0.72
CA THR A 68 3.72 -14.99 0.76
C THR A 68 4.22 -15.25 2.18
N GLY A 69 3.69 -14.50 3.14
CA GLY A 69 4.07 -14.67 4.53
C GLY A 69 5.46 -14.17 4.84
N GLN A 70 5.74 -12.93 4.46
CA GLN A 70 7.05 -12.32 4.70
C GLN A 70 6.98 -11.35 5.87
N TYR A 71 5.80 -11.24 6.46
CA TYR A 71 5.57 -10.35 7.59
C TYR A 71 5.44 -11.12 8.91
N GLN A 72 4.63 -12.18 8.88
CA GLN A 72 4.37 -13.03 10.05
C GLN A 72 3.63 -12.32 11.16
N GLU A 73 3.63 -10.99 11.11
CA GLU A 73 2.93 -10.21 12.11
C GLU A 73 1.97 -9.25 11.44
N PRO A 74 0.69 -9.23 11.83
CA PRO A 74 -0.30 -8.35 11.22
C PRO A 74 0.18 -6.90 11.16
N TRP A 75 0.56 -6.32 12.30
CA TRP A 75 1.02 -4.92 12.32
C TRP A 75 2.16 -4.67 11.33
N GLN A 76 2.98 -5.68 11.09
CA GLN A 76 4.09 -5.53 10.15
C GLN A 76 3.53 -5.21 8.75
N TYR A 77 2.53 -5.98 8.34
CA TYR A 77 1.91 -5.79 7.05
C TYR A 77 1.27 -4.41 7.01
N VAL A 78 0.69 -4.02 8.13
CA VAL A 78 0.05 -2.73 8.26
C VAL A 78 1.05 -1.62 8.01
N ASP A 79 2.16 -1.72 8.71
CA ASP A 79 3.23 -0.75 8.56
C ASP A 79 3.65 -0.67 7.10
N ASP A 80 3.37 -1.74 6.35
CA ASP A 80 3.74 -1.77 4.95
C ASP A 80 2.68 -1.09 4.09
N VAL A 81 1.44 -1.52 4.27
CA VAL A 81 0.34 -0.95 3.51
C VAL A 81 0.22 0.54 3.79
N TRP A 82 0.49 0.92 5.04
CA TRP A 82 0.46 2.32 5.40
C TRP A 82 1.71 2.98 4.87
N LEU A 83 2.77 2.19 4.74
CA LEU A 83 4.01 2.67 4.18
C LEU A 83 3.72 3.14 2.77
N MET A 84 2.83 2.41 2.12
CA MET A 84 2.43 2.69 0.76
C MET A 84 1.65 4.00 0.65
N PHE A 85 0.45 4.07 1.24
CA PHE A 85 -0.31 5.32 1.14
C PHE A 85 0.58 6.47 1.62
N ASN A 86 1.55 6.13 2.49
CA ASN A 86 2.48 7.12 3.03
C ASN A 86 3.31 7.75 1.92
N ASN A 87 3.98 6.92 1.12
CA ASN A 87 4.80 7.44 0.03
C ASN A 87 3.98 8.36 -0.85
N ALA A 88 2.80 7.91 -1.26
CA ALA A 88 1.95 8.69 -2.13
C ALA A 88 1.53 9.99 -1.47
N TRP A 89 1.57 9.97 -0.15
CA TRP A 89 1.16 11.11 0.67
C TRP A 89 2.23 12.18 0.81
N LEU A 90 3.39 11.83 1.36
CA LEU A 90 4.45 12.79 1.56
C LEU A 90 5.30 12.98 0.29
N TYR A 91 5.00 12.19 -0.73
CA TYR A 91 5.70 12.27 -2.00
C TYR A 91 4.97 13.19 -2.97
N ASN A 92 3.71 12.86 -3.25
CA ASN A 92 2.91 13.65 -4.19
C ASN A 92 2.45 14.96 -3.57
N ARG A 93 3.09 15.34 -2.47
CA ARG A 93 2.76 16.58 -1.77
C ARG A 93 1.27 16.60 -1.39
N LYS A 94 0.60 15.46 -1.55
CA LYS A 94 -0.82 15.36 -1.23
C LYS A 94 -1.66 16.31 -2.08
N THR A 95 -1.04 16.87 -3.11
CA THR A 95 -1.73 17.79 -4.01
C THR A 95 -1.70 17.30 -5.45
N SER A 96 -2.26 16.11 -5.67
CA SER A 96 -2.31 15.50 -7.00
C SER A 96 -3.46 14.51 -7.10
N ARG A 97 -3.46 13.70 -8.16
CA ARG A 97 -4.51 12.70 -8.36
C ARG A 97 -4.27 11.50 -7.45
N VAL A 98 -3.06 10.95 -7.49
CA VAL A 98 -2.72 9.82 -6.66
C VAL A 98 -3.02 10.16 -5.21
N TYR A 99 -2.97 11.45 -4.88
CA TYR A 99 -3.25 11.92 -3.53
C TYR A 99 -4.56 11.33 -3.05
N LYS A 100 -5.58 11.37 -3.92
CA LYS A 100 -6.88 10.83 -3.58
C LYS A 100 -6.83 9.31 -3.55
N PHE A 101 -6.00 8.74 -4.43
CA PHE A 101 -5.87 7.30 -4.50
C PHE A 101 -5.36 6.73 -3.18
N CYS A 102 -4.34 7.38 -2.62
CA CYS A 102 -3.73 6.93 -1.37
C CYS A 102 -4.63 7.19 -0.17
N SER A 103 -5.25 8.37 -0.12
CA SER A 103 -6.10 8.73 1.01
C SER A 103 -7.18 7.69 1.25
N LYS A 104 -7.87 7.27 0.18
CA LYS A 104 -8.92 6.27 0.30
C LYS A 104 -8.36 4.94 0.76
N LEU A 105 -7.34 4.47 0.08
CA LEU A 105 -6.72 3.21 0.44
C LEU A 105 -6.51 3.11 1.94
N ALA A 106 -5.98 4.19 2.52
CA ALA A 106 -5.73 4.22 3.96
C ALA A 106 -7.03 4.26 4.72
N GLU A 107 -8.05 4.81 4.07
CA GLU A 107 -9.38 4.91 4.65
C GLU A 107 -10.02 3.53 4.77
N VAL A 108 -10.36 2.94 3.63
CA VAL A 108 -10.94 1.60 3.63
C VAL A 108 -10.08 0.70 4.47
N PHE A 109 -8.79 0.72 4.22
CA PHE A 109 -7.86 -0.12 4.95
C PHE A 109 -7.94 0.13 6.46
N GLU A 110 -7.97 1.38 6.88
CA GLU A 110 -8.06 1.68 8.29
C GLU A 110 -9.37 1.13 8.83
N GLN A 111 -10.27 0.88 7.89
CA GLN A 111 -11.58 0.33 8.17
C GLN A 111 -11.58 -1.19 7.98
N GLU A 112 -10.52 -1.68 7.35
CA GLU A 112 -10.35 -3.10 7.09
C GLU A 112 -9.44 -3.73 8.13
N ILE A 113 -8.44 -2.96 8.54
CA ILE A 113 -7.47 -3.39 9.52
C ILE A 113 -8.04 -3.30 10.93
N ASP A 114 -9.31 -2.89 11.03
CA ASP A 114 -9.93 -2.82 12.35
C ASP A 114 -10.28 -4.24 12.76
N PRO A 115 -11.09 -4.96 11.94
CA PRO A 115 -11.41 -6.34 12.22
C PRO A 115 -10.13 -7.15 12.29
N VAL A 116 -9.09 -6.63 11.62
CA VAL A 116 -7.79 -7.28 11.61
C VAL A 116 -7.05 -7.03 12.90
N MET A 117 -6.61 -5.80 13.09
CA MET A 117 -5.82 -5.44 14.25
C MET A 117 -6.46 -5.93 15.55
N GLN A 118 -7.74 -6.28 15.49
CA GLN A 118 -8.44 -6.77 16.68
C GLN A 118 -8.38 -8.30 16.76
N SER A 119 -8.48 -8.97 15.61
CA SER A 119 -8.43 -10.44 15.57
C SER A 119 -7.05 -10.93 15.14
N LEU A 120 -6.16 -9.97 14.94
CA LEU A 120 -4.81 -10.24 14.48
C LEU A 120 -3.78 -9.78 15.50
N GLY A 121 -4.08 -8.68 16.17
CA GLY A 121 -3.17 -8.15 17.17
C GLY A 121 -3.63 -8.43 18.58
N GLY B 1 5.18 13.19 -21.85
CA GLY B 1 5.57 12.00 -21.06
C GLY B 1 6.97 12.10 -20.50
N GLY B 2 7.07 12.35 -19.20
CA GLY B 2 8.37 12.48 -18.56
C GLY B 2 8.33 13.35 -17.32
N ALA B 3 7.90 14.59 -17.50
CA ALA B 3 7.81 15.54 -16.40
C ALA B 3 6.96 16.75 -16.77
N LYS B 4 5.64 16.62 -16.62
CA LYS B 4 4.73 17.70 -16.94
C LYS B 4 4.26 18.42 -15.68
N ARG B 5 3.37 17.77 -14.94
CA ARG B 5 2.84 18.34 -13.71
C ARG B 5 2.46 17.23 -12.72
N HIS B 6 1.79 16.21 -13.22
CA HIS B 6 1.37 15.09 -12.37
C HIS B 6 2.49 14.06 -12.26
N ARG B 7 3.06 13.96 -11.05
CA ARG B 7 4.14 13.01 -10.79
C ARG B 7 3.66 11.58 -10.95
OH ALY B 8 4.54 8.77 -6.35
CH ALY B 8 4.10 7.64 -6.18
CH3 ALY B 8 3.62 7.23 -4.78
NZ ALY B 8 3.89 6.80 -7.20
CE ALY B 8 2.56 6.44 -7.68
CD ALY B 8 2.09 7.35 -8.80
CG ALY B 8 2.03 8.80 -8.34
CB ALY B 8 1.17 9.63 -9.26
CA ALY B 8 1.84 9.99 -10.58
N ALY B 8 2.43 11.32 -10.50
C ALY B 8 0.83 9.91 -11.73
O ALY B 8 -0.37 9.73 -11.49
HH31 ALY B 8 3.66 8.07 -4.12
HH32 ALY B 8 2.60 6.86 -4.84
HH33 ALY B 8 4.25 6.43 -4.41
HZ ALY B 8 4.67 6.36 -7.60
HE3 ALY B 8 2.61 5.42 -8.06
HE2 ALY B 8 1.87 6.48 -6.86
HD3 ALY B 8 2.77 7.27 -9.64
HD2 ALY B 8 1.10 7.04 -9.11
HG3 ALY B 8 1.63 8.83 -7.34
HG2 ALY B 8 3.03 9.19 -8.34
HB3 ALY B 8 0.27 9.08 -9.46
HB2 ALY B 8 0.91 10.54 -8.74
HA ALY B 8 2.63 9.29 -10.78
H ALY B 8 1.91 12.04 -10.10
N VAL B 9 1.31 10.05 -12.95
CA VAL B 9 0.44 9.99 -14.13
C VAL B 9 0.01 8.55 -14.38
N LEU B 10 0.90 7.61 -14.08
CA LEU B 10 0.61 6.18 -14.27
C LEU B 10 0.34 5.87 -15.74
N ARG B 11 1.27 5.16 -16.37
CA ARG B 11 1.14 4.79 -17.77
C ARG B 11 -0.15 4.00 -18.01
N ASP B 12 -0.45 3.76 -19.29
CA ASP B 12 -1.67 3.03 -19.67
C ASP B 12 -2.92 3.82 -19.29
N ASN B 13 -4.04 3.50 -19.94
CA ASN B 13 -5.29 4.18 -19.68
C ASN B 13 -5.17 5.69 -19.91
N ILE B 14 -6.11 6.45 -19.37
CA ILE B 14 -6.10 7.91 -19.52
C ILE B 14 -4.77 8.49 -19.06
N GLN B 15 -4.22 9.40 -19.86
CA GLN B 15 -2.95 10.04 -19.55
C GLN B 15 -3.08 11.55 -19.57
N GLY A 1 9.11 -19.94 16.05
CA GLY A 1 7.75 -19.75 15.50
C GLY A 1 7.14 -18.41 15.89
N SER A 2 7.23 -18.07 17.16
CA SER A 2 6.70 -16.81 17.66
C SER A 2 7.76 -15.73 17.67
N HIS A 3 7.47 -14.61 17.00
CA HIS A 3 8.40 -13.50 16.92
C HIS A 3 8.02 -12.40 17.91
N MET A 4 6.97 -11.64 17.58
CA MET A 4 6.51 -10.56 18.45
C MET A 4 6.03 -11.12 19.79
N ARG A 5 5.83 -10.22 20.76
CA ARG A 5 5.40 -10.63 22.08
C ARG A 5 3.87 -10.62 22.21
N LYS A 6 3.18 -10.35 21.11
CA LYS A 6 1.72 -10.31 21.13
C LYS A 6 1.14 -11.65 20.66
N LYS A 7 0.17 -11.58 19.74
CA LYS A 7 -0.47 -12.77 19.21
C LYS A 7 0.06 -13.08 17.83
N ILE A 8 0.98 -14.01 17.80
CA ILE A 8 1.58 -14.42 16.57
C ILE A 8 1.03 -15.77 16.12
N PHE A 9 0.26 -15.72 15.05
CA PHE A 9 -0.37 -16.89 14.47
C PHE A 9 0.46 -17.35 13.28
N LYS A 10 -0.20 -18.03 12.36
CA LYS A 10 0.44 -18.47 11.13
C LYS A 10 0.33 -17.35 10.10
N PRO A 11 1.31 -17.20 9.21
CA PRO A 11 1.27 -16.15 8.20
C PRO A 11 -0.02 -16.21 7.39
N GLU A 12 -0.70 -17.35 7.44
CA GLU A 12 -1.95 -17.53 6.74
C GLU A 12 -3.11 -16.97 7.56
N GLU A 13 -3.00 -17.07 8.89
CA GLU A 13 -4.00 -16.54 9.77
C GLU A 13 -4.14 -15.06 9.52
N LEU A 14 -3.01 -14.41 9.62
CA LEU A 14 -2.94 -13.00 9.40
C LEU A 14 -3.55 -12.70 8.07
N ARG A 15 -2.98 -13.27 7.03
CA ARG A 15 -3.50 -13.08 5.68
C ARG A 15 -5.01 -13.13 5.66
N GLN A 16 -5.56 -14.06 6.43
CA GLN A 16 -7.00 -14.22 6.46
C GLN A 16 -7.66 -12.92 6.85
N ALA A 17 -7.03 -12.20 7.75
CA ALA A 17 -7.54 -10.91 8.16
C ALA A 17 -6.95 -9.80 7.25
N LEU A 18 -5.62 -9.79 7.16
CA LEU A 18 -4.87 -8.83 6.36
C LEU A 18 -5.28 -8.75 4.92
N MET A 19 -5.02 -9.80 4.15
CA MET A 19 -5.34 -9.77 2.75
C MET A 19 -6.67 -9.10 2.50
N PRO A 20 -7.76 -9.53 3.17
CA PRO A 20 -9.07 -8.90 3.01
C PRO A 20 -8.95 -7.39 3.06
N THR A 21 -8.12 -6.90 3.99
CA THR A 21 -7.88 -5.48 4.08
C THR A 21 -7.24 -4.98 2.78
N LEU A 22 -6.15 -5.65 2.40
CA LEU A 22 -5.44 -5.34 1.17
C LEU A 22 -6.41 -5.42 0.01
N GLU A 23 -7.48 -6.17 0.21
CA GLU A 23 -8.48 -6.34 -0.81
C GLU A 23 -9.36 -5.12 -0.93
N ALA A 24 -9.84 -4.57 0.21
CA ALA A 24 -10.68 -3.37 0.12
C ALA A 24 -9.97 -2.35 -0.74
N LEU A 25 -8.64 -2.35 -0.61
CA LEU A 25 -7.81 -1.47 -1.41
C LEU A 25 -7.88 -1.88 -2.85
N TYR A 26 -7.79 -3.19 -3.04
CA TYR A 26 -7.78 -3.78 -4.37
C TYR A 26 -9.12 -3.50 -5.07
N ARG A 27 -10.15 -3.23 -4.26
CA ARG A 27 -11.47 -2.92 -4.77
C ARG A 27 -11.51 -1.48 -5.21
N GLN A 28 -10.68 -0.69 -4.54
CA GLN A 28 -10.60 0.74 -4.84
C GLN A 28 -9.88 0.94 -6.16
N ASP A 29 -9.69 -0.17 -6.84
CA ASP A 29 -9.00 -0.27 -8.12
C ASP A 29 -8.26 1.01 -8.56
N PRO A 30 -8.92 2.03 -9.14
CA PRO A 30 -8.20 3.23 -9.61
C PRO A 30 -7.30 3.83 -8.54
N GLU A 31 -7.44 3.33 -7.33
CA GLU A 31 -6.66 3.79 -6.20
C GLU A 31 -5.61 2.77 -5.80
N SER A 32 -5.90 1.49 -6.05
CA SER A 32 -4.97 0.42 -5.72
C SER A 32 -4.05 0.06 -6.88
N LEU A 33 -4.56 0.05 -8.13
CA LEU A 33 -3.72 -0.29 -9.28
C LEU A 33 -2.35 0.35 -9.19
N PRO A 34 -2.28 1.68 -9.04
CA PRO A 34 -1.00 2.39 -8.94
C PRO A 34 -0.02 1.75 -7.97
N PHE A 35 -0.51 1.05 -6.96
CA PHE A 35 0.38 0.42 -5.99
C PHE A 35 0.49 -1.08 -6.17
N ARG A 36 -0.61 -1.72 -6.57
CA ARG A 36 -0.62 -3.17 -6.74
C ARG A 36 0.58 -3.63 -7.58
N GLN A 37 1.08 -2.73 -8.43
CA GLN A 37 2.22 -3.03 -9.28
C GLN A 37 3.14 -1.81 -9.51
N PRO A 38 2.60 -0.64 -9.96
CA PRO A 38 3.40 0.56 -10.26
C PRO A 38 4.11 1.17 -9.05
N VAL A 39 4.35 2.50 -9.14
CA VAL A 39 5.04 3.25 -8.11
C VAL A 39 6.53 2.98 -8.19
N ASP A 40 7.05 3.44 -9.32
CA ASP A 40 8.46 3.30 -9.65
C ASP A 40 8.93 4.61 -10.28
N PRO A 41 10.24 4.91 -10.28
CA PRO A 41 10.75 6.13 -10.85
C PRO A 41 10.95 5.97 -12.35
N GLN A 42 10.00 5.30 -12.98
CA GLN A 42 10.06 5.04 -14.41
C GLN A 42 8.70 5.22 -15.06
N LEU A 43 7.76 4.36 -14.69
CA LEU A 43 6.41 4.44 -15.23
C LEU A 43 5.89 5.86 -15.04
N LEU A 44 6.32 6.46 -13.95
CA LEU A 44 5.94 7.82 -13.62
C LEU A 44 7.00 8.81 -14.08
N GLY A 45 8.22 8.30 -14.21
CA GLY A 45 9.33 9.14 -14.65
C GLY A 45 9.65 10.23 -13.66
N ILE A 46 9.75 9.86 -12.39
CA ILE A 46 10.05 10.83 -11.34
C ILE A 46 11.31 10.44 -10.57
N PRO A 47 12.45 11.07 -10.89
CA PRO A 47 13.72 10.79 -10.21
C PRO A 47 13.60 11.01 -8.70
N ASP A 48 12.58 11.76 -8.31
CA ASP A 48 12.32 12.07 -6.91
C ASP A 48 12.05 10.82 -6.08
N TYR A 49 11.67 9.72 -6.74
CA TYR A 49 11.41 8.48 -6.02
C TYR A 49 12.67 8.06 -5.28
N PHE A 50 12.48 7.47 -4.10
CA PHE A 50 13.60 7.04 -3.25
C PHE A 50 14.24 8.25 -2.55
N ASP A 51 13.74 9.44 -2.85
CA ASP A 51 14.28 10.67 -2.29
C ASP A 51 13.22 11.33 -1.44
N ILE A 52 12.23 10.55 -1.07
CA ILE A 52 11.10 11.05 -0.33
C ILE A 52 10.47 9.97 0.53
N VAL A 53 10.08 8.90 -0.15
CA VAL A 53 9.41 7.80 0.48
C VAL A 53 10.37 6.92 1.27
N LYS A 54 11.57 6.73 0.73
CA LYS A 54 12.63 5.94 1.36
C LYS A 54 12.31 4.45 1.29
N ASN A 55 11.03 4.11 1.36
CA ASN A 55 10.59 2.74 1.27
C ASN A 55 9.51 2.63 0.21
N PRO A 56 9.94 2.30 -1.01
CA PRO A 56 9.07 2.18 -2.17
C PRO A 56 8.13 0.98 -2.06
N MET A 57 8.09 0.39 -0.87
CA MET A 57 7.24 -0.74 -0.59
C MET A 57 5.76 -0.33 -0.71
N ASP A 58 5.09 -0.87 -1.75
CA ASP A 58 3.68 -0.55 -2.01
C ASP A 58 2.84 -1.82 -2.18
N LEU A 59 1.52 -1.65 -2.38
CA LEU A 59 0.58 -2.76 -2.52
C LEU A 59 1.16 -3.94 -3.29
N SER A 60 2.04 -3.67 -4.25
CA SER A 60 2.63 -4.76 -5.01
C SER A 60 3.40 -5.68 -4.08
N THR A 61 4.45 -5.15 -3.47
CA THR A 61 5.24 -5.91 -2.53
C THR A 61 4.36 -6.37 -1.38
N ILE A 62 3.45 -5.49 -0.97
CA ILE A 62 2.54 -5.78 0.11
C ILE A 62 1.72 -7.03 -0.15
N LYS A 63 0.73 -6.91 -1.01
CA LYS A 63 -0.12 -8.03 -1.37
C LYS A 63 0.71 -9.31 -1.50
N ARG A 64 1.95 -9.14 -1.96
CA ARG A 64 2.84 -10.28 -2.11
C ARG A 64 3.32 -10.82 -0.77
N LYS A 65 4.23 -10.09 -0.09
CA LYS A 65 4.75 -10.53 1.20
C LYS A 65 3.65 -11.15 2.04
N LEU A 66 2.53 -10.44 2.15
CA LEU A 66 1.39 -10.93 2.91
C LEU A 66 1.13 -12.38 2.50
N ASP A 67 0.88 -12.54 1.21
CA ASP A 67 0.59 -13.82 0.58
C ASP A 67 1.68 -14.85 0.80
N THR A 68 2.90 -14.44 0.49
CA THR A 68 4.06 -15.29 0.60
C THR A 68 4.37 -15.66 2.04
N GLY A 69 3.84 -14.87 2.96
CA GLY A 69 4.03 -15.14 4.38
C GLY A 69 5.30 -14.52 4.94
N GLN A 70 5.57 -13.27 4.57
CA GLN A 70 6.77 -12.58 5.06
C GLN A 70 6.40 -11.55 6.11
N TYR A 71 5.74 -12.00 7.16
CA TYR A 71 5.30 -11.12 8.24
C TYR A 71 5.32 -11.83 9.59
N GLN A 72 4.37 -12.74 9.79
CA GLN A 72 4.23 -13.48 11.03
C GLN A 72 3.61 -12.59 12.09
N GLU A 73 3.41 -11.34 11.71
CA GLU A 73 2.81 -10.35 12.59
C GLU A 73 2.03 -9.35 11.75
N PRO A 74 0.73 -9.16 12.06
CA PRO A 74 -0.13 -8.25 11.30
C PRO A 74 0.35 -6.80 11.29
N TRP A 75 0.69 -6.27 12.47
CA TRP A 75 1.17 -4.88 12.57
C TRP A 75 2.22 -4.58 11.52
N GLN A 76 3.15 -5.50 11.33
CA GLN A 76 4.20 -5.32 10.34
C GLN A 76 3.61 -5.06 8.97
N TYR A 77 2.58 -5.83 8.61
CA TYR A 77 1.94 -5.67 7.32
C TYR A 77 1.29 -4.32 7.25
N VAL A 78 0.72 -3.90 8.37
CA VAL A 78 0.07 -2.62 8.45
C VAL A 78 1.06 -1.51 8.16
N ASP A 79 2.18 -1.56 8.85
CA ASP A 79 3.24 -0.60 8.62
C ASP A 79 3.64 -0.59 7.16
N ASP A 80 3.40 -1.71 6.48
CA ASP A 80 3.75 -1.82 5.07
C ASP A 80 2.70 -1.18 4.19
N VAL A 81 1.45 -1.53 4.43
CA VAL A 81 0.37 -0.97 3.65
C VAL A 81 0.27 0.52 3.88
N TRP A 82 0.53 0.95 5.12
CA TRP A 82 0.53 2.37 5.42
C TRP A 82 1.77 2.98 4.83
N LEU A 83 2.78 2.12 4.62
CA LEU A 83 4.00 2.52 3.97
C LEU A 83 3.65 2.94 2.55
N MET A 84 2.65 2.24 2.02
CA MET A 84 2.16 2.46 0.67
C MET A 84 1.42 3.80 0.57
N PHE A 85 0.30 3.96 1.29
CA PHE A 85 -0.40 5.25 1.21
C PHE A 85 0.56 6.37 1.62
N ASN A 86 1.59 6.00 2.38
CA ASN A 86 2.60 6.96 2.83
C ASN A 86 3.38 7.55 1.66
N ASN A 87 4.03 6.69 0.87
CA ASN A 87 4.80 7.18 -0.27
C ASN A 87 3.93 8.07 -1.12
N ALA A 88 2.67 7.69 -1.31
CA ALA A 88 1.77 8.48 -2.14
C ALA A 88 1.40 9.80 -1.46
N TRP A 89 1.54 9.80 -0.15
CA TRP A 89 1.16 10.96 0.68
C TRP A 89 2.29 11.98 0.81
N LEU A 90 3.42 11.57 1.37
CA LEU A 90 4.52 12.49 1.57
C LEU A 90 5.27 12.76 0.27
N TYR A 91 4.90 12.04 -0.79
CA TYR A 91 5.49 12.23 -2.10
C TYR A 91 4.66 13.21 -2.94
N ASN A 92 3.41 12.85 -3.19
CA ASN A 92 2.53 13.69 -3.99
C ASN A 92 2.04 14.87 -3.18
N ARG A 93 2.68 15.10 -2.04
CA ARG A 93 2.34 16.19 -1.14
C ARG A 93 0.87 16.19 -0.81
N LYS A 94 0.09 16.94 -1.58
CA LYS A 94 -1.32 17.03 -1.33
C LYS A 94 -2.03 17.71 -2.49
N THR A 95 -3.33 17.59 -2.46
CA THR A 95 -4.20 18.17 -3.50
C THR A 95 -3.79 17.70 -4.89
N SER A 96 -3.60 16.39 -5.03
CA SER A 96 -3.23 15.80 -6.29
C SER A 96 -4.19 14.69 -6.69
N ARG A 97 -3.88 13.99 -7.78
CA ARG A 97 -4.72 12.90 -8.26
C ARG A 97 -4.49 11.64 -7.42
N VAL A 98 -3.23 11.22 -7.35
CA VAL A 98 -2.89 10.07 -6.55
C VAL A 98 -3.30 10.32 -5.11
N TYR A 99 -3.31 11.60 -4.72
CA TYR A 99 -3.73 11.99 -3.37
C TYR A 99 -5.08 11.35 -3.07
N LYS A 100 -5.95 11.35 -4.08
CA LYS A 100 -7.26 10.76 -3.96
C LYS A 100 -7.16 9.26 -3.76
N PHE A 101 -6.31 8.66 -4.58
CA PHE A 101 -6.12 7.22 -4.55
C PHE A 101 -5.59 6.72 -3.20
N CYS A 102 -4.58 7.38 -2.66
CA CYS A 102 -4.00 6.97 -1.39
C CYS A 102 -4.95 7.28 -0.24
N SER A 103 -5.65 8.39 -0.35
CA SER A 103 -6.60 8.83 0.67
C SER A 103 -7.57 7.69 1.04
N LYS A 104 -8.30 7.21 0.05
CA LYS A 104 -9.26 6.14 0.28
C LYS A 104 -8.60 4.87 0.78
N LEU A 105 -7.56 4.42 0.08
CA LEU A 105 -6.87 3.21 0.48
C LEU A 105 -6.64 3.16 1.98
N ALA A 106 -6.10 4.24 2.52
CA ALA A 106 -5.83 4.31 3.95
C ALA A 106 -7.12 4.32 4.73
N GLU A 107 -8.17 4.86 4.11
CA GLU A 107 -9.48 4.92 4.73
C GLU A 107 -10.08 3.53 4.86
N VAL A 108 -10.43 2.93 3.72
CA VAL A 108 -10.98 1.58 3.73
C VAL A 108 -10.07 0.70 4.55
N PHE A 109 -8.78 0.73 4.26
CA PHE A 109 -7.84 -0.09 4.98
C PHE A 109 -7.93 0.12 6.48
N GLU A 110 -7.95 1.39 6.92
CA GLU A 110 -8.04 1.69 8.33
C GLU A 110 -9.35 1.11 8.88
N GLN A 111 -10.26 0.85 7.96
CA GLN A 111 -11.56 0.29 8.27
C GLN A 111 -11.54 -1.23 8.08
N GLU A 112 -10.50 -1.71 7.39
CA GLU A 112 -10.31 -3.12 7.13
C GLU A 112 -9.40 -3.75 8.17
N ILE A 113 -8.44 -2.95 8.62
CA ILE A 113 -7.47 -3.36 9.61
C ILE A 113 -8.06 -3.29 11.00
N ASP A 114 -9.32 -2.92 11.10
CA ASP A 114 -9.96 -2.87 12.41
C ASP A 114 -10.29 -4.30 12.81
N PRO A 115 -11.08 -5.02 11.99
CA PRO A 115 -11.37 -6.42 12.25
C PRO A 115 -10.08 -7.20 12.34
N VAL A 116 -9.05 -6.66 11.67
CA VAL A 116 -7.74 -7.27 11.66
C VAL A 116 -7.01 -7.02 12.95
N MET A 117 -6.60 -5.78 13.16
CA MET A 117 -5.82 -5.43 14.33
C MET A 117 -6.46 -5.93 15.63
N GLN A 118 -7.74 -6.31 15.57
CA GLN A 118 -8.42 -6.82 16.75
C GLN A 118 -8.37 -8.35 16.80
N SER A 119 -8.44 -9.01 15.65
CA SER A 119 -8.39 -10.47 15.59
C SER A 119 -7.01 -10.94 15.16
N LEU A 120 -6.12 -9.98 14.99
CA LEU A 120 -4.76 -10.23 14.54
C LEU A 120 -3.74 -9.80 15.58
N GLY A 121 -4.08 -8.77 16.34
CA GLY A 121 -3.18 -8.28 17.38
C GLY A 121 -3.89 -8.05 18.70
N GLY B 1 12.30 14.69 -18.95
CA GLY B 1 11.47 15.91 -18.74
C GLY B 1 11.93 17.08 -19.58
N GLY B 2 11.08 18.09 -19.70
CA GLY B 2 11.43 19.27 -20.47
C GLY B 2 10.21 19.96 -21.06
N ALA B 3 9.51 19.27 -21.96
CA ALA B 3 8.32 19.82 -22.60
C ALA B 3 7.05 19.30 -21.95
N LYS B 4 7.22 18.47 -20.92
CA LYS B 4 6.08 17.89 -20.21
C LYS B 4 6.40 17.73 -18.73
N ARG B 5 5.35 17.76 -17.90
CA ARG B 5 5.51 17.62 -16.46
C ARG B 5 4.43 16.72 -15.87
N HIS B 6 4.83 15.82 -14.98
CA HIS B 6 3.91 14.89 -14.34
C HIS B 6 4.56 14.19 -13.15
N ARG B 7 3.74 13.71 -12.23
CA ARG B 7 4.24 13.03 -11.04
C ARG B 7 3.73 11.59 -10.97
OH ALY B 8 4.45 8.54 -5.28
CH ALY B 8 3.88 7.54 -5.72
CH3 ALY B 8 3.03 6.69 -4.77
NZ ALY B 8 3.98 7.17 -7.00
CE ALY B 8 2.87 6.61 -7.77
CD ALY B 8 2.34 7.58 -8.80
CG ALY B 8 2.19 8.98 -8.23
CB ALY B 8 1.31 9.85 -9.11
CA ALY B 8 1.86 10.09 -10.52
N ALY B 8 2.46 11.42 -10.61
C ALY B 8 0.76 9.91 -11.55
O ALY B 8 -0.41 9.77 -11.21
HH31 ALY B 8 3.39 6.82 -3.75
HH32 ALY B 8 2.00 7.01 -4.82
HH33 ALY B 8 3.10 5.65 -5.04
HZ ALY B 8 4.83 7.30 -7.46
HE3 ALY B 8 3.22 5.72 -8.28
HE2 ALY B 8 2.07 6.33 -7.10
HD3 ALY B 8 3.02 7.62 -9.64
HD2 ALY B 8 1.37 7.23 -9.14
HG3 ALY B 8 1.74 8.90 -7.25
HG2 ALY B 8 3.16 9.43 -8.15
HB3 ALY B 8 0.35 9.36 -9.21
HB2 ALY B 8 1.17 10.80 -8.62
HA ALY B 8 2.64 9.37 -10.71
H ALY B 8 1.92 12.21 -10.40
N VAL B 9 1.15 9.93 -12.83
CA VAL B 9 0.19 9.76 -13.91
C VAL B 9 0.11 8.30 -14.36
N LEU B 10 1.06 7.50 -13.89
CA LEU B 10 1.12 6.08 -14.23
C LEU B 10 1.30 5.89 -15.73
N ARG B 11 0.97 4.70 -16.22
CA ARG B 11 1.09 4.39 -17.64
C ARG B 11 0.20 5.30 -18.49
N ASP B 12 0.80 5.91 -19.50
CA ASP B 12 0.07 6.82 -20.39
C ASP B 12 0.79 6.98 -21.72
N ASN B 13 0.04 7.38 -22.74
CA ASN B 13 0.61 7.58 -24.08
C ASN B 13 0.06 8.86 -24.70
N ILE B 14 -1.14 9.25 -24.27
CA ILE B 14 -1.78 10.45 -24.78
C ILE B 14 -2.21 11.37 -23.63
N GLN B 15 -1.68 11.09 -22.44
CA GLN B 15 -1.99 11.88 -21.26
C GLN B 15 -3.48 11.85 -20.96
N GLY A 1 11.23 -8.95 13.52
CA GLY A 1 10.17 -9.79 12.87
C GLY A 1 9.81 -11.00 13.69
N SER A 2 9.54 -12.11 13.01
CA SER A 2 9.17 -13.36 13.68
C SER A 2 8.07 -13.15 14.70
N HIS A 3 7.94 -14.08 15.63
CA HIS A 3 6.92 -13.99 16.67
C HIS A 3 7.21 -12.84 17.63
N MET A 4 6.18 -12.05 17.92
CA MET A 4 6.30 -10.91 18.83
C MET A 4 5.74 -11.27 20.21
N ARG A 5 5.52 -10.26 21.04
CA ARG A 5 5.00 -10.47 22.38
C ARG A 5 3.46 -10.47 22.38
N LYS A 6 2.88 -10.15 21.23
CA LYS A 6 1.44 -10.11 21.09
C LYS A 6 0.88 -11.47 20.69
N LYS A 7 -0.22 -11.45 19.94
CA LYS A 7 -0.85 -12.66 19.46
C LYS A 7 -0.22 -13.07 18.15
N ILE A 8 0.57 -14.11 18.19
CA ILE A 8 1.23 -14.58 17.01
C ILE A 8 0.64 -15.90 16.54
N PHE A 9 -0.08 -15.84 15.42
CA PHE A 9 -0.72 -17.00 14.86
C PHE A 9 0.13 -17.54 13.73
N LYS A 10 -0.51 -18.27 12.85
CA LYS A 10 0.12 -18.81 11.68
C LYS A 10 0.06 -17.75 10.58
N PRO A 11 1.05 -17.66 9.70
CA PRO A 11 1.03 -16.67 8.63
C PRO A 11 -0.27 -16.73 7.84
N GLU A 12 -0.90 -17.91 7.84
CA GLU A 12 -2.16 -18.09 7.12
C GLU A 12 -3.29 -17.38 7.85
N GLU A 13 -3.22 -17.34 9.18
CA GLU A 13 -4.23 -16.68 9.99
C GLU A 13 -4.33 -15.23 9.59
N LEU A 14 -3.19 -14.59 9.73
CA LEU A 14 -3.06 -13.20 9.42
C LEU A 14 -3.63 -12.91 8.05
N ARG A 15 -3.11 -13.56 7.03
CA ARG A 15 -3.60 -13.37 5.67
C ARG A 15 -5.11 -13.33 5.64
N GLN A 16 -5.72 -14.20 6.44
CA GLN A 16 -7.16 -14.30 6.48
C GLN A 16 -7.80 -13.00 6.88
N ALA A 17 -7.13 -12.30 7.76
CA ALA A 17 -7.61 -11.02 8.18
C ALA A 17 -7.01 -9.91 7.28
N LEU A 18 -5.69 -9.90 7.20
CA LEU A 18 -4.93 -8.95 6.41
C LEU A 18 -5.34 -8.89 4.95
N MET A 19 -5.07 -9.94 4.22
CA MET A 19 -5.38 -9.97 2.81
C MET A 19 -6.70 -9.31 2.51
N PRO A 20 -7.80 -9.72 3.16
CA PRO A 20 -9.09 -9.10 2.94
C PRO A 20 -8.96 -7.59 2.97
N THR A 21 -8.17 -7.09 3.92
CA THR A 21 -7.91 -5.67 4.02
C THR A 21 -7.30 -5.17 2.70
N LEU A 22 -6.18 -5.78 2.31
CA LEU A 22 -5.49 -5.45 1.07
C LEU A 22 -6.45 -5.52 -0.10
N GLU A 23 -7.36 -6.47 -0.02
CA GLU A 23 -8.33 -6.73 -1.04
C GLU A 23 -9.40 -5.63 -1.07
N ALA A 24 -9.70 -5.04 0.09
CA ALA A 24 -10.70 -3.98 0.15
C ALA A 24 -10.17 -2.78 -0.62
N LEU A 25 -8.87 -2.64 -0.58
CA LEU A 25 -8.19 -1.57 -1.29
C LEU A 25 -8.13 -1.92 -2.76
N TYR A 26 -8.07 -3.22 -3.02
CA TYR A 26 -8.01 -3.72 -4.37
C TYR A 26 -9.33 -3.39 -5.07
N ARG A 27 -10.37 -3.20 -4.25
CA ARG A 27 -11.68 -2.84 -4.76
C ARG A 27 -11.68 -1.39 -5.17
N GLN A 28 -10.85 -0.62 -4.47
CA GLN A 28 -10.73 0.81 -4.74
C GLN A 28 -9.94 1.03 -6.02
N ASP A 29 -9.82 -0.04 -6.78
CA ASP A 29 -9.08 -0.09 -8.05
C ASP A 29 -8.39 1.21 -8.47
N PRO A 30 -9.09 2.23 -9.01
CA PRO A 30 -8.42 3.46 -9.48
C PRO A 30 -7.52 4.09 -8.43
N GLU A 31 -7.61 3.57 -7.23
CA GLU A 31 -6.84 4.06 -6.11
C GLU A 31 -5.78 3.04 -5.69
N SER A 32 -6.02 1.77 -5.99
CA SER A 32 -5.09 0.71 -5.64
C SER A 32 -4.12 0.37 -6.77
N LEU A 33 -4.58 0.43 -8.03
CA LEU A 33 -3.71 0.11 -9.17
C LEU A 33 -2.33 0.75 -9.04
N PRO A 34 -2.26 2.07 -8.80
CA PRO A 34 -0.98 2.78 -8.64
C PRO A 34 -0.03 2.09 -7.66
N PHE A 35 -0.53 1.09 -6.93
CA PHE A 35 0.29 0.37 -5.97
C PHE A 35 0.27 -1.13 -6.22
N ARG A 36 -0.89 -1.67 -6.63
CA ARG A 36 -1.01 -3.10 -6.89
C ARG A 36 0.15 -3.55 -7.76
N GLN A 37 0.63 -2.60 -8.55
CA GLN A 37 1.77 -2.78 -9.42
C GLN A 37 2.93 -1.93 -8.90
N PRO A 38 4.18 -2.38 -9.09
CA PRO A 38 5.34 -1.64 -8.62
C PRO A 38 5.28 -0.15 -8.95
N VAL A 39 5.36 0.70 -7.93
CA VAL A 39 5.34 2.15 -8.12
C VAL A 39 6.69 2.62 -8.63
N ASP A 40 7.03 2.15 -9.81
CA ASP A 40 8.28 2.50 -10.43
C ASP A 40 8.39 4.00 -10.67
N PRO A 41 9.53 4.61 -10.31
CA PRO A 41 9.74 6.05 -10.50
C PRO A 41 10.03 6.38 -11.95
N GLN A 42 9.62 5.47 -12.84
CA GLN A 42 9.83 5.64 -14.27
C GLN A 42 8.49 5.80 -14.98
N LEU A 43 7.55 4.92 -14.67
CA LEU A 43 6.22 5.02 -15.26
C LEU A 43 5.67 6.40 -14.96
N LEU A 44 6.11 6.92 -13.83
CA LEU A 44 5.71 8.24 -13.35
C LEU A 44 6.78 9.28 -13.65
N GLY A 45 8.04 8.84 -13.59
CA GLY A 45 9.15 9.72 -13.87
C GLY A 45 9.42 10.73 -12.78
N ILE A 46 9.57 10.26 -11.55
CA ILE A 46 9.84 11.14 -10.42
C ILE A 46 11.10 10.68 -9.67
N PRO A 47 12.29 11.09 -10.14
CA PRO A 47 13.56 10.72 -9.51
C PRO A 47 13.57 10.96 -8.01
N ASP A 48 12.68 11.83 -7.56
CA ASP A 48 12.58 12.16 -6.14
C ASP A 48 12.27 10.94 -5.29
N TYR A 49 11.91 9.83 -5.93
CA TYR A 49 11.61 8.61 -5.19
C TYR A 49 12.82 8.16 -4.40
N PHE A 50 12.55 7.52 -3.26
CA PHE A 50 13.59 7.04 -2.37
C PHE A 50 14.42 8.21 -1.83
N ASP A 51 13.92 9.42 -2.06
CA ASP A 51 14.57 10.65 -1.61
C ASP A 51 13.62 11.39 -0.70
N ILE A 52 12.53 10.70 -0.40
CA ILE A 52 11.46 11.25 0.40
C ILE A 52 10.82 10.16 1.26
N VAL A 53 10.28 9.17 0.57
CA VAL A 53 9.59 8.07 1.23
C VAL A 53 10.58 7.09 1.87
N LYS A 54 11.70 6.86 1.18
CA LYS A 54 12.75 5.97 1.65
C LYS A 54 12.33 4.51 1.50
N ASN A 55 11.03 4.26 1.63
CA ASN A 55 10.48 2.91 1.50
C ASN A 55 9.18 2.96 0.74
N PRO A 56 9.29 2.97 -0.60
CA PRO A 56 8.15 3.02 -1.50
C PRO A 56 7.00 2.13 -1.05
N MET A 57 7.23 0.82 -1.04
CA MET A 57 6.20 -0.13 -0.64
C MET A 57 4.96 0.02 -1.52
N ASP A 58 4.70 -0.96 -2.36
CA ASP A 58 3.54 -0.91 -3.25
C ASP A 58 2.66 -2.14 -3.06
N LEU A 59 1.33 -1.93 -3.16
CA LEU A 59 0.36 -3.02 -3.01
C LEU A 59 0.82 -4.29 -3.72
N SER A 60 1.72 -4.15 -4.69
CA SER A 60 2.23 -5.32 -5.38
C SER A 60 3.04 -6.14 -4.38
N THR A 61 4.02 -5.47 -3.78
CA THR A 61 4.85 -6.10 -2.76
C THR A 61 4.00 -6.40 -1.55
N ILE A 62 3.15 -5.45 -1.19
CA ILE A 62 2.27 -5.60 -0.05
C ILE A 62 1.40 -6.84 -0.20
N LYS A 63 0.42 -6.75 -1.08
CA LYS A 63 -0.47 -7.87 -1.36
C LYS A 63 0.30 -9.18 -1.47
N ARG A 64 1.54 -9.11 -1.95
CA ARG A 64 2.37 -10.30 -2.10
C ARG A 64 2.94 -10.77 -0.77
N LYS A 65 3.92 -10.03 -0.21
CA LYS A 65 4.53 -10.39 1.07
C LYS A 65 3.47 -10.99 1.97
N LEU A 66 2.32 -10.33 2.00
CA LEU A 66 1.21 -10.83 2.78
C LEU A 66 0.91 -12.26 2.33
N ASP A 67 0.36 -12.35 1.13
CA ASP A 67 -0.03 -13.60 0.49
C ASP A 67 1.09 -14.64 0.39
N THR A 68 2.30 -14.28 0.77
CA THR A 68 3.42 -15.19 0.64
C THR A 68 3.94 -15.67 2.00
N GLY A 69 3.58 -14.96 3.07
CA GLY A 69 4.01 -15.36 4.40
C GLY A 69 5.29 -14.67 4.84
N GLN A 70 5.58 -13.52 4.25
CA GLN A 70 6.77 -12.77 4.61
C GLN A 70 6.50 -11.89 5.82
N TYR A 71 5.97 -12.53 6.86
CA TYR A 71 5.64 -11.84 8.08
C TYR A 71 5.34 -12.86 9.19
N GLN A 72 4.76 -12.37 10.27
CA GLN A 72 4.41 -13.21 11.41
C GLN A 72 3.45 -12.45 12.32
N GLU A 73 3.60 -11.14 12.31
CA GLU A 73 2.72 -10.27 13.08
C GLU A 73 2.03 -9.31 12.12
N PRO A 74 0.70 -9.21 12.20
CA PRO A 74 -0.10 -8.36 11.29
C PRO A 74 0.39 -6.91 11.20
N TRP A 75 0.65 -6.28 12.34
CA TRP A 75 1.13 -4.89 12.37
C TRP A 75 2.19 -4.64 11.29
N GLN A 76 3.10 -5.59 11.14
CA GLN A 76 4.16 -5.47 10.14
C GLN A 76 3.56 -5.19 8.77
N TYR A 77 2.60 -6.02 8.36
CA TYR A 77 1.97 -5.85 7.07
C TYR A 77 1.32 -4.48 7.00
N VAL A 78 0.78 -4.06 8.12
CA VAL A 78 0.12 -2.76 8.22
C VAL A 78 1.09 -1.64 7.94
N ASP A 79 2.19 -1.66 8.64
CA ASP A 79 3.23 -0.67 8.46
C ASP A 79 3.62 -0.59 6.99
N ASP A 80 3.41 -1.68 6.26
CA ASP A 80 3.76 -1.72 4.85
C ASP A 80 2.69 -1.05 4.00
N VAL A 81 1.45 -1.46 4.21
CA VAL A 81 0.34 -0.91 3.47
C VAL A 81 0.19 0.58 3.80
N TRP A 82 0.52 0.95 5.02
CA TRP A 82 0.48 2.34 5.41
C TRP A 82 1.72 3.03 4.89
N LEU A 83 2.72 2.23 4.57
CA LEU A 83 3.95 2.74 4.00
C LEU A 83 3.66 3.28 2.60
N MET A 84 2.78 2.57 1.89
CA MET A 84 2.42 2.96 0.53
C MET A 84 1.52 4.20 0.52
N PHE A 85 0.38 4.21 1.24
CA PHE A 85 -0.44 5.42 1.22
C PHE A 85 0.43 6.58 1.71
N ASN A 86 1.37 6.27 2.60
CA ASN A 86 2.29 7.25 3.16
C ASN A 86 3.08 7.95 2.07
N ASN A 87 3.75 7.16 1.21
CA ASN A 87 4.53 7.75 0.12
C ASN A 87 3.66 8.72 -0.65
N ALA A 88 2.45 8.31 -0.97
CA ALA A 88 1.55 9.15 -1.75
C ALA A 88 1.34 10.49 -1.07
N TRP A 89 1.45 10.44 0.25
CA TRP A 89 1.18 11.58 1.10
C TRP A 89 2.37 12.51 1.32
N LEU A 90 3.44 11.98 1.91
CA LEU A 90 4.61 12.80 2.19
C LEU A 90 5.48 12.98 0.94
N TYR A 91 5.09 12.29 -0.12
CA TYR A 91 5.80 12.37 -1.39
C TYR A 91 5.17 13.39 -2.33
N ASN A 92 3.93 13.14 -2.75
CA ASN A 92 3.28 14.00 -3.70
C ASN A 92 2.85 15.32 -3.06
N ARG A 93 3.11 15.43 -1.76
CA ARG A 93 2.77 16.64 -0.98
C ARG A 93 1.34 16.62 -0.48
N LYS A 94 0.40 17.20 -1.22
CA LYS A 94 -0.97 17.25 -0.75
C LYS A 94 -1.93 17.97 -1.69
N THR A 95 -3.15 17.45 -1.70
CA THR A 95 -4.31 17.97 -2.44
C THR A 95 -4.31 17.77 -3.96
N SER A 96 -4.15 16.52 -4.40
CA SER A 96 -4.25 16.23 -5.83
C SER A 96 -4.81 14.81 -6.10
N ARG A 97 -4.70 14.35 -7.35
CA ARG A 97 -5.26 13.05 -7.79
C ARG A 97 -4.75 11.83 -7.02
N VAL A 98 -3.51 11.42 -7.24
CA VAL A 98 -2.95 10.24 -6.58
C VAL A 98 -3.11 10.33 -5.06
N TYR A 99 -3.46 11.52 -4.59
CA TYR A 99 -3.62 11.76 -3.18
C TYR A 99 -4.99 11.28 -2.72
N LYS A 100 -5.95 11.36 -3.63
CA LYS A 100 -7.29 10.89 -3.35
C LYS A 100 -7.27 9.36 -3.34
N PHE A 101 -6.42 8.80 -4.20
CA PHE A 101 -6.27 7.36 -4.29
C PHE A 101 -5.75 6.79 -2.98
N CYS A 102 -4.72 7.42 -2.42
CA CYS A 102 -4.14 6.95 -1.17
C CYS A 102 -5.06 7.23 0.00
N SER A 103 -5.72 8.39 -0.03
CA SER A 103 -6.62 8.79 1.05
C SER A 103 -7.60 7.67 1.37
N LYS A 104 -8.32 7.22 0.35
CA LYS A 104 -9.29 6.15 0.52
C LYS A 104 -8.60 4.83 0.87
N LEU A 105 -7.51 4.49 0.17
CA LEU A 105 -6.82 3.26 0.47
C LEU A 105 -6.56 3.12 1.96
N ALA A 106 -6.09 4.20 2.57
CA ALA A 106 -5.82 4.19 4.00
C ALA A 106 -7.13 4.18 4.76
N GLU A 107 -8.18 4.69 4.11
CA GLU A 107 -9.52 4.73 4.69
C GLU A 107 -10.10 3.33 4.80
N VAL A 108 -10.43 2.76 3.64
CA VAL A 108 -10.96 1.42 3.57
C VAL A 108 -10.10 0.50 4.40
N PHE A 109 -8.79 0.61 4.22
CA PHE A 109 -7.87 -0.23 4.95
C PHE A 109 -7.95 0.01 6.45
N GLU A 110 -8.00 1.27 6.87
CA GLU A 110 -8.08 1.57 8.28
C GLU A 110 -9.35 0.97 8.85
N GLN A 111 -10.28 0.66 7.94
CA GLN A 111 -11.53 0.08 8.27
C GLN A 111 -11.47 -1.44 8.16
N GLU A 112 -10.52 -1.92 7.34
CA GLU A 112 -10.32 -3.34 7.14
C GLU A 112 -9.38 -3.90 8.20
N ILE A 113 -8.40 -3.10 8.54
CA ILE A 113 -7.40 -3.46 9.54
C ILE A 113 -7.97 -3.31 10.93
N ASP A 114 -9.23 -2.89 11.03
CA ASP A 114 -9.85 -2.75 12.32
C ASP A 114 -10.23 -4.15 12.78
N PRO A 115 -11.06 -4.88 11.99
CA PRO A 115 -11.41 -6.25 12.31
C PRO A 115 -10.14 -7.08 12.38
N VAL A 116 -9.09 -6.58 11.74
CA VAL A 116 -7.81 -7.24 11.72
C VAL A 116 -7.05 -6.97 12.99
N MET A 117 -6.60 -5.75 13.15
CA MET A 117 -5.80 -5.38 14.31
C MET A 117 -6.46 -5.83 15.62
N GLN A 118 -7.75 -6.17 15.55
CA GLN A 118 -8.47 -6.63 16.73
C GLN A 118 -8.43 -8.17 16.84
N SER A 119 -8.55 -8.86 15.71
CA SER A 119 -8.52 -10.32 15.70
C SER A 119 -7.16 -10.84 15.26
N LEU A 120 -6.24 -9.90 15.05
CA LEU A 120 -4.90 -10.19 14.60
C LEU A 120 -3.86 -9.72 15.61
N GLY A 121 -4.16 -8.62 16.29
CA GLY A 121 -3.25 -8.09 17.29
C GLY A 121 -3.97 -7.46 18.46
N GLY B 1 15.18 16.36 -17.15
CA GLY B 1 14.75 15.03 -16.65
C GLY B 1 13.30 14.73 -16.94
N GLY B 2 12.74 13.74 -16.26
CA GLY B 2 11.34 13.38 -16.45
C GLY B 2 10.40 14.25 -15.66
N ALA B 3 10.97 15.11 -14.82
CA ALA B 3 10.17 16.00 -13.98
C ALA B 3 9.51 17.10 -14.82
N LYS B 4 8.21 17.30 -14.62
CA LYS B 4 7.48 18.32 -15.35
C LYS B 4 6.51 19.07 -14.43
N ARG B 5 5.41 18.40 -14.08
CA ARG B 5 4.41 19.00 -13.20
C ARG B 5 3.40 17.95 -12.73
N HIS B 6 2.94 17.12 -13.67
CA HIS B 6 1.95 16.09 -13.35
C HIS B 6 2.63 14.89 -12.67
N ARG B 7 2.57 14.86 -11.35
CA ARG B 7 3.17 13.77 -10.59
C ARG B 7 2.17 12.63 -10.38
OH ALY B 8 3.91 8.30 -5.30
CH ALY B 8 2.97 7.55 -5.59
CH3 ALY B 8 1.67 7.66 -4.78
NZ ALY B 8 2.98 6.82 -6.70
CE ALY B 8 1.80 6.65 -7.55
CD ALY B 8 1.80 7.66 -8.68
CG ALY B 8 2.04 9.07 -8.17
CB ALY B 8 1.28 10.10 -9.00
CA ALY B 8 1.80 10.21 -10.44
N ALY B 8 2.63 11.40 -10.59
C ALY B 8 0.61 10.23 -11.40
O ALY B 8 0.46 11.15 -12.19
HH31 ALY B 8 1.05 6.80 -4.98
HH32 ALY B 8 1.90 7.71 -3.74
HH33 ALY B 8 1.14 8.55 -5.07
HZ ALY B 8 3.82 6.48 -7.03
HE3 ALY B 8 1.81 5.66 -7.97
HE2 ALY B 8 0.91 6.79 -6.97
HD3 ALY B 8 2.57 7.41 -9.39
HD2 ALY B 8 0.83 7.62 -9.18
HG3 ALY B 8 1.70 9.13 -7.15
HG2 ALY B 8 3.09 9.29 -8.22
HB3 ALY B 8 0.26 9.81 -9.03
HB2 ALY B 8 1.37 11.05 -8.52
HA ALY B 8 2.41 9.35 -10.66
H ALY B 8 3.57 11.29 -10.84
N VAL B 9 -0.21 9.19 -11.30
CA VAL B 9 -1.38 9.05 -12.16
C VAL B 9 -0.97 8.93 -13.62
N LEU B 10 -0.08 7.98 -13.90
CA LEU B 10 0.40 7.76 -15.26
C LEU B 10 -0.23 6.50 -15.86
N ARG B 11 0.20 5.35 -15.38
CA ARG B 11 -0.30 4.07 -15.88
C ARG B 11 -1.78 3.92 -15.53
N ASP B 12 -2.63 4.01 -16.56
CA ASP B 12 -4.07 3.88 -16.37
C ASP B 12 -4.60 2.60 -17.02
N ASN B 13 -5.92 2.43 -16.99
CA ASN B 13 -6.56 1.26 -17.57
C ASN B 13 -6.70 1.39 -19.08
N ILE B 14 -7.37 2.45 -19.53
CA ILE B 14 -7.59 2.71 -20.95
C ILE B 14 -7.89 1.42 -21.71
N GLN B 15 -9.10 0.90 -21.53
CA GLN B 15 -9.52 -0.33 -22.20
C GLN B 15 -10.42 -0.02 -23.39
N GLY A 1 9.09 -18.10 12.62
CA GLY A 1 9.65 -18.21 13.99
C GLY A 1 8.90 -17.35 15.00
N SER A 2 9.61 -16.89 16.01
CA SER A 2 9.01 -16.06 17.05
C SER A 2 9.47 -14.60 16.92
N HIS A 3 8.58 -13.74 16.45
CA HIS A 3 8.90 -12.33 16.28
C HIS A 3 8.62 -11.53 17.56
N MET A 4 7.39 -11.08 17.72
CA MET A 4 7.00 -10.31 18.90
C MET A 4 6.48 -11.23 19.99
N ARG A 5 6.31 -10.68 21.19
CA ARG A 5 5.83 -11.44 22.33
C ARG A 5 4.31 -11.34 22.47
N LYS A 6 3.63 -11.13 21.35
CA LYS A 6 2.19 -11.02 21.35
C LYS A 6 1.55 -12.30 20.80
N LYS A 7 0.47 -12.13 20.03
CA LYS A 7 -0.23 -13.24 19.42
C LYS A 7 0.69 -14.08 18.56
N ILE A 8 1.00 -13.54 17.40
CA ILE A 8 1.81 -14.20 16.41
C ILE A 8 1.23 -15.56 16.08
N PHE A 9 0.51 -15.59 14.97
CA PHE A 9 -0.15 -16.80 14.51
C PHE A 9 0.57 -17.34 13.30
N LYS A 10 -0.13 -18.17 12.54
CA LYS A 10 0.39 -18.72 11.32
C LYS A 10 0.24 -17.66 10.24
N PRO A 11 1.18 -17.57 9.29
CA PRO A 11 1.09 -16.57 8.22
C PRO A 11 -0.24 -16.66 7.48
N GLU A 12 -0.89 -17.83 7.59
CA GLU A 12 -2.18 -18.06 6.95
C GLU A 12 -3.29 -17.35 7.73
N GLU A 13 -3.13 -17.32 9.06
CA GLU A 13 -4.09 -16.66 9.93
C GLU A 13 -4.20 -15.20 9.54
N LEU A 14 -3.05 -14.58 9.54
CA LEU A 14 -2.93 -13.19 9.20
C LEU A 14 -3.56 -12.94 7.85
N ARG A 15 -3.06 -13.61 6.83
CA ARG A 15 -3.61 -13.44 5.48
C ARG A 15 -5.11 -13.40 5.52
N GLN A 16 -5.69 -14.20 6.41
CA GLN A 16 -7.12 -14.28 6.52
C GLN A 16 -7.72 -12.96 6.93
N ALA A 17 -7.05 -12.26 7.82
CA ALA A 17 -7.51 -10.96 8.23
C ALA A 17 -6.94 -9.88 7.29
N LEU A 18 -5.61 -9.89 7.18
CA LEU A 18 -4.87 -8.95 6.36
C LEU A 18 -5.28 -8.89 4.90
N MET A 19 -5.03 -9.95 4.16
CA MET A 19 -5.35 -9.96 2.74
C MET A 19 -6.67 -9.28 2.47
N PRO A 20 -7.76 -9.70 3.14
CA PRO A 20 -9.07 -9.06 2.97
C PRO A 20 -8.93 -7.55 2.99
N THR A 21 -8.11 -7.07 3.92
CA THR A 21 -7.84 -5.63 3.99
C THR A 21 -7.24 -5.17 2.67
N LEU A 22 -6.14 -5.81 2.28
CA LEU A 22 -5.45 -5.52 1.02
C LEU A 22 -6.43 -5.58 -0.13
N GLU A 23 -7.48 -6.38 0.06
CA GLU A 23 -8.49 -6.57 -0.96
C GLU A 23 -9.44 -5.38 -1.03
N ALA A 24 -9.90 -4.88 0.12
CA ALA A 24 -10.79 -3.73 0.12
C ALA A 24 -10.17 -2.61 -0.70
N LEU A 25 -8.85 -2.55 -0.62
CA LEU A 25 -8.10 -1.58 -1.38
C LEU A 25 -8.05 -2.01 -2.83
N TYR A 26 -7.89 -3.32 -3.03
CA TYR A 26 -7.81 -3.87 -4.37
C TYR A 26 -9.08 -3.54 -5.14
N ARG A 27 -10.12 -3.17 -4.38
CA ARG A 27 -11.40 -2.78 -4.95
C ARG A 27 -11.31 -1.33 -5.37
N GLN A 28 -10.50 -0.59 -4.63
CA GLN A 28 -10.29 0.81 -4.90
C GLN A 28 -9.26 0.96 -6.00
N ASP A 29 -9.22 -0.06 -6.87
CA ASP A 29 -8.27 -0.15 -8.00
C ASP A 29 -7.67 1.19 -8.45
N PRO A 30 -8.44 2.15 -9.03
CA PRO A 30 -7.86 3.42 -9.52
C PRO A 30 -7.01 4.10 -8.46
N GLU A 31 -7.15 3.60 -7.24
CA GLU A 31 -6.43 4.11 -6.09
C GLU A 31 -5.42 3.10 -5.56
N SER A 32 -5.80 1.82 -5.55
CA SER A 32 -4.95 0.76 -5.02
C SER A 32 -4.19 0.05 -6.12
N LEU A 33 -4.85 -0.15 -7.24
CA LEU A 33 -4.26 -0.82 -8.34
C LEU A 33 -2.99 -0.11 -8.85
N PRO A 34 -2.84 1.24 -8.71
CA PRO A 34 -1.59 1.91 -9.10
C PRO A 34 -0.44 1.42 -8.20
N PHE A 35 -0.81 0.67 -7.15
CA PHE A 35 0.16 0.13 -6.21
C PHE A 35 0.27 -1.39 -6.34
N ARG A 36 -0.81 -2.06 -6.75
CA ARG A 36 -0.79 -3.52 -6.89
C ARG A 36 0.51 -3.94 -7.55
N GLN A 37 1.02 -3.03 -8.36
CA GLN A 37 2.28 -3.19 -9.05
C GLN A 37 3.23 -2.06 -8.61
N PRO A 38 4.55 -2.26 -8.73
CA PRO A 38 5.50 -1.22 -8.34
C PRO A 38 5.12 0.15 -8.87
N VAL A 39 5.03 1.15 -7.96
CA VAL A 39 4.68 2.51 -8.36
C VAL A 39 5.52 2.92 -9.55
N ASP A 40 6.78 2.54 -9.50
CA ASP A 40 7.74 2.80 -10.56
C ASP A 40 7.87 4.29 -10.87
N PRO A 41 9.10 4.82 -10.84
CA PRO A 41 9.37 6.21 -11.14
C PRO A 41 9.55 6.42 -12.64
N GLN A 42 8.80 5.63 -13.41
CA GLN A 42 8.89 5.67 -14.86
C GLN A 42 7.51 5.84 -15.50
N LEU A 43 6.59 4.92 -15.21
CA LEU A 43 5.24 5.02 -15.78
C LEU A 43 4.65 6.38 -15.44
N LEU A 44 5.07 6.89 -14.29
CA LEU A 44 4.60 8.18 -13.80
C LEU A 44 5.59 9.28 -14.15
N GLY A 45 6.88 9.00 -13.93
CA GLY A 45 7.91 9.97 -14.23
C GLY A 45 8.25 10.82 -13.03
N ILE A 46 8.55 10.16 -11.92
CA ILE A 46 8.88 10.84 -10.68
C ILE A 46 10.29 10.49 -10.20
N PRO A 47 11.32 11.13 -10.78
CA PRO A 47 12.72 10.87 -10.41
C PRO A 47 12.97 11.07 -8.92
N ASP A 48 12.12 11.87 -8.28
CA ASP A 48 12.25 12.15 -6.85
C ASP A 48 11.92 10.92 -6.01
N TYR A 49 11.63 9.79 -6.66
CA TYR A 49 11.31 8.57 -5.96
C TYR A 49 12.54 8.08 -5.20
N PHE A 50 12.31 7.41 -4.08
CA PHE A 50 13.38 6.90 -3.24
C PHE A 50 14.18 8.06 -2.64
N ASP A 51 13.69 9.28 -2.85
CA ASP A 51 14.34 10.49 -2.34
C ASP A 51 13.38 11.23 -1.44
N ILE A 52 12.32 10.53 -1.08
CA ILE A 52 11.27 11.09 -0.28
C ILE A 52 10.62 10.02 0.59
N VAL A 53 10.11 9.01 -0.09
CA VAL A 53 9.42 7.92 0.55
C VAL A 53 10.40 6.97 1.24
N LYS A 54 11.54 6.76 0.61
CA LYS A 54 12.60 5.90 1.12
C LYS A 54 12.22 4.43 1.00
N ASN A 55 10.94 4.14 1.13
CA ASN A 55 10.43 2.79 1.02
C ASN A 55 9.17 2.75 0.17
N PRO A 56 9.35 2.75 -1.15
CA PRO A 56 8.26 2.74 -2.13
C PRO A 56 7.08 1.89 -1.67
N MET A 57 7.37 0.71 -1.11
CA MET A 57 6.34 -0.20 -0.61
C MET A 57 5.05 -0.12 -1.41
N ASP A 58 4.92 -0.93 -2.44
CA ASP A 58 3.71 -0.92 -3.27
C ASP A 58 2.85 -2.15 -2.98
N LEU A 59 1.53 -2.00 -3.15
CA LEU A 59 0.60 -3.10 -2.91
C LEU A 59 1.10 -4.39 -3.54
N SER A 60 2.05 -4.27 -4.48
CA SER A 60 2.62 -5.45 -5.10
C SER A 60 3.38 -6.23 -4.04
N THR A 61 4.42 -5.60 -3.49
CA THR A 61 5.19 -6.21 -2.44
C THR A 61 4.29 -6.49 -1.25
N ILE A 62 3.39 -5.56 -0.98
CA ILE A 62 2.45 -5.68 0.12
C ILE A 62 1.62 -6.94 0.00
N LYS A 63 0.66 -6.92 -0.92
CA LYS A 63 -0.21 -8.07 -1.15
C LYS A 63 0.64 -9.35 -1.31
N ARG A 64 1.93 -9.18 -1.63
CA ARG A 64 2.82 -10.32 -1.79
C ARG A 64 3.30 -10.83 -0.45
N LYS A 65 4.19 -10.08 0.23
CA LYS A 65 4.69 -10.49 1.54
C LYS A 65 3.59 -11.21 2.27
N LEU A 66 2.47 -10.53 2.40
CA LEU A 66 1.30 -11.10 3.04
C LEU A 66 1.08 -12.52 2.53
N ASP A 67 0.64 -12.61 1.29
CA ASP A 67 0.32 -13.86 0.62
C ASP A 67 1.40 -14.93 0.78
N THR A 68 2.60 -14.58 0.35
CA THR A 68 3.73 -15.48 0.38
C THR A 68 4.20 -15.78 1.82
N GLY A 69 3.83 -14.91 2.75
CA GLY A 69 4.19 -15.11 4.14
C GLY A 69 5.53 -14.49 4.54
N GLN A 70 5.87 -13.34 3.96
CA GLN A 70 7.12 -12.65 4.29
C GLN A 70 6.93 -11.79 5.53
N TYR A 71 6.38 -12.40 6.57
CA TYR A 71 6.12 -11.68 7.81
C TYR A 71 5.85 -12.68 8.94
N GLN A 72 5.02 -12.27 9.91
CA GLN A 72 4.66 -13.13 11.03
C GLN A 72 3.68 -12.39 11.94
N GLU A 73 3.84 -11.08 11.98
CA GLU A 73 2.96 -10.22 12.76
C GLU A 73 2.26 -9.25 11.81
N PRO A 74 0.92 -9.14 11.89
CA PRO A 74 0.13 -8.27 11.01
C PRO A 74 0.58 -6.81 11.05
N TRP A 75 0.81 -6.28 12.26
CA TRP A 75 1.24 -4.87 12.41
C TRP A 75 2.33 -4.55 11.38
N GLN A 76 3.16 -5.54 11.09
CA GLN A 76 4.23 -5.37 10.12
C GLN A 76 3.64 -5.11 8.73
N TYR A 77 2.69 -5.96 8.34
CA TYR A 77 2.05 -5.82 7.04
C TYR A 77 1.40 -4.45 6.96
N VAL A 78 0.85 -4.03 8.09
CA VAL A 78 0.19 -2.73 8.19
C VAL A 78 1.18 -1.62 7.94
N ASP A 79 2.27 -1.66 8.66
CA ASP A 79 3.33 -0.68 8.51
C ASP A 79 3.75 -0.59 7.05
N ASP A 80 3.49 -1.66 6.30
CA ASP A 80 3.87 -1.69 4.89
C ASP A 80 2.79 -1.07 4.03
N VAL A 81 1.56 -1.53 4.21
CA VAL A 81 0.46 -1.00 3.43
C VAL A 81 0.30 0.49 3.72
N TRP A 82 0.61 0.88 4.95
CA TRP A 82 0.56 2.29 5.30
C TRP A 82 1.77 2.97 4.73
N LEU A 83 2.85 2.21 4.57
CA LEU A 83 4.05 2.71 3.94
C LEU A 83 3.68 3.12 2.53
N MET A 84 2.74 2.35 1.97
CA MET A 84 2.23 2.60 0.64
C MET A 84 1.48 3.92 0.56
N PHE A 85 0.35 4.06 1.28
CA PHE A 85 -0.38 5.32 1.24
C PHE A 85 0.56 6.46 1.65
N ASN A 86 1.58 6.11 2.44
CA ASN A 86 2.55 7.09 2.93
C ASN A 86 3.32 7.72 1.78
N ASN A 87 3.95 6.89 0.95
CA ASN A 87 4.72 7.40 -0.19
C ASN A 87 3.83 8.30 -1.03
N ALA A 88 2.59 7.93 -1.22
CA ALA A 88 1.68 8.72 -2.03
C ALA A 88 1.37 10.04 -1.36
N TRP A 89 1.51 10.04 -0.04
CA TRP A 89 1.18 11.19 0.79
C TRP A 89 2.33 12.18 0.96
N LEU A 90 3.44 11.73 1.53
CA LEU A 90 4.57 12.61 1.76
C LEU A 90 5.33 12.90 0.47
N TYR A 91 4.96 12.21 -0.60
CA TYR A 91 5.58 12.42 -1.91
C TYR A 91 4.79 13.43 -2.71
N ASN A 92 3.53 13.10 -2.98
CA ASN A 92 2.66 13.98 -3.76
C ASN A 92 2.24 15.19 -2.95
N ARG A 93 2.85 15.34 -1.78
CA ARG A 93 2.54 16.45 -0.89
C ARG A 93 1.05 16.50 -0.57
N LYS A 94 0.35 15.40 -0.86
CA LYS A 94 -1.08 15.30 -0.61
C LYS A 94 -1.86 16.31 -1.46
N THR A 95 -1.17 16.93 -2.41
CA THR A 95 -1.80 17.91 -3.29
C THR A 95 -1.71 17.47 -4.75
N SER A 96 -2.29 16.32 -5.06
CA SER A 96 -2.29 15.79 -6.42
C SER A 96 -3.49 14.87 -6.64
N ARG A 97 -3.44 14.07 -7.70
CA ARG A 97 -4.54 13.14 -8.00
C ARG A 97 -4.41 11.88 -7.16
N VAL A 98 -3.22 11.28 -7.18
CA VAL A 98 -3.00 10.08 -6.40
C VAL A 98 -3.28 10.37 -4.93
N TYR A 99 -3.29 11.67 -4.57
CA TYR A 99 -3.59 12.06 -3.20
C TYR A 99 -4.93 11.46 -2.81
N LYS A 100 -5.87 11.53 -3.74
CA LYS A 100 -7.19 11.00 -3.56
C LYS A 100 -7.12 9.47 -3.56
N PHE A 101 -6.24 8.94 -4.39
CA PHE A 101 -6.06 7.50 -4.46
C PHE A 101 -5.59 6.92 -3.12
N CYS A 102 -4.64 7.60 -2.50
CA CYS A 102 -4.10 7.13 -1.23
C CYS A 102 -5.06 7.43 -0.09
N SER A 103 -5.75 8.56 -0.21
CA SER A 103 -6.72 8.97 0.80
C SER A 103 -7.66 7.82 1.14
N LYS A 104 -8.33 7.28 0.12
CA LYS A 104 -9.24 6.17 0.35
C LYS A 104 -8.49 4.93 0.81
N LEU A 105 -7.47 4.51 0.07
CA LEU A 105 -6.72 3.33 0.44
C LEU A 105 -6.48 3.25 1.95
N ALA A 106 -5.93 4.31 2.51
CA ALA A 106 -5.65 4.32 3.95
C ALA A 106 -6.96 4.27 4.72
N GLU A 107 -8.01 4.83 4.11
CA GLU A 107 -9.34 4.86 4.72
C GLU A 107 -9.93 3.45 4.79
N VAL A 108 -10.27 2.90 3.62
CA VAL A 108 -10.82 1.56 3.55
C VAL A 108 -9.96 0.63 4.37
N PHE A 109 -8.65 0.71 4.15
CA PHE A 109 -7.73 -0.14 4.88
C PHE A 109 -7.81 0.08 6.38
N GLU A 110 -7.87 1.33 6.82
CA GLU A 110 -7.98 1.61 8.23
C GLU A 110 -9.29 1.06 8.74
N GLN A 111 -10.16 0.80 7.77
CA GLN A 111 -11.49 0.26 8.02
C GLN A 111 -11.47 -1.27 7.85
N GLU A 112 -10.37 -1.76 7.29
CA GLU A 112 -10.18 -3.19 7.05
C GLU A 112 -9.26 -3.78 8.11
N ILE A 113 -8.28 -2.98 8.49
CA ILE A 113 -7.29 -3.37 9.49
C ILE A 113 -7.84 -3.21 10.88
N ASP A 114 -9.09 -2.76 10.99
CA ASP A 114 -9.71 -2.62 12.29
C ASP A 114 -10.11 -4.01 12.75
N PRO A 115 -10.92 -4.72 11.94
CA PRO A 115 -11.29 -6.09 12.25
C PRO A 115 -10.03 -6.94 12.34
N VAL A 116 -8.97 -6.46 11.68
CA VAL A 116 -7.69 -7.15 11.69
C VAL A 116 -6.94 -6.86 12.97
N MET A 117 -6.46 -5.64 13.12
CA MET A 117 -5.65 -5.28 14.27
C MET A 117 -6.32 -5.70 15.58
N GLN A 118 -7.62 -5.99 15.53
CA GLN A 118 -8.35 -6.43 16.72
C GLN A 118 -8.40 -7.96 16.82
N SER A 119 -8.52 -8.63 15.67
CA SER A 119 -8.58 -10.09 15.64
C SER A 119 -7.24 -10.68 15.24
N LEU A 120 -6.28 -9.78 15.07
CA LEU A 120 -4.94 -10.14 14.65
C LEU A 120 -3.91 -9.77 15.71
N GLY A 121 -4.16 -8.68 16.42
CA GLY A 121 -3.23 -8.25 17.45
C GLY A 121 -3.89 -8.14 18.81
N GLY B 1 7.43 18.83 -23.19
CA GLY B 1 8.14 17.60 -22.78
C GLY B 1 7.34 16.76 -21.80
N GLY B 2 6.91 17.39 -20.71
CA GLY B 2 6.14 16.69 -19.70
C GLY B 2 5.07 17.56 -19.09
N ALA B 3 4.16 18.07 -19.92
CA ALA B 3 3.09 18.93 -19.46
C ALA B 3 1.85 18.11 -19.09
N LYS B 4 2.07 16.87 -18.69
CA LYS B 4 0.97 15.98 -18.32
C LYS B 4 1.41 15.03 -17.20
N ARG B 5 2.57 14.40 -17.38
CA ARG B 5 3.09 13.46 -16.40
C ARG B 5 3.81 14.20 -15.28
N HIS B 6 3.04 14.88 -14.43
CA HIS B 6 3.61 15.62 -13.32
C HIS B 6 4.00 14.69 -12.16
N ARG B 7 3.00 14.21 -11.43
CA ARG B 7 3.24 13.32 -10.31
C ARG B 7 3.03 11.86 -10.70
OH ALY B 8 5.07 8.93 -5.06
CH ALY B 8 4.30 8.07 -5.46
CH3 ALY B 8 3.56 7.21 -4.43
NZ ALY B 8 4.03 7.90 -6.75
CE ALY B 8 2.69 7.64 -7.26
CD ALY B 8 2.24 8.71 -8.25
CG ALY B 8 0.92 8.35 -8.88
CB ALY B 8 0.43 9.41 -9.85
CA ALY B 8 1.51 9.96 -10.79
N ALY B 8 1.83 11.34 -10.46
C ALY B 8 1.04 9.86 -12.24
O ALY B 8 1.82 9.47 -13.12
HH31 ALY B 8 3.96 7.41 -3.44
HH32 ALY B 8 2.50 7.46 -4.45
HH33 ALY B 8 3.69 6.16 -4.66
HZ ALY B 8 4.76 7.91 -7.39
HE3 ALY B 8 2.69 6.68 -7.76
HE2 ALY B 8 1.99 7.62 -6.44
HD3 ALY B 8 2.15 9.65 -7.73
HD2 ALY B 8 2.99 8.80 -9.02
HG3 ALY B 8 1.02 7.41 -9.41
HG2 ALY B 8 0.19 8.24 -8.09
HB3 ALY B 8 -0.37 8.99 -10.44
HB2 ALY B 8 0.04 10.22 -9.27
HA ALY B 8 2.41 9.37 -10.68
H ALY B 8 1.15 11.90 -10.03
N VAL B 9 -0.21 10.22 -12.48
CA VAL B 9 -0.79 10.17 -13.82
C VAL B 9 -0.45 8.85 -14.51
N LEU B 10 -1.11 7.77 -14.07
CA LEU B 10 -0.88 6.45 -14.63
C LEU B 10 -1.16 6.45 -16.13
N ARG B 11 -0.15 6.09 -16.92
CA ARG B 11 -0.29 6.05 -18.37
C ARG B 11 -0.79 4.69 -18.84
N ASP B 12 -0.87 4.52 -20.16
CA ASP B 12 -1.34 3.27 -20.75
C ASP B 12 -0.59 2.06 -20.19
N ASN B 13 -1.28 0.92 -20.12
CA ASN B 13 -0.67 -0.30 -19.61
C ASN B 13 -0.69 -1.40 -20.66
N ILE B 14 0.29 -2.30 -20.58
CA ILE B 14 0.39 -3.40 -21.53
C ILE B 14 -0.77 -4.37 -21.38
N GLN B 15 -1.83 -4.14 -22.14
CA GLN B 15 -3.02 -5.00 -22.10
C GLN B 15 -3.77 -4.97 -23.42
N GLY A 1 9.77 -9.91 13.46
CA GLY A 1 10.99 -10.71 13.74
C GLY A 1 10.69 -12.00 14.48
N SER A 2 10.34 -13.05 13.72
CA SER A 2 10.02 -14.36 14.29
C SER A 2 8.73 -14.31 15.10
N HIS A 3 8.77 -13.69 16.27
CA HIS A 3 7.58 -13.59 17.10
C HIS A 3 7.62 -12.37 18.01
N MET A 4 6.81 -11.37 17.67
CA MET A 4 6.74 -10.15 18.46
C MET A 4 6.22 -10.47 19.86
N ARG A 5 6.24 -9.47 20.73
CA ARG A 5 5.78 -9.66 22.11
C ARG A 5 4.26 -9.64 22.21
N LYS A 6 3.58 -9.89 21.09
CA LYS A 6 2.13 -9.88 21.08
C LYS A 6 1.57 -11.27 20.73
N LYS A 7 0.48 -11.30 19.96
CA LYS A 7 -0.15 -12.56 19.57
C LYS A 7 0.81 -13.45 18.81
N ILE A 8 1.03 -13.06 17.57
CA ILE A 8 1.90 -13.77 16.66
C ILE A 8 1.33 -15.15 16.33
N PHE A 9 0.72 -15.23 15.16
CA PHE A 9 0.10 -16.45 14.68
C PHE A 9 0.89 -16.98 13.49
N LYS A 10 0.22 -17.79 12.69
CA LYS A 10 0.81 -18.32 11.47
C LYS A 10 0.64 -17.28 10.37
N PRO A 11 1.57 -17.19 9.41
CA PRO A 11 1.45 -16.22 8.32
C PRO A 11 0.15 -16.39 7.54
N GLU A 12 -0.53 -17.51 7.80
CA GLU A 12 -1.80 -17.79 7.14
C GLU A 12 -2.93 -17.13 7.91
N GLU A 13 -2.77 -17.08 9.23
CA GLU A 13 -3.73 -16.45 10.12
C GLU A 13 -3.88 -15.00 9.77
N LEU A 14 -2.73 -14.37 9.64
CA LEU A 14 -2.66 -12.97 9.33
C LEU A 14 -3.17 -12.73 7.96
N ARG A 15 -2.54 -13.34 6.98
CA ARG A 15 -2.95 -13.18 5.61
C ARG A 15 -4.45 -13.43 5.50
N GLN A 16 -4.98 -14.16 6.47
CA GLN A 16 -6.40 -14.46 6.49
C GLN A 16 -7.19 -13.21 6.87
N ALA A 17 -6.65 -12.42 7.78
CA ALA A 17 -7.28 -11.17 8.16
C ALA A 17 -6.78 -10.03 7.25
N LEU A 18 -5.46 -9.91 7.20
CA LEU A 18 -4.75 -8.92 6.39
C LEU A 18 -5.19 -8.86 4.95
N MET A 19 -4.91 -9.90 4.19
CA MET A 19 -5.26 -9.90 2.77
C MET A 19 -6.64 -9.31 2.55
N PRO A 20 -7.68 -9.83 3.24
CA PRO A 20 -9.03 -9.29 3.12
C PRO A 20 -8.97 -7.78 3.10
N THR A 21 -8.15 -7.22 3.98
CA THR A 21 -7.96 -5.78 4.02
C THR A 21 -7.42 -5.33 2.65
N LEU A 22 -6.26 -5.84 2.29
CA LEU A 22 -5.62 -5.54 1.00
C LEU A 22 -6.66 -5.60 -0.12
N GLU A 23 -7.68 -6.42 0.10
CA GLU A 23 -8.73 -6.61 -0.89
C GLU A 23 -9.70 -5.44 -0.94
N ALA A 24 -10.14 -4.94 0.23
CA ALA A 24 -11.07 -3.82 0.22
C ALA A 24 -10.42 -2.66 -0.53
N LEU A 25 -9.10 -2.60 -0.46
CA LEU A 25 -8.33 -1.60 -1.19
C LEU A 25 -8.31 -1.97 -2.66
N TYR A 26 -8.15 -3.26 -2.91
CA TYR A 26 -8.08 -3.77 -4.26
C TYR A 26 -9.35 -3.40 -5.02
N ARG A 27 -10.39 -3.04 -4.26
CA ARG A 27 -11.65 -2.63 -4.84
C ARG A 27 -11.55 -1.19 -5.28
N GLN A 28 -10.72 -0.46 -4.56
CA GLN A 28 -10.49 0.94 -4.85
C GLN A 28 -9.46 1.05 -5.96
N ASP A 29 -9.45 0.04 -6.82
CA ASP A 29 -8.51 -0.06 -7.96
C ASP A 29 -7.87 1.26 -8.43
N PRO A 30 -8.62 2.23 -9.00
CA PRO A 30 -8.01 3.48 -9.49
C PRO A 30 -7.15 4.13 -8.43
N GLU A 31 -7.30 3.65 -7.22
CA GLU A 31 -6.57 4.13 -6.07
C GLU A 31 -5.58 3.09 -5.56
N SER A 32 -5.99 1.82 -5.53
CA SER A 32 -5.14 0.74 -5.02
C SER A 32 -4.41 0.01 -6.12
N LEU A 33 -5.09 -0.15 -7.24
CA LEU A 33 -4.53 -0.86 -8.36
C LEU A 33 -3.24 -0.19 -8.90
N PRO A 34 -3.02 1.15 -8.75
CA PRO A 34 -1.76 1.75 -9.20
C PRO A 34 -0.61 1.27 -8.31
N PHE A 35 -0.97 0.54 -7.25
CA PHE A 35 0.00 0.00 -6.30
C PHE A 35 0.09 -1.52 -6.42
N ARG A 36 -1.01 -2.16 -6.83
CA ARG A 36 -1.04 -3.62 -6.96
C ARG A 36 0.24 -4.14 -7.60
N GLN A 37 0.80 -3.33 -8.50
CA GLN A 37 2.02 -3.65 -9.19
C GLN A 37 3.14 -2.77 -8.65
N PRO A 38 4.42 -3.15 -8.85
CA PRO A 38 5.54 -2.35 -8.37
C PRO A 38 5.41 -0.90 -8.83
N VAL A 39 5.33 0.02 -7.86
CA VAL A 39 5.20 1.46 -8.14
C VAL A 39 5.80 1.82 -9.49
N ASP A 40 7.05 1.39 -9.69
CA ASP A 40 7.74 1.65 -10.93
C ASP A 40 7.71 3.14 -11.27
N PRO A 41 8.58 3.96 -10.65
CA PRO A 41 8.66 5.39 -10.91
C PRO A 41 8.82 5.71 -12.40
N GLN A 42 8.81 4.68 -13.23
CA GLN A 42 8.94 4.84 -14.68
C GLN A 42 7.59 5.12 -15.32
N LEU A 43 6.64 4.21 -15.14
CA LEU A 43 5.29 4.40 -15.70
C LEU A 43 4.73 5.73 -15.25
N LEU A 44 5.20 6.15 -14.08
CA LEU A 44 4.76 7.40 -13.47
C LEU A 44 5.65 8.56 -13.91
N GLY A 45 6.95 8.32 -13.87
CA GLY A 45 7.90 9.34 -14.28
C GLY A 45 8.24 10.29 -13.16
N ILE A 46 8.66 9.72 -12.03
CA ILE A 46 9.02 10.51 -10.86
C ILE A 46 10.33 10.01 -10.25
N PRO A 47 11.48 10.35 -10.88
CA PRO A 47 12.80 9.94 -10.40
C PRO A 47 13.04 10.26 -8.93
N ASP A 48 12.28 11.22 -8.41
CA ASP A 48 12.40 11.62 -7.01
C ASP A 48 12.12 10.45 -6.06
N TYR A 49 11.73 9.31 -6.61
CA TYR A 49 11.45 8.15 -5.79
C TYR A 49 12.69 7.64 -5.10
N PHE A 50 12.48 7.04 -3.94
CA PHE A 50 13.56 6.51 -3.12
C PHE A 50 14.42 7.67 -2.58
N ASP A 51 13.92 8.90 -2.79
CA ASP A 51 14.60 10.10 -2.34
C ASP A 51 13.67 10.88 -1.44
N ILE A 52 12.56 10.24 -1.13
CA ILE A 52 11.51 10.84 -0.34
C ILE A 52 10.85 9.80 0.55
N VAL A 53 10.32 8.77 -0.09
CA VAL A 53 9.61 7.71 0.59
C VAL A 53 10.58 6.75 1.26
N LYS A 54 11.70 6.48 0.59
CA LYS A 54 12.74 5.57 1.08
C LYS A 54 12.31 4.13 0.93
N ASN A 55 11.03 3.89 1.19
CA ASN A 55 10.46 2.56 1.09
C ASN A 55 9.14 2.60 0.32
N PRO A 56 9.25 2.50 -1.01
CA PRO A 56 8.10 2.51 -1.91
C PRO A 56 6.93 1.68 -1.38
N MET A 57 7.21 0.41 -1.09
CA MET A 57 6.18 -0.51 -0.58
C MET A 57 4.89 -0.39 -1.40
N ASP A 58 4.79 -1.18 -2.45
CA ASP A 58 3.60 -1.14 -3.32
C ASP A 58 2.70 -2.35 -3.05
N LEU A 59 1.39 -2.15 -3.21
CA LEU A 59 0.42 -3.23 -3.00
C LEU A 59 0.89 -4.52 -3.63
N SER A 60 1.88 -4.43 -4.52
CA SER A 60 2.43 -5.62 -5.13
C SER A 60 3.17 -6.40 -4.06
N THR A 61 4.22 -5.81 -3.52
CA THR A 61 4.98 -6.44 -2.45
C THR A 61 4.05 -6.66 -1.29
N ILE A 62 3.15 -5.73 -1.08
CA ILE A 62 2.20 -5.82 0.01
C ILE A 62 1.33 -7.06 -0.13
N LYS A 63 0.37 -7.00 -1.04
CA LYS A 63 -0.52 -8.12 -1.29
C LYS A 63 0.25 -9.43 -1.51
N ARG A 64 1.53 -9.34 -1.87
CA ARG A 64 2.35 -10.53 -2.07
C ARG A 64 3.00 -10.97 -0.78
N LYS A 65 3.98 -10.21 -0.32
CA LYS A 65 4.69 -10.50 0.93
C LYS A 65 3.67 -10.81 2.05
N LEU A 66 2.41 -10.49 1.78
CA LEU A 66 1.30 -10.79 2.69
C LEU A 66 0.86 -12.23 2.41
N ASP A 67 0.35 -12.43 1.19
CA ASP A 67 -0.14 -13.73 0.72
C ASP A 67 0.88 -14.83 0.95
N THR A 68 2.07 -14.60 0.42
CA THR A 68 3.17 -15.55 0.50
C THR A 68 3.64 -15.77 1.93
N GLY A 69 3.43 -14.78 2.79
CA GLY A 69 3.80 -14.90 4.19
C GLY A 69 5.19 -14.41 4.51
N GLN A 70 5.64 -13.33 3.86
CA GLN A 70 6.96 -12.77 4.13
C GLN A 70 6.91 -11.88 5.36
N TYR A 71 6.24 -12.38 6.38
CA TYR A 71 6.07 -11.66 7.62
C TYR A 71 5.77 -12.64 8.76
N GLN A 72 5.34 -12.11 9.90
CA GLN A 72 4.98 -12.94 11.05
C GLN A 72 4.32 -12.10 12.13
N GLU A 73 3.80 -10.96 11.71
CA GLU A 73 3.12 -10.03 12.60
C GLU A 73 2.25 -9.10 11.75
N PRO A 74 0.94 -9.00 12.05
CA PRO A 74 0.04 -8.15 11.26
C PRO A 74 0.50 -6.69 11.18
N TRP A 75 0.78 -6.08 12.33
CA TRP A 75 1.23 -4.68 12.36
C TRP A 75 2.31 -4.42 11.32
N GLN A 76 3.18 -5.41 11.11
CA GLN A 76 4.25 -5.28 10.12
C GLN A 76 3.65 -5.01 8.75
N TYR A 77 2.70 -5.84 8.34
CA TYR A 77 2.06 -5.69 7.05
C TYR A 77 1.40 -4.33 6.99
N VAL A 78 0.84 -3.91 8.12
CA VAL A 78 0.16 -2.64 8.22
C VAL A 78 1.12 -1.50 7.94
N ASP A 79 2.25 -1.55 8.61
CA ASP A 79 3.28 -0.54 8.42
C ASP A 79 3.69 -0.50 6.96
N ASP A 80 3.44 -1.59 6.25
CA ASP A 80 3.82 -1.67 4.84
C ASP A 80 2.73 -1.05 3.97
N VAL A 81 1.51 -1.48 4.18
CA VAL A 81 0.39 -0.96 3.41
C VAL A 81 0.24 0.52 3.68
N TRP A 82 0.56 0.93 4.90
CA TRP A 82 0.51 2.33 5.24
C TRP A 82 1.73 3.01 4.66
N LEU A 83 2.78 2.22 4.46
CA LEU A 83 3.97 2.71 3.82
C LEU A 83 3.61 3.11 2.40
N MET A 84 2.68 2.34 1.84
CA MET A 84 2.16 2.56 0.50
C MET A 84 1.40 3.90 0.43
N PHE A 85 0.29 4.05 1.16
CA PHE A 85 -0.43 5.31 1.12
C PHE A 85 0.52 6.44 1.54
N ASN A 86 1.53 6.07 2.35
CA ASN A 86 2.50 7.04 2.85
C ASN A 86 3.30 7.66 1.71
N ASN A 87 3.90 6.82 0.87
CA ASN A 87 4.67 7.33 -0.25
C ASN A 87 3.81 8.28 -1.06
N ALA A 88 2.55 7.94 -1.23
CA ALA A 88 1.64 8.79 -1.99
C ALA A 88 1.43 10.12 -1.28
N TRP A 89 1.61 10.07 0.03
CA TRP A 89 1.35 11.21 0.90
C TRP A 89 2.53 12.18 1.02
N LEU A 90 3.67 11.71 1.52
CA LEU A 90 4.82 12.58 1.71
C LEU A 90 5.60 12.79 0.40
N TYR A 91 5.18 12.10 -0.65
CA TYR A 91 5.80 12.22 -1.97
C TYR A 91 5.06 13.23 -2.82
N ASN A 92 3.76 12.98 -3.01
CA ASN A 92 2.93 13.84 -3.84
C ASN A 92 2.71 15.21 -3.21
N ARG A 93 3.41 15.47 -2.11
CA ARG A 93 3.29 16.76 -1.42
C ARG A 93 1.84 17.06 -1.08
N LYS A 94 1.01 16.00 -1.03
CA LYS A 94 -0.40 16.12 -0.70
C LYS A 94 -1.23 16.70 -1.85
N THR A 95 -0.66 17.62 -2.61
CA THR A 95 -1.41 18.23 -3.70
C THR A 95 -1.16 17.52 -5.04
N SER A 96 -1.73 16.33 -5.18
CA SER A 96 -1.61 15.56 -6.42
C SER A 96 -2.82 14.66 -6.63
N ARG A 97 -2.70 13.70 -7.55
CA ARG A 97 -3.78 12.77 -7.87
C ARG A 97 -3.86 11.64 -6.86
N VAL A 98 -2.72 11.01 -6.59
CA VAL A 98 -2.72 9.93 -5.62
C VAL A 98 -3.34 10.43 -4.34
N TYR A 99 -3.13 11.70 -4.02
CA TYR A 99 -3.71 12.28 -2.80
C TYR A 99 -5.08 11.68 -2.52
N LYS A 100 -5.87 11.51 -3.58
CA LYS A 100 -7.19 10.94 -3.46
C LYS A 100 -7.12 9.42 -3.44
N PHE A 101 -6.23 8.87 -4.27
CA PHE A 101 -6.07 7.42 -4.33
C PHE A 101 -5.62 6.84 -2.99
N CYS A 102 -4.64 7.46 -2.39
CA CYS A 102 -4.09 7.01 -1.11
C CYS A 102 -5.03 7.34 0.04
N SER A 103 -5.69 8.49 -0.04
CA SER A 103 -6.61 8.90 1.02
C SER A 103 -7.62 7.79 1.29
N LYS A 104 -8.21 7.25 0.24
CA LYS A 104 -9.19 6.18 0.38
C LYS A 104 -8.53 4.90 0.86
N LEU A 105 -7.53 4.44 0.13
CA LEU A 105 -6.85 3.22 0.50
C LEU A 105 -6.60 3.16 2.00
N ALA A 106 -6.05 4.23 2.55
CA ALA A 106 -5.76 4.29 3.98
C ALA A 106 -7.06 4.30 4.75
N GLU A 107 -8.11 4.84 4.13
CA GLU A 107 -9.42 4.90 4.74
C GLU A 107 -10.01 3.50 4.86
N VAL A 108 -10.36 2.91 3.71
CA VAL A 108 -10.87 1.54 3.71
C VAL A 108 -9.97 0.70 4.56
N PHE A 109 -8.68 0.72 4.27
CA PHE A 109 -7.74 -0.09 5.01
C PHE A 109 -7.81 0.16 6.51
N GLU A 110 -7.83 1.41 6.94
CA GLU A 110 -7.91 1.69 8.36
C GLU A 110 -9.20 1.10 8.88
N GLN A 111 -10.10 0.85 7.95
CA GLN A 111 -11.40 0.27 8.19
C GLN A 111 -11.37 -1.25 7.96
N GLU A 112 -10.36 -1.71 7.21
CA GLU A 112 -10.18 -3.12 6.90
C GLU A 112 -9.32 -3.77 7.97
N ILE A 113 -8.33 -3.01 8.42
CA ILE A 113 -7.39 -3.43 9.44
C ILE A 113 -8.00 -3.33 10.83
N ASP A 114 -9.28 -2.98 10.91
CA ASP A 114 -9.93 -2.91 12.20
C ASP A 114 -10.26 -4.32 12.62
N PRO A 115 -11.05 -5.06 11.80
CA PRO A 115 -11.34 -6.45 12.09
C PRO A 115 -10.04 -7.23 12.20
N VAL A 116 -9.00 -6.69 11.56
CA VAL A 116 -7.68 -7.31 11.60
C VAL A 116 -6.97 -7.00 12.90
N MET A 117 -6.56 -5.75 13.06
CA MET A 117 -5.81 -5.36 14.24
C MET A 117 -6.46 -5.86 15.54
N GLN A 118 -7.74 -6.25 15.46
CA GLN A 118 -8.44 -6.74 16.63
C GLN A 118 -8.34 -8.27 16.73
N SER A 119 -8.39 -8.96 15.59
CA SER A 119 -8.30 -10.42 15.57
C SER A 119 -6.89 -10.86 15.18
N LEU A 120 -6.04 -9.87 14.98
CA LEU A 120 -4.66 -10.06 14.56
C LEU A 120 -3.71 -9.49 15.61
N GLY A 121 -4.13 -8.41 16.24
CA GLY A 121 -3.33 -7.78 17.26
C GLY A 121 -4.04 -7.65 18.59
N GLY B 1 2.48 19.70 -19.29
CA GLY B 1 3.69 18.83 -19.24
C GLY B 1 4.78 19.40 -18.38
N GLY B 2 4.41 19.91 -17.20
CA GLY B 2 5.39 20.48 -16.30
C GLY B 2 5.26 19.95 -14.88
N ALA B 3 5.22 18.63 -14.74
CA ALA B 3 5.10 17.99 -13.45
C ALA B 3 3.85 18.46 -12.71
N LYS B 4 2.76 18.63 -13.44
CA LYS B 4 1.50 19.09 -12.86
C LYS B 4 0.46 17.97 -12.89
N ARG B 5 0.22 17.36 -11.73
CA ARG B 5 -0.75 16.28 -11.61
C ARG B 5 -0.39 15.13 -12.54
N HIS B 6 0.89 15.03 -12.88
CA HIS B 6 1.36 13.98 -13.78
C HIS B 6 2.30 13.02 -13.03
N ARG B 7 2.26 13.08 -11.71
CA ARG B 7 3.10 12.23 -10.87
C ARG B 7 2.76 10.75 -11.09
OH ALY B 8 4.09 8.14 -4.65
CH ALY B 8 3.32 7.48 -5.36
CH3 ALY B 8 1.91 7.19 -4.86
NZ ALY B 8 3.67 7.11 -6.59
CE ALY B 8 3.04 5.99 -7.31
CD ALY B 8 1.87 6.46 -8.16
CG ALY B 8 1.85 7.96 -8.32
CB ALY B 8 0.73 8.42 -9.24
CA ALY B 8 1.22 8.92 -10.60
N ALY B 8 1.68 10.31 -10.49
C ALY B 8 0.11 8.80 -11.64
O ALY B 8 -1.06 9.06 -11.34
HH31 ALY B 8 1.96 6.74 -3.88
HH32 ALY B 8 1.35 8.12 -4.80
HH33 ALY B 8 1.41 6.52 -5.54
HZ ALY B 8 4.39 7.59 -7.05
HE3 ALY B 8 3.78 5.53 -7.95
HE2 ALY B 8 2.69 5.27 -6.60
HD3 ALY B 8 1.95 6.01 -9.14
HD2 ALY B 8 0.95 6.15 -7.70
HG3 ALY B 8 1.72 8.43 -7.35
HG2 ALY B 8 2.80 8.29 -8.74
HB3 ALY B 8 0.06 7.60 -9.39
HB2 ALY B 8 0.20 9.22 -8.75
HA ALY B 8 2.07 8.32 -10.92
H ALY B 8 1.14 10.93 -9.95
N VAL B 9 0.48 8.40 -12.86
CA VAL B 9 -0.50 8.25 -13.93
C VAL B 9 -0.43 6.86 -14.57
N LEU B 10 0.50 6.03 -14.08
CA LEU B 10 0.66 4.67 -14.58
C LEU B 10 0.97 4.67 -16.08
N ARG B 11 0.81 3.51 -16.70
CA ARG B 11 1.07 3.35 -18.13
C ARG B 11 0.27 4.34 -18.96
N ASP B 12 0.52 4.35 -20.27
CA ASP B 12 -0.19 5.24 -21.18
C ASP B 12 -1.02 4.45 -22.17
N ASN B 13 -2.27 4.15 -21.78
CA ASN B 13 -3.18 3.40 -22.63
C ASN B 13 -3.48 4.15 -23.94
N ILE B 14 -3.57 5.46 -23.84
CA ILE B 14 -3.84 6.29 -25.01
C ILE B 14 -2.83 7.43 -25.14
N GLN B 15 -2.74 7.99 -26.34
CA GLN B 15 -1.81 9.08 -26.60
C GLN B 15 -2.33 10.40 -26.02
N GLY A 1 11.68 -14.82 11.76
CA GLY A 1 12.29 -15.57 12.91
C GLY A 1 11.28 -16.38 13.68
N SER A 2 10.63 -15.75 14.65
CA SER A 2 9.63 -16.42 15.46
C SER A 2 8.58 -15.43 15.99
N HIS A 3 7.87 -15.82 17.04
CA HIS A 3 6.84 -14.97 17.63
C HIS A 3 7.42 -13.64 18.10
N MET A 4 6.86 -12.55 17.56
CA MET A 4 7.31 -11.21 17.93
C MET A 4 7.10 -10.94 19.42
N ARG A 5 5.90 -10.50 19.79
CA ARG A 5 5.61 -10.20 21.20
C ARG A 5 4.14 -10.46 21.54
N LYS A 6 3.24 -9.90 20.74
CA LYS A 6 1.80 -10.03 20.97
C LYS A 6 1.32 -11.48 20.82
N LYS A 7 0.43 -11.69 19.86
CA LYS A 7 -0.15 -13.00 19.61
C LYS A 7 0.69 -13.80 18.62
N ILE A 8 0.75 -13.35 17.36
CA ILE A 8 1.55 -14.03 16.34
C ILE A 8 1.03 -15.44 16.06
N PHE A 9 0.38 -15.58 14.91
CA PHE A 9 -0.22 -16.81 14.47
C PHE A 9 0.52 -17.33 13.26
N LYS A 10 -0.15 -18.15 12.46
CA LYS A 10 0.43 -18.66 11.25
C LYS A 10 0.32 -17.56 10.18
N PRO A 11 1.31 -17.44 9.28
CA PRO A 11 1.27 -16.41 8.24
C PRO A 11 -0.03 -16.48 7.43
N GLU A 12 -0.72 -17.61 7.54
CA GLU A 12 -1.99 -17.80 6.84
C GLU A 12 -3.13 -17.17 7.64
N GLU A 13 -3.01 -17.23 8.97
CA GLU A 13 -4.00 -16.63 9.85
C GLU A 13 -4.11 -15.17 9.55
N LEU A 14 -2.94 -14.55 9.58
CA LEU A 14 -2.83 -13.15 9.31
C LEU A 14 -3.43 -12.86 7.97
N ARG A 15 -2.92 -13.49 6.94
CA ARG A 15 -3.43 -13.30 5.59
C ARG A 15 -4.95 -13.32 5.59
N GLN A 16 -5.50 -14.19 6.42
CA GLN A 16 -6.94 -14.34 6.50
C GLN A 16 -7.60 -13.05 6.92
N ALA A 17 -6.95 -12.32 7.80
CA ALA A 17 -7.48 -11.04 8.23
C ALA A 17 -6.93 -9.93 7.31
N LEU A 18 -5.61 -9.89 7.21
CA LEU A 18 -4.87 -8.93 6.40
C LEU A 18 -5.32 -8.87 4.94
N MET A 19 -5.05 -9.93 4.19
CA MET A 19 -5.41 -9.94 2.78
C MET A 19 -6.75 -9.28 2.54
N PRO A 20 -7.81 -9.72 3.24
CA PRO A 20 -9.13 -9.10 3.08
C PRO A 20 -9.01 -7.59 3.12
N THR A 21 -8.18 -7.08 4.04
CA THR A 21 -7.94 -5.65 4.12
C THR A 21 -7.38 -5.16 2.79
N LEU A 22 -6.29 -5.81 2.36
CA LEU A 22 -5.63 -5.48 1.09
C LEU A 22 -6.65 -5.56 -0.04
N GLU A 23 -7.67 -6.38 0.16
CA GLU A 23 -8.70 -6.58 -0.84
C GLU A 23 -9.66 -5.41 -0.87
N ALA A 24 -10.03 -4.89 0.29
CA ALA A 24 -10.94 -3.74 0.34
C ALA A 24 -10.34 -2.62 -0.48
N LEU A 25 -9.03 -2.58 -0.47
CA LEU A 25 -8.28 -1.59 -1.23
C LEU A 25 -8.26 -2.02 -2.68
N TYR A 26 -8.17 -3.33 -2.90
CA TYR A 26 -8.13 -3.87 -4.24
C TYR A 26 -9.43 -3.55 -4.96
N ARG A 27 -10.44 -3.14 -4.17
CA ARG A 27 -11.71 -2.74 -4.71
C ARG A 27 -11.61 -1.31 -5.19
N GLN A 28 -10.76 -0.58 -4.48
CA GLN A 28 -10.50 0.80 -4.81
C GLN A 28 -9.45 0.86 -5.90
N ASP A 29 -9.51 -0.13 -6.79
CA ASP A 29 -8.57 -0.24 -7.91
C ASP A 29 -7.98 1.10 -8.42
N PRO A 30 -8.77 2.04 -8.97
CA PRO A 30 -8.20 3.31 -9.48
C PRO A 30 -7.33 3.98 -8.44
N GLU A 31 -7.47 3.52 -7.21
CA GLU A 31 -6.74 4.03 -6.07
C GLU A 31 -5.70 3.02 -5.58
N SER A 32 -6.05 1.74 -5.60
CA SER A 32 -5.18 0.68 -5.11
C SER A 32 -4.42 -0.01 -6.22
N LEU A 33 -5.12 -0.23 -7.32
CA LEU A 33 -4.55 -0.88 -8.45
C LEU A 33 -3.29 -0.16 -8.99
N PRO A 34 -3.16 1.19 -8.86
CA PRO A 34 -1.92 1.86 -9.27
C PRO A 34 -0.76 1.38 -8.39
N PHE A 35 -1.11 0.64 -7.33
CA PHE A 35 -0.11 0.10 -6.40
C PHE A 35 0.01 -1.40 -6.49
N ARG A 36 -1.10 -2.10 -6.83
CA ARG A 36 -1.08 -3.56 -6.93
C ARG A 36 0.23 -4.00 -7.57
N GLN A 37 0.74 -3.13 -8.43
CA GLN A 37 1.99 -3.32 -9.12
C GLN A 37 2.89 -2.13 -8.79
N PRO A 38 4.23 -2.27 -8.86
CA PRO A 38 5.13 -1.16 -8.56
C PRO A 38 4.67 0.13 -9.22
N VAL A 39 4.50 1.19 -8.44
CA VAL A 39 4.04 2.47 -8.96
C VAL A 39 4.85 2.86 -10.18
N ASP A 40 6.09 2.36 -10.24
CA ASP A 40 6.96 2.64 -11.36
C ASP A 40 7.06 4.13 -11.65
N PRO A 41 8.07 4.82 -11.07
CA PRO A 41 8.27 6.26 -11.29
C PRO A 41 8.36 6.62 -12.78
N GLN A 42 8.24 5.63 -13.64
CA GLN A 42 8.31 5.83 -15.08
C GLN A 42 6.94 6.18 -15.65
N LEU A 43 5.98 5.26 -15.51
CA LEU A 43 4.62 5.50 -16.02
C LEU A 43 4.09 6.81 -15.46
N LEU A 44 4.57 7.15 -14.28
CA LEU A 44 4.16 8.36 -13.58
C LEU A 44 5.08 9.52 -13.94
N GLY A 45 6.38 9.27 -13.89
CA GLY A 45 7.35 10.30 -14.21
C GLY A 45 7.75 11.10 -12.99
N ILE A 46 8.10 10.40 -11.93
CA ILE A 46 8.50 11.03 -10.68
C ILE A 46 9.89 10.58 -10.23
N PRO A 47 10.95 11.12 -10.85
CA PRO A 47 12.34 10.76 -10.51
C PRO A 47 12.64 10.97 -9.02
N ASP A 48 11.86 11.83 -8.38
CA ASP A 48 12.03 12.13 -6.96
C ASP A 48 11.75 10.91 -6.09
N TYR A 49 11.38 9.79 -6.73
CA TYR A 49 11.08 8.57 -6.00
C TYR A 49 12.33 8.08 -5.30
N PHE A 50 12.15 7.44 -4.14
CA PHE A 50 13.26 6.92 -3.34
C PHE A 50 14.07 8.08 -2.74
N ASP A 51 13.62 9.31 -2.99
CA ASP A 51 14.31 10.50 -2.51
C ASP A 51 13.40 11.25 -1.57
N ILE A 52 12.34 10.56 -1.16
CA ILE A 52 11.33 11.14 -0.31
C ILE A 52 10.69 10.10 0.58
N VAL A 53 10.16 9.07 -0.08
CA VAL A 53 9.48 8.00 0.61
C VAL A 53 10.47 7.04 1.28
N LYS A 54 11.59 6.80 0.60
CA LYS A 54 12.65 5.91 1.08
C LYS A 54 12.23 4.45 1.00
N ASN A 55 10.94 4.21 1.18
CA ASN A 55 10.39 2.87 1.11
C ASN A 55 9.14 2.88 0.22
N PRO A 56 9.32 2.47 -1.03
CA PRO A 56 8.26 2.43 -2.03
C PRO A 56 7.33 1.24 -1.88
N MET A 57 6.81 1.04 -0.68
CA MET A 57 5.90 -0.06 -0.41
C MET A 57 4.64 0.07 -1.24
N ASP A 58 4.51 -0.76 -2.27
CA ASP A 58 3.33 -0.73 -3.14
C ASP A 58 2.50 -2.00 -2.94
N LEU A 59 1.17 -1.88 -3.10
CA LEU A 59 0.27 -3.02 -2.94
C LEU A 59 0.85 -4.28 -3.56
N SER A 60 1.79 -4.13 -4.47
CA SER A 60 2.42 -5.28 -5.08
C SER A 60 3.18 -6.05 -4.01
N THR A 61 4.21 -5.40 -3.45
CA THR A 61 4.98 -6.00 -2.39
C THR A 61 4.08 -6.27 -1.20
N ILE A 62 3.16 -5.35 -0.96
CA ILE A 62 2.22 -5.47 0.14
C ILE A 62 1.41 -6.74 0.03
N LYS A 63 0.46 -6.74 -0.91
CA LYS A 63 -0.38 -7.90 -1.13
C LYS A 63 0.48 -9.17 -1.32
N ARG A 64 1.78 -8.99 -1.60
CA ARG A 64 2.68 -10.11 -1.78
C ARG A 64 3.20 -10.67 -0.47
N LYS A 65 4.09 -9.93 0.22
CA LYS A 65 4.61 -10.41 1.51
C LYS A 65 3.49 -11.12 2.24
N LEU A 66 2.31 -10.54 2.14
CA LEU A 66 1.12 -11.13 2.71
C LEU A 66 0.93 -12.51 2.08
N ASP A 67 0.57 -12.47 0.80
CA ASP A 67 0.32 -13.67 0.00
C ASP A 67 1.46 -14.69 0.07
N THR A 68 2.60 -14.27 0.61
CA THR A 68 3.76 -15.13 0.71
C THR A 68 4.08 -15.50 2.16
N GLY A 69 3.60 -14.68 3.09
CA GLY A 69 3.82 -14.94 4.51
C GLY A 69 5.18 -14.46 4.99
N GLN A 70 5.49 -13.19 4.77
CA GLN A 70 6.76 -12.62 5.21
C GLN A 70 6.56 -11.54 6.26
N TYR A 71 5.91 -11.89 7.36
CA TYR A 71 5.67 -10.92 8.43
C TYR A 71 5.56 -11.57 9.82
N GLN A 72 4.97 -12.76 9.90
CA GLN A 72 4.76 -13.45 11.17
C GLN A 72 4.16 -12.51 12.20
N GLU A 73 3.54 -11.46 11.69
CA GLU A 73 2.91 -10.45 12.52
C GLU A 73 2.15 -9.47 11.62
N PRO A 74 0.86 -9.26 11.88
CA PRO A 74 0.02 -8.37 11.06
C PRO A 74 0.52 -6.92 11.02
N TRP A 75 0.86 -6.38 12.18
CA TRP A 75 1.35 -4.99 12.29
C TRP A 75 2.34 -4.66 11.18
N GLN A 76 3.31 -5.54 10.97
CA GLN A 76 4.32 -5.32 9.94
C GLN A 76 3.67 -5.08 8.58
N TYR A 77 2.68 -5.90 8.24
CA TYR A 77 1.99 -5.75 6.97
C TYR A 77 1.32 -4.39 6.93
N VAL A 78 0.81 -3.97 8.07
CA VAL A 78 0.13 -2.69 8.19
C VAL A 78 1.11 -1.56 7.92
N ASP A 79 2.21 -1.60 8.64
CA ASP A 79 3.25 -0.59 8.47
C ASP A 79 3.65 -0.51 7.00
N ASP A 80 3.40 -1.59 6.26
CA ASP A 80 3.76 -1.61 4.85
C ASP A 80 2.68 -0.96 4.01
N VAL A 81 1.45 -1.41 4.19
CA VAL A 81 0.33 -0.86 3.45
C VAL A 81 0.18 0.62 3.74
N TRP A 82 0.46 1.00 4.98
CA TRP A 82 0.41 2.40 5.35
C TRP A 82 1.64 3.10 4.80
N LEU A 83 2.71 2.33 4.66
CA LEU A 83 3.92 2.85 4.07
C LEU A 83 3.59 3.33 2.68
N MET A 84 2.66 2.62 2.07
CA MET A 84 2.19 2.92 0.73
C MET A 84 1.39 4.22 0.69
N PHE A 85 0.22 4.27 1.33
CA PHE A 85 -0.57 5.51 1.31
C PHE A 85 0.35 6.66 1.73
N ASN A 86 1.37 6.33 2.52
CA ASN A 86 2.34 7.31 3.00
C ASN A 86 3.14 7.90 1.85
N ASN A 87 3.74 7.04 1.01
CA ASN A 87 4.53 7.53 -0.12
C ASN A 87 3.68 8.47 -0.96
N ALA A 88 2.40 8.17 -1.10
CA ALA A 88 1.52 9.01 -1.91
C ALA A 88 1.30 10.36 -1.24
N TRP A 89 1.43 10.34 0.08
CA TRP A 89 1.18 11.51 0.90
C TRP A 89 2.39 12.42 1.10
N LEU A 90 3.45 11.89 1.70
CA LEU A 90 4.64 12.69 1.96
C LEU A 90 5.42 12.92 0.68
N TYR A 91 5.01 12.27 -0.40
CA TYR A 91 5.65 12.43 -1.69
C TYR A 91 4.97 13.49 -2.52
N ASN A 92 3.70 13.28 -2.83
CA ASN A 92 3.00 14.20 -3.67
C ASN A 92 2.48 15.39 -2.86
N ARG A 93 2.86 15.42 -1.59
CA ARG A 93 2.44 16.50 -0.69
C ARG A 93 0.94 16.47 -0.39
N LYS A 94 0.18 17.33 -1.06
CA LYS A 94 -1.25 17.39 -0.83
C LYS A 94 -1.94 18.40 -1.74
N THR A 95 -2.92 17.88 -2.51
CA THR A 95 -3.80 18.65 -3.43
C THR A 95 -3.95 18.08 -4.84
N SER A 96 -3.79 16.78 -5.03
CA SER A 96 -3.98 16.21 -6.39
C SER A 96 -4.66 14.83 -6.42
N ARG A 97 -4.68 14.24 -7.63
CA ARG A 97 -5.35 12.96 -7.93
C ARG A 97 -4.92 11.76 -7.06
N VAL A 98 -3.71 11.25 -7.28
CA VAL A 98 -3.25 10.07 -6.53
C VAL A 98 -3.42 10.24 -5.03
N TYR A 99 -3.70 11.46 -4.61
CA TYR A 99 -3.88 11.74 -3.21
C TYR A 99 -5.22 11.21 -2.77
N LYS A 100 -6.19 11.32 -3.66
CA LYS A 100 -7.53 10.80 -3.42
C LYS A 100 -7.43 9.30 -3.39
N PHE A 101 -6.57 8.77 -4.26
CA PHE A 101 -6.35 7.34 -4.35
C PHE A 101 -5.82 6.77 -3.04
N CYS A 102 -4.80 7.42 -2.48
CA CYS A 102 -4.21 6.97 -1.23
C CYS A 102 -5.15 7.24 -0.06
N SER A 103 -5.88 8.34 -0.16
CA SER A 103 -6.83 8.74 0.87
C SER A 103 -7.74 7.58 1.24
N LYS A 104 -8.49 7.08 0.26
CA LYS A 104 -9.39 5.97 0.51
C LYS A 104 -8.63 4.73 0.96
N LEU A 105 -7.58 4.37 0.23
CA LEU A 105 -6.81 3.19 0.58
C LEU A 105 -6.56 3.12 2.09
N ALA A 106 -6.11 4.23 2.66
CA ALA A 106 -5.84 4.27 4.09
C ALA A 106 -7.14 4.20 4.87
N GLU A 107 -8.20 4.69 4.23
CA GLU A 107 -9.54 4.70 4.83
C GLU A 107 -10.12 3.30 4.92
N VAL A 108 -10.46 2.72 3.77
CA VAL A 108 -11.02 1.39 3.73
C VAL A 108 -10.12 0.48 4.53
N PHE A 109 -8.82 0.61 4.33
CA PHE A 109 -7.87 -0.23 5.04
C PHE A 109 -7.94 0.00 6.55
N GLU A 110 -7.98 1.25 6.98
CA GLU A 110 -8.08 1.53 8.40
C GLU A 110 -9.42 1.00 8.89
N GLN A 111 -10.26 0.72 7.91
CA GLN A 111 -11.60 0.19 8.13
C GLN A 111 -11.58 -1.33 8.03
N GLU A 112 -10.48 -1.86 7.47
CA GLU A 112 -10.30 -3.30 7.31
C GLU A 112 -9.35 -3.85 8.36
N ILE A 113 -8.34 -3.07 8.69
CA ILE A 113 -7.34 -3.44 9.67
C ILE A 113 -7.87 -3.33 11.08
N ASP A 114 -9.12 -2.91 11.23
CA ASP A 114 -9.70 -2.84 12.55
C ASP A 114 -10.06 -4.25 12.97
N PRO A 115 -10.90 -4.94 12.17
CA PRO A 115 -11.22 -6.34 12.44
C PRO A 115 -9.95 -7.16 12.48
N VAL A 116 -8.91 -6.64 11.79
CA VAL A 116 -7.62 -7.30 11.77
C VAL A 116 -6.85 -7.05 13.04
N MET A 117 -6.39 -5.81 13.21
CA MET A 117 -5.59 -5.47 14.37
C MET A 117 -6.22 -5.93 15.68
N GLN A 118 -7.50 -6.28 15.63
CA GLN A 118 -8.21 -6.75 16.82
C GLN A 118 -8.18 -8.28 16.91
N SER A 119 -8.30 -8.96 15.76
CA SER A 119 -8.28 -10.42 15.72
C SER A 119 -6.91 -10.94 15.27
N LEU A 120 -6.00 -9.99 15.06
CA LEU A 120 -4.66 -10.26 14.60
C LEU A 120 -3.62 -9.79 15.62
N GLY A 121 -3.98 -8.73 16.33
CA GLY A 121 -3.08 -8.19 17.34
C GLY A 121 -3.82 -7.78 18.60
N GLY B 1 -0.59 26.15 -10.97
CA GLY B 1 0.57 25.24 -11.19
C GLY B 1 0.34 24.29 -12.33
N GLY B 2 0.90 24.61 -13.49
CA GLY B 2 0.75 23.76 -14.66
C GLY B 2 1.83 23.98 -15.70
N ALA B 3 3.08 23.92 -15.26
CA ALA B 3 4.21 24.12 -16.15
C ALA B 3 4.97 22.82 -16.39
N LYS B 4 4.45 21.99 -17.31
CA LYS B 4 5.06 20.71 -17.64
C LYS B 4 5.22 19.84 -16.41
N ARG B 5 4.40 20.09 -15.39
CA ARG B 5 4.45 19.32 -14.15
C ARG B 5 3.24 18.40 -14.03
N HIS B 6 3.50 17.10 -13.95
CA HIS B 6 2.43 16.11 -13.83
C HIS B 6 2.95 14.89 -13.07
N ARG B 7 2.60 14.81 -11.79
CA ARG B 7 3.03 13.70 -10.94
C ARG B 7 1.93 12.66 -10.75
OH ALY B 8 4.69 8.91 -5.58
CH ALY B 8 4.04 7.87 -5.57
CH3 ALY B 8 3.25 7.49 -4.31
NZ ALY B 8 3.80 7.18 -6.69
CE ALY B 8 2.54 7.27 -7.41
CD ALY B 8 2.45 8.54 -8.22
CG ALY B 8 1.02 8.84 -8.61
CB ALY B 8 0.88 10.21 -9.23
CA ALY B 8 1.38 10.28 -10.68
N ALY B 8 2.31 11.40 -10.84
C ALY B 8 0.19 10.37 -11.63
O ALY B 8 -0.74 11.13 -11.40
HH31 ALY B 8 3.56 8.14 -3.50
HH32 ALY B 8 2.19 7.61 -4.50
HH33 ALY B 8 3.45 6.46 -4.05
HZ ALY B 8 4.50 6.60 -7.05
HE3 ALY B 8 2.45 6.42 -8.07
HE2 ALY B 8 1.73 7.25 -6.69
HD3 ALY B 8 2.84 9.37 -7.64
HD2 ALY B 8 3.04 8.43 -9.12
HG3 ALY B 8 0.68 8.10 -9.31
HG2 ALY B 8 0.41 8.80 -7.72
HB3 ALY B 8 -0.16 10.49 -9.19
HB2 ALY B 8 1.44 10.92 -8.64
HA ALY B 8 1.92 9.37 -10.89
H ALY B 8 3.25 11.20 -11.03
N VAL B 9 0.25 9.59 -12.70
CA VAL B 9 -0.82 9.56 -13.70
C VAL B 9 -0.96 8.16 -14.28
N LEU B 10 -0.07 7.27 -13.85
CA LEU B 10 -0.07 5.88 -14.30
C LEU B 10 0.13 5.80 -15.81
N ARG B 11 -0.06 4.60 -16.37
CA ARG B 11 0.10 4.41 -17.82
C ARG B 11 -0.98 5.16 -18.59
N ASP B 12 -1.97 5.66 -17.88
CA ASP B 12 -3.06 6.40 -18.51
C ASP B 12 -2.61 7.80 -18.92
N ASN B 13 -2.10 7.91 -20.14
CA ASN B 13 -1.62 9.19 -20.65
C ASN B 13 -2.39 9.60 -21.91
N ILE B 14 -3.64 9.16 -22.00
CA ILE B 14 -4.48 9.46 -23.16
C ILE B 14 -5.19 10.79 -22.98
N GLN B 15 -4.73 11.60 -22.01
CA GLN B 15 -5.32 12.90 -21.74
C GLN B 15 -6.81 12.75 -21.41
N GLY A 1 3.57 -20.97 17.43
CA GLY A 1 4.87 -20.26 17.49
C GLY A 1 4.77 -18.88 18.12
N SER A 2 5.85 -18.12 18.05
CA SER A 2 5.88 -16.77 18.62
C SER A 2 7.05 -15.97 18.08
N HIS A 3 6.77 -15.05 17.16
CA HIS A 3 7.81 -14.22 16.57
C HIS A 3 8.01 -12.95 17.39
N MET A 4 7.01 -12.07 17.36
CA MET A 4 7.09 -10.82 18.11
C MET A 4 6.79 -11.05 19.59
N ARG A 5 5.56 -10.75 20.01
CA ARG A 5 5.17 -10.94 21.41
C ARG A 5 3.66 -11.06 21.57
N LYS A 6 2.90 -10.34 20.75
CA LYS A 6 1.45 -10.37 20.85
C LYS A 6 0.87 -11.67 20.32
N LYS A 7 -0.22 -11.56 19.55
CA LYS A 7 -0.88 -12.73 18.99
C LYS A 7 -0.18 -13.20 17.75
N ILE A 8 0.62 -14.23 17.89
CA ILE A 8 1.31 -14.76 16.78
C ILE A 8 0.67 -16.04 16.30
N PHE A 9 -0.12 -15.91 15.24
CA PHE A 9 -0.83 -17.03 14.67
C PHE A 9 0.01 -17.60 13.52
N LYS A 10 -0.69 -18.19 12.57
CA LYS A 10 -0.05 -18.71 11.38
C LYS A 10 -0.08 -17.61 10.31
N PRO A 11 0.94 -17.52 9.45
CA PRO A 11 0.96 -16.48 8.41
C PRO A 11 -0.33 -16.51 7.59
N GLU A 12 -1.05 -17.63 7.67
CA GLU A 12 -2.31 -17.79 6.95
C GLU A 12 -3.44 -17.12 7.71
N GLU A 13 -3.37 -17.18 9.05
CA GLU A 13 -4.37 -16.56 9.90
C GLU A 13 -4.43 -15.09 9.58
N LEU A 14 -3.28 -14.47 9.74
CA LEU A 14 -3.12 -13.08 9.48
C LEU A 14 -3.66 -12.77 8.12
N ARG A 15 -3.10 -13.39 7.11
CA ARG A 15 -3.54 -13.20 5.75
C ARG A 15 -5.06 -13.20 5.65
N GLN A 16 -5.67 -14.11 6.40
CA GLN A 16 -7.11 -14.22 6.38
C GLN A 16 -7.77 -12.95 6.83
N ALA A 17 -7.06 -12.19 7.63
CA ALA A 17 -7.54 -10.92 8.08
C ALA A 17 -6.94 -9.79 7.20
N LEU A 18 -5.61 -9.80 7.12
CA LEU A 18 -4.84 -8.84 6.33
C LEU A 18 -5.24 -8.77 4.87
N MET A 19 -4.96 -9.83 4.13
CA MET A 19 -5.26 -9.84 2.72
C MET A 19 -6.60 -9.17 2.45
N PRO A 20 -7.68 -9.62 3.12
CA PRO A 20 -8.99 -9.01 2.95
C PRO A 20 -8.89 -7.49 2.98
N THR A 21 -8.09 -6.98 3.92
CA THR A 21 -7.86 -5.55 4.02
C THR A 21 -7.24 -5.04 2.71
N LEU A 22 -6.13 -5.66 2.34
CA LEU A 22 -5.42 -5.34 1.11
C LEU A 22 -6.39 -5.40 -0.06
N GLU A 23 -7.37 -6.26 0.08
CA GLU A 23 -8.37 -6.46 -0.95
C GLU A 23 -9.33 -5.30 -1.01
N ALA A 24 -9.82 -4.82 0.14
CA ALA A 24 -10.75 -3.69 0.14
C ALA A 24 -10.17 -2.56 -0.68
N LEU A 25 -8.86 -2.40 -0.58
CA LEU A 25 -8.15 -1.38 -1.32
C LEU A 25 -8.11 -1.80 -2.79
N TYR A 26 -7.99 -3.09 -3.00
CA TYR A 26 -7.93 -3.64 -4.34
C TYR A 26 -9.28 -3.42 -5.04
N ARG A 27 -10.33 -3.28 -4.22
CA ARG A 27 -11.67 -3.06 -4.71
C ARG A 27 -11.86 -1.60 -5.01
N GLN A 28 -11.07 -0.78 -4.34
CA GLN A 28 -11.18 0.66 -4.54
C GLN A 28 -10.62 1.02 -5.92
N ASP A 29 -10.22 -0.04 -6.62
CA ASP A 29 -9.66 -0.07 -7.98
C ASP A 29 -8.79 1.14 -8.42
N PRO A 30 -9.35 2.25 -8.99
CA PRO A 30 -8.53 3.37 -9.50
C PRO A 30 -7.45 3.89 -8.54
N GLU A 31 -7.44 3.40 -7.33
CA GLU A 31 -6.49 3.85 -6.33
C GLU A 31 -5.46 2.80 -5.92
N SER A 32 -5.81 1.54 -6.12
CA SER A 32 -4.94 0.44 -5.73
C SER A 32 -4.00 0.06 -6.84
N LEU A 33 -4.50 0.00 -8.07
CA LEU A 33 -3.67 -0.39 -9.21
C LEU A 33 -2.33 0.31 -9.15
N PRO A 34 -2.31 1.65 -9.12
CA PRO A 34 -1.08 2.44 -9.03
C PRO A 34 -0.09 1.87 -7.99
N PHE A 35 -0.59 1.01 -7.10
CA PHE A 35 0.27 0.39 -6.07
C PHE A 35 0.33 -1.12 -6.24
N ARG A 36 -0.74 -1.71 -6.77
CA ARG A 36 -0.80 -3.16 -6.95
C ARG A 36 0.40 -3.64 -7.77
N GLN A 37 1.03 -2.70 -8.46
CA GLN A 37 2.18 -3.01 -9.31
C GLN A 37 3.11 -1.79 -9.55
N PRO A 38 2.56 -0.59 -9.89
CA PRO A 38 3.34 0.61 -10.19
C PRO A 38 4.07 1.23 -9.00
N VAL A 39 4.13 2.58 -8.98
CA VAL A 39 4.78 3.38 -7.95
C VAL A 39 6.25 3.55 -8.28
N ASP A 40 6.72 2.71 -9.18
CA ASP A 40 8.11 2.75 -9.63
C ASP A 40 8.44 4.10 -10.27
N PRO A 41 9.72 4.52 -10.21
CA PRO A 41 10.16 5.78 -10.79
C PRO A 41 10.46 5.66 -12.28
N GLN A 42 9.62 4.92 -12.99
CA GLN A 42 9.80 4.70 -14.41
C GLN A 42 8.48 4.93 -15.14
N LEU A 43 7.43 4.28 -14.66
CA LEU A 43 6.11 4.43 -15.25
C LEU A 43 5.63 5.84 -15.03
N LEU A 44 6.06 6.39 -13.91
CA LEU A 44 5.69 7.75 -13.51
C LEU A 44 6.75 8.73 -13.96
N GLY A 45 7.96 8.24 -14.12
CA GLY A 45 9.07 9.08 -14.55
C GLY A 45 9.35 10.19 -13.55
N ILE A 46 9.58 9.79 -12.30
CA ILE A 46 9.84 10.74 -11.24
C ILE A 46 11.10 10.36 -10.44
N PRO A 47 12.27 10.91 -10.85
CA PRO A 47 13.54 10.63 -10.17
C PRO A 47 13.45 10.89 -8.66
N ASP A 48 12.47 11.69 -8.28
CA ASP A 48 12.27 12.04 -6.88
C ASP A 48 11.98 10.81 -6.03
N TYR A 49 11.63 9.67 -6.65
CA TYR A 49 11.37 8.45 -5.89
C TYR A 49 12.64 8.07 -5.14
N PHE A 50 12.45 7.53 -3.94
CA PHE A 50 13.57 7.13 -3.07
C PHE A 50 14.27 8.37 -2.51
N ASP A 51 13.73 9.54 -2.83
CA ASP A 51 14.31 10.81 -2.37
C ASP A 51 13.29 11.52 -1.51
N ILE A 52 12.30 10.77 -1.09
CA ILE A 52 11.20 11.32 -0.33
C ILE A 52 10.60 10.28 0.58
N VAL A 53 10.13 9.21 -0.04
CA VAL A 53 9.47 8.13 0.66
C VAL A 53 10.45 7.32 1.52
N LYS A 54 11.62 7.03 0.95
CA LYS A 54 12.68 6.29 1.64
C LYS A 54 12.31 4.82 1.80
N ASN A 55 11.03 4.55 1.96
CA ASN A 55 10.54 3.19 2.12
C ASN A 55 9.39 2.96 1.15
N PRO A 56 9.75 2.53 -0.07
CA PRO A 56 8.81 2.27 -1.14
C PRO A 56 8.06 0.95 -1.00
N MET A 57 6.85 1.03 -0.46
CA MET A 57 6.00 -0.14 -0.27
C MET A 57 4.78 -0.07 -1.18
N ASP A 58 4.78 -0.85 -2.25
CA ASP A 58 3.65 -0.85 -3.19
C ASP A 58 2.78 -2.07 -2.96
N LEU A 59 1.46 -1.89 -3.09
CA LEU A 59 0.49 -2.98 -2.92
C LEU A 59 0.96 -4.25 -3.60
N SER A 60 1.87 -4.12 -4.55
CA SER A 60 2.41 -5.28 -5.24
C SER A 60 3.23 -6.08 -4.25
N THR A 61 4.23 -5.42 -3.67
CA THR A 61 5.08 -6.04 -2.66
C THR A 61 4.23 -6.41 -1.47
N ILE A 62 3.33 -5.51 -1.11
CA ILE A 62 2.44 -5.71 0.01
C ILE A 62 1.60 -6.96 -0.17
N LYS A 63 0.62 -6.87 -1.06
CA LYS A 63 -0.25 -8.00 -1.35
C LYS A 63 0.56 -9.29 -1.47
N ARG A 64 1.80 -9.18 -1.95
CA ARG A 64 2.66 -10.35 -2.10
C ARG A 64 3.21 -10.82 -0.76
N LYS A 65 4.16 -10.09 -0.18
CA LYS A 65 4.75 -10.48 1.11
C LYS A 65 3.70 -11.10 2.00
N LEU A 66 2.56 -10.44 2.11
CA LEU A 66 1.45 -10.96 2.89
C LEU A 66 1.22 -12.41 2.48
N ASP A 67 0.80 -12.55 1.23
CA ASP A 67 0.50 -13.83 0.60
C ASP A 67 1.62 -14.86 0.72
N THR A 68 2.85 -14.39 0.64
CA THR A 68 4.00 -15.26 0.69
C THR A 68 4.36 -15.65 2.12
N GLY A 69 3.91 -14.85 3.08
CA GLY A 69 4.17 -15.15 4.49
C GLY A 69 5.44 -14.51 5.00
N GLN A 70 5.68 -13.26 4.60
CA GLN A 70 6.86 -12.54 5.06
C GLN A 70 6.50 -11.58 6.17
N TYR A 71 5.72 -12.07 7.12
CA TYR A 71 5.28 -11.26 8.24
C TYR A 71 5.24 -12.04 9.55
N GLN A 72 4.23 -12.91 9.67
CA GLN A 72 4.00 -13.72 10.87
C GLN A 72 3.36 -12.87 11.95
N GLU A 73 3.26 -11.58 11.66
CA GLU A 73 2.63 -10.63 12.56
C GLU A 73 1.91 -9.58 11.73
N PRO A 74 0.62 -9.33 12.04
CA PRO A 74 -0.19 -8.37 11.27
C PRO A 74 0.33 -6.94 11.23
N TRP A 75 0.70 -6.38 12.37
CA TRP A 75 1.21 -4.99 12.44
C TRP A 75 2.22 -4.71 11.35
N GLN A 76 3.21 -5.60 11.21
CA GLN A 76 4.24 -5.43 10.20
C GLN A 76 3.63 -5.13 8.84
N TYR A 77 2.63 -5.91 8.46
CA TYR A 77 1.97 -5.71 7.18
C TYR A 77 1.32 -4.35 7.12
N VAL A 78 0.77 -3.94 8.25
CA VAL A 78 0.11 -2.65 8.35
C VAL A 78 1.09 -1.54 8.08
N ASP A 79 2.21 -1.60 8.77
CA ASP A 79 3.26 -0.62 8.61
C ASP A 79 3.70 -0.56 7.15
N ASP A 80 3.46 -1.64 6.40
CA ASP A 80 3.85 -1.68 5.01
C ASP A 80 2.79 -1.06 4.12
N VAL A 81 1.54 -1.42 4.35
CA VAL A 81 0.45 -0.87 3.57
C VAL A 81 0.29 0.61 3.88
N TRP A 82 0.56 1.00 5.12
CA TRP A 82 0.50 2.39 5.49
C TRP A 82 1.74 3.07 4.93
N LEU A 83 2.77 2.27 4.72
CA LEU A 83 3.98 2.75 4.10
C LEU A 83 3.63 3.15 2.68
N MET A 84 2.73 2.36 2.10
CA MET A 84 2.23 2.58 0.76
C MET A 84 1.50 3.92 0.65
N PHE A 85 0.37 4.08 1.35
CA PHE A 85 -0.34 5.36 1.27
C PHE A 85 0.61 6.49 1.69
N ASN A 86 1.61 6.15 2.50
CA ASN A 86 2.59 7.12 2.98
C ASN A 86 3.39 7.72 1.83
N ASN A 87 4.05 6.87 1.04
CA ASN A 87 4.84 7.35 -0.08
C ASN A 87 3.97 8.23 -0.97
N ALA A 88 2.74 7.83 -1.19
CA ALA A 88 1.84 8.61 -2.05
C ALA A 88 1.47 9.93 -1.39
N TRP A 89 1.58 9.95 -0.08
CA TRP A 89 1.21 11.11 0.73
C TRP A 89 2.31 12.15 0.85
N LEU A 90 3.45 11.75 1.42
CA LEU A 90 4.55 12.67 1.60
C LEU A 90 5.32 12.91 0.30
N TYR A 91 4.94 12.18 -0.75
CA TYR A 91 5.55 12.33 -2.06
C TYR A 91 4.76 13.29 -2.92
N ASN A 92 3.50 12.94 -3.21
CA ASN A 92 2.66 13.79 -4.03
C ASN A 92 2.16 14.98 -3.23
N ARG A 93 2.76 15.15 -2.07
CA ARG A 93 2.42 16.25 -1.17
C ARG A 93 0.93 16.30 -0.88
N LYS A 94 0.20 17.03 -1.69
CA LYS A 94 -1.21 17.16 -1.48
C LYS A 94 -1.88 17.79 -2.69
N THR A 95 -3.19 17.61 -2.73
CA THR A 95 -4.04 18.13 -3.80
C THR A 95 -3.60 17.61 -5.17
N SER A 96 -3.40 16.30 -5.25
CA SER A 96 -3.01 15.65 -6.50
C SER A 96 -3.95 14.50 -6.82
N ARG A 97 -3.68 13.80 -7.92
CA ARG A 97 -4.52 12.68 -8.33
C ARG A 97 -4.34 11.50 -7.37
N VAL A 98 -3.13 10.97 -7.32
CA VAL A 98 -2.86 9.85 -6.43
C VAL A 98 -3.17 10.26 -5.00
N TYR A 99 -3.09 11.56 -4.71
CA TYR A 99 -3.39 12.06 -3.38
C TYR A 99 -4.73 11.51 -2.91
N LYS A 100 -5.68 11.44 -3.84
CA LYS A 100 -7.00 10.92 -3.55
C LYS A 100 -6.97 9.40 -3.49
N PHE A 101 -6.16 8.80 -4.35
CA PHE A 101 -6.06 7.34 -4.37
C PHE A 101 -5.55 6.81 -3.04
N CYS A 102 -4.51 7.45 -2.51
CA CYS A 102 -3.92 7.03 -1.24
C CYS A 102 -4.84 7.35 -0.07
N SER A 103 -5.49 8.50 -0.13
CA SER A 103 -6.39 8.93 0.94
C SER A 103 -7.38 7.83 1.29
N LYS A 104 -8.13 7.37 0.30
CA LYS A 104 -9.12 6.34 0.51
C LYS A 104 -8.47 5.01 0.91
N LEU A 105 -7.34 4.66 0.32
CA LEU A 105 -6.70 3.39 0.68
C LEU A 105 -6.48 3.30 2.18
N ALA A 106 -5.93 4.35 2.74
CA ALA A 106 -5.68 4.37 4.17
C ALA A 106 -7.01 4.36 4.88
N GLU A 107 -8.03 4.87 4.20
CA GLU A 107 -9.39 4.91 4.74
C GLU A 107 -10.00 3.52 4.83
N VAL A 108 -10.31 2.95 3.67
CA VAL A 108 -10.87 1.61 3.61
C VAL A 108 -10.02 0.67 4.43
N PHE A 109 -8.70 0.78 4.26
CA PHE A 109 -7.79 -0.08 4.99
C PHE A 109 -7.88 0.15 6.49
N GLU A 110 -7.95 1.40 6.92
CA GLU A 110 -8.05 1.68 8.33
C GLU A 110 -9.37 1.12 8.83
N GLN A 111 -10.24 0.83 7.87
CA GLN A 111 -11.54 0.26 8.13
C GLN A 111 -11.51 -1.27 7.98
N GLU A 112 -10.46 -1.76 7.32
CA GLU A 112 -10.27 -3.19 7.10
C GLU A 112 -9.34 -3.77 8.15
N ILE A 113 -8.36 -2.97 8.55
CA ILE A 113 -7.39 -3.35 9.55
C ILE A 113 -7.97 -3.24 10.95
N ASP A 114 -9.22 -2.84 11.05
CA ASP A 114 -9.84 -2.74 12.35
C ASP A 114 -10.22 -4.14 12.77
N PRO A 115 -11.02 -4.85 11.95
CA PRO A 115 -11.36 -6.24 12.23
C PRO A 115 -10.08 -7.06 12.31
N VAL A 116 -9.03 -6.54 11.66
CA VAL A 116 -7.73 -7.20 11.66
C VAL A 116 -6.99 -6.94 12.95
N MET A 117 -6.54 -5.71 13.12
CA MET A 117 -5.75 -5.36 14.29
C MET A 117 -6.41 -5.81 15.59
N GLN A 118 -7.69 -6.14 15.52
CA GLN A 118 -8.41 -6.61 16.70
C GLN A 118 -8.39 -8.14 16.80
N SER A 119 -8.49 -8.82 15.66
CA SER A 119 -8.49 -10.28 15.63
C SER A 119 -7.13 -10.80 15.19
N LEU A 120 -6.21 -9.87 15.00
CA LEU A 120 -4.86 -10.17 14.54
C LEU A 120 -3.81 -9.73 15.57
N GLY A 121 -4.11 -8.66 16.28
CA GLY A 121 -3.18 -8.16 17.28
C GLY A 121 -3.87 -7.90 18.61
N GLY B 1 -3.44 23.29 -15.51
CA GLY B 1 -2.66 23.04 -16.76
C GLY B 1 -1.47 23.96 -16.90
N GLY B 2 -0.27 23.40 -16.81
CA GLY B 2 0.93 24.21 -16.93
C GLY B 2 2.13 23.55 -16.27
N ALA B 3 2.89 24.34 -15.51
CA ALA B 3 4.07 23.84 -14.82
C ALA B 3 3.69 22.76 -13.82
N LYS B 4 4.49 21.70 -13.77
CA LYS B 4 4.25 20.58 -12.87
C LYS B 4 2.89 19.95 -13.14
N ARG B 5 2.88 18.88 -13.94
CA ARG B 5 1.64 18.20 -14.28
C ARG B 5 1.32 17.08 -13.28
N HIS B 6 1.66 17.32 -12.02
CA HIS B 6 1.40 16.35 -10.96
C HIS B 6 2.23 15.08 -11.14
N ARG B 7 2.86 14.63 -10.05
CA ARG B 7 3.71 13.44 -10.08
C ARG B 7 2.85 12.17 -10.15
OH ALY B 8 4.40 9.10 -5.56
CH ALY B 8 3.84 8.04 -5.84
CH3 ALY B 8 3.47 7.07 -4.71
NZ ALY B 8 3.54 7.71 -7.10
CE ALY B 8 2.51 6.75 -7.47
CD ALY B 8 1.97 7.01 -8.86
CG ALY B 8 1.09 8.25 -8.91
CB ALY B 8 1.91 9.53 -8.92
CA ALY B 8 2.79 9.74 -10.17
N ALY B 8 3.50 11.01 -10.10
C ALY B 8 1.96 9.69 -11.46
O ALY B 8 0.75 9.55 -11.42
HH31 ALY B 8 4.01 7.35 -3.82
HH32 ALY B 8 2.41 7.12 -4.52
HH33 ALY B 8 3.74 6.07 -5.00
HZ ALY B 8 4.07 8.11 -7.82
HE3 ALY B 8 2.91 5.76 -7.43
HE2 ALY B 8 1.69 6.84 -6.76
HD3 ALY B 8 2.80 7.14 -9.54
HD2 ALY B 8 1.39 6.16 -9.18
HG3 ALY B 8 0.48 8.21 -9.81
HG2 ALY B 8 0.45 8.25 -8.04
HB3 ALY B 8 1.22 10.37 -8.85
HB2 ALY B 8 2.54 9.53 -8.06
HA ALY B 8 3.53 8.95 -10.21
H ALY B 8 4.47 11.01 -9.99
N VAL B 9 2.65 9.81 -12.58
CA VAL B 9 2.00 9.80 -13.89
C VAL B 9 1.89 8.36 -14.41
N LEU B 10 0.81 7.69 -14.05
CA LEU B 10 0.60 6.30 -14.46
C LEU B 10 0.53 6.20 -15.98
N ARG B 11 0.42 4.98 -16.48
CA ARG B 11 0.35 4.74 -17.92
C ARG B 11 -1.09 4.75 -18.41
N ASP B 12 -1.26 4.76 -19.73
CA ASP B 12 -2.59 4.77 -20.34
C ASP B 12 -3.35 6.05 -19.98
N ASN B 13 -2.61 7.12 -19.71
CA ASN B 13 -3.21 8.40 -19.36
C ASN B 13 -2.77 9.49 -20.33
N ILE B 14 -2.29 9.08 -21.50
CA ILE B 14 -1.83 10.01 -22.52
C ILE B 14 -1.65 9.32 -23.86
N GLN B 15 -1.25 8.05 -23.81
CA GLN B 15 -1.05 7.27 -25.03
C GLN B 15 -1.89 6.00 -25.01
N GLY A 1 10.48 -9.22 15.78
CA GLY A 1 10.95 -10.10 14.67
C GLY A 1 10.02 -11.27 14.42
N SER A 2 10.23 -12.37 15.14
CA SER A 2 9.41 -13.55 14.99
C SER A 2 8.58 -13.80 16.25
N HIS A 3 8.35 -12.74 17.02
CA HIS A 3 7.57 -12.83 18.25
C HIS A 3 7.39 -11.46 18.89
N MET A 4 6.35 -10.74 18.49
CA MET A 4 6.08 -9.41 19.03
C MET A 4 5.49 -9.49 20.45
N ARG A 5 5.72 -10.62 21.13
CA ARG A 5 5.23 -10.83 22.48
C ARG A 5 3.74 -10.49 22.62
N LYS A 6 3.01 -10.57 21.51
CA LYS A 6 1.57 -10.29 21.52
C LYS A 6 0.78 -11.57 21.32
N LYS A 7 -0.16 -11.54 20.40
CA LYS A 7 -0.97 -12.69 20.07
C LYS A 7 -0.19 -13.65 19.18
N ILE A 8 0.07 -13.24 17.94
CA ILE A 8 0.86 -14.04 17.00
C ILE A 8 0.20 -15.38 16.68
N PHE A 9 -0.19 -15.53 15.41
CA PHE A 9 -0.82 -16.73 14.92
C PHE A 9 0.03 -17.30 13.80
N LYS A 10 -0.61 -18.06 12.93
CA LYS A 10 0.06 -18.60 11.77
C LYS A 10 0.06 -17.52 10.69
N PRO A 11 1.10 -17.43 9.86
CA PRO A 11 1.15 -16.41 8.81
C PRO A 11 -0.09 -16.45 7.92
N GLU A 12 -0.83 -17.56 7.99
CA GLU A 12 -2.05 -17.72 7.20
C GLU A 12 -3.22 -17.06 7.93
N GLU A 13 -3.18 -17.09 9.25
CA GLU A 13 -4.22 -16.47 10.06
C GLU A 13 -4.29 -15.01 9.73
N LEU A 14 -3.14 -14.39 9.82
CA LEU A 14 -3.01 -12.99 9.53
C LEU A 14 -3.50 -12.74 8.14
N ARG A 15 -2.90 -13.42 7.18
CA ARG A 15 -3.30 -13.29 5.80
C ARG A 15 -4.81 -13.27 5.69
N GLN A 16 -5.45 -14.10 6.49
CA GLN A 16 -6.89 -14.24 6.46
C GLN A 16 -7.58 -12.94 6.84
N ALA A 17 -6.99 -12.19 7.74
CA ALA A 17 -7.53 -10.92 8.13
C ALA A 17 -6.95 -9.79 7.24
N LEU A 18 -5.62 -9.77 7.19
CA LEU A 18 -4.86 -8.81 6.40
C LEU A 18 -5.25 -8.74 4.94
N MET A 19 -4.95 -9.80 4.21
CA MET A 19 -5.25 -9.84 2.79
C MET A 19 -6.59 -9.19 2.49
N PRO A 20 -7.67 -9.61 3.17
CA PRO A 20 -8.98 -9.00 2.98
C PRO A 20 -8.87 -7.48 2.98
N THR A 21 -8.07 -6.96 3.92
CA THR A 21 -7.84 -5.53 3.98
C THR A 21 -7.21 -5.07 2.66
N LEU A 22 -6.10 -5.71 2.31
CA LEU A 22 -5.40 -5.44 1.05
C LEU A 22 -6.38 -5.50 -0.11
N GLU A 23 -7.45 -6.25 0.10
CA GLU A 23 -8.45 -6.42 -0.92
C GLU A 23 -9.35 -5.20 -1.02
N ALA A 24 -9.83 -4.66 0.12
CA ALA A 24 -10.69 -3.48 0.06
C ALA A 24 -10.03 -2.41 -0.77
N LEU A 25 -8.73 -2.32 -0.62
CA LEU A 25 -7.93 -1.38 -1.38
C LEU A 25 -7.89 -1.80 -2.83
N TYR A 26 -7.82 -3.12 -3.01
CA TYR A 26 -7.75 -3.70 -4.33
C TYR A 26 -9.06 -3.45 -5.07
N ARG A 27 -10.09 -3.09 -4.30
CA ARG A 27 -11.40 -2.79 -4.86
C ARG A 27 -11.42 -1.34 -5.27
N GLN A 28 -10.58 -0.55 -4.59
CA GLN A 28 -10.49 0.87 -4.88
C GLN A 28 -9.84 1.09 -6.23
N ASP A 29 -9.65 -0.02 -6.91
CA ASP A 29 -9.03 -0.10 -8.23
C ASP A 29 -8.27 1.16 -8.68
N PRO A 30 -8.92 2.19 -9.27
CA PRO A 30 -8.16 3.35 -9.76
C PRO A 30 -7.26 3.96 -8.70
N GLU A 31 -7.43 3.49 -7.49
CA GLU A 31 -6.65 3.95 -6.36
C GLU A 31 -5.56 2.95 -5.98
N SER A 32 -5.84 1.67 -6.20
CA SER A 32 -4.88 0.63 -5.88
C SER A 32 -4.01 0.23 -7.07
N LEU A 33 -4.58 0.19 -8.30
CA LEU A 33 -3.77 -0.17 -9.47
C LEU A 33 -2.41 0.47 -9.40
N PRO A 34 -2.34 1.80 -9.23
CA PRO A 34 -1.08 2.53 -9.16
C PRO A 34 -0.08 1.92 -8.18
N PHE A 35 -0.55 1.20 -7.16
CA PHE A 35 0.37 0.60 -6.19
C PHE A 35 0.48 -0.91 -6.38
N ARG A 36 -0.59 -1.52 -6.88
CA ARG A 36 -0.59 -2.96 -7.08
C ARG A 36 0.57 -3.38 -7.98
N GLN A 37 1.13 -2.39 -8.69
CA GLN A 37 2.23 -2.63 -9.62
C GLN A 37 3.12 -1.38 -9.86
N PRO A 38 2.54 -0.22 -10.24
CA PRO A 38 3.31 1.01 -10.53
C PRO A 38 4.05 1.60 -9.33
N VAL A 39 4.20 2.93 -9.36
CA VAL A 39 4.92 3.67 -8.32
C VAL A 39 6.39 3.44 -8.48
N ASP A 40 6.86 3.90 -9.61
CA ASP A 40 8.24 3.77 -10.02
C ASP A 40 8.72 5.14 -10.51
N PRO A 41 10.02 5.42 -10.41
CA PRO A 41 10.57 6.69 -10.86
C PRO A 41 10.75 6.68 -12.37
N GLN A 42 9.78 6.12 -13.08
CA GLN A 42 9.86 6.03 -14.53
C GLN A 42 8.49 6.19 -15.19
N LEU A 43 7.59 5.25 -14.91
CA LEU A 43 6.24 5.30 -15.48
C LEU A 43 5.63 6.68 -15.25
N LEU A 44 6.17 7.38 -14.26
CA LEU A 44 5.69 8.69 -13.90
C LEU A 44 6.73 9.75 -14.15
N GLY A 45 7.99 9.32 -14.21
CA GLY A 45 9.06 10.26 -14.40
C GLY A 45 9.23 11.07 -13.15
N ILE A 46 9.10 10.39 -12.01
CA ILE A 46 9.22 10.99 -10.69
C ILE A 46 10.54 10.58 -10.03
N PRO A 47 11.68 11.13 -10.52
CA PRO A 47 13.02 10.81 -9.98
C PRO A 47 13.10 10.94 -8.47
N ASP A 48 12.32 11.88 -7.94
CA ASP A 48 12.31 12.15 -6.51
C ASP A 48 12.07 10.87 -5.68
N TYR A 49 11.72 9.78 -6.36
CA TYR A 49 11.49 8.50 -5.68
C TYR A 49 12.74 8.12 -4.89
N PHE A 50 12.52 7.50 -3.74
CA PHE A 50 13.61 7.08 -2.84
C PHE A 50 14.26 8.29 -2.15
N ASP A 51 13.83 9.49 -2.52
CA ASP A 51 14.39 10.71 -1.96
C ASP A 51 13.33 11.40 -1.13
N ILE A 52 12.33 10.61 -0.77
CA ILE A 52 11.19 11.11 -0.05
C ILE A 52 10.56 10.03 0.80
N VAL A 53 10.13 8.99 0.10
CA VAL A 53 9.45 7.88 0.73
C VAL A 53 10.42 7.00 1.53
N LYS A 54 11.61 6.81 0.96
CA LYS A 54 12.67 6.01 1.59
C LYS A 54 12.36 4.53 1.54
N ASN A 55 11.08 4.20 1.61
CA ASN A 55 10.64 2.81 1.57
C ASN A 55 9.40 2.69 0.69
N PRO A 56 9.62 2.70 -0.63
CA PRO A 56 8.57 2.63 -1.64
C PRO A 56 7.37 1.81 -1.20
N MET A 57 7.56 0.51 -1.05
CA MET A 57 6.49 -0.41 -0.64
C MET A 57 5.26 -0.26 -1.54
N ASP A 58 5.07 -1.20 -2.45
CA ASP A 58 3.93 -1.16 -3.36
C ASP A 58 2.99 -2.33 -3.09
N LEU A 59 1.68 -2.10 -3.25
CA LEU A 59 0.67 -3.15 -3.03
C LEU A 59 1.11 -4.47 -3.65
N SER A 60 1.96 -4.39 -4.67
CA SER A 60 2.47 -5.59 -5.33
C SER A 60 3.27 -6.39 -4.32
N THR A 61 4.31 -5.78 -3.78
CA THR A 61 5.14 -6.42 -2.78
C THR A 61 4.28 -6.75 -1.57
N ILE A 62 3.44 -5.79 -1.19
CA ILE A 62 2.53 -5.93 -0.08
C ILE A 62 1.74 -7.22 -0.17
N LYS A 63 0.78 -7.27 -1.10
CA LYS A 63 -0.02 -8.46 -1.30
C LYS A 63 0.85 -9.71 -1.28
N ARG A 64 2.06 -9.60 -1.82
CA ARG A 64 2.99 -10.73 -1.86
C ARG A 64 3.42 -11.15 -0.46
N LYS A 65 4.21 -10.31 0.21
CA LYS A 65 4.67 -10.62 1.57
C LYS A 65 3.60 -11.42 2.27
N LEU A 66 2.41 -10.85 2.31
CA LEU A 66 1.26 -11.52 2.89
C LEU A 66 1.11 -12.92 2.31
N ASP A 67 0.74 -12.94 1.03
CA ASP A 67 0.52 -14.16 0.27
C ASP A 67 1.62 -15.19 0.42
N THR A 68 2.79 -14.76 0.89
CA THR A 68 3.92 -15.66 1.04
C THR A 68 4.23 -15.96 2.50
N GLY A 69 3.83 -15.07 3.40
CA GLY A 69 4.05 -15.26 4.81
C GLY A 69 5.34 -14.63 5.30
N GLN A 70 5.68 -13.46 4.74
CA GLN A 70 6.89 -12.76 5.12
C GLN A 70 6.66 -11.92 6.37
N TYR A 71 6.09 -12.54 7.38
CA TYR A 71 5.80 -11.88 8.62
C TYR A 71 5.41 -12.89 9.69
N GLN A 72 4.99 -12.38 10.84
CA GLN A 72 4.53 -13.22 11.94
C GLN A 72 3.73 -12.39 12.90
N GLU A 73 3.31 -11.24 12.41
CA GLU A 73 2.52 -10.29 13.16
C GLU A 73 1.87 -9.33 12.19
N PRO A 74 0.56 -9.13 12.32
CA PRO A 74 -0.21 -8.26 11.41
C PRO A 74 0.32 -6.83 11.28
N TRP A 75 0.70 -6.17 12.38
CA TRP A 75 1.18 -4.78 12.29
C TRP A 75 2.29 -4.64 11.25
N GLN A 76 3.00 -5.73 10.96
CA GLN A 76 4.08 -5.71 9.99
C GLN A 76 3.53 -5.33 8.61
N TYR A 77 2.57 -6.12 8.13
CA TYR A 77 1.97 -5.88 6.83
C TYR A 77 1.36 -4.48 6.80
N VAL A 78 0.84 -4.07 7.95
CA VAL A 78 0.23 -2.77 8.09
C VAL A 78 1.24 -1.67 7.85
N ASP A 79 2.35 -1.74 8.56
CA ASP A 79 3.40 -0.77 8.40
C ASP A 79 3.83 -0.70 6.95
N ASP A 80 3.57 -1.78 6.20
CA ASP A 80 3.95 -1.81 4.80
C ASP A 80 2.88 -1.16 3.93
N VAL A 81 1.64 -1.57 4.13
CA VAL A 81 0.55 -1.00 3.37
C VAL A 81 0.43 0.48 3.65
N TRP A 82 0.72 0.86 4.89
CA TRP A 82 0.70 2.26 5.26
C TRP A 82 1.93 2.92 4.71
N LEU A 83 2.96 2.12 4.51
CA LEU A 83 4.17 2.60 3.89
C LEU A 83 3.80 3.04 2.48
N MET A 84 2.88 2.28 1.90
CA MET A 84 2.37 2.56 0.56
C MET A 84 1.59 3.88 0.54
N PHE A 85 0.50 3.97 1.32
CA PHE A 85 -0.26 5.22 1.32
C PHE A 85 0.68 6.36 1.70
N ASN A 86 1.70 6.04 2.49
CA ASN A 86 2.68 7.03 2.94
C ASN A 86 3.42 7.66 1.76
N ASN A 87 4.01 6.82 0.90
CA ASN A 87 4.74 7.34 -0.25
C ASN A 87 3.86 8.27 -1.06
N ALA A 88 2.60 7.91 -1.25
CA ALA A 88 1.71 8.74 -2.06
C ALA A 88 1.42 10.07 -1.39
N TRP A 89 1.53 10.07 -0.07
CA TRP A 89 1.21 11.24 0.73
C TRP A 89 2.38 12.20 0.91
N LEU A 90 3.47 11.73 1.52
CA LEU A 90 4.61 12.58 1.75
C LEU A 90 5.41 12.85 0.48
N TYR A 91 5.02 12.16 -0.60
CA TYR A 91 5.66 12.33 -1.90
C TYR A 91 4.93 13.37 -2.74
N ASN A 92 3.62 13.16 -2.95
CA ASN A 92 2.85 14.08 -3.76
C ASN A 92 2.44 15.31 -2.97
N ARG A 93 3.10 15.51 -1.84
CA ARG A 93 2.83 16.65 -0.98
C ARG A 93 1.34 16.74 -0.64
N LYS A 94 0.64 15.63 -0.81
CA LYS A 94 -0.80 15.56 -0.53
C LYS A 94 -1.58 16.49 -1.46
N THR A 95 -0.90 17.07 -2.43
CA THR A 95 -1.54 17.97 -3.39
C THR A 95 -1.41 17.45 -4.81
N SER A 96 -1.99 16.28 -5.06
CA SER A 96 -1.96 15.66 -6.38
C SER A 96 -3.17 14.76 -6.60
N ARG A 97 -3.11 13.93 -7.65
CA ARG A 97 -4.22 13.02 -7.94
C ARG A 97 -4.24 11.84 -6.97
N VAL A 98 -3.08 11.30 -6.65
CA VAL A 98 -3.00 10.22 -5.73
C VAL A 98 -3.43 10.66 -4.35
N TYR A 99 -3.56 11.95 -4.13
CA TYR A 99 -4.04 12.42 -2.85
C TYR A 99 -5.40 11.81 -2.60
N LYS A 100 -6.12 11.54 -3.70
CA LYS A 100 -7.44 10.93 -3.64
C LYS A 100 -7.34 9.41 -3.69
N PHE A 101 -6.48 8.89 -4.59
CA PHE A 101 -6.32 7.43 -4.70
C PHE A 101 -5.81 6.88 -3.39
N CYS A 102 -4.82 7.56 -2.87
CA CYS A 102 -4.19 7.17 -1.62
C CYS A 102 -5.15 7.34 -0.45
N SER A 103 -5.76 8.54 -0.37
CA SER A 103 -6.69 8.87 0.69
C SER A 103 -7.61 7.70 1.01
N LYS A 104 -8.31 7.20 0.00
CA LYS A 104 -9.22 6.08 0.20
C LYS A 104 -8.48 4.85 0.67
N LEU A 105 -7.41 4.49 -0.02
CA LEU A 105 -6.65 3.32 0.34
C LEU A 105 -6.38 3.27 1.83
N ALA A 106 -5.88 4.37 2.38
CA ALA A 106 -5.59 4.42 3.80
C ALA A 106 -6.88 4.46 4.62
N GLU A 107 -7.95 4.87 3.95
CA GLU A 107 -9.27 4.94 4.58
C GLU A 107 -9.88 3.55 4.72
N VAL A 108 -10.24 2.94 3.59
CA VAL A 108 -10.80 1.59 3.62
C VAL A 108 -9.92 0.74 4.47
N PHE A 109 -8.63 0.77 4.18
CA PHE A 109 -7.67 -0.03 4.93
C PHE A 109 -7.76 0.22 6.41
N GLU A 110 -7.72 1.48 6.84
CA GLU A 110 -7.80 1.79 8.25
C GLU A 110 -9.11 1.22 8.81
N GLN A 111 -10.02 0.95 7.89
CA GLN A 111 -11.33 0.38 8.21
C GLN A 111 -11.32 -1.14 8.03
N GLU A 112 -10.34 -1.62 7.28
CA GLU A 112 -10.18 -3.03 7.00
C GLU A 112 -9.27 -3.66 8.05
N ILE A 113 -8.29 -2.88 8.46
CA ILE A 113 -7.33 -3.30 9.46
C ILE A 113 -7.92 -3.15 10.85
N ASP A 114 -9.17 -2.74 10.91
CA ASP A 114 -9.83 -2.61 12.20
C ASP A 114 -10.23 -4.01 12.64
N PRO A 115 -11.05 -4.72 11.83
CA PRO A 115 -11.42 -6.09 12.13
C PRO A 115 -10.16 -6.95 12.23
N VAL A 116 -9.09 -6.44 11.62
CA VAL A 116 -7.81 -7.11 11.63
C VAL A 116 -7.08 -6.84 12.93
N MET A 117 -6.63 -5.62 13.11
CA MET A 117 -5.87 -5.26 14.28
C MET A 117 -6.56 -5.70 15.57
N GLN A 118 -7.84 -6.06 15.47
CA GLN A 118 -8.60 -6.52 16.62
C GLN A 118 -8.56 -8.05 16.73
N SER A 119 -8.64 -8.73 15.58
CA SER A 119 -8.62 -10.20 15.55
C SER A 119 -7.23 -10.71 15.17
N LEU A 120 -6.32 -9.76 14.98
CA LEU A 120 -4.96 -10.05 14.58
C LEU A 120 -3.96 -9.55 15.62
N GLY A 121 -4.29 -8.45 16.28
CA GLY A 121 -3.40 -7.90 17.29
C GLY A 121 -2.79 -6.58 16.85
N GLY B 1 -12.28 5.29 -22.49
CA GLY B 1 -11.09 5.37 -23.38
C GLY B 1 -10.24 6.59 -23.10
N GLY B 2 -9.61 6.61 -21.93
CA GLY B 2 -8.76 7.73 -21.56
C GLY B 2 -7.48 7.29 -20.89
N ALA B 3 -6.49 8.18 -20.89
CA ALA B 3 -5.20 7.88 -20.27
C ALA B 3 -4.61 9.13 -19.62
N LYS B 4 -5.35 9.69 -18.66
CA LYS B 4 -4.90 10.89 -17.96
C LYS B 4 -4.79 10.64 -16.46
N ARG B 5 -5.75 9.90 -15.92
CA ARG B 5 -5.77 9.58 -14.49
C ARG B 5 -5.41 8.12 -14.23
N HIS B 6 -4.16 7.90 -13.82
CA HIS B 6 -3.68 6.55 -13.52
C HIS B 6 -2.85 6.56 -12.25
N ARG B 7 -1.68 7.19 -12.31
CA ARG B 7 -0.79 7.30 -11.17
C ARG B 7 -0.76 8.74 -10.69
OH ALY B 8 5.02 8.91 -5.65
CH ALY B 8 3.88 8.45 -5.67
CH3 ALY B 8 3.44 7.47 -4.58
NZ ALY B 8 2.98 8.84 -6.55
CE ALY B 8 2.99 8.42 -7.95
CD ALY B 8 1.79 8.95 -8.70
CG ALY B 8 1.77 10.46 -8.66
CB ALY B 8 0.53 11.05 -9.29
CA ALY B 8 0.41 10.88 -10.80
N ALY B 8 0.24 9.48 -11.16
C ALY B 8 1.61 11.46 -11.55
O ALY B 8 2.70 10.92 -11.47
HH31 ALY B 8 4.01 7.65 -3.68
HH32 ALY B 8 2.39 7.60 -4.37
HH33 ALY B 8 3.63 6.45 -4.91
HZ ALY B 8 2.22 9.38 -6.26
HE3 ALY B 8 3.88 8.77 -8.42
HE2 ALY B 8 2.97 7.33 -7.99
HD3 ALY B 8 1.85 8.62 -9.73
HD2 ALY B 8 0.89 8.57 -8.25
HG3 ALY B 8 1.81 10.78 -7.62
HG2 ALY B 8 2.63 10.82 -9.19
HB3 ALY B 8 -0.33 10.58 -8.84
HB2 ALY B 8 0.50 12.10 -9.06
HA ALY B 8 -0.48 11.40 -11.15
H ALY B 8 0.89 9.07 -11.77
N VAL B 9 1.36 12.56 -12.27
CA VAL B 9 2.39 13.22 -13.08
C VAL B 9 2.59 12.44 -14.38
N LEU B 10 2.79 11.13 -14.25
CA LEU B 10 2.98 10.25 -15.39
C LEU B 10 4.12 10.70 -16.31
N ARG B 11 4.43 9.85 -17.29
CA ARG B 11 5.50 10.13 -18.24
C ARG B 11 5.15 11.32 -19.13
N ASP B 12 3.89 11.75 -19.07
CA ASP B 12 3.42 12.88 -19.87
C ASP B 12 3.24 14.12 -19.00
N ASN B 13 3.95 15.19 -19.33
CA ASN B 13 3.87 16.43 -18.57
C ASN B 13 3.17 17.51 -19.39
N ILE B 14 2.43 17.08 -20.43
CA ILE B 14 1.70 17.99 -21.32
C ILE B 14 2.49 19.26 -21.61
N GLN B 15 1.78 20.33 -21.96
CA GLN B 15 2.42 21.61 -22.27
C GLN B 15 1.97 22.69 -21.29
N GLY A 1 11.79 -11.79 11.46
CA GLY A 1 10.91 -11.53 12.65
C GLY A 1 9.93 -12.66 12.89
N SER A 2 10.42 -13.74 13.51
CA SER A 2 9.58 -14.89 13.82
C SER A 2 9.05 -14.82 15.23
N HIS A 3 7.72 -14.76 15.37
CA HIS A 3 7.07 -14.67 16.68
C HIS A 3 7.57 -13.46 17.45
N MET A 4 6.86 -12.35 17.33
CA MET A 4 7.22 -11.12 18.01
C MET A 4 7.07 -11.27 19.53
N ARG A 5 6.02 -10.67 20.09
CA ARG A 5 5.78 -10.74 21.54
C ARG A 5 4.30 -10.63 21.85
N LYS A 6 3.48 -10.38 20.84
CA LYS A 6 2.05 -10.25 21.02
C LYS A 6 1.32 -11.59 20.88
N LYS A 7 0.30 -11.61 20.03
CA LYS A 7 -0.50 -12.79 19.78
C LYS A 7 0.23 -13.78 18.87
N ILE A 8 0.43 -13.41 17.60
CA ILE A 8 1.12 -14.28 16.65
C ILE A 8 0.40 -15.60 16.43
N PHE A 9 -0.11 -15.78 15.23
CA PHE A 9 -0.85 -16.98 14.86
C PHE A 9 -0.06 -17.80 13.85
N LYS A 10 -0.25 -17.45 12.59
CA LYS A 10 0.41 -18.08 11.46
C LYS A 10 0.33 -17.11 10.30
N PRO A 11 1.34 -17.05 9.43
CA PRO A 11 1.32 -16.14 8.29
C PRO A 11 0.04 -16.30 7.47
N GLU A 12 -0.66 -17.42 7.69
CA GLU A 12 -1.90 -17.71 6.99
C GLU A 12 -3.08 -17.09 7.74
N GLU A 13 -3.06 -17.19 9.07
CA GLU A 13 -4.10 -16.61 9.90
C GLU A 13 -4.20 -15.15 9.60
N LEU A 14 -3.05 -14.52 9.68
CA LEU A 14 -2.91 -13.13 9.40
C LEU A 14 -3.47 -12.85 8.04
N ARG A 15 -2.90 -13.51 7.05
CA ARG A 15 -3.36 -13.36 5.67
C ARG A 15 -4.86 -13.32 5.61
N GLN A 16 -5.47 -14.21 6.38
CA GLN A 16 -6.92 -14.32 6.39
C GLN A 16 -7.57 -13.01 6.78
N ALA A 17 -6.95 -12.29 7.68
CA ALA A 17 -7.47 -11.02 8.08
C ALA A 17 -6.89 -9.90 7.18
N LEU A 18 -5.56 -9.88 7.09
CA LEU A 18 -4.81 -8.92 6.29
C LEU A 18 -5.20 -8.87 4.83
N MET A 19 -4.91 -9.92 4.09
CA MET A 19 -5.22 -9.96 2.67
C MET A 19 -6.56 -9.30 2.37
N PRO A 20 -7.65 -9.72 3.05
CA PRO A 20 -8.96 -9.11 2.85
C PRO A 20 -8.83 -7.60 2.87
N THR A 21 -8.05 -7.09 3.83
CA THR A 21 -7.82 -5.66 3.91
C THR A 21 -7.19 -5.17 2.60
N LEU A 22 -6.07 -5.77 2.23
CA LEU A 22 -5.37 -5.47 0.97
C LEU A 22 -6.34 -5.51 -0.19
N GLU A 23 -7.34 -6.36 -0.06
CA GLU A 23 -8.34 -6.55 -1.09
C GLU A 23 -9.31 -5.38 -1.13
N ALA A 24 -9.81 -4.94 0.03
CA ALA A 24 -10.74 -3.82 0.08
C ALA A 24 -10.15 -2.66 -0.68
N LEU A 25 -8.84 -2.57 -0.64
CA LEU A 25 -8.12 -1.54 -1.34
C LEU A 25 -8.02 -1.91 -2.80
N TYR A 26 -7.79 -3.19 -3.06
CA TYR A 26 -7.65 -3.68 -4.41
C TYR A 26 -8.93 -3.40 -5.17
N ARG A 27 -10.01 -3.18 -4.41
CA ARG A 27 -11.30 -2.85 -4.99
C ARG A 27 -11.26 -1.41 -5.41
N GLN A 28 -10.50 -0.65 -4.64
CA GLN A 28 -10.31 0.76 -4.91
C GLN A 28 -9.26 0.92 -5.99
N ASP A 29 -9.19 -0.08 -6.87
CA ASP A 29 -8.22 -0.12 -7.97
C ASP A 29 -7.67 1.25 -8.40
N PRO A 30 -8.47 2.16 -9.01
CA PRO A 30 -7.95 3.45 -9.49
C PRO A 30 -7.18 4.17 -8.40
N GLU A 31 -7.36 3.69 -7.18
CA GLU A 31 -6.71 4.25 -6.01
C GLU A 31 -5.65 3.31 -5.45
N SER A 32 -5.91 2.00 -5.48
CA SER A 32 -4.99 1.01 -4.94
C SER A 32 -4.13 0.37 -6.01
N LEU A 33 -4.74 0.09 -7.14
CA LEU A 33 -4.04 -0.53 -8.22
C LEU A 33 -2.83 0.28 -8.71
N PRO A 34 -2.76 1.64 -8.51
CA PRO A 34 -1.59 2.41 -8.90
C PRO A 34 -0.43 2.15 -7.94
N PHE A 35 -0.70 1.33 -6.91
CA PHE A 35 0.33 0.98 -5.92
C PHE A 35 0.78 -0.44 -6.08
N ARG A 36 -0.14 -1.32 -6.50
CA ARG A 36 0.23 -2.71 -6.69
C ARG A 36 1.64 -2.72 -7.24
N GLN A 37 1.85 -1.91 -8.26
CA GLN A 37 3.15 -1.71 -8.88
C GLN A 37 3.75 -0.42 -8.31
N PRO A 38 5.05 -0.41 -7.97
CA PRO A 38 5.70 0.79 -7.41
C PRO A 38 5.40 2.04 -8.23
N VAL A 39 5.58 3.22 -7.63
CA VAL A 39 5.35 4.50 -8.31
C VAL A 39 6.17 4.55 -9.60
N ASP A 40 5.65 3.86 -10.60
CA ASP A 40 6.28 3.73 -11.90
C ASP A 40 7.28 4.85 -12.20
N PRO A 41 8.55 4.65 -11.81
CA PRO A 41 9.58 5.64 -12.08
C PRO A 41 9.99 5.65 -13.54
N GLN A 42 9.01 5.62 -14.45
CA GLN A 42 9.33 5.55 -15.88
C GLN A 42 8.29 6.23 -16.78
N LEU A 43 7.04 6.21 -16.36
CA LEU A 43 5.95 6.79 -17.16
C LEU A 43 5.48 8.14 -16.64
N LEU A 44 5.46 8.26 -15.33
CA LEU A 44 4.98 9.47 -14.69
C LEU A 44 5.82 10.67 -15.13
N GLY A 45 7.08 10.74 -14.71
CA GLY A 45 7.92 11.82 -15.20
C GLY A 45 8.59 12.72 -14.17
N ILE A 46 9.21 12.17 -13.12
CA ILE A 46 9.95 13.01 -12.17
C ILE A 46 11.22 12.33 -11.68
N PRO A 47 12.21 13.11 -11.24
CA PRO A 47 13.48 12.62 -10.73
C PRO A 47 13.55 12.63 -9.20
N ASP A 48 12.54 12.05 -8.56
CA ASP A 48 12.49 11.99 -7.10
C ASP A 48 12.55 10.55 -6.56
N TYR A 49 11.41 9.85 -6.62
CA TYR A 49 11.24 8.45 -6.14
C TYR A 49 12.50 7.85 -5.53
N PHE A 50 12.30 7.24 -4.37
CA PHE A 50 13.37 6.63 -3.59
C PHE A 50 14.19 7.72 -2.92
N ASP A 51 13.74 8.97 -3.09
CA ASP A 51 14.42 10.15 -2.54
C ASP A 51 13.50 10.85 -1.57
N ILE A 52 12.33 10.27 -1.40
CA ILE A 52 11.30 10.83 -0.58
C ILE A 52 10.68 9.78 0.31
N VAL A 53 10.17 8.75 -0.34
CA VAL A 53 9.50 7.66 0.34
C VAL A 53 10.48 6.72 1.03
N LYS A 54 11.62 6.50 0.37
CA LYS A 54 12.68 5.63 0.90
C LYS A 54 12.29 4.17 0.84
N ASN A 55 10.99 3.91 0.97
CA ASN A 55 10.47 2.55 0.92
C ASN A 55 9.21 2.51 0.08
N PRO A 56 9.41 2.48 -1.25
CA PRO A 56 8.35 2.43 -2.24
C PRO A 56 7.14 1.62 -1.78
N MET A 57 7.41 0.41 -1.28
CA MET A 57 6.36 -0.50 -0.80
C MET A 57 5.15 -0.50 -1.73
N ASP A 58 5.13 -1.44 -2.66
CA ASP A 58 4.04 -1.53 -3.63
C ASP A 58 3.06 -2.63 -3.23
N LEU A 59 1.76 -2.33 -3.34
CA LEU A 59 0.69 -3.28 -2.99
C LEU A 59 0.97 -4.68 -3.55
N SER A 60 1.77 -4.79 -4.61
CA SER A 60 2.11 -6.10 -5.13
C SER A 60 2.98 -6.79 -4.10
N THR A 61 4.06 -6.11 -3.71
CA THR A 61 4.93 -6.64 -2.68
C THR A 61 4.10 -6.86 -1.43
N ILE A 62 3.36 -5.83 -1.05
CA ILE A 62 2.49 -5.87 0.11
C ILE A 62 1.65 -7.14 0.10
N LYS A 63 0.65 -7.18 -0.78
CA LYS A 63 -0.20 -8.35 -0.92
C LYS A 63 0.65 -9.62 -1.11
N ARG A 64 1.93 -9.45 -1.49
CA ARG A 64 2.84 -10.60 -1.69
C ARG A 64 3.38 -11.16 -0.39
N LYS A 65 4.32 -10.46 0.27
CA LYS A 65 4.88 -10.98 1.53
C LYS A 65 3.75 -11.51 2.39
N LEU A 66 2.63 -10.80 2.35
CA LEU A 66 1.46 -11.20 3.10
C LEU A 66 1.10 -12.63 2.71
N ASP A 67 1.01 -12.83 1.39
CA ASP A 67 0.68 -14.11 0.76
C ASP A 67 1.76 -15.16 0.86
N THR A 68 3.00 -14.73 0.88
CA THR A 68 4.13 -15.62 0.90
C THR A 68 4.48 -16.06 2.32
N GLY A 69 4.01 -15.30 3.31
CA GLY A 69 4.24 -15.66 4.69
C GLY A 69 5.48 -15.03 5.30
N GLN A 70 5.83 -13.83 4.84
CA GLN A 70 7.00 -13.13 5.37
C GLN A 70 6.55 -12.09 6.39
N TYR A 71 5.86 -12.57 7.42
CA TYR A 71 5.35 -11.69 8.45
C TYR A 71 5.34 -12.33 9.83
N GLN A 72 4.31 -13.16 10.09
CA GLN A 72 4.12 -13.82 11.38
C GLN A 72 3.46 -12.86 12.36
N GLU A 73 3.33 -11.61 11.93
CA GLU A 73 2.69 -10.58 12.73
C GLU A 73 2.02 -9.55 11.81
N PRO A 74 0.73 -9.27 12.05
CA PRO A 74 -0.05 -8.34 11.22
C PRO A 74 0.46 -6.90 11.17
N TRP A 75 0.83 -6.34 12.33
CA TRP A 75 1.32 -4.94 12.38
C TRP A 75 2.31 -4.66 11.27
N GLN A 76 3.30 -5.55 11.14
CA GLN A 76 4.33 -5.38 10.11
C GLN A 76 3.69 -5.10 8.75
N TYR A 77 2.66 -5.87 8.41
CA TYR A 77 1.98 -5.71 7.14
C TYR A 77 1.32 -4.34 7.09
N VAL A 78 0.78 -3.93 8.22
CA VAL A 78 0.12 -2.64 8.31
C VAL A 78 1.09 -1.52 8.05
N ASP A 79 2.21 -1.57 8.73
CA ASP A 79 3.26 -0.59 8.56
C ASP A 79 3.69 -0.55 7.11
N ASP A 80 3.45 -1.65 6.38
CA ASP A 80 3.85 -1.71 4.98
C ASP A 80 2.78 -1.10 4.09
N VAL A 81 1.55 -1.52 4.28
CA VAL A 81 0.45 -0.99 3.49
C VAL A 81 0.29 0.49 3.76
N TRP A 82 0.54 0.90 5.01
CA TRP A 82 0.50 2.30 5.33
C TRP A 82 1.74 2.96 4.78
N LEU A 83 2.79 2.16 4.62
CA LEU A 83 4.02 2.63 4.00
C LEU A 83 3.68 3.04 2.59
N MET A 84 2.71 2.34 2.03
CA MET A 84 2.22 2.59 0.68
C MET A 84 1.47 3.92 0.62
N PHE A 85 0.33 4.04 1.33
CA PHE A 85 -0.39 5.32 1.29
C PHE A 85 0.58 6.43 1.70
N ASN A 86 1.60 6.05 2.47
CA ASN A 86 2.60 7.00 2.95
C ASN A 86 3.36 7.63 1.79
N ASN A 87 3.93 6.80 0.91
CA ASN A 87 4.66 7.34 -0.24
C ASN A 87 3.76 8.33 -0.96
N ALA A 88 2.54 7.92 -1.25
CA ALA A 88 1.62 8.77 -1.98
C ALA A 88 1.34 10.06 -1.24
N TRP A 89 1.54 10.01 0.06
CA TRP A 89 1.26 11.11 0.95
C TRP A 89 2.41 12.13 1.03
N LEU A 90 3.59 11.70 1.45
CA LEU A 90 4.71 12.61 1.57
C LEU A 90 5.45 12.78 0.24
N TYR A 91 5.00 12.04 -0.77
CA TYR A 91 5.57 12.11 -2.12
C TYR A 91 4.79 13.11 -2.97
N ASN A 92 3.50 12.85 -3.12
CA ASN A 92 2.64 13.72 -3.92
C ASN A 92 2.22 14.94 -3.12
N ARG A 93 2.88 15.13 -1.98
CA ARG A 93 2.61 16.25 -1.09
C ARG A 93 1.14 16.27 -0.68
N LYS A 94 0.28 16.81 -1.54
CA LYS A 94 -1.14 16.88 -1.25
C LYS A 94 -1.96 17.19 -2.50
N THR A 95 -1.56 18.22 -3.25
CA THR A 95 -2.30 18.60 -4.44
C THR A 95 -1.96 17.72 -5.63
N SER A 96 -2.69 16.62 -5.76
CA SER A 96 -2.50 15.68 -6.86
C SER A 96 -3.71 14.75 -7.00
N ARG A 97 -3.68 13.87 -7.99
CA ARG A 97 -4.78 12.93 -8.21
C ARG A 97 -4.63 11.73 -7.27
N VAL A 98 -3.43 11.18 -7.23
CA VAL A 98 -3.17 10.06 -6.36
C VAL A 98 -3.46 10.43 -4.91
N TYR A 99 -3.60 11.73 -4.66
CA TYR A 99 -3.93 12.23 -3.33
C TYR A 99 -5.24 11.60 -2.89
N LYS A 100 -6.21 11.62 -3.80
CA LYS A 100 -7.51 11.04 -3.55
C LYS A 100 -7.37 9.54 -3.40
N PHE A 101 -6.54 9.00 -4.27
CA PHE A 101 -6.30 7.57 -4.30
C PHE A 101 -5.73 7.02 -2.99
N CYS A 102 -4.75 7.70 -2.41
CA CYS A 102 -4.14 7.25 -1.16
C CYS A 102 -5.06 7.45 0.03
N SER A 103 -5.74 8.59 0.06
CA SER A 103 -6.65 8.91 1.15
C SER A 103 -7.64 7.78 1.42
N LYS A 104 -8.35 7.36 0.37
CA LYS A 104 -9.32 6.29 0.51
C LYS A 104 -8.65 4.97 0.87
N LEU A 105 -7.52 4.65 0.25
CA LEU A 105 -6.86 3.40 0.58
C LEU A 105 -6.65 3.25 2.06
N ALA A 106 -6.07 4.28 2.66
CA ALA A 106 -5.83 4.27 4.09
C ALA A 106 -7.15 4.24 4.82
N GLU A 107 -8.18 4.74 4.15
CA GLU A 107 -9.53 4.77 4.70
C GLU A 107 -10.11 3.36 4.78
N VAL A 108 -10.39 2.80 3.62
CA VAL A 108 -10.92 1.46 3.52
C VAL A 108 -10.05 0.54 4.33
N PHE A 109 -8.74 0.68 4.17
CA PHE A 109 -7.82 -0.16 4.90
C PHE A 109 -7.92 0.06 6.40
N GLU A 110 -7.98 1.31 6.85
CA GLU A 110 -8.08 1.57 8.27
C GLU A 110 -9.42 1.02 8.75
N GLN A 111 -10.25 0.70 7.78
CA GLN A 111 -11.57 0.14 8.03
C GLN A 111 -11.53 -1.39 7.89
N GLU A 112 -10.47 -1.88 7.26
CA GLU A 112 -10.27 -3.31 7.06
C GLU A 112 -9.34 -3.88 8.12
N ILE A 113 -8.36 -3.06 8.48
CA ILE A 113 -7.36 -3.42 9.48
C ILE A 113 -7.92 -3.29 10.89
N ASP A 114 -9.17 -2.84 11.00
CA ASP A 114 -9.77 -2.72 12.31
C ASP A 114 -10.15 -4.12 12.75
N PRO A 115 -10.96 -4.84 11.95
CA PRO A 115 -11.31 -6.22 12.26
C PRO A 115 -10.04 -7.05 12.33
N VAL A 116 -9.00 -6.56 11.64
CA VAL A 116 -7.71 -7.23 11.64
C VAL A 116 -6.96 -6.96 12.92
N MET A 117 -6.49 -5.74 13.08
CA MET A 117 -5.69 -5.38 14.24
C MET A 117 -6.33 -5.83 15.56
N GLN A 118 -7.62 -6.14 15.52
CA GLN A 118 -8.32 -6.60 16.71
C GLN A 118 -8.28 -8.13 16.81
N SER A 119 -8.40 -8.82 15.68
CA SER A 119 -8.37 -10.28 15.67
C SER A 119 -7.00 -10.80 15.22
N LEU A 120 -6.10 -9.86 15.00
CA LEU A 120 -4.75 -10.15 14.54
C LEU A 120 -3.70 -9.70 15.52
N GLY A 121 -4.00 -8.64 16.26
CA GLY A 121 -3.08 -8.12 17.25
C GLY A 121 -3.76 -7.68 18.52
N GLY B 1 18.06 14.02 -15.29
CA GLY B 1 18.22 12.57 -14.96
C GLY B 1 18.47 11.72 -16.19
N GLY B 2 17.53 10.83 -16.50
CA GLY B 2 17.66 9.97 -17.65
C GLY B 2 16.53 8.97 -17.76
N ALA B 3 16.63 7.90 -16.97
CA ALA B 3 15.60 6.86 -16.99
C ALA B 3 14.67 7.00 -15.80
N LYS B 4 14.71 8.16 -15.15
CA LYS B 4 13.86 8.43 -13.99
C LYS B 4 12.64 9.25 -14.38
N ARG B 5 11.47 8.64 -14.30
CA ARG B 5 10.22 9.32 -14.63
C ARG B 5 9.10 8.87 -13.69
N HIS B 6 9.07 9.47 -12.50
CA HIS B 6 8.09 9.14 -11.49
C HIS B 6 7.06 10.28 -11.33
N ARG B 7 6.16 10.14 -10.35
CA ARG B 7 5.10 11.13 -10.04
C ARG B 7 3.79 10.42 -9.76
OH ALY B 8 2.77 8.51 -6.49
CH ALY B 8 2.38 7.42 -6.07
CH3 ALY B 8 2.58 7.10 -4.59
NZ ALY B 8 1.77 6.53 -6.85
CE ALY B 8 2.18 6.22 -8.21
CD ALY B 8 2.09 7.44 -9.11
CG ALY B 8 0.88 8.31 -8.76
CB ALY B 8 1.01 9.71 -9.32
CA ALY B 8 1.61 9.73 -10.73
N ALY B 8 2.91 10.40 -10.78
C ALY B 8 0.63 10.35 -11.71
O ALY B 8 -0.59 10.29 -11.52
HH31 ALY B 8 3.24 7.82 -4.15
HH32 ALY B 8 1.62 7.13 -4.09
HH33 ALY B 8 3.00 6.11 -4.49
HZ ALY B 8 1.00 6.03 -6.49
HE3 ALY B 8 3.20 5.88 -8.21
HE2 ALY B 8 1.55 5.45 -8.62
HD3 ALY B 8 2.99 8.03 -9.01
HD2 ALY B 8 1.98 7.11 -10.13
HG3 ALY B 8 -0.01 7.85 -9.16
HG2 ALY B 8 0.81 8.38 -7.67
HB3 ALY B 8 0.03 10.14 -9.36
HB2 ALY B 8 1.62 10.31 -8.66
HA ALY B 8 1.78 8.71 -11.05
H ALY B 8 3.17 10.86 -11.61
N VAL B 9 1.16 10.95 -12.78
CA VAL B 9 0.32 11.54 -13.80
C VAL B 9 -0.31 10.42 -14.63
N LEU B 10 0.29 9.24 -14.49
CA LEU B 10 -0.17 8.04 -15.18
C LEU B 10 -0.33 8.26 -16.68
N ARG B 11 0.51 9.13 -17.24
CA ARG B 11 0.47 9.44 -18.67
C ARG B 11 -0.91 9.95 -19.08
N ASP B 12 -1.06 11.27 -19.10
CA ASP B 12 -2.32 11.89 -19.49
C ASP B 12 -2.13 12.80 -20.69
N ASN B 13 -0.87 13.11 -20.99
CA ASN B 13 -0.53 13.98 -22.11
C ASN B 13 -0.63 13.23 -23.43
N ILE B 14 -1.83 13.22 -24.01
CA ILE B 14 -2.06 12.53 -25.28
C ILE B 14 -2.40 13.52 -26.39
N GLN B 15 -1.69 13.41 -27.52
CA GLN B 15 -1.91 14.29 -28.66
C GLN B 15 -1.76 15.75 -28.25
N GLY A 1 9.69 -18.15 20.68
CA GLY A 1 9.40 -16.73 21.00
C GLY A 1 8.43 -16.09 20.02
N SER A 2 8.12 -16.82 18.95
CA SER A 2 7.20 -16.33 17.92
C SER A 2 7.56 -14.91 17.50
N HIS A 3 8.86 -14.62 17.47
CA HIS A 3 9.35 -13.30 17.08
C HIS A 3 8.81 -12.22 18.00
N MET A 4 7.62 -11.70 17.69
CA MET A 4 6.99 -10.66 18.50
C MET A 4 6.18 -11.28 19.64
N ARG A 5 6.25 -10.65 20.81
CA ARG A 5 5.54 -11.12 21.98
C ARG A 5 4.14 -10.51 22.05
N LYS A 6 3.18 -11.18 21.41
CA LYS A 6 1.80 -10.72 21.40
C LYS A 6 0.84 -11.90 21.30
N LYS A 7 0.57 -12.30 20.06
CA LYS A 7 -0.31 -13.41 19.76
C LYS A 7 0.40 -14.32 18.76
N ILE A 8 0.58 -13.81 17.56
CA ILE A 8 1.30 -14.52 16.51
C ILE A 8 0.64 -15.84 16.13
N PHE A 9 0.04 -15.83 14.96
CA PHE A 9 -0.67 -16.98 14.44
C PHE A 9 0.12 -17.54 13.28
N LYS A 10 -0.54 -18.38 12.50
CA LYS A 10 0.08 -18.92 11.31
C LYS A 10 0.15 -17.79 10.28
N PRO A 11 1.23 -17.70 9.50
CA PRO A 11 1.35 -16.63 8.50
C PRO A 11 0.12 -16.57 7.61
N GLU A 12 -0.64 -17.67 7.58
CA GLU A 12 -1.86 -17.76 6.80
C GLU A 12 -3.01 -17.06 7.51
N GLU A 13 -3.03 -17.17 8.85
CA GLU A 13 -4.06 -16.54 9.66
C GLU A 13 -4.14 -15.07 9.34
N LEU A 14 -2.97 -14.47 9.38
CA LEU A 14 -2.81 -13.07 9.13
C LEU A 14 -3.27 -12.78 7.73
N ARG A 15 -2.70 -13.50 6.80
CA ARG A 15 -3.04 -13.38 5.41
C ARG A 15 -4.57 -13.39 5.28
N GLN A 16 -5.23 -14.11 6.18
CA GLN A 16 -6.68 -14.23 6.15
C GLN A 16 -7.38 -12.96 6.63
N ALA A 17 -6.79 -12.25 7.57
CA ALA A 17 -7.39 -11.01 8.04
C ALA A 17 -6.87 -9.83 7.20
N LEU A 18 -5.55 -9.77 7.11
CA LEU A 18 -4.85 -8.74 6.35
C LEU A 18 -5.31 -8.66 4.91
N MET A 19 -5.02 -9.69 4.14
CA MET A 19 -5.41 -9.72 2.74
C MET A 19 -6.75 -9.06 2.52
N PRO A 20 -7.82 -9.50 3.19
CA PRO A 20 -9.13 -8.88 3.04
C PRO A 20 -8.99 -7.37 3.07
N THR A 21 -8.15 -6.89 3.98
CA THR A 21 -7.86 -5.47 4.06
C THR A 21 -7.25 -5.01 2.74
N LEU A 22 -6.12 -5.61 2.37
CA LEU A 22 -5.42 -5.33 1.11
C LEU A 22 -6.38 -5.46 -0.06
N GLU A 23 -7.48 -6.15 0.18
CA GLU A 23 -8.48 -6.39 -0.84
C GLU A 23 -9.52 -5.27 -0.91
N ALA A 24 -9.82 -4.64 0.23
CA ALA A 24 -10.76 -3.51 0.21
C ALA A 24 -10.12 -2.40 -0.56
N LEU A 25 -8.80 -2.44 -0.56
CA LEU A 25 -8.00 -1.48 -1.28
C LEU A 25 -7.92 -1.91 -2.74
N TYR A 26 -7.64 -3.19 -2.95
CA TYR A 26 -7.54 -3.73 -4.29
C TYR A 26 -8.83 -3.45 -5.02
N ARG A 27 -9.91 -3.38 -4.24
CA ARG A 27 -11.23 -3.12 -4.77
C ARG A 27 -11.34 -1.65 -5.16
N GLN A 28 -10.50 -0.83 -4.54
CA GLN A 28 -10.43 0.60 -4.84
C GLN A 28 -9.40 0.83 -5.94
N ASP A 29 -9.29 -0.17 -6.83
CA ASP A 29 -8.33 -0.18 -7.94
C ASP A 29 -7.79 1.20 -8.37
N PRO A 30 -8.60 2.10 -8.96
CA PRO A 30 -8.08 3.40 -9.44
C PRO A 30 -7.30 4.13 -8.36
N GLU A 31 -7.44 3.63 -7.14
CA GLU A 31 -6.78 4.19 -5.98
C GLU A 31 -5.68 3.26 -5.46
N SER A 32 -5.96 1.96 -5.44
CA SER A 32 -5.00 0.99 -4.92
C SER A 32 -4.19 0.33 -6.00
N LEU A 33 -4.86 0.04 -7.11
CA LEU A 33 -4.22 -0.60 -8.21
C LEU A 33 -2.99 0.18 -8.73
N PRO A 34 -2.93 1.53 -8.62
CA PRO A 34 -1.73 2.27 -9.03
C PRO A 34 -0.55 1.93 -8.10
N PHE A 35 -0.82 1.12 -7.07
CA PHE A 35 0.23 0.72 -6.11
C PHE A 35 0.57 -0.74 -6.26
N ARG A 36 -0.42 -1.57 -6.61
CA ARG A 36 -0.19 -3.00 -6.76
C ARG A 36 1.17 -3.24 -7.39
N GLN A 37 1.21 -3.23 -8.71
CA GLN A 37 2.45 -3.41 -9.44
C GLN A 37 3.52 -2.46 -8.90
N PRO A 38 4.79 -2.88 -8.90
CA PRO A 38 5.88 -2.03 -8.38
C PRO A 38 5.79 -0.59 -8.88
N VAL A 39 5.47 0.33 -7.97
CA VAL A 39 5.36 1.75 -8.32
C VAL A 39 6.58 2.19 -9.11
N ASP A 40 6.42 2.16 -10.43
CA ASP A 40 7.50 2.55 -11.34
C ASP A 40 7.50 4.05 -11.58
N PRO A 41 8.47 4.79 -11.02
CA PRO A 41 8.57 6.23 -11.22
C PRO A 41 8.69 6.62 -12.69
N GLN A 42 8.56 5.63 -13.58
CA GLN A 42 8.63 5.86 -15.02
C GLN A 42 7.26 6.20 -15.57
N LEU A 43 6.27 5.35 -15.27
CA LEU A 43 4.90 5.60 -15.71
C LEU A 43 4.41 6.88 -15.06
N LEU A 44 5.02 7.16 -13.92
CA LEU A 44 4.70 8.33 -13.12
C LEU A 44 5.62 9.49 -13.48
N GLY A 45 6.84 9.16 -13.88
CA GLY A 45 7.80 10.18 -14.26
C GLY A 45 8.15 11.12 -13.13
N ILE A 46 8.68 10.56 -12.04
CA ILE A 46 9.06 11.36 -10.89
C ILE A 46 10.36 10.82 -10.24
N PRO A 47 11.52 11.18 -10.81
CA PRO A 47 12.82 10.74 -10.29
C PRO A 47 12.94 10.99 -8.78
N ASP A 48 12.11 11.89 -8.29
CA ASP A 48 12.10 12.24 -6.86
C ASP A 48 11.83 11.03 -5.98
N TYR A 49 11.44 9.90 -6.57
CA TYR A 49 11.18 8.71 -5.79
C TYR A 49 12.42 8.25 -5.06
N PHE A 50 12.21 7.64 -3.90
CA PHE A 50 13.31 7.17 -3.05
C PHE A 50 14.15 8.34 -2.57
N ASP A 51 13.65 9.55 -2.82
CA ASP A 51 14.32 10.78 -2.40
C ASP A 51 13.39 11.52 -1.46
N ILE A 52 12.33 10.83 -1.10
CA ILE A 52 11.30 11.38 -0.25
C ILE A 52 10.72 10.31 0.66
N VAL A 53 10.11 9.31 0.03
CA VAL A 53 9.47 8.22 0.74
C VAL A 53 10.50 7.29 1.39
N LYS A 54 11.59 7.03 0.66
CA LYS A 54 12.67 6.17 1.13
C LYS A 54 12.23 4.71 1.11
N ASN A 55 10.94 4.48 1.30
CA ASN A 55 10.38 3.14 1.31
C ASN A 55 9.06 3.14 0.55
N PRO A 56 9.13 2.86 -0.76
CA PRO A 56 7.97 2.82 -1.65
C PRO A 56 6.89 1.87 -1.17
N MET A 57 7.27 0.61 -0.95
CA MET A 57 6.32 -0.42 -0.51
C MET A 57 5.11 -0.45 -1.44
N ASP A 58 5.16 -1.30 -2.44
CA ASP A 58 4.08 -1.40 -3.41
C ASP A 58 3.08 -2.49 -3.01
N LEU A 59 1.81 -2.23 -3.23
CA LEU A 59 0.74 -3.18 -2.91
C LEU A 59 1.07 -4.57 -3.45
N SER A 60 1.99 -4.65 -4.41
CA SER A 60 2.39 -5.95 -4.95
C SER A 60 3.24 -6.66 -3.91
N THR A 61 4.28 -5.97 -3.45
CA THR A 61 5.14 -6.50 -2.41
C THR A 61 4.26 -6.76 -1.20
N ILE A 62 3.51 -5.75 -0.81
CA ILE A 62 2.59 -5.84 0.31
C ILE A 62 1.73 -7.10 0.18
N LYS A 63 0.79 -7.02 -0.75
CA LYS A 63 -0.11 -8.12 -1.04
C LYS A 63 0.66 -9.44 -1.07
N ARG A 64 1.90 -9.42 -1.55
CA ARG A 64 2.71 -10.64 -1.61
C ARG A 64 3.16 -11.06 -0.21
N LYS A 65 4.07 -10.30 0.39
CA LYS A 65 4.56 -10.57 1.74
C LYS A 65 3.47 -11.27 2.51
N LEU A 66 2.34 -10.60 2.59
CA LEU A 66 1.17 -11.09 3.27
C LEU A 66 0.64 -12.40 2.67
N ASP A 67 0.22 -12.36 1.41
CA ASP A 67 -0.28 -13.57 0.73
C ASP A 67 0.71 -14.71 0.90
N THR A 68 1.87 -14.40 1.42
CA THR A 68 2.93 -15.38 1.58
C THR A 68 3.38 -15.51 3.04
N GLY A 69 2.98 -14.55 3.86
CA GLY A 69 3.36 -14.59 5.27
C GLY A 69 4.80 -14.20 5.50
N GLN A 70 5.18 -13.02 5.03
CA GLN A 70 6.54 -12.52 5.17
C GLN A 70 6.66 -11.54 6.33
N TYR A 71 6.00 -11.85 7.44
CA TYR A 71 6.04 -10.98 8.61
C TYR A 71 5.80 -11.73 9.93
N GLN A 72 4.90 -12.73 9.91
CA GLN A 72 4.56 -13.52 11.09
C GLN A 72 3.83 -12.65 12.11
N GLU A 73 3.62 -11.40 11.74
CA GLU A 73 2.94 -10.44 12.57
C GLU A 73 2.18 -9.45 11.70
N PRO A 74 0.88 -9.26 11.94
CA PRO A 74 0.04 -8.36 11.13
C PRO A 74 0.52 -6.90 11.09
N TRP A 75 1.00 -6.36 12.22
CA TRP A 75 1.47 -4.97 12.27
C TRP A 75 2.41 -4.66 11.12
N GLN A 76 3.47 -5.48 10.99
CA GLN A 76 4.45 -5.29 9.93
C GLN A 76 3.77 -5.02 8.59
N TYR A 77 2.76 -5.81 8.27
CA TYR A 77 2.05 -5.64 7.01
C TYR A 77 1.39 -4.28 6.98
N VAL A 78 0.90 -3.86 8.14
CA VAL A 78 0.24 -2.57 8.27
C VAL A 78 1.21 -1.44 8.01
N ASP A 79 2.31 -1.45 8.73
CA ASP A 79 3.34 -0.44 8.56
C ASP A 79 3.77 -0.37 7.11
N ASP A 80 3.54 -1.45 6.37
CA ASP A 80 3.94 -1.50 4.97
C ASP A 80 2.85 -0.90 4.08
N VAL A 81 1.62 -1.33 4.30
CA VAL A 81 0.51 -0.82 3.52
C VAL A 81 0.34 0.67 3.79
N TRP A 82 0.60 1.08 5.02
CA TRP A 82 0.53 2.48 5.36
C TRP A 82 1.73 3.17 4.79
N LEU A 83 2.81 2.41 4.61
CA LEU A 83 4.00 2.93 3.98
C LEU A 83 3.62 3.39 2.59
N MET A 84 2.72 2.62 1.98
CA MET A 84 2.20 2.90 0.66
C MET A 84 1.38 4.19 0.63
N PHE A 85 0.24 4.26 1.33
CA PHE A 85 -0.55 5.49 1.33
C PHE A 85 0.36 6.67 1.72
N ASN A 86 1.33 6.38 2.59
CA ASN A 86 2.28 7.39 3.05
C ASN A 86 3.04 8.02 1.89
N ASN A 87 3.67 7.18 1.05
CA ASN A 87 4.42 7.71 -0.09
C ASN A 87 3.53 8.63 -0.90
N ALA A 88 2.28 8.27 -1.07
CA ALA A 88 1.36 9.08 -1.86
C ALA A 88 1.15 10.44 -1.22
N TRP A 89 1.29 10.45 0.09
CA TRP A 89 1.03 11.62 0.92
C TRP A 89 2.22 12.56 1.08
N LEU A 90 3.31 12.07 1.66
CA LEU A 90 4.47 12.90 1.89
C LEU A 90 5.28 13.10 0.62
N TYR A 91 4.86 12.40 -0.45
CA TYR A 91 5.52 12.51 -1.73
C TYR A 91 4.85 13.52 -2.64
N ASN A 92 3.58 13.27 -2.98
CA ASN A 92 2.89 14.14 -3.90
C ASN A 92 2.48 15.44 -3.20
N ARG A 93 2.78 15.53 -1.92
CA ARG A 93 2.45 16.70 -1.11
C ARG A 93 0.96 16.72 -0.73
N LYS A 94 0.14 17.53 -1.41
CA LYS A 94 -1.26 17.60 -1.08
C LYS A 94 -2.04 18.55 -1.97
N THR A 95 -3.22 18.06 -2.38
CA THR A 95 -4.23 18.78 -3.20
C THR A 95 -4.41 18.28 -4.62
N SER A 96 -4.24 16.99 -4.87
CA SER A 96 -4.48 16.48 -6.23
C SER A 96 -5.08 15.05 -6.29
N ARG A 97 -5.06 14.49 -7.51
CA ARG A 97 -5.65 13.17 -7.82
C ARG A 97 -5.12 11.99 -7.00
N VAL A 98 -3.88 11.57 -7.25
CA VAL A 98 -3.30 10.42 -6.55
C VAL A 98 -3.45 10.53 -5.03
N TYR A 99 -3.82 11.71 -4.57
CA TYR A 99 -3.98 11.94 -3.15
C TYR A 99 -5.33 11.42 -2.69
N LYS A 100 -6.30 11.49 -3.60
CA LYS A 100 -7.62 10.96 -3.32
C LYS A 100 -7.54 9.45 -3.28
N PHE A 101 -6.66 8.92 -4.15
CA PHE A 101 -6.45 7.49 -4.22
C PHE A 101 -5.92 6.93 -2.91
N CYS A 102 -4.93 7.60 -2.33
CA CYS A 102 -4.36 7.14 -1.07
C CYS A 102 -5.32 7.38 0.09
N SER A 103 -6.05 8.50 0.02
CA SER A 103 -7.00 8.86 1.06
C SER A 103 -7.93 7.70 1.36
N LYS A 104 -8.55 7.15 0.32
CA LYS A 104 -9.47 6.03 0.49
C LYS A 104 -8.75 4.80 0.97
N LEU A 105 -7.69 4.41 0.27
CA LEU A 105 -6.94 3.23 0.64
C LEU A 105 -6.70 3.17 2.14
N ALA A 106 -6.18 4.25 2.69
CA ALA A 106 -5.89 4.31 4.11
C ALA A 106 -7.20 4.30 4.90
N GLU A 107 -8.25 4.78 4.27
CA GLU A 107 -9.57 4.82 4.88
C GLU A 107 -10.15 3.41 5.01
N VAL A 108 -10.49 2.81 3.88
CA VAL A 108 -11.01 1.45 3.89
C VAL A 108 -10.06 0.58 4.65
N PHE A 109 -8.77 0.70 4.37
CA PHE A 109 -7.79 -0.11 5.07
C PHE A 109 -7.86 0.10 6.57
N GLU A 110 -7.90 1.36 7.02
CA GLU A 110 -7.99 1.63 8.44
C GLU A 110 -9.31 1.07 8.95
N GLN A 111 -10.18 0.80 7.99
CA GLN A 111 -11.50 0.26 8.23
C GLN A 111 -11.50 -1.26 8.06
N GLU A 112 -10.41 -1.77 7.47
CA GLU A 112 -10.23 -3.19 7.22
C GLU A 112 -9.28 -3.79 8.24
N ILE A 113 -8.30 -2.99 8.62
CA ILE A 113 -7.30 -3.39 9.59
C ILE A 113 -7.86 -3.30 11.00
N ASP A 114 -9.12 -2.88 11.11
CA ASP A 114 -9.75 -2.81 12.41
C ASP A 114 -10.12 -4.23 12.81
N PRO A 115 -10.95 -4.91 11.99
CA PRO A 115 -11.30 -6.30 12.25
C PRO A 115 -10.02 -7.14 12.32
N VAL A 116 -8.97 -6.60 11.69
CA VAL A 116 -7.67 -7.27 11.68
C VAL A 116 -6.93 -7.02 12.96
N MET A 117 -6.48 -5.80 13.16
CA MET A 117 -5.70 -5.45 14.34
C MET A 117 -6.37 -5.92 15.63
N GLN A 118 -7.65 -6.31 15.53
CA GLN A 118 -8.38 -6.80 16.69
C GLN A 118 -8.33 -8.33 16.76
N SER A 119 -8.45 -9.00 15.61
CA SER A 119 -8.40 -10.46 15.57
C SER A 119 -7.02 -10.94 15.14
N LEU A 120 -6.12 -9.98 14.96
CA LEU A 120 -4.75 -10.24 14.54
C LEU A 120 -3.77 -9.73 15.59
N GLY A 121 -4.13 -8.63 16.23
CA GLY A 121 -3.29 -8.06 17.26
C GLY A 121 -4.07 -7.68 18.51
N GLY B 1 3.21 14.39 -27.16
CA GLY B 1 4.45 13.76 -27.69
C GLY B 1 5.70 14.61 -27.46
N GLY B 2 5.48 15.82 -26.94
CA GLY B 2 6.59 16.71 -26.67
C GLY B 2 7.08 16.62 -25.24
N ALA B 3 6.27 17.12 -24.31
CA ALA B 3 6.61 17.09 -22.89
C ALA B 3 5.45 16.60 -22.05
N LYS B 4 5.67 15.53 -21.31
CA LYS B 4 4.64 14.95 -20.45
C LYS B 4 4.49 15.73 -19.16
N ARG B 5 3.25 15.82 -18.67
CA ARG B 5 2.98 16.55 -17.43
C ARG B 5 2.34 15.61 -16.40
N HIS B 6 1.54 16.18 -15.50
CA HIS B 6 0.87 15.40 -14.46
C HIS B 6 1.89 14.79 -13.51
N ARG B 7 1.40 14.09 -12.49
CA ARG B 7 2.26 13.46 -11.50
C ARG B 7 1.63 12.18 -10.96
OH ALY B 8 3.50 8.32 -4.64
CH ALY B 8 2.71 7.60 -5.23
CH3 ALY B 8 1.20 7.81 -5.01
NZ ALY B 8 3.10 6.61 -6.02
CE ALY B 8 2.84 6.56 -7.47
CD ALY B 8 2.90 7.95 -8.11
CG ALY B 8 1.53 8.55 -8.28
CB ALY B 8 1.58 9.91 -8.97
CA ALY B 8 1.94 9.81 -10.46
N ALY B 8 2.41 11.11 -10.95
C ALY B 8 0.75 9.31 -11.28
O ALY B 8 0.90 9.01 -12.46
HH31 ALY B 8 0.66 7.48 -5.89
HH32 ALY B 8 0.88 7.24 -4.15
HH33 ALY B 8 1.01 8.86 -4.84
HZ ALY B 8 3.57 5.85 -5.62
HE3 ALY B 8 3.58 5.93 -7.93
HE2 ALY B 8 1.86 6.15 -7.63
HD3 ALY B 8 3.50 8.60 -7.48
HD2 ALY B 8 3.37 7.86 -9.08
HG3 ALY B 8 0.92 7.88 -8.87
HG2 ALY B 8 1.08 8.69 -7.30
HB3 ALY B 8 0.62 10.38 -8.87
HB2 ALY B 8 2.32 10.51 -8.47
HA ALY B 8 2.76 9.11 -10.58
H ALY B 8 3.32 11.18 -11.29
N VAL B 9 -0.42 9.23 -10.65
CA VAL B 9 -1.65 8.76 -11.31
C VAL B 9 -1.37 7.60 -12.26
N LEU B 10 -0.38 6.78 -11.91
CA LEU B 10 0.00 5.63 -12.72
C LEU B 10 0.33 6.04 -14.15
N ARG B 11 -0.68 5.99 -15.02
CA ARG B 11 -0.49 6.35 -16.42
C ARG B 11 -1.67 7.18 -16.94
N ASP B 12 -1.38 8.12 -17.83
CA ASP B 12 -2.41 8.98 -18.40
C ASP B 12 -3.29 8.21 -19.38
N ASN B 13 -4.59 8.19 -19.12
CA ASN B 13 -5.53 7.48 -19.97
C ASN B 13 -6.94 8.06 -19.82
N ILE B 14 -7.87 7.61 -20.67
CA ILE B 14 -9.24 8.08 -20.62
C ILE B 14 -10.06 7.30 -19.60
N GLN B 15 -10.14 5.99 -19.79
CA GLN B 15 -10.90 5.13 -18.89
C GLN B 15 -10.05 4.72 -17.68
N GLY A 1 12.72 -11.74 15.37
CA GLY A 1 11.82 -10.91 14.51
C GLY A 1 10.68 -11.72 13.92
N SER A 2 10.62 -13.00 14.29
CA SER A 2 9.57 -13.88 13.80
C SER A 2 8.49 -14.09 14.85
N HIS A 3 8.46 -13.18 15.84
CA HIS A 3 7.48 -13.25 16.92
C HIS A 3 7.70 -12.12 17.91
N MET A 4 6.82 -11.12 17.88
CA MET A 4 6.92 -9.98 18.79
C MET A 4 6.65 -10.42 20.24
N ARG A 5 5.52 -10.01 20.79
CA ARG A 5 5.17 -10.37 22.17
C ARG A 5 3.65 -10.42 22.35
N LYS A 6 2.93 -9.99 21.32
CA LYS A 6 1.47 -9.97 21.37
C LYS A 6 0.91 -11.38 21.14
N LYS A 7 0.01 -11.48 20.17
CA LYS A 7 -0.62 -12.75 19.84
C LYS A 7 0.26 -13.54 18.88
N ILE A 8 0.37 -13.08 17.63
CA ILE A 8 1.20 -13.76 16.63
C ILE A 8 0.72 -15.17 16.33
N PHE A 9 0.25 -15.38 15.11
CA PHE A 9 -0.29 -16.64 14.67
C PHE A 9 0.53 -17.17 13.50
N LYS A 10 -0.10 -18.01 12.69
CA LYS A 10 0.52 -18.54 11.50
C LYS A 10 0.38 -17.50 10.39
N PRO A 11 1.35 -17.39 9.48
CA PRO A 11 1.30 -16.40 8.40
C PRO A 11 -0.02 -16.48 7.62
N GLU A 12 -0.68 -17.64 7.69
CA GLU A 12 -1.94 -17.83 6.99
C GLU A 12 -3.10 -17.20 7.78
N GLU A 13 -3.00 -17.26 9.10
CA GLU A 13 -4.00 -16.68 9.97
C GLU A 13 -4.16 -15.22 9.64
N LEU A 14 -3.04 -14.54 9.73
CA LEU A 14 -2.97 -13.14 9.46
C LEU A 14 -3.57 -12.88 8.11
N ARG A 15 -2.99 -13.47 7.09
CA ARG A 15 -3.49 -13.32 5.72
C ARG A 15 -5.00 -13.34 5.69
N GLN A 16 -5.57 -14.24 6.49
CA GLN A 16 -7.00 -14.39 6.52
C GLN A 16 -7.68 -13.10 6.90
N ALA A 17 -7.06 -12.37 7.81
CA ALA A 17 -7.57 -11.07 8.21
C ALA A 17 -7.01 -9.96 7.29
N LEU A 18 -5.68 -9.94 7.20
CA LEU A 18 -4.92 -8.98 6.40
C LEU A 18 -5.37 -8.91 4.96
N MET A 19 -5.12 -9.96 4.20
CA MET A 19 -5.47 -9.98 2.79
C MET A 19 -6.80 -9.28 2.55
N PRO A 20 -7.88 -9.71 3.23
CA PRO A 20 -9.18 -9.08 3.09
C PRO A 20 -9.05 -7.57 3.10
N THR A 21 -8.22 -7.07 4.02
CA THR A 21 -7.97 -5.65 4.10
C THR A 21 -7.41 -5.13 2.76
N LEU A 22 -6.32 -5.76 2.32
CA LEU A 22 -5.70 -5.42 1.04
C LEU A 22 -6.71 -5.49 -0.07
N GLU A 23 -7.69 -6.37 0.13
CA GLU A 23 -8.73 -6.58 -0.84
C GLU A 23 -9.66 -5.37 -0.91
N ALA A 24 -10.06 -4.82 0.24
CA ALA A 24 -10.93 -3.66 0.24
C ALA A 24 -10.33 -2.57 -0.59
N LEU A 25 -9.02 -2.43 -0.48
CA LEU A 25 -8.29 -1.45 -1.26
C LEU A 25 -8.27 -1.88 -2.71
N TYR A 26 -8.33 -3.19 -2.91
CA TYR A 26 -8.33 -3.76 -4.23
C TYR A 26 -9.70 -3.57 -4.88
N ARG A 27 -10.71 -3.29 -4.05
CA ARG A 27 -12.06 -3.06 -4.53
C ARG A 27 -12.23 -1.60 -4.87
N GLN A 28 -11.41 -0.77 -4.22
CA GLN A 28 -11.50 0.66 -4.44
C GLN A 28 -10.90 1.00 -5.82
N ASP A 29 -10.55 -0.07 -6.52
CA ASP A 29 -9.94 -0.07 -7.86
C ASP A 29 -9.18 1.19 -8.30
N PRO A 30 -9.83 2.24 -8.85
CA PRO A 30 -9.09 3.40 -9.38
C PRO A 30 -8.03 3.99 -8.44
N GLU A 31 -7.97 3.51 -7.22
CA GLU A 31 -7.00 4.02 -6.25
C GLU A 31 -5.85 3.07 -5.98
N SER A 32 -6.08 1.79 -6.21
CA SER A 32 -5.07 0.78 -5.93
C SER A 32 -4.22 0.42 -7.15
N LEU A 33 -4.81 0.26 -8.35
CA LEU A 33 -4.01 -0.09 -9.54
C LEU A 33 -2.58 0.45 -9.46
N PRO A 34 -2.42 1.78 -9.21
CA PRO A 34 -1.10 2.42 -9.07
C PRO A 34 -0.16 1.63 -8.17
N PHE A 35 -0.71 1.06 -7.09
CA PHE A 35 0.08 0.26 -6.16
C PHE A 35 -0.05 -1.23 -6.45
N ARG A 36 -1.28 -1.71 -6.71
CA ARG A 36 -1.52 -3.11 -7.03
C ARG A 36 -0.37 -3.62 -7.89
N GLN A 37 0.14 -2.71 -8.70
CA GLN A 37 1.27 -2.94 -9.58
C GLN A 37 2.30 -1.85 -9.31
N PRO A 38 3.60 -2.20 -9.20
CA PRO A 38 4.67 -1.24 -8.90
C PRO A 38 4.47 0.12 -9.55
N VAL A 39 4.41 1.17 -8.73
CA VAL A 39 4.25 2.53 -9.22
C VAL A 39 5.38 2.86 -10.17
N ASP A 40 6.59 2.62 -9.71
CA ASP A 40 7.79 2.83 -10.50
C ASP A 40 7.94 4.29 -10.92
N PRO A 41 9.16 4.85 -10.75
CA PRO A 41 9.43 6.23 -11.12
C PRO A 41 9.71 6.34 -12.62
N GLN A 42 9.10 5.44 -13.38
CA GLN A 42 9.28 5.41 -14.82
C GLN A 42 7.94 5.37 -15.54
N LEU A 43 7.03 4.49 -15.09
CA LEU A 43 5.71 4.42 -15.72
C LEU A 43 5.12 5.81 -15.75
N LEU A 44 5.47 6.58 -14.72
CA LEU A 44 4.98 7.93 -14.57
C LEU A 44 6.09 8.93 -14.86
N GLY A 45 7.30 8.63 -14.38
CA GLY A 45 8.44 9.50 -14.61
C GLY A 45 8.64 10.54 -13.53
N ILE A 46 9.25 10.12 -12.42
CA ILE A 46 9.52 11.03 -11.30
C ILE A 46 10.76 10.59 -10.54
N PRO A 47 11.96 11.05 -10.97
CA PRO A 47 13.23 10.70 -10.32
C PRO A 47 13.25 10.95 -8.82
N ASP A 48 12.35 11.82 -8.36
CA ASP A 48 12.26 12.16 -6.93
C ASP A 48 11.99 10.93 -6.07
N TYR A 49 11.74 9.78 -6.70
CA TYR A 49 11.47 8.57 -5.96
C TYR A 49 12.68 8.14 -5.16
N PHE A 50 12.43 7.49 -4.03
CA PHE A 50 13.49 7.01 -3.15
C PHE A 50 14.34 8.19 -2.68
N ASP A 51 13.83 9.40 -2.89
CA ASP A 51 14.51 10.62 -2.49
C ASP A 51 13.63 11.36 -1.52
N ILE A 52 12.58 10.67 -1.12
CA ILE A 52 11.59 11.22 -0.23
C ILE A 52 10.99 10.15 0.66
N VAL A 53 10.42 9.15 0.02
CA VAL A 53 9.76 8.07 0.70
C VAL A 53 10.75 7.02 1.23
N LYS A 54 11.77 6.73 0.42
CA LYS A 54 12.79 5.74 0.78
C LYS A 54 12.26 4.33 0.65
N ASN A 55 10.96 4.16 0.90
CA ASN A 55 10.32 2.86 0.82
C ASN A 55 9.03 2.97 0.01
N PRO A 56 9.12 2.60 -1.27
CA PRO A 56 8.00 2.65 -2.22
C PRO A 56 7.05 1.46 -2.08
N MET A 57 6.64 1.15 -0.85
CA MET A 57 5.72 0.05 -0.62
C MET A 57 4.49 0.19 -1.50
N ASP A 58 4.21 -0.81 -2.32
CA ASP A 58 3.05 -0.78 -3.21
C ASP A 58 2.22 -2.04 -3.05
N LEU A 59 0.89 -1.89 -3.12
CA LEU A 59 -0.03 -3.01 -2.98
C LEU A 59 0.48 -4.26 -3.69
N SER A 60 1.33 -4.07 -4.69
CA SER A 60 1.88 -5.21 -5.39
C SER A 60 2.74 -6.01 -4.42
N THR A 61 3.77 -5.36 -3.89
CA THR A 61 4.62 -5.99 -2.90
C THR A 61 3.78 -6.36 -1.69
N ILE A 62 2.97 -5.40 -1.26
CA ILE A 62 2.11 -5.59 -0.10
C ILE A 62 1.26 -6.84 -0.23
N LYS A 63 0.25 -6.79 -1.08
CA LYS A 63 -0.63 -7.94 -1.30
C LYS A 63 0.19 -9.20 -1.55
N ARG A 64 1.47 -9.04 -1.94
CA ARG A 64 2.34 -10.18 -2.18
C ARG A 64 2.90 -10.73 -0.88
N LYS A 65 3.85 -10.00 -0.25
CA LYS A 65 4.44 -10.44 1.02
C LYS A 65 3.39 -11.19 1.81
N LEU A 66 2.25 -10.56 1.95
CA LEU A 66 1.12 -11.15 2.64
C LEU A 66 0.89 -12.56 2.08
N ASP A 67 0.41 -12.60 0.85
CA ASP A 67 0.11 -13.82 0.12
C ASP A 67 1.28 -14.79 0.02
N THR A 68 2.46 -14.34 0.40
CA THR A 68 3.64 -15.18 0.30
C THR A 68 4.17 -15.58 1.67
N GLY A 69 3.68 -14.91 2.71
CA GLY A 69 4.09 -15.22 4.07
C GLY A 69 5.40 -14.59 4.47
N GLN A 70 5.56 -13.31 4.16
CA GLN A 70 6.78 -12.59 4.51
C GLN A 70 6.56 -11.73 5.75
N TYR A 71 6.05 -12.37 6.79
CA TYR A 71 5.77 -11.71 8.05
C TYR A 71 5.45 -12.75 9.11
N GLN A 72 4.89 -12.29 10.22
CA GLN A 72 4.49 -13.16 11.31
C GLN A 72 3.55 -12.42 12.24
N GLU A 73 3.71 -11.10 12.28
CA GLU A 73 2.86 -10.25 13.08
C GLU A 73 2.08 -9.34 12.14
N PRO A 74 0.74 -9.26 12.28
CA PRO A 74 -0.10 -8.44 11.41
C PRO A 74 0.33 -6.98 11.29
N TRP A 75 0.91 -6.40 12.35
CA TRP A 75 1.31 -4.99 12.29
C TRP A 75 2.32 -4.76 11.18
N GLN A 76 3.25 -5.69 11.02
CA GLN A 76 4.27 -5.57 9.98
C GLN A 76 3.63 -5.25 8.63
N TYR A 77 2.62 -6.04 8.26
CA TYR A 77 1.96 -5.84 7.00
C TYR A 77 1.31 -4.46 6.97
N VAL A 78 0.81 -4.04 8.11
CA VAL A 78 0.17 -2.74 8.24
C VAL A 78 1.15 -1.63 7.96
N ASP A 79 2.26 -1.69 8.66
CA ASP A 79 3.32 -0.71 8.51
C ASP A 79 3.71 -0.60 7.03
N ASP A 80 3.44 -1.66 6.28
CA ASP A 80 3.78 -1.66 4.85
C ASP A 80 2.68 -1.00 4.04
N VAL A 81 1.46 -1.46 4.23
CA VAL A 81 0.33 -0.91 3.49
C VAL A 81 0.21 0.59 3.80
N TRP A 82 0.51 0.96 5.03
CA TRP A 82 0.48 2.36 5.41
C TRP A 82 1.72 3.03 4.85
N LEU A 83 2.78 2.25 4.70
CA LEU A 83 4.01 2.76 4.11
C LEU A 83 3.69 3.22 2.70
N MET A 84 2.72 2.54 2.11
CA MET A 84 2.26 2.83 0.77
C MET A 84 1.48 4.14 0.69
N PHE A 85 0.30 4.21 1.34
CA PHE A 85 -0.46 5.47 1.28
C PHE A 85 0.45 6.60 1.76
N ASN A 86 1.43 6.25 2.60
CA ASN A 86 2.37 7.23 3.14
C ASN A 86 3.16 7.90 2.02
N ASN A 87 3.80 7.10 1.16
CA ASN A 87 4.57 7.68 0.06
C ASN A 87 3.69 8.59 -0.75
N ALA A 88 2.50 8.14 -1.10
CA ALA A 88 1.61 8.93 -1.92
C ALA A 88 1.35 10.29 -1.27
N TRP A 89 1.48 10.29 0.04
CA TRP A 89 1.21 11.46 0.86
C TRP A 89 2.38 12.43 1.02
N LEU A 90 3.47 11.98 1.63
CA LEU A 90 4.60 12.87 1.84
C LEU A 90 5.43 13.01 0.57
N TYR A 91 5.05 12.25 -0.44
CA TYR A 91 5.73 12.28 -1.72
C TYR A 91 5.07 13.26 -2.67
N ASN A 92 3.82 12.99 -3.01
CA ASN A 92 3.10 13.83 -3.92
C ASN A 92 2.67 15.11 -3.21
N ARG A 93 2.90 15.13 -1.90
CA ARG A 93 2.58 16.26 -1.02
C ARG A 93 1.19 16.16 -0.36
N LYS A 94 0.10 16.53 -1.06
CA LYS A 94 -1.22 16.44 -0.41
C LYS A 94 -2.42 16.78 -1.33
N THR A 95 -2.33 17.82 -2.16
CA THR A 95 -3.50 18.21 -2.96
C THR A 95 -3.46 17.79 -4.44
N SER A 96 -4.02 16.60 -4.76
CA SER A 96 -4.15 16.15 -6.17
C SER A 96 -4.74 14.74 -6.31
N ARG A 97 -4.65 14.20 -7.53
CA ARG A 97 -5.24 12.90 -7.92
C ARG A 97 -4.82 11.68 -7.08
N VAL A 98 -3.58 11.19 -7.27
CA VAL A 98 -3.14 10.00 -6.53
C VAL A 98 -3.27 10.18 -5.04
N TYR A 99 -3.51 11.40 -4.62
CA TYR A 99 -3.65 11.71 -3.22
C TYR A 99 -5.00 11.24 -2.74
N LYS A 100 -5.95 11.22 -3.67
CA LYS A 100 -7.28 10.75 -3.39
C LYS A 100 -7.25 9.23 -3.36
N PHE A 101 -6.41 8.66 -4.23
CA PHE A 101 -6.28 7.21 -4.29
C PHE A 101 -5.75 6.66 -2.97
N CYS A 102 -4.71 7.30 -2.44
CA CYS A 102 -4.12 6.86 -1.18
C CYS A 102 -5.05 7.16 -0.02
N SER A 103 -5.71 8.31 -0.10
CA SER A 103 -6.63 8.76 0.94
C SER A 103 -7.58 7.62 1.32
N LYS A 104 -8.34 7.14 0.34
CA LYS A 104 -9.28 6.06 0.61
C LYS A 104 -8.57 4.80 1.10
N LEU A 105 -7.53 4.38 0.40
CA LEU A 105 -6.82 3.16 0.79
C LEU A 105 -6.56 3.14 2.28
N ALA A 106 -6.04 4.23 2.81
CA ALA A 106 -5.74 4.29 4.23
C ALA A 106 -7.05 4.26 5.01
N GLU A 107 -8.09 4.75 4.38
CA GLU A 107 -9.43 4.79 4.98
C GLU A 107 -10.04 3.39 5.04
N VAL A 108 -10.41 2.86 3.88
CA VAL A 108 -10.98 1.52 3.81
C VAL A 108 -10.10 0.58 4.57
N PHE A 109 -8.79 0.68 4.37
CA PHE A 109 -7.85 -0.19 5.06
C PHE A 109 -7.91 0.03 6.57
N GLU A 110 -7.92 1.27 7.04
CA GLU A 110 -8.01 1.53 8.45
C GLU A 110 -9.35 0.99 8.95
N GLN A 111 -10.20 0.76 7.97
CA GLN A 111 -11.54 0.24 8.19
C GLN A 111 -11.55 -1.28 8.03
N GLU A 112 -10.47 -1.81 7.43
CA GLU A 112 -10.32 -3.24 7.21
C GLU A 112 -9.39 -3.84 8.25
N ILE A 113 -8.39 -3.07 8.62
CA ILE A 113 -7.41 -3.47 9.61
C ILE A 113 -7.99 -3.37 11.01
N ASP A 114 -9.23 -2.93 11.12
CA ASP A 114 -9.86 -2.85 12.43
C ASP A 114 -10.24 -4.26 12.82
N PRO A 115 -11.05 -4.96 12.00
CA PRO A 115 -11.39 -6.35 12.26
C PRO A 115 -10.11 -7.17 12.34
N VAL A 116 -9.07 -6.66 11.69
CA VAL A 116 -7.78 -7.33 11.68
C VAL A 116 -7.05 -7.08 12.98
N MET A 117 -6.59 -5.85 13.17
CA MET A 117 -5.82 -5.50 14.35
C MET A 117 -6.46 -6.00 15.64
N GLN A 118 -7.76 -6.34 15.56
CA GLN A 118 -8.46 -6.83 16.74
C GLN A 118 -8.41 -8.36 16.82
N SER A 119 -8.51 -9.04 15.67
CA SER A 119 -8.46 -10.50 15.63
C SER A 119 -7.08 -10.97 15.22
N LEU A 120 -6.20 -10.00 15.01
CA LEU A 120 -4.84 -10.23 14.58
C LEU A 120 -3.85 -9.70 15.61
N GLY A 121 -4.21 -8.59 16.25
CA GLY A 121 -3.35 -7.99 17.25
C GLY A 121 -2.75 -6.68 16.77
N GLY B 1 -5.66 24.29 -12.61
CA GLY B 1 -5.78 25.29 -13.71
C GLY B 1 -5.72 24.65 -15.08
N GLY B 2 -4.52 24.31 -15.53
CA GLY B 2 -4.35 23.70 -16.84
C GLY B 2 -3.21 22.71 -16.87
N ALA B 3 -2.03 23.17 -16.48
CA ALA B 3 -0.84 22.31 -16.46
C ALA B 3 -0.58 21.74 -15.07
N LYS B 4 0.02 22.56 -14.22
CA LYS B 4 0.33 22.14 -12.85
C LYS B 4 1.24 20.91 -12.83
N ARG B 5 1.59 20.45 -11.63
CA ARG B 5 2.45 19.29 -11.47
C ARG B 5 1.80 18.25 -10.56
N HIS B 6 1.40 17.12 -11.13
CA HIS B 6 0.75 16.06 -10.37
C HIS B 6 1.77 15.01 -9.94
N ARG B 7 2.93 15.02 -10.59
CA ARG B 7 4.01 14.08 -10.28
C ARG B 7 3.63 12.64 -10.64
OH ALY B 8 4.18 7.97 -4.84
CH ALY B 8 3.20 7.63 -5.49
CH3 ALY B 8 1.96 7.12 -4.75
NZ ALY B 8 3.17 7.72 -6.81
CE ALY B 8 2.15 7.10 -7.66
CD ALY B 8 2.03 7.80 -9.00
CG ALY B 8 0.90 8.79 -9.02
CB ALY B 8 1.39 10.23 -8.89
CA ALY B 8 2.38 10.64 -9.99
N ALY B 8 2.82 12.02 -9.78
C ALY B 8 1.75 10.45 -11.37
O ALY B 8 2.46 10.18 -12.34
HH31 ALY B 8 2.16 7.05 -3.69
HH32 ALY B 8 1.13 7.79 -4.92
HH33 ALY B 8 1.70 6.13 -5.13
HZ ALY B 8 3.90 8.21 -7.26
HE3 ALY B 8 2.42 6.08 -7.83
HE2 ALY B 8 1.20 7.14 -7.16
HD3 ALY B 8 2.96 8.32 -9.19
HD2 ALY B 8 1.87 7.05 -9.77
HG3 ALY B 8 0.36 8.69 -9.95
HG2 ALY B 8 0.25 8.58 -8.18
HB3 ALY B 8 0.54 10.88 -8.93
HB2 ALY B 8 1.87 10.33 -7.93
HA ALY B 8 3.25 10.00 -9.93
H ALY B 8 2.51 12.50 -8.98
N VAL B 9 0.42 10.56 -11.44
CA VAL B 9 -0.30 10.39 -12.70
C VAL B 9 -0.21 8.93 -13.16
N LEU B 10 0.67 8.16 -12.52
CA LEU B 10 0.87 6.75 -12.85
C LEU B 10 1.09 6.56 -14.35
N ARG B 11 0.01 6.27 -15.08
CA ARG B 11 0.10 6.06 -16.52
C ARG B 11 -1.29 5.81 -17.11
N ASP B 12 -2.27 5.60 -16.24
CA ASP B 12 -3.64 5.35 -16.68
C ASP B 12 -4.25 6.58 -17.32
N ASN B 13 -4.73 6.43 -18.56
CA ASN B 13 -5.35 7.53 -19.28
C ASN B 13 -6.69 7.09 -19.87
N ILE B 14 -7.68 6.90 -19.00
CA ILE B 14 -9.00 6.48 -19.44
C ILE B 14 -9.68 7.57 -20.24
N GLN B 15 -10.48 7.15 -21.23
CA GLN B 15 -11.20 8.09 -22.09
C GLN B 15 -10.24 9.06 -22.76
N GLY A 1 10.77 -9.19 10.72
CA GLY A 1 9.97 -9.39 11.96
C GLY A 1 9.61 -10.84 12.19
N SER A 2 10.13 -11.41 13.28
CA SER A 2 9.87 -12.81 13.61
C SER A 2 9.29 -12.93 15.02
N HIS A 3 7.98 -13.10 15.11
CA HIS A 3 7.31 -13.24 16.40
C HIS A 3 7.56 -12.01 17.28
N MET A 4 6.66 -11.03 17.19
CA MET A 4 6.77 -9.81 17.97
C MET A 4 6.40 -10.02 19.44
N ARG A 5 6.79 -11.18 19.99
CA ARG A 5 6.52 -11.51 21.37
C ARG A 5 5.06 -11.27 21.75
N LYS A 6 4.18 -11.17 20.76
CA LYS A 6 2.77 -10.95 21.00
C LYS A 6 1.96 -12.19 20.63
N LYS A 7 0.79 -11.98 20.05
CA LYS A 7 -0.06 -13.07 19.63
C LYS A 7 0.70 -14.05 18.75
N ILE A 8 0.97 -13.62 17.54
CA ILE A 8 1.72 -14.38 16.57
C ILE A 8 1.04 -15.70 16.25
N PHE A 9 0.44 -15.73 15.08
CA PHE A 9 -0.27 -16.89 14.60
C PHE A 9 0.52 -17.47 13.44
N LYS A 10 -0.22 -17.99 12.47
CA LYS A 10 0.38 -18.51 11.26
C LYS A 10 0.27 -17.44 10.20
N PRO A 11 1.23 -17.35 9.27
CA PRO A 11 1.18 -16.33 8.22
C PRO A 11 -0.12 -16.44 7.43
N GLU A 12 -0.82 -17.56 7.62
CA GLU A 12 -2.10 -17.80 6.98
C GLU A 12 -3.22 -17.12 7.75
N GLU A 13 -3.06 -17.09 9.08
CA GLU A 13 -4.03 -16.45 9.95
C GLU A 13 -4.08 -14.99 9.62
N LEU A 14 -2.91 -14.39 9.67
CA LEU A 14 -2.75 -13.00 9.39
C LEU A 14 -3.34 -12.70 8.06
N ARG A 15 -2.82 -13.34 7.03
CA ARG A 15 -3.33 -13.15 5.69
C ARG A 15 -4.83 -13.22 5.66
N GLN A 16 -5.39 -14.09 6.48
CA GLN A 16 -6.83 -14.26 6.52
C GLN A 16 -7.51 -12.99 6.96
N ALA A 17 -6.81 -12.20 7.74
CA ALA A 17 -7.32 -10.93 8.18
C ALA A 17 -6.77 -9.81 7.27
N LEU A 18 -5.44 -9.77 7.19
CA LEU A 18 -4.71 -8.80 6.38
C LEU A 18 -5.14 -8.76 4.93
N MET A 19 -4.89 -9.82 4.20
CA MET A 19 -5.23 -9.84 2.79
C MET A 19 -6.58 -9.19 2.53
N PRO A 20 -7.64 -9.64 3.23
CA PRO A 20 -8.96 -9.04 3.08
C PRO A 20 -8.86 -7.53 3.08
N THR A 21 -8.02 -7.01 3.97
CA THR A 21 -7.79 -5.57 4.05
C THR A 21 -7.16 -5.09 2.73
N LEU A 22 -6.11 -5.80 2.29
CA LEU A 22 -5.43 -5.49 1.04
C LEU A 22 -6.41 -5.58 -0.11
N GLU A 23 -7.47 -6.32 0.12
CA GLU A 23 -8.49 -6.54 -0.89
C GLU A 23 -9.46 -5.37 -0.98
N ALA A 24 -9.69 -4.66 0.13
CA ALA A 24 -10.55 -3.48 0.07
C ALA A 24 -9.80 -2.43 -0.73
N LEU A 25 -8.50 -2.46 -0.58
CA LEU A 25 -7.62 -1.56 -1.31
C LEU A 25 -7.71 -1.88 -2.79
N TYR A 26 -7.56 -3.18 -3.09
CA TYR A 26 -7.63 -3.68 -4.45
C TYR A 26 -9.01 -3.40 -5.03
N ARG A 27 -10.00 -3.40 -4.14
CA ARG A 27 -11.39 -3.16 -4.54
C ARG A 27 -11.59 -1.70 -4.95
N GLN A 28 -10.70 -0.83 -4.47
CA GLN A 28 -10.77 0.59 -4.82
C GLN A 28 -10.04 0.81 -6.13
N ASP A 29 -9.85 -0.29 -6.85
CA ASP A 29 -9.17 -0.34 -8.14
C ASP A 29 -8.49 0.96 -8.57
N PRO A 30 -9.19 1.95 -9.15
CA PRO A 30 -8.52 3.16 -9.65
C PRO A 30 -7.64 3.84 -8.63
N GLU A 31 -7.72 3.39 -7.40
CA GLU A 31 -6.95 3.98 -6.31
C GLU A 31 -5.83 3.04 -5.86
N SER A 32 -5.96 1.76 -6.20
CA SER A 32 -4.97 0.77 -5.81
C SER A 32 -3.90 0.49 -6.88
N LEU A 33 -4.30 0.27 -8.15
CA LEU A 33 -3.31 -0.05 -9.22
C LEU A 33 -1.94 0.58 -8.96
N PRO A 34 -1.88 1.94 -8.84
CA PRO A 34 -0.64 2.67 -8.58
C PRO A 34 0.32 1.88 -7.69
N PHE A 35 -0.23 1.19 -6.70
CA PHE A 35 0.57 0.40 -5.77
C PHE A 35 0.43 -1.10 -6.01
N ARG A 36 -0.74 -1.54 -6.49
CA ARG A 36 -0.97 -2.97 -6.76
C ARG A 36 0.23 -3.54 -7.49
N GLN A 37 0.89 -2.66 -8.24
CA GLN A 37 2.11 -3.00 -8.97
C GLN A 37 3.19 -2.01 -8.56
N PRO A 38 4.47 -2.39 -8.63
CA PRO A 38 5.56 -1.50 -8.25
C PRO A 38 5.36 -0.09 -8.78
N VAL A 39 5.51 0.91 -7.92
CA VAL A 39 5.33 2.30 -8.34
C VAL A 39 6.53 2.75 -9.16
N ASP A 40 6.65 2.18 -10.35
CA ASP A 40 7.75 2.49 -11.24
C ASP A 40 7.91 4.00 -11.40
N PRO A 41 9.07 4.56 -11.01
CA PRO A 41 9.33 5.99 -11.12
C PRO A 41 9.68 6.37 -12.56
N GLN A 42 9.02 5.71 -13.49
CA GLN A 42 9.24 5.94 -14.90
C GLN A 42 7.92 6.13 -15.63
N LEU A 43 6.97 5.22 -15.39
CA LEU A 43 5.65 5.33 -16.00
C LEU A 43 5.02 6.65 -15.58
N LEU A 44 5.42 7.08 -14.39
CA LEU A 44 4.94 8.31 -13.80
C LEU A 44 5.86 9.48 -14.12
N GLY A 45 7.17 9.22 -14.03
CA GLY A 45 8.14 10.25 -14.32
C GLY A 45 8.53 11.01 -13.06
N ILE A 46 8.73 10.29 -11.97
CA ILE A 46 9.09 10.90 -10.71
C ILE A 46 10.41 10.33 -10.17
N PRO A 47 11.55 10.69 -10.79
CA PRO A 47 12.87 10.22 -10.36
C PRO A 47 13.11 10.49 -8.87
N ASP A 48 12.35 11.43 -8.33
CA ASP A 48 12.47 11.81 -6.92
C ASP A 48 12.13 10.63 -6.00
N TYR A 49 11.82 9.48 -6.57
CA TYR A 49 11.49 8.32 -5.76
C TYR A 49 12.72 7.87 -4.98
N PHE A 50 12.46 7.27 -3.82
CA PHE A 50 13.53 6.81 -2.94
C PHE A 50 14.37 8.00 -2.48
N ASP A 51 13.87 9.20 -2.76
CA ASP A 51 14.56 10.44 -2.38
C ASP A 51 13.64 11.25 -1.49
N ILE A 52 12.54 10.62 -1.14
CA ILE A 52 11.51 11.25 -0.35
C ILE A 52 10.86 10.24 0.59
N VAL A 53 10.34 9.18 -0.01
CA VAL A 53 9.66 8.13 0.73
C VAL A 53 10.65 7.17 1.39
N LYS A 54 11.72 6.84 0.67
CA LYS A 54 12.75 5.92 1.16
C LYS A 54 12.25 4.48 1.11
N ASN A 55 10.94 4.32 1.28
CA ASN A 55 10.31 3.00 1.25
C ASN A 55 9.11 3.01 0.32
N PRO A 56 9.31 2.57 -0.92
CA PRO A 56 8.27 2.51 -1.95
C PRO A 56 7.32 1.33 -1.78
N MET A 57 6.98 1.00 -0.55
CA MET A 57 6.06 -0.11 -0.27
C MET A 57 4.83 -0.01 -1.16
N ASP A 58 4.74 -0.88 -2.15
CA ASP A 58 3.61 -0.88 -3.07
C ASP A 58 2.74 -2.11 -2.86
N LEU A 59 1.43 -1.94 -3.00
CA LEU A 59 0.46 -3.04 -2.82
C LEU A 59 0.92 -4.31 -3.52
N SER A 60 1.86 -4.19 -4.45
CA SER A 60 2.38 -5.38 -5.12
C SER A 60 3.19 -6.18 -4.14
N THR A 61 4.22 -5.54 -3.58
CA THR A 61 5.06 -6.18 -2.59
C THR A 61 4.21 -6.53 -1.38
N ILE A 62 3.39 -5.57 -0.96
CA ILE A 62 2.48 -5.74 0.16
C ILE A 62 1.62 -6.97 -0.05
N LYS A 63 0.67 -6.85 -0.96
CA LYS A 63 -0.21 -7.95 -1.30
C LYS A 63 0.56 -9.25 -1.46
N ARG A 64 1.85 -9.17 -1.78
CA ARG A 64 2.65 -10.37 -2.00
C ARG A 64 3.22 -10.99 -0.72
N LYS A 65 4.26 -10.38 -0.11
CA LYS A 65 4.87 -10.98 1.09
C LYS A 65 3.79 -11.52 2.00
N LEU A 66 2.70 -10.77 2.11
CA LEU A 66 1.58 -11.18 2.92
C LEU A 66 1.01 -12.47 2.37
N ASP A 67 0.65 -12.41 1.10
CA ASP A 67 0.12 -13.57 0.39
C ASP A 67 1.16 -14.67 0.27
N THR A 68 2.33 -14.46 0.85
CA THR A 68 3.39 -15.44 0.75
C THR A 68 3.88 -15.94 2.10
N GLY A 69 3.65 -15.14 3.14
CA GLY A 69 4.05 -15.55 4.48
C GLY A 69 5.37 -14.95 4.93
N GLN A 70 5.62 -13.69 4.57
CA GLN A 70 6.84 -13.02 4.97
C GLN A 70 6.54 -11.96 6.02
N TYR A 71 5.76 -12.37 7.01
CA TYR A 71 5.36 -11.46 8.07
C TYR A 71 5.45 -12.08 9.47
N GLN A 72 4.41 -12.86 9.83
CA GLN A 72 4.32 -13.49 11.15
C GLN A 72 3.76 -12.51 12.16
N GLU A 73 3.63 -11.26 11.72
CA GLU A 73 3.13 -10.19 12.56
C GLU A 73 2.30 -9.21 11.73
N PRO A 74 1.00 -9.04 12.05
CA PRO A 74 0.11 -8.15 11.31
C PRO A 74 0.54 -6.67 11.33
N TRP A 75 0.92 -6.15 12.50
CA TRP A 75 1.33 -4.74 12.60
C TRP A 75 2.32 -4.38 11.50
N GLN A 76 3.29 -5.25 11.28
CA GLN A 76 4.30 -5.03 10.26
C GLN A 76 3.66 -4.79 8.90
N TYR A 77 2.63 -5.57 8.59
CA TYR A 77 1.96 -5.44 7.31
C TYR A 77 1.24 -4.11 7.24
N VAL A 78 0.72 -3.67 8.36
CA VAL A 78 0.03 -2.40 8.43
C VAL A 78 0.99 -1.27 8.18
N ASP A 79 2.10 -1.32 8.90
CA ASP A 79 3.13 -0.32 8.75
C ASP A 79 3.61 -0.28 7.30
N ASP A 80 3.40 -1.38 6.57
CA ASP A 80 3.84 -1.44 5.18
C ASP A 80 2.77 -0.88 4.26
N VAL A 81 1.54 -1.33 4.44
CA VAL A 81 0.45 -0.84 3.63
C VAL A 81 0.25 0.65 3.86
N TRP A 82 0.50 1.08 5.09
CA TRP A 82 0.42 2.49 5.41
C TRP A 82 1.65 3.17 4.86
N LEU A 83 2.72 2.41 4.72
CA LEU A 83 3.93 2.92 4.11
C LEU A 83 3.59 3.31 2.69
N MET A 84 2.69 2.52 2.12
CA MET A 84 2.20 2.72 0.76
C MET A 84 1.41 4.02 0.64
N PHE A 85 0.24 4.13 1.32
CA PHE A 85 -0.52 5.37 1.21
C PHE A 85 0.37 6.54 1.63
N ASN A 86 1.34 6.25 2.51
CA ASN A 86 2.28 7.26 3.00
C ASN A 86 3.10 7.86 1.86
N ASN A 87 3.76 7.01 1.08
CA ASN A 87 4.58 7.50 -0.03
C ASN A 87 3.73 8.36 -0.94
N ALA A 88 2.48 7.98 -1.16
CA ALA A 88 1.62 8.75 -2.03
C ALA A 88 1.32 10.11 -1.41
N TRP A 89 1.42 10.14 -0.09
CA TRP A 89 1.09 11.33 0.69
C TRP A 89 2.25 12.33 0.82
N LEU A 90 3.36 11.90 1.41
CA LEU A 90 4.49 12.80 1.62
C LEU A 90 5.31 12.99 0.34
N TYR A 91 4.97 12.22 -0.68
CA TYR A 91 5.64 12.30 -1.97
C TYR A 91 4.93 13.23 -2.93
N ASN A 92 3.64 12.94 -3.17
CA ASN A 92 2.86 13.72 -4.12
C ASN A 92 2.43 15.06 -3.54
N ARG A 93 3.01 15.45 -2.41
CA ARG A 93 2.68 16.72 -1.77
C ARG A 93 1.18 16.87 -1.49
N LYS A 94 0.41 17.24 -2.52
CA LYS A 94 -1.02 17.44 -2.35
C LYS A 94 -1.78 17.14 -3.65
N THR A 95 -1.12 16.44 -4.56
CA THR A 95 -1.72 16.11 -5.86
C THR A 95 -3.00 15.32 -5.69
N SER A 96 -4.07 16.06 -5.41
CA SER A 96 -5.40 15.49 -5.21
C SER A 96 -5.66 14.22 -6.01
N ARG A 97 -5.09 14.11 -7.22
CA ARG A 97 -5.30 12.93 -8.06
C ARG A 97 -4.89 11.65 -7.33
N VAL A 98 -3.58 11.42 -7.21
CA VAL A 98 -3.12 10.22 -6.52
C VAL A 98 -3.41 10.37 -5.04
N TYR A 99 -3.51 11.62 -4.60
CA TYR A 99 -3.82 11.92 -3.22
C TYR A 99 -5.17 11.32 -2.85
N LYS A 100 -6.06 11.27 -3.84
CA LYS A 100 -7.38 10.69 -3.64
C LYS A 100 -7.26 9.17 -3.63
N PHE A 101 -6.38 8.65 -4.47
CA PHE A 101 -6.17 7.21 -4.55
C PHE A 101 -5.68 6.66 -3.21
N CYS A 102 -4.71 7.33 -2.62
CA CYS A 102 -4.15 6.89 -1.34
C CYS A 102 -5.12 7.16 -0.20
N SER A 103 -5.81 8.29 -0.28
CA SER A 103 -6.77 8.67 0.75
C SER A 103 -7.74 7.53 1.06
N LYS A 104 -8.39 7.01 0.02
CA LYS A 104 -9.33 5.92 0.19
C LYS A 104 -8.65 4.66 0.66
N LEU A 105 -7.57 4.28 0.00
CA LEU A 105 -6.85 3.09 0.39
C LEU A 105 -6.64 3.05 1.90
N ALA A 106 -6.19 4.16 2.44
CA ALA A 106 -5.93 4.24 3.87
C ALA A 106 -7.25 4.23 4.63
N GLU A 107 -8.31 4.67 3.97
CA GLU A 107 -9.65 4.71 4.57
C GLU A 107 -10.21 3.30 4.71
N VAL A 108 -10.53 2.68 3.57
CA VAL A 108 -11.07 1.32 3.59
C VAL A 108 -10.16 0.47 4.42
N PHE A 109 -8.87 0.50 4.12
CA PHE A 109 -7.91 -0.30 4.84
C PHE A 109 -7.99 -0.04 6.34
N GLU A 110 -8.08 1.22 6.75
CA GLU A 110 -8.15 1.53 8.17
C GLU A 110 -9.44 0.92 8.72
N GLN A 111 -10.37 0.74 7.79
CA GLN A 111 -11.67 0.17 8.07
C GLN A 111 -11.62 -1.37 7.92
N GLU A 112 -10.52 -1.85 7.33
CA GLU A 112 -10.31 -3.27 7.09
C GLU A 112 -9.39 -3.85 8.16
N ILE A 113 -8.41 -3.03 8.56
CA ILE A 113 -7.43 -3.40 9.55
C ILE A 113 -8.01 -3.31 10.95
N ASP A 114 -9.29 -2.97 11.05
CA ASP A 114 -9.91 -2.89 12.35
C ASP A 114 -10.22 -4.31 12.78
N PRO A 115 -11.01 -5.07 11.97
CA PRO A 115 -11.29 -6.46 12.27
C PRO A 115 -9.97 -7.22 12.36
N VAL A 116 -8.95 -6.67 11.68
CA VAL A 116 -7.62 -7.27 11.69
C VAL A 116 -6.89 -6.97 12.96
N MET A 117 -6.49 -5.73 13.14
CA MET A 117 -5.72 -5.34 14.30
C MET A 117 -6.36 -5.82 15.61
N GLN A 118 -7.63 -6.21 15.55
CA GLN A 118 -8.32 -6.70 16.74
C GLN A 118 -8.25 -8.23 16.82
N SER A 119 -8.32 -8.90 15.66
CA SER A 119 -8.26 -10.36 15.61
C SER A 119 -6.87 -10.83 15.20
N LEU A 120 -5.97 -9.88 15.02
CA LEU A 120 -4.61 -10.13 14.59
C LEU A 120 -3.60 -9.65 15.62
N GLY A 121 -3.96 -8.60 16.33
CA GLY A 121 -3.08 -8.05 17.35
C GLY A 121 -2.96 -6.54 17.28
N GLY B 1 -11.16 13.83 -18.29
CA GLY B 1 -10.01 14.24 -17.44
C GLY B 1 -9.77 15.73 -17.46
N GLY B 2 -8.78 16.16 -18.24
CA GLY B 2 -8.47 17.58 -18.34
C GLY B 2 -7.67 18.07 -17.14
N ALA B 3 -7.30 17.16 -16.25
CA ALA B 3 -6.55 17.52 -15.05
C ALA B 3 -5.14 17.97 -15.42
N LYS B 4 -4.39 17.11 -16.09
CA LYS B 4 -3.02 17.42 -16.50
C LYS B 4 -2.19 17.85 -15.30
N ARG B 5 -1.85 16.89 -14.45
CA ARG B 5 -1.05 17.18 -13.26
C ARG B 5 0.33 16.52 -13.35
N HIS B 6 0.51 15.67 -14.37
CA HIS B 6 1.77 14.99 -14.58
C HIS B 6 2.14 14.12 -13.37
N ARG B 7 3.39 13.69 -13.31
CA ARG B 7 3.87 12.86 -12.20
C ARG B 7 3.10 11.54 -12.12
OH ALY B 8 3.92 7.79 -6.74
CH ALY B 8 3.00 7.18 -6.17
CH3 ALY B 8 3.03 7.10 -4.65
NZ ALY B 8 1.96 6.70 -6.83
CE ALY B 8 1.98 6.41 -8.26
CD ALY B 8 1.33 7.52 -9.08
CG ALY B 8 1.76 8.89 -8.58
CB ALY B 8 1.11 10.01 -9.38
CA ALY B 8 1.61 10.10 -10.82
N ALY B 8 2.38 11.33 -11.02
C ALY B 8 0.44 10.02 -11.80
O ALY B 8 -0.69 10.35 -11.46
HH31 ALY B 8 3.70 7.84 -4.25
HH32 ALY B 8 2.03 7.28 -4.26
HH33 ALY B 8 3.36 6.11 -4.35
HZ ALY B 8 1.14 6.52 -6.34
HE3 ALY B 8 3.01 6.30 -8.58
HE2 ALY B 8 1.45 5.49 -8.43
HD3 ALY B 8 1.62 7.41 -10.11
HD2 ALY B 8 0.26 7.44 -8.99
HG3 ALY B 8 1.48 8.99 -7.54
HG2 ALY B 8 2.84 8.97 -8.67
HB3 ALY B 8 0.05 9.83 -9.40
HB2 ALY B 8 1.31 10.93 -8.88
HA ALY B 8 2.28 9.27 -11.02
H ALY B 8 2.36 12.01 -10.31
N VAL B 9 0.74 9.57 -13.02
CA VAL B 9 -0.27 9.43 -14.06
C VAL B 9 -0.48 7.96 -14.41
N LEU B 10 0.53 7.15 -14.13
CA LEU B 10 0.48 5.71 -14.39
C LEU B 10 0.31 5.43 -15.89
N ARG B 11 1.43 5.20 -16.57
CA ARG B 11 1.41 4.91 -18.00
C ARG B 11 0.82 6.07 -18.80
N ASP B 12 1.67 6.79 -19.51
CA ASP B 12 1.24 7.93 -20.32
C ASP B 12 2.23 8.21 -21.45
N ASN B 13 2.45 7.21 -22.30
CA ASN B 13 3.37 7.35 -23.41
C ASN B 13 2.68 7.05 -24.73
N ILE B 14 3.46 7.03 -25.82
CA ILE B 14 2.91 6.76 -27.15
C ILE B 14 2.27 5.37 -27.20
N GLN B 15 1.44 5.15 -28.21
CA GLN B 15 0.77 3.86 -28.38
C GLN B 15 1.62 2.91 -29.22
N GLY A 1 10.31 -17.76 17.69
CA GLY A 1 8.92 -17.82 18.22
C GLY A 1 8.44 -16.49 18.75
N SER A 2 7.24 -16.09 18.33
CA SER A 2 6.64 -14.83 18.76
C SER A 2 7.64 -13.68 18.64
N HIS A 3 7.76 -13.12 17.44
CA HIS A 3 8.67 -12.01 17.19
C HIS A 3 8.24 -10.77 17.95
N MET A 4 7.06 -10.25 17.61
CA MET A 4 6.54 -9.05 18.27
C MET A 4 6.18 -9.33 19.73
N ARG A 5 6.32 -10.60 20.13
CA ARG A 5 6.02 -11.02 21.50
C ARG A 5 4.54 -10.85 21.81
N LYS A 6 3.75 -10.59 20.78
CA LYS A 6 2.32 -10.40 20.94
C LYS A 6 1.59 -11.72 20.72
N LYS A 7 0.39 -11.64 20.13
CA LYS A 7 -0.41 -12.81 19.84
C LYS A 7 0.37 -13.73 18.89
N ILE A 8 0.49 -13.30 17.65
CA ILE A 8 1.24 -14.04 16.63
C ILE A 8 0.65 -15.40 16.32
N PHE A 9 0.15 -15.53 15.10
CA PHE A 9 -0.47 -16.75 14.61
C PHE A 9 0.35 -17.27 13.45
N LYS A 10 -0.31 -17.99 12.55
CA LYS A 10 0.33 -18.48 11.35
C LYS A 10 0.23 -17.40 10.28
N PRO A 11 1.22 -17.28 9.38
CA PRO A 11 1.19 -16.25 8.33
C PRO A 11 -0.11 -16.30 7.54
N GLU A 12 -0.80 -17.44 7.61
CA GLU A 12 -2.07 -17.63 6.91
C GLU A 12 -3.20 -17.02 7.73
N GLU A 13 -3.11 -17.14 9.05
CA GLU A 13 -4.12 -16.58 9.94
C GLU A 13 -4.25 -15.11 9.65
N LEU A 14 -3.10 -14.47 9.74
CA LEU A 14 -3.02 -13.06 9.50
C LEU A 14 -3.64 -12.77 8.17
N ARG A 15 -3.08 -13.37 7.14
CA ARG A 15 -3.60 -13.20 5.79
C ARG A 15 -5.11 -13.22 5.77
N GLN A 16 -5.68 -14.16 6.52
CA GLN A 16 -7.12 -14.30 6.56
C GLN A 16 -7.77 -12.99 6.95
N ALA A 17 -7.10 -12.26 7.80
CA ALA A 17 -7.58 -10.96 8.20
C ALA A 17 -6.99 -9.86 7.29
N LEU A 18 -5.66 -9.87 7.17
CA LEU A 18 -4.90 -8.94 6.36
C LEU A 18 -5.34 -8.85 4.91
N MET A 19 -5.13 -9.91 4.16
CA MET A 19 -5.48 -9.89 2.75
C MET A 19 -6.82 -9.19 2.52
N PRO A 20 -7.89 -9.61 3.22
CA PRO A 20 -9.18 -8.97 3.11
C PRO A 20 -9.03 -7.47 3.12
N THR A 21 -8.16 -6.99 4.03
CA THR A 21 -7.89 -5.56 4.08
C THR A 21 -7.35 -5.09 2.73
N LEU A 22 -6.31 -5.78 2.25
CA LEU A 22 -5.70 -5.50 0.96
C LEU A 22 -6.76 -5.56 -0.13
N GLU A 23 -7.90 -6.17 0.21
CA GLU A 23 -8.99 -6.33 -0.74
C GLU A 23 -9.92 -5.12 -0.77
N ALA A 24 -10.15 -4.44 0.37
CA ALA A 24 -10.97 -3.24 0.32
C ALA A 24 -10.25 -2.22 -0.50
N LEU A 25 -8.94 -2.37 -0.50
CA LEU A 25 -8.09 -1.51 -1.29
C LEU A 25 -8.11 -1.98 -2.72
N TYR A 26 -7.95 -3.29 -2.90
CA TYR A 26 -7.95 -3.88 -4.24
C TYR A 26 -9.28 -3.56 -4.90
N ARG A 27 -10.28 -3.28 -4.07
CA ARG A 27 -11.61 -2.94 -4.54
C ARG A 27 -11.61 -1.49 -5.01
N GLN A 28 -10.70 -0.70 -4.45
CA GLN A 28 -10.55 0.69 -4.82
C GLN A 28 -9.53 0.80 -5.95
N ASP A 29 -9.57 -0.17 -6.86
CA ASP A 29 -8.65 -0.25 -8.00
C ASP A 29 -8.06 1.09 -8.47
N PRO A 30 -8.85 2.03 -9.04
CA PRO A 30 -8.28 3.30 -9.54
C PRO A 30 -7.42 3.98 -8.50
N GLU A 31 -7.55 3.51 -7.28
CA GLU A 31 -6.80 4.03 -6.15
C GLU A 31 -5.74 3.06 -5.66
N SER A 32 -6.07 1.77 -5.62
CA SER A 32 -5.15 0.74 -5.12
C SER A 32 -4.45 0.01 -6.23
N LEU A 33 -5.18 -0.24 -7.31
CA LEU A 33 -4.64 -0.95 -8.42
C LEU A 33 -3.36 -0.28 -8.99
N PRO A 34 -3.13 1.05 -8.82
CA PRO A 34 -1.88 1.67 -9.27
C PRO A 34 -0.71 1.19 -8.40
N PHE A 35 -1.01 0.30 -7.45
CA PHE A 35 0.00 -0.25 -6.55
C PHE A 35 0.10 -1.77 -6.63
N ARG A 36 -1.00 -2.41 -7.02
CA ARG A 36 -1.03 -3.87 -7.11
C ARG A 36 0.27 -4.39 -7.70
N GLN A 37 0.88 -3.57 -8.55
CA GLN A 37 2.16 -3.87 -9.17
C GLN A 37 3.20 -2.86 -8.69
N PRO A 38 4.49 -3.23 -8.71
CA PRO A 38 5.56 -2.32 -8.26
C PRO A 38 5.51 -0.97 -8.96
N VAL A 39 5.54 0.11 -8.20
CA VAL A 39 5.49 1.45 -8.78
C VAL A 39 6.60 1.62 -9.81
N ASP A 40 6.23 2.05 -10.99
CA ASP A 40 7.20 2.27 -12.05
C ASP A 40 7.41 3.76 -12.25
N PRO A 41 8.52 4.32 -11.71
CA PRO A 41 8.81 5.74 -11.87
C PRO A 41 9.29 6.07 -13.28
N GLN A 42 8.52 5.62 -14.26
CA GLN A 42 8.84 5.83 -15.66
C GLN A 42 7.57 6.10 -16.46
N LEU A 43 6.54 5.30 -16.20
CA LEU A 43 5.26 5.47 -16.88
C LEU A 43 4.74 6.86 -16.61
N LEU A 44 5.06 7.35 -15.41
CA LEU A 44 4.64 8.67 -14.98
C LEU A 44 5.79 9.66 -15.08
N GLY A 45 7.01 9.13 -15.04
CA GLY A 45 8.18 9.98 -15.10
C GLY A 45 8.36 10.75 -13.80
N ILE A 46 8.49 10.01 -12.71
CA ILE A 46 8.66 10.61 -11.39
C ILE A 46 10.08 10.35 -10.84
N PRO A 47 11.11 10.99 -11.40
CA PRO A 47 12.50 10.80 -10.94
C PRO A 47 12.63 11.00 -9.43
N ASP A 48 11.66 11.68 -8.85
CA ASP A 48 11.68 11.96 -7.42
C ASP A 48 11.42 10.71 -6.57
N TYR A 49 10.98 9.61 -7.20
CA TYR A 49 10.74 8.38 -6.44
C TYR A 49 12.04 7.93 -5.81
N PHE A 50 11.94 7.32 -4.63
CA PHE A 50 13.10 6.85 -3.87
C PHE A 50 13.91 8.04 -3.34
N ASP A 51 13.42 9.26 -3.61
CA ASP A 51 14.10 10.48 -3.18
C ASP A 51 13.20 11.23 -2.24
N ILE A 52 12.19 10.54 -1.76
CA ILE A 52 11.20 11.15 -0.90
C ILE A 52 10.61 10.12 0.05
N VAL A 53 10.08 9.07 -0.55
CA VAL A 53 9.43 8.00 0.18
C VAL A 53 10.44 7.11 0.89
N LYS A 54 11.55 6.83 0.20
CA LYS A 54 12.64 6.00 0.73
C LYS A 54 12.24 4.53 0.81
N ASN A 55 10.96 4.27 1.02
CA ASN A 55 10.46 2.91 1.11
C ASN A 55 9.23 2.75 0.24
N PRO A 56 9.44 2.34 -1.00
CA PRO A 56 8.38 2.15 -1.99
C PRO A 56 7.59 0.86 -1.79
N MET A 57 6.77 0.83 -0.74
CA MET A 57 5.94 -0.33 -0.46
C MET A 57 4.68 -0.28 -1.31
N ASP A 58 4.63 -1.07 -2.37
CA ASP A 58 3.47 -1.09 -3.26
C ASP A 58 2.62 -2.33 -3.03
N LEU A 59 1.29 -2.16 -3.15
CA LEU A 59 0.35 -3.27 -2.95
C LEU A 59 0.85 -4.56 -3.57
N SER A 60 1.77 -4.46 -4.52
CA SER A 60 2.33 -5.66 -5.12
C SER A 60 3.11 -6.40 -4.06
N THR A 61 4.16 -5.76 -3.57
CA THR A 61 4.98 -6.33 -2.51
C THR A 61 4.09 -6.63 -1.32
N ILE A 62 3.19 -5.71 -1.04
CA ILE A 62 2.27 -5.84 0.08
C ILE A 62 1.41 -7.10 -0.04
N LYS A 63 0.44 -7.07 -0.95
CA LYS A 63 -0.44 -8.21 -1.16
C LYS A 63 0.38 -9.49 -1.38
N ARG A 64 1.67 -9.33 -1.71
CA ARG A 64 2.54 -10.48 -1.94
C ARG A 64 3.09 -11.05 -0.65
N LYS A 65 4.03 -10.35 -0.01
CA LYS A 65 4.62 -10.84 1.25
C LYS A 65 3.52 -11.44 2.12
N LEU A 66 2.35 -10.83 2.05
CA LEU A 66 1.21 -11.30 2.78
C LEU A 66 0.89 -12.73 2.33
N ASP A 67 0.51 -12.82 1.07
CA ASP A 67 0.16 -14.08 0.40
C ASP A 67 1.23 -15.14 0.53
N THR A 68 2.45 -14.76 0.21
CA THR A 68 3.59 -15.65 0.24
C THR A 68 3.90 -16.13 1.66
N GLY A 69 3.56 -15.31 2.65
CA GLY A 69 3.79 -15.70 4.02
C GLY A 69 5.02 -15.08 4.65
N GLN A 70 5.50 -13.99 4.06
CA GLN A 70 6.68 -13.29 4.58
C GLN A 70 6.27 -12.38 5.72
N TYR A 71 5.61 -12.96 6.70
CA TYR A 71 5.12 -12.24 7.86
C TYR A 71 5.02 -13.16 9.07
N GLN A 72 4.48 -12.62 10.15
CA GLN A 72 4.28 -13.37 11.38
C GLN A 72 3.42 -12.54 12.31
N GLU A 73 3.58 -11.23 12.19
CA GLU A 73 2.81 -10.29 12.99
C GLU A 73 2.06 -9.36 12.04
N PRO A 74 0.74 -9.24 12.22
CA PRO A 74 -0.11 -8.39 11.35
C PRO A 74 0.34 -6.93 11.25
N TRP A 75 0.94 -6.39 12.31
CA TRP A 75 1.36 -4.98 12.28
C TRP A 75 2.38 -4.73 11.18
N GLN A 76 3.36 -5.63 11.05
CA GLN A 76 4.37 -5.48 10.01
C GLN A 76 3.74 -5.20 8.66
N TYR A 77 2.70 -5.97 8.34
CA TYR A 77 2.02 -5.81 7.08
C TYR A 77 1.37 -4.44 7.01
N VAL A 78 0.90 -3.99 8.15
CA VAL A 78 0.25 -2.69 8.26
C VAL A 78 1.24 -1.58 7.97
N ASP A 79 2.35 -1.61 8.67
CA ASP A 79 3.40 -0.63 8.50
C ASP A 79 3.81 -0.57 7.04
N ASP A 80 3.55 -1.65 6.31
CA ASP A 80 3.93 -1.72 4.91
C ASP A 80 2.85 -1.09 4.04
N VAL A 81 1.62 -1.51 4.24
CA VAL A 81 0.51 -0.97 3.48
C VAL A 81 0.38 0.52 3.75
N TRP A 82 0.64 0.92 4.99
CA TRP A 82 0.61 2.32 5.34
C TRP A 82 1.84 3.01 4.79
N LEU A 83 2.90 2.22 4.62
CA LEU A 83 4.11 2.71 4.03
C LEU A 83 3.77 3.18 2.62
N MET A 84 2.79 2.50 2.05
CA MET A 84 2.31 2.82 0.71
C MET A 84 1.53 4.14 0.70
N PHE A 85 0.38 4.19 1.38
CA PHE A 85 -0.38 5.44 1.40
C PHE A 85 0.55 6.58 1.81
N ASN A 86 1.63 6.21 2.52
CA ASN A 86 2.62 7.17 2.98
C ASN A 86 3.34 7.82 1.80
N ASN A 87 3.88 7.01 0.89
CA ASN A 87 4.59 7.55 -0.27
C ASN A 87 3.69 8.52 -1.01
N ALA A 88 2.46 8.13 -1.26
CA ALA A 88 1.53 8.97 -2.01
C ALA A 88 1.27 10.28 -1.30
N TRP A 89 1.42 10.24 0.01
CA TRP A 89 1.15 11.38 0.86
C TRP A 89 2.31 12.35 0.97
N LEU A 90 3.47 11.89 1.43
CA LEU A 90 4.62 12.76 1.57
C LEU A 90 5.32 12.98 0.22
N TYR A 91 4.85 12.28 -0.81
CA TYR A 91 5.38 12.41 -2.16
C TYR A 91 4.59 13.42 -2.97
N ASN A 92 3.31 13.13 -3.15
CA ASN A 92 2.42 14.00 -3.91
C ASN A 92 1.87 15.10 -3.04
N ARG A 93 2.52 15.31 -1.90
CA ARG A 93 2.09 16.33 -0.96
C ARG A 93 0.61 16.26 -0.65
N LYS A 94 -0.16 17.06 -1.36
CA LYS A 94 -1.58 17.10 -1.14
C LYS A 94 -2.26 17.79 -2.32
N THR A 95 -3.55 17.56 -2.38
CA THR A 95 -4.41 18.12 -3.42
C THR A 95 -3.98 17.68 -4.82
N SER A 96 -3.72 16.39 -4.94
CA SER A 96 -3.31 15.80 -6.23
C SER A 96 -4.27 14.67 -6.62
N ARG A 97 -3.96 13.97 -7.70
CA ARG A 97 -4.80 12.88 -8.17
C ARG A 97 -4.63 11.64 -7.29
N VAL A 98 -3.40 11.12 -7.24
CA VAL A 98 -3.14 9.96 -6.41
C VAL A 98 -3.37 10.28 -4.94
N TYR A 99 -3.45 11.58 -4.64
CA TYR A 99 -3.73 12.02 -3.27
C TYR A 99 -5.07 11.42 -2.88
N LYS A 100 -5.95 11.34 -3.86
CA LYS A 100 -7.28 10.76 -3.69
C LYS A 100 -7.18 9.27 -3.59
N PHE A 101 -6.36 8.72 -4.48
CA PHE A 101 -6.17 7.28 -4.56
C PHE A 101 -5.63 6.67 -3.26
N CYS A 102 -4.61 7.30 -2.68
CA CYS A 102 -4.04 6.75 -1.46
C CYS A 102 -4.83 7.16 -0.22
N SER A 103 -5.52 8.29 -0.31
CA SER A 103 -6.34 8.76 0.81
C SER A 103 -7.35 7.69 1.16
N LYS A 104 -8.01 7.16 0.14
CA LYS A 104 -9.00 6.12 0.34
C LYS A 104 -8.35 4.84 0.83
N LEU A 105 -7.31 4.40 0.13
CA LEU A 105 -6.62 3.18 0.52
C LEU A 105 -6.38 3.15 2.02
N ALA A 106 -5.89 4.24 2.57
CA ALA A 106 -5.62 4.31 4.00
C ALA A 106 -6.93 4.32 4.78
N GLU A 107 -7.97 4.83 4.14
CA GLU A 107 -9.30 4.88 4.74
C GLU A 107 -9.92 3.49 4.84
N VAL A 108 -10.27 2.92 3.68
CA VAL A 108 -10.85 1.58 3.65
C VAL A 108 -9.97 0.63 4.42
N PHE A 109 -8.65 0.80 4.31
CA PHE A 109 -7.75 -0.08 5.01
C PHE A 109 -7.83 0.16 6.51
N GLU A 110 -7.80 1.41 6.94
CA GLU A 110 -7.89 1.70 8.35
C GLU A 110 -9.24 1.17 8.84
N GLN A 111 -10.09 0.94 7.86
CA GLN A 111 -11.43 0.41 8.07
C GLN A 111 -11.40 -1.12 8.08
N GLU A 112 -10.46 -1.67 7.31
CA GLU A 112 -10.27 -3.10 7.19
C GLU A 112 -9.40 -3.63 8.32
N ILE A 113 -8.25 -3.01 8.44
CA ILE A 113 -7.29 -3.36 9.49
C ILE A 113 -7.91 -3.22 10.88
N ASP A 114 -9.16 -2.77 10.97
CA ASP A 114 -9.79 -2.68 12.27
C ASP A 114 -10.16 -4.08 12.71
N PRO A 115 -11.05 -4.78 11.96
CA PRO A 115 -11.36 -6.17 12.27
C PRO A 115 -10.08 -6.99 12.35
N VAL A 116 -9.04 -6.50 11.67
CA VAL A 116 -7.74 -7.17 11.67
C VAL A 116 -7.00 -6.90 12.96
N MET A 117 -6.52 -5.68 13.13
CA MET A 117 -5.73 -5.33 14.29
C MET A 117 -6.38 -5.78 15.59
N GLN A 118 -7.67 -6.12 15.54
CA GLN A 118 -8.38 -6.57 16.73
C GLN A 118 -8.37 -8.10 16.83
N SER A 119 -8.48 -8.79 15.69
CA SER A 119 -8.47 -10.25 15.68
C SER A 119 -7.11 -10.78 15.26
N LEU A 120 -6.19 -9.83 15.05
CA LEU A 120 -4.84 -10.11 14.62
C LEU A 120 -3.83 -9.61 15.65
N GLY A 121 -4.17 -8.48 16.28
CA GLY A 121 -3.28 -7.91 17.28
C GLY A 121 -3.94 -7.85 18.65
N GLY B 1 3.37 -0.81 -23.92
CA GLY B 1 3.06 -2.24 -24.23
C GLY B 1 1.60 -2.58 -24.00
N GLY B 2 0.99 -1.91 -23.03
CA GLY B 2 -0.41 -2.17 -22.73
C GLY B 2 -0.80 -1.70 -21.34
N ALA B 3 -0.06 -0.71 -20.83
CA ALA B 3 -0.33 -0.17 -19.50
C ALA B 3 -1.65 0.60 -19.47
N LYS B 4 -2.63 0.05 -18.75
CA LYS B 4 -3.94 0.69 -18.64
C LYS B 4 -4.02 1.58 -17.41
N ARG B 5 -3.85 0.97 -16.24
CA ARG B 5 -3.90 1.70 -14.97
C ARG B 5 -2.71 1.33 -14.08
N HIS B 6 -1.54 1.85 -14.44
CA HIS B 6 -0.32 1.59 -13.67
C HIS B 6 0.21 2.86 -13.03
N ARG B 7 0.21 2.90 -11.70
CA ARG B 7 0.71 4.05 -10.96
C ARG B 7 -0.18 5.28 -11.17
OH ALY B 8 3.28 8.49 -4.61
CH ALY B 8 2.38 8.12 -5.36
CH3 ALY B 8 1.40 7.04 -4.87
NZ ALY B 8 2.26 8.57 -6.61
CE ALY B 8 1.72 7.77 -7.70
CD ALY B 8 1.82 8.49 -9.03
CG ALY B 8 0.56 9.27 -9.34
CB ALY B 8 -0.58 8.36 -9.74
CA ALY B 8 -0.42 7.71 -11.11
N ALY B 8 0.37 6.49 -10.97
C ALY B 8 0.17 8.72 -12.10
O ALY B 8 1.38 8.86 -12.20
HH31 ALY B 8 1.70 6.71 -3.89
HH32 ALY B 8 0.40 7.47 -4.82
HH33 ALY B 8 1.40 6.21 -5.55
HZ ALY B 8 2.62 9.45 -6.82
HE3 ALY B 8 2.26 6.84 -7.76
HE2 ALY B 8 0.68 7.57 -7.50
HD3 ALY B 8 2.67 9.16 -9.01
HD2 ALY B 8 1.97 7.76 -9.81
HG3 ALY B 8 0.27 9.82 -8.45
HG2 ALY B 8 0.76 9.97 -10.14
HB3 ALY B 8 -0.63 7.56 -9.01
HB2 ALY B 8 -1.49 8.92 -9.71
HA ALY B 8 -1.40 7.42 -11.47
H ALY B 8 1.33 6.55 -10.76
N VAL B 9 -0.72 9.43 -12.79
CA VAL B 9 -0.35 10.43 -13.80
C VAL B 9 -0.11 9.77 -15.15
N LEU B 10 0.60 8.65 -15.15
CA LEU B 10 0.89 7.92 -16.38
C LEU B 10 1.56 8.81 -17.42
N ARG B 11 1.65 8.30 -18.65
CA ARG B 11 2.27 9.03 -19.74
C ARG B 11 1.29 9.27 -20.89
N ASP B 12 0.44 10.28 -20.72
CA ASP B 12 -0.54 10.62 -21.74
C ASP B 12 -0.62 12.13 -21.92
N ASN B 13 -1.24 12.55 -23.02
CA ASN B 13 -1.38 13.98 -23.33
C ASN B 13 -2.06 14.72 -22.19
N ILE B 14 -3.35 14.46 -22.00
CA ILE B 14 -4.13 15.11 -20.96
C ILE B 14 -3.70 14.65 -19.57
N GLN B 15 -4.48 15.01 -18.56
CA GLN B 15 -4.19 14.64 -17.18
C GLN B 15 -2.81 15.15 -16.76
N GLY A 1 4.62 -20.98 18.99
CA GLY A 1 5.64 -20.34 18.11
C GLY A 1 5.42 -18.85 17.97
N SER A 2 5.94 -18.09 18.93
CA SER A 2 5.80 -16.63 18.92
C SER A 2 6.94 -15.99 18.15
N HIS A 3 6.60 -15.13 17.21
CA HIS A 3 7.60 -14.43 16.40
C HIS A 3 7.99 -13.12 17.05
N MET A 4 7.05 -12.16 17.07
CA MET A 4 7.30 -10.87 17.68
C MET A 4 7.28 -10.99 19.20
N ARG A 5 6.08 -11.03 19.79
CA ARG A 5 5.93 -11.16 21.23
C ARG A 5 4.46 -11.23 21.61
N LYS A 6 3.61 -10.55 20.83
CA LYS A 6 2.20 -10.51 21.10
C LYS A 6 1.51 -11.86 20.83
N LYS A 7 0.36 -11.80 20.18
CA LYS A 7 -0.44 -12.97 19.86
C LYS A 7 0.32 -13.93 18.93
N ILE A 8 0.58 -13.49 17.71
CA ILE A 8 1.31 -14.29 16.71
C ILE A 8 0.62 -15.60 16.38
N PHE A 9 0.10 -15.67 15.16
CA PHE A 9 -0.59 -16.85 14.66
C PHE A 9 0.27 -17.48 13.58
N LYS A 10 -0.35 -17.78 12.45
CA LYS A 10 0.32 -18.33 11.30
C LYS A 10 0.21 -17.32 10.17
N PRO A 11 1.22 -17.21 9.30
CA PRO A 11 1.18 -16.26 8.19
C PRO A 11 -0.13 -16.34 7.42
N GLU A 12 -0.80 -17.49 7.51
CA GLU A 12 -2.08 -17.69 6.85
C GLU A 12 -3.22 -17.06 7.65
N GLU A 13 -3.11 -17.14 8.97
CA GLU A 13 -4.10 -16.56 9.86
C GLU A 13 -4.22 -15.09 9.56
N LEU A 14 -3.10 -14.43 9.70
CA LEU A 14 -3.01 -13.03 9.44
C LEU A 14 -3.61 -12.74 8.11
N ARG A 15 -3.03 -13.31 7.07
CA ARG A 15 -3.53 -13.13 5.72
C ARG A 15 -5.04 -13.15 5.69
N GLN A 16 -5.62 -14.08 6.43
CA GLN A 16 -7.06 -14.22 6.46
C GLN A 16 -7.71 -12.92 6.87
N ALA A 17 -7.05 -12.21 7.74
CA ALA A 17 -7.52 -10.91 8.16
C ALA A 17 -6.93 -9.81 7.25
N LEU A 18 -5.59 -9.79 7.16
CA LEU A 18 -4.84 -8.83 6.35
C LEU A 18 -5.25 -8.77 4.90
N MET A 19 -4.98 -9.83 4.17
CA MET A 19 -5.29 -9.87 2.76
C MET A 19 -6.62 -9.20 2.47
N PRO A 20 -7.71 -9.62 3.14
CA PRO A 20 -9.01 -9.00 2.94
C PRO A 20 -8.88 -7.49 2.95
N THR A 21 -8.06 -6.98 3.88
CA THR A 21 -7.80 -5.55 3.96
C THR A 21 -7.16 -5.07 2.65
N LEU A 22 -6.06 -5.73 2.26
CA LEU A 22 -5.36 -5.41 1.00
C LEU A 22 -6.32 -5.52 -0.16
N GLU A 23 -7.29 -6.39 0.03
CA GLU A 23 -8.28 -6.67 -0.99
C GLU A 23 -9.33 -5.57 -1.04
N ALA A 24 -9.67 -4.98 0.11
CA ALA A 24 -10.64 -3.89 0.11
C ALA A 24 -10.04 -2.72 -0.61
N LEU A 25 -8.71 -2.69 -0.58
CA LEU A 25 -7.95 -1.67 -1.25
C LEU A 25 -7.97 -1.94 -2.73
N TYR A 26 -7.72 -3.20 -3.07
CA TYR A 26 -7.64 -3.63 -4.46
C TYR A 26 -8.95 -3.29 -5.19
N ARG A 27 -10.02 -3.22 -4.42
CA ARG A 27 -11.34 -2.90 -4.97
C ARG A 27 -11.32 -1.47 -5.43
N GLN A 28 -10.58 -0.66 -4.68
CA GLN A 28 -10.44 0.74 -4.99
C GLN A 28 -9.37 0.91 -6.06
N ASP A 29 -9.28 -0.09 -6.93
CA ASP A 29 -8.28 -0.13 -8.01
C ASP A 29 -7.74 1.23 -8.45
N PRO A 30 -8.54 2.16 -9.04
CA PRO A 30 -8.01 3.46 -9.51
C PRO A 30 -7.22 4.16 -8.43
N GLU A 31 -7.39 3.66 -7.21
CA GLU A 31 -6.72 4.20 -6.04
C GLU A 31 -5.67 3.22 -5.50
N SER A 32 -5.98 1.92 -5.54
CA SER A 32 -5.07 0.91 -5.01
C SER A 32 -4.22 0.28 -6.09
N LEU A 33 -4.83 0.05 -7.25
CA LEU A 33 -4.14 -0.56 -8.32
C LEU A 33 -2.90 0.26 -8.79
N PRO A 34 -2.83 1.60 -8.56
CA PRO A 34 -1.64 2.37 -8.91
C PRO A 34 -0.56 2.14 -7.87
N PHE A 35 -0.91 1.39 -6.82
CA PHE A 35 0.01 1.08 -5.73
C PHE A 35 0.56 -0.31 -5.87
N ARG A 36 -0.21 -1.20 -6.48
CA ARG A 36 0.28 -2.53 -6.69
C ARG A 36 1.67 -2.34 -7.31
N GLN A 37 1.72 -1.30 -8.15
CA GLN A 37 2.92 -0.82 -8.81
C GLN A 37 2.96 0.71 -8.61
N PRO A 38 3.45 1.18 -7.43
CA PRO A 38 3.45 2.59 -7.07
C PRO A 38 4.64 3.38 -7.56
N VAL A 39 4.38 4.67 -7.74
CA VAL A 39 5.37 5.63 -8.21
C VAL A 39 6.37 5.01 -9.16
N ASP A 40 5.87 4.13 -10.00
CA ASP A 40 6.71 3.44 -10.96
C ASP A 40 7.49 4.44 -11.80
N PRO A 41 8.82 4.47 -11.63
CA PRO A 41 9.70 5.38 -12.38
C PRO A 41 9.88 4.91 -13.81
N GLN A 42 8.79 4.40 -14.38
CA GLN A 42 8.82 3.87 -15.72
C GLN A 42 7.58 4.31 -16.52
N LEU A 43 6.42 4.21 -15.88
CA LEU A 43 5.17 4.62 -16.52
C LEU A 43 4.98 6.12 -16.36
N LEU A 44 5.37 6.62 -15.20
CA LEU A 44 5.25 8.04 -14.88
C LEU A 44 6.46 8.80 -15.41
N GLY A 45 7.64 8.34 -15.03
CA GLY A 45 8.87 9.00 -15.46
C GLY A 45 9.34 10.03 -14.45
N ILE A 46 9.36 9.63 -13.19
CA ILE A 46 9.78 10.52 -12.12
C ILE A 46 10.88 9.89 -11.25
N PRO A 47 12.16 10.11 -11.62
CA PRO A 47 13.31 9.55 -10.89
C PRO A 47 13.26 9.86 -9.39
N ASP A 48 12.47 10.85 -9.02
CA ASP A 48 12.33 11.27 -7.62
C ASP A 48 11.96 10.10 -6.70
N TYR A 49 11.67 8.92 -7.27
CA TYR A 49 11.34 7.77 -6.44
C TYR A 49 12.55 7.35 -5.61
N PHE A 50 12.28 6.80 -4.43
CA PHE A 50 13.34 6.37 -3.51
C PHE A 50 14.12 7.59 -3.01
N ASP A 51 13.70 8.77 -3.43
CA ASP A 51 14.37 10.01 -3.04
C ASP A 51 13.43 10.81 -2.15
N ILE A 52 12.40 10.12 -1.71
CA ILE A 52 11.36 10.73 -0.91
C ILE A 52 10.76 9.72 0.05
N VAL A 53 10.20 8.67 -0.53
CA VAL A 53 9.54 7.63 0.22
C VAL A 53 10.54 6.74 0.95
N LYS A 54 11.64 6.41 0.27
CA LYS A 54 12.71 5.57 0.82
C LYS A 54 12.28 4.11 0.88
N ASN A 55 11.02 3.91 1.23
CA ASN A 55 10.46 2.58 1.34
C ASN A 55 9.20 2.46 0.51
N PRO A 56 9.39 2.28 -0.80
CA PRO A 56 8.33 2.14 -1.78
C PRO A 56 7.15 1.30 -1.27
N MET A 57 7.46 0.09 -0.80
CA MET A 57 6.42 -0.83 -0.31
C MET A 57 5.24 -0.82 -1.27
N ASP A 58 5.36 -1.62 -2.32
CA ASP A 58 4.33 -1.70 -3.36
C ASP A 58 3.22 -2.66 -2.96
N LEU A 59 1.97 -2.25 -3.18
CA LEU A 59 0.83 -3.11 -2.90
C LEU A 59 1.09 -4.48 -3.51
N SER A 60 2.03 -4.55 -4.45
CA SER A 60 2.40 -5.82 -5.05
C SER A 60 3.16 -6.61 -4.01
N THR A 61 4.24 -6.03 -3.48
CA THR A 61 4.99 -6.68 -2.42
C THR A 61 4.01 -6.95 -1.30
N ILE A 62 3.40 -5.88 -0.85
CA ILE A 62 2.42 -5.94 0.21
C ILE A 62 1.48 -7.13 0.04
N LYS A 63 0.57 -7.03 -0.91
CA LYS A 63 -0.37 -8.11 -1.19
C LYS A 63 0.35 -9.45 -1.41
N ARG A 64 1.63 -9.41 -1.80
CA ARG A 64 2.39 -10.64 -2.03
C ARG A 64 3.00 -11.21 -0.76
N LYS A 65 4.06 -10.57 -0.25
CA LYS A 65 4.72 -11.04 0.96
C LYS A 65 3.70 -11.28 2.09
N LEU A 66 2.47 -10.78 1.89
CA LEU A 66 1.37 -11.04 2.82
C LEU A 66 0.82 -12.41 2.47
N ASP A 67 0.57 -12.55 1.17
CA ASP A 67 0.03 -13.77 0.57
C ASP A 67 0.98 -14.96 0.61
N THR A 68 2.27 -14.67 0.65
CA THR A 68 3.30 -15.71 0.62
C THR A 68 3.74 -16.13 2.02
N GLY A 69 3.46 -15.30 3.02
CA GLY A 69 3.81 -15.64 4.38
C GLY A 69 5.09 -15.00 4.88
N GLN A 70 5.46 -13.84 4.32
CA GLN A 70 6.68 -13.15 4.76
C GLN A 70 6.32 -12.12 5.82
N TYR A 71 5.71 -12.59 6.89
CA TYR A 71 5.30 -11.71 7.97
C TYR A 71 5.33 -12.38 9.35
N GLN A 72 4.26 -13.13 9.63
CA GLN A 72 4.09 -13.83 10.91
C GLN A 72 3.50 -12.89 11.95
N GLU A 73 3.37 -11.62 11.57
CA GLU A 73 2.80 -10.61 12.45
C GLU A 73 2.05 -9.56 11.62
N PRO A 74 0.78 -9.28 11.98
CA PRO A 74 -0.06 -8.33 11.24
C PRO A 74 0.46 -6.88 11.24
N TRP A 75 0.85 -6.36 12.41
CA TRP A 75 1.34 -4.97 12.49
C TRP A 75 2.31 -4.67 11.37
N GLN A 76 3.28 -5.56 11.18
CA GLN A 76 4.29 -5.39 10.13
C GLN A 76 3.65 -5.08 8.79
N TYR A 77 2.59 -5.82 8.46
CA TYR A 77 1.91 -5.63 7.21
C TYR A 77 1.25 -4.28 7.15
N VAL A 78 0.71 -3.86 8.28
CA VAL A 78 0.04 -2.57 8.37
C VAL A 78 1.02 -1.46 8.10
N ASP A 79 2.13 -1.50 8.83
CA ASP A 79 3.18 -0.52 8.66
C ASP A 79 3.64 -0.49 7.21
N ASP A 80 3.40 -1.59 6.50
CA ASP A 80 3.81 -1.69 5.11
C ASP A 80 2.77 -1.06 4.19
N VAL A 81 1.53 -1.47 4.36
CA VAL A 81 0.47 -0.93 3.55
C VAL A 81 0.32 0.56 3.81
N TRP A 82 0.56 0.97 5.05
CA TRP A 82 0.53 2.38 5.37
C TRP A 82 1.76 3.04 4.82
N LEU A 83 2.81 2.24 4.67
CA LEU A 83 4.03 2.72 4.06
C LEU A 83 3.70 3.15 2.65
N MET A 84 2.76 2.40 2.07
CA MET A 84 2.27 2.64 0.73
C MET A 84 1.49 3.96 0.64
N PHE A 85 0.33 4.07 1.32
CA PHE A 85 -0.41 5.33 1.24
C PHE A 85 0.53 6.48 1.57
N ASN A 86 1.55 6.17 2.38
CA ASN A 86 2.54 7.17 2.80
C ASN A 86 3.36 7.67 1.61
N ASN A 87 3.90 6.76 0.81
CA ASN A 87 4.69 7.16 -0.36
C ASN A 87 3.88 8.12 -1.21
N ALA A 88 2.58 7.87 -1.34
CA ALA A 88 1.73 8.70 -2.17
C ALA A 88 1.46 10.04 -1.48
N TRP A 89 1.61 10.02 -0.18
CA TRP A 89 1.33 11.18 0.66
C TRP A 89 2.50 12.17 0.70
N LEU A 90 3.67 11.73 1.14
CA LEU A 90 4.80 12.61 1.23
C LEU A 90 5.53 12.76 -0.10
N TYR A 91 5.10 12.01 -1.11
CA TYR A 91 5.68 12.09 -2.45
C TYR A 91 4.91 13.07 -3.32
N ASN A 92 3.61 12.82 -3.49
CA ASN A 92 2.80 13.69 -4.33
C ASN A 92 2.39 14.93 -3.57
N ARG A 93 3.12 15.22 -2.50
CA ARG A 93 2.82 16.38 -1.66
C ARG A 93 1.36 16.34 -1.20
N LYS A 94 0.46 16.78 -2.07
CA LYS A 94 -0.96 16.74 -1.76
C LYS A 94 -1.80 17.17 -2.97
N THR A 95 -1.32 18.15 -3.74
CA THR A 95 -2.05 18.63 -4.91
C THR A 95 -1.86 17.71 -6.11
N SER A 96 -2.64 16.64 -6.15
CA SER A 96 -2.57 15.66 -7.24
C SER A 96 -3.79 14.74 -7.24
N ARG A 97 -3.84 13.83 -8.21
CA ARG A 97 -4.93 12.87 -8.32
C ARG A 97 -4.71 11.72 -7.34
N VAL A 98 -3.48 11.22 -7.33
CA VAL A 98 -3.12 10.13 -6.43
C VAL A 98 -3.47 10.52 -4.99
N TYR A 99 -3.59 11.82 -4.74
CA TYR A 99 -3.93 12.32 -3.41
C TYR A 99 -5.24 11.68 -2.95
N LYS A 100 -6.25 11.67 -3.81
CA LYS A 100 -7.51 11.07 -3.47
C LYS A 100 -7.39 9.56 -3.41
N PHE A 101 -6.54 9.02 -4.28
CA PHE A 101 -6.33 7.58 -4.34
C PHE A 101 -5.77 7.04 -3.02
N CYS A 102 -4.76 7.73 -2.51
CA CYS A 102 -4.10 7.29 -1.28
C CYS A 102 -5.00 7.46 -0.07
N SER A 103 -5.75 8.57 -0.04
CA SER A 103 -6.65 8.87 1.06
C SER A 103 -7.62 7.71 1.30
N LYS A 104 -8.46 7.42 0.31
CA LYS A 104 -9.43 6.34 0.42
C LYS A 104 -8.80 5.05 0.87
N LEU A 105 -7.71 4.68 0.24
CA LEU A 105 -7.05 3.43 0.60
C LEU A 105 -6.81 3.32 2.09
N ALA A 106 -6.21 4.35 2.65
CA ALA A 106 -5.91 4.36 4.07
C ALA A 106 -7.21 4.40 4.85
N GLU A 107 -8.29 4.75 4.15
CA GLU A 107 -9.62 4.79 4.75
C GLU A 107 -10.20 3.38 4.84
N VAL A 108 -10.52 2.80 3.68
CA VAL A 108 -11.04 1.44 3.65
C VAL A 108 -10.13 0.57 4.47
N PHE A 109 -8.84 0.61 4.16
CA PHE A 109 -7.87 -0.19 4.88
C PHE A 109 -7.94 0.04 6.39
N GLU A 110 -7.99 1.30 6.83
CA GLU A 110 -8.05 1.58 8.25
C GLU A 110 -9.32 0.99 8.80
N GLN A 111 -10.26 0.74 7.90
CA GLN A 111 -11.55 0.17 8.22
C GLN A 111 -11.51 -1.35 8.02
N GLU A 112 -10.47 -1.80 7.32
CA GLU A 112 -10.27 -3.22 7.05
C GLU A 112 -9.33 -3.82 8.09
N ILE A 113 -8.37 -3.01 8.50
CA ILE A 113 -7.39 -3.40 9.49
C ILE A 113 -7.95 -3.27 10.89
N ASP A 114 -9.22 -2.86 10.99
CA ASP A 114 -9.84 -2.75 12.30
C ASP A 114 -10.20 -4.16 12.74
N PRO A 115 -11.00 -4.88 11.93
CA PRO A 115 -11.33 -6.27 12.22
C PRO A 115 -10.05 -7.08 12.32
N VAL A 116 -9.01 -6.56 11.64
CA VAL A 116 -7.71 -7.22 11.64
C VAL A 116 -6.97 -6.94 12.93
N MET A 117 -6.54 -5.70 13.10
CA MET A 117 -5.75 -5.33 14.27
C MET A 117 -6.39 -5.80 15.57
N GLN A 118 -7.68 -6.14 15.52
CA GLN A 118 -8.38 -6.63 16.70
C GLN A 118 -8.31 -8.15 16.81
N SER A 119 -8.40 -8.84 15.67
CA SER A 119 -8.35 -10.30 15.65
C SER A 119 -6.98 -10.78 15.22
N LEU A 120 -6.08 -9.83 15.00
CA LEU A 120 -4.73 -10.10 14.55
C LEU A 120 -3.69 -9.62 15.58
N GLY A 121 -4.01 -8.52 16.26
CA GLY A 121 -3.09 -7.99 17.25
C GLY A 121 -2.81 -6.52 17.05
N GLY B 1 13.48 16.75 -19.46
CA GLY B 1 13.14 18.19 -19.26
C GLY B 1 11.95 18.63 -20.07
N GLY B 2 11.44 19.82 -19.78
CA GLY B 2 10.29 20.34 -20.50
C GLY B 2 9.15 20.72 -19.59
N ALA B 3 9.48 21.04 -18.33
CA ALA B 3 8.48 21.42 -17.35
C ALA B 3 7.41 20.34 -17.21
N LYS B 4 7.75 19.28 -16.47
CA LYS B 4 6.80 18.18 -16.25
C LYS B 4 5.87 18.48 -15.09
N ARG B 5 4.69 17.87 -15.12
CA ARG B 5 3.70 18.07 -14.07
C ARG B 5 2.83 16.84 -13.91
N HIS B 6 2.92 15.93 -14.87
CA HIS B 6 2.14 14.70 -14.86
C HIS B 6 2.83 13.63 -14.00
N ARG B 7 2.07 13.05 -13.08
CA ARG B 7 2.61 12.01 -12.20
C ARG B 7 1.48 11.18 -11.60
OH ALY B 8 3.48 8.28 -4.72
CH ALY B 8 2.58 7.80 -5.42
CH3 ALY B 8 2.03 6.42 -5.05
NZ ALY B 8 2.20 8.35 -6.55
CE ALY B 8 2.73 7.95 -7.85
CD ALY B 8 2.84 9.13 -8.78
CG ALY B 8 1.57 9.96 -8.78
CB ALY B 8 0.43 9.25 -9.49
CA ALY B 8 0.73 8.93 -10.95
N ALY B 8 1.71 9.86 -11.51
C ALY B 8 -0.57 8.94 -11.76
O ALY B 8 -1.54 8.26 -11.41
HH31 ALY B 8 2.40 6.13 -4.09
HH32 ALY B 8 0.95 6.46 -5.04
HH33 ALY B 8 2.35 5.70 -5.80
HZ ALY B 8 1.48 9.00 -6.54
HE3 ALY B 8 3.70 7.52 -7.72
HE2 ALY B 8 2.06 7.22 -8.29
HD3 ALY B 8 3.66 9.76 -8.45
HD2 ALY B 8 3.03 8.79 -9.78
HG3 ALY B 8 1.27 10.16 -7.76
HG2 ALY B 8 1.76 10.89 -9.28
HB3 ALY B 8 0.23 8.33 -8.96
HB2 ALY B 8 -0.45 9.88 -9.44
HA ALY B 8 1.15 7.93 -11.01
H ALY B 8 2.57 9.51 -11.82
N VAL B 9 -0.59 9.71 -12.83
CA VAL B 9 -1.76 9.81 -13.70
C VAL B 9 -1.46 9.17 -15.04
N LEU B 10 -0.29 8.51 -15.12
CA LEU B 10 0.13 7.85 -16.34
C LEU B 10 -0.21 6.37 -16.31
N ARG B 11 -0.76 5.88 -17.42
CA ARG B 11 -1.14 4.47 -17.54
C ARG B 11 -2.11 4.07 -16.44
N ASP B 12 -3.39 4.27 -16.69
CA ASP B 12 -4.43 3.91 -15.72
C ASP B 12 -5.69 3.45 -16.45
N ASN B 13 -6.25 4.34 -17.26
CA ASN B 13 -7.46 4.03 -18.02
C ASN B 13 -7.11 3.71 -19.46
N ILE B 14 -5.89 4.06 -19.86
CA ILE B 14 -5.41 3.82 -21.22
C ILE B 14 -4.62 2.51 -21.29
N GLN B 15 -5.13 1.56 -22.06
CA GLN B 15 -4.48 0.26 -22.23
C GLN B 15 -4.30 -0.43 -20.88
N GLY A 1 11.43 -9.25 12.94
CA GLY A 1 10.21 -9.71 13.66
C GLY A 1 9.80 -11.11 13.27
N SER A 2 9.63 -11.98 14.26
CA SER A 2 9.23 -13.36 14.02
C SER A 2 8.25 -13.85 15.08
N HIS A 3 8.18 -13.13 16.19
CA HIS A 3 7.27 -13.51 17.28
C HIS A 3 7.10 -12.35 18.27
N MET A 4 6.26 -11.38 17.89
CA MET A 4 6.00 -10.24 18.76
C MET A 4 5.47 -10.69 20.12
N ARG A 5 5.47 -9.79 21.10
CA ARG A 5 4.99 -10.12 22.43
C ARG A 5 3.46 -10.14 22.49
N LYS A 6 2.82 -10.16 21.32
CA LYS A 6 1.38 -10.19 21.25
C LYS A 6 0.88 -11.55 20.76
N LYS A 7 -0.22 -11.54 20.01
CA LYS A 7 -0.79 -12.74 19.46
C LYS A 7 -0.15 -13.06 18.15
N ILE A 8 0.69 -14.08 18.14
CA ILE A 8 1.37 -14.45 16.94
C ILE A 8 0.84 -15.78 16.42
N PHE A 9 0.10 -15.68 15.31
CA PHE A 9 -0.50 -16.85 14.69
C PHE A 9 0.41 -17.35 13.57
N LYS A 10 -0.22 -17.73 12.47
CA LYS A 10 0.48 -18.18 11.30
C LYS A 10 0.41 -17.08 10.25
N PRO A 11 1.29 -17.11 9.25
CA PRO A 11 1.29 -16.10 8.21
C PRO A 11 -0.03 -16.18 7.43
N GLU A 12 -0.67 -17.33 7.52
CA GLU A 12 -1.95 -17.57 6.85
C GLU A 12 -3.10 -17.00 7.68
N GLU A 13 -2.99 -17.13 9.01
CA GLU A 13 -4.00 -16.61 9.91
C GLU A 13 -4.18 -15.14 9.65
N LEU A 14 -3.07 -14.44 9.78
CA LEU A 14 -3.04 -13.04 9.54
C LEU A 14 -3.65 -12.77 8.21
N ARG A 15 -3.05 -13.35 7.18
CA ARG A 15 -3.55 -13.20 5.83
C ARG A 15 -5.06 -13.23 5.78
N GLN A 16 -5.65 -14.16 6.51
CA GLN A 16 -7.08 -14.30 6.52
C GLN A 16 -7.73 -12.99 6.89
N ALA A 17 -7.09 -12.27 7.79
CA ALA A 17 -7.57 -10.96 8.18
C ALA A 17 -6.96 -9.86 7.27
N LEU A 18 -5.63 -9.87 7.18
CA LEU A 18 -4.86 -8.93 6.38
C LEU A 18 -5.27 -8.86 4.93
N MET A 19 -5.02 -9.92 4.18
CA MET A 19 -5.34 -9.92 2.77
C MET A 19 -6.66 -9.22 2.50
N PRO A 20 -7.75 -9.62 3.17
CA PRO A 20 -9.05 -8.96 3.00
C PRO A 20 -8.88 -7.46 3.01
N THR A 21 -8.06 -6.98 3.95
CA THR A 21 -7.78 -5.55 4.04
C THR A 21 -7.20 -5.06 2.70
N LEU A 22 -6.14 -5.73 2.24
CA LEU A 22 -5.49 -5.40 0.98
C LEU A 22 -6.52 -5.43 -0.14
N GLU A 23 -7.49 -6.31 0.02
CA GLU A 23 -8.55 -6.48 -0.95
C GLU A 23 -9.46 -5.26 -1.01
N ALA A 24 -9.78 -4.68 0.15
CA ALA A 24 -10.62 -3.49 0.16
C ALA A 24 -9.97 -2.41 -0.67
N LEU A 25 -8.66 -2.33 -0.54
CA LEU A 25 -7.87 -1.37 -1.28
C LEU A 25 -7.82 -1.79 -2.72
N TYR A 26 -7.96 -3.10 -2.93
CA TYR A 26 -7.93 -3.65 -4.27
C TYR A 26 -9.26 -3.34 -4.97
N ARG A 27 -10.30 -3.12 -4.17
CA ARG A 27 -11.60 -2.76 -4.70
C ARG A 27 -11.48 -1.36 -5.20
N GLN A 28 -10.65 -0.62 -4.49
CA GLN A 28 -10.34 0.75 -4.83
C GLN A 28 -9.36 0.73 -5.98
N ASP A 29 -9.58 -0.21 -6.90
CA ASP A 29 -8.76 -0.36 -8.10
C ASP A 29 -8.14 0.96 -8.56
N PRO A 30 -8.90 1.91 -9.14
CA PRO A 30 -8.28 3.13 -9.65
C PRO A 30 -7.45 3.85 -8.60
N GLU A 31 -7.60 3.42 -7.37
CA GLU A 31 -6.89 3.99 -6.25
C GLU A 31 -5.72 3.12 -5.82
N SER A 32 -5.79 1.82 -6.11
CA SER A 32 -4.75 0.88 -5.72
C SER A 32 -3.69 0.59 -6.80
N LEU A 33 -4.08 0.43 -8.09
CA LEU A 33 -3.06 0.13 -9.16
C LEU A 33 -1.76 0.87 -8.96
N PRO A 34 -1.78 2.16 -8.57
CA PRO A 34 -0.55 2.92 -8.35
C PRO A 34 0.31 2.26 -7.27
N PHE A 35 -0.14 1.10 -6.78
CA PHE A 35 0.60 0.35 -5.76
C PHE A 35 0.48 -1.15 -6.00
N ARG A 36 -0.68 -1.61 -6.49
CA ARG A 36 -0.88 -3.04 -6.78
C ARG A 36 0.33 -3.57 -7.52
N GLN A 37 0.97 -2.64 -8.22
CA GLN A 37 2.19 -2.88 -8.95
C GLN A 37 3.24 -1.87 -8.51
N PRO A 38 4.54 -2.22 -8.55
CA PRO A 38 5.61 -1.30 -8.12
C PRO A 38 5.52 0.07 -8.81
N VAL A 39 5.31 1.12 -8.02
CA VAL A 39 5.19 2.48 -8.57
C VAL A 39 6.28 2.73 -9.58
N ASP A 40 5.89 3.06 -10.80
CA ASP A 40 6.82 3.34 -11.86
C ASP A 40 7.16 4.82 -11.93
N PRO A 41 8.36 5.23 -11.49
CA PRO A 41 8.78 6.62 -11.52
C PRO A 41 9.26 6.99 -12.92
N GLN A 42 8.48 6.60 -13.92
CA GLN A 42 8.80 6.85 -15.31
C GLN A 42 7.57 7.34 -16.05
N LEU A 43 6.47 6.60 -15.91
CA LEU A 43 5.21 6.98 -16.55
C LEU A 43 4.88 8.41 -16.15
N LEU A 44 4.92 8.63 -14.84
CA LEU A 44 4.64 9.93 -14.27
C LEU A 44 5.79 10.87 -14.49
N GLY A 45 6.97 10.34 -14.24
CA GLY A 45 8.17 11.13 -14.37
C GLY A 45 8.46 11.76 -13.03
N ILE A 46 8.51 10.91 -12.02
CA ILE A 46 8.75 11.33 -10.65
C ILE A 46 10.13 10.84 -10.14
N PRO A 47 11.24 11.35 -10.72
CA PRO A 47 12.60 10.95 -10.32
C PRO A 47 12.83 11.13 -8.82
N ASP A 48 12.05 12.00 -8.21
CA ASP A 48 12.17 12.27 -6.79
C ASP A 48 11.85 11.02 -5.96
N TYR A 49 11.52 9.92 -6.63
CA TYR A 49 11.20 8.69 -5.94
C TYR A 49 12.44 8.16 -5.25
N PHE A 50 12.24 7.47 -4.13
CA PHE A 50 13.33 6.93 -3.33
C PHE A 50 14.15 8.08 -2.72
N ASP A 51 13.68 9.31 -2.95
CA ASP A 51 14.36 10.51 -2.45
C ASP A 51 13.42 11.22 -1.50
N ILE A 52 12.36 10.54 -1.16
CA ILE A 52 11.32 11.09 -0.32
C ILE A 52 10.69 10.01 0.52
N VAL A 53 10.15 9.02 -0.16
CA VAL A 53 9.47 7.91 0.47
C VAL A 53 10.46 6.96 1.14
N LYS A 54 11.60 6.74 0.47
CA LYS A 54 12.65 5.87 0.97
C LYS A 54 12.25 4.40 0.90
N ASN A 55 10.96 4.14 1.03
CA ASN A 55 10.43 2.79 0.98
C ASN A 55 9.17 2.77 0.12
N PRO A 56 9.33 2.41 -1.16
CA PRO A 56 8.24 2.35 -2.13
C PRO A 56 7.34 1.13 -1.95
N MET A 57 6.93 0.86 -0.71
CA MET A 57 6.06 -0.27 -0.42
C MET A 57 4.81 -0.20 -1.30
N ASP A 58 4.78 -1.02 -2.33
CA ASP A 58 3.65 -1.03 -3.26
C ASP A 58 2.76 -2.24 -3.00
N LEU A 59 1.44 -2.02 -3.07
CA LEU A 59 0.44 -3.09 -2.86
C LEU A 59 0.89 -4.38 -3.53
N SER A 60 1.78 -4.29 -4.51
CA SER A 60 2.28 -5.47 -5.17
C SER A 60 3.08 -6.27 -4.15
N THR A 61 4.15 -5.66 -3.66
CA THR A 61 4.97 -6.28 -2.65
C THR A 61 4.12 -6.57 -1.43
N ILE A 62 3.25 -5.63 -1.09
CA ILE A 62 2.36 -5.77 0.05
C ILE A 62 1.49 -7.00 -0.06
N LYS A 63 0.49 -6.95 -0.93
CA LYS A 63 -0.40 -8.07 -1.15
C LYS A 63 0.41 -9.37 -1.37
N ARG A 64 1.70 -9.21 -1.72
CA ARG A 64 2.58 -10.35 -1.95
C ARG A 64 3.13 -10.94 -0.66
N LYS A 65 4.07 -10.26 0.01
CA LYS A 65 4.65 -10.78 1.26
C LYS A 65 3.56 -11.45 2.07
N LEU A 66 2.43 -10.78 2.16
CA LEU A 66 1.28 -11.31 2.86
C LEU A 66 1.00 -12.72 2.34
N ASP A 67 0.53 -12.75 1.10
CA ASP A 67 0.18 -13.99 0.38
C ASP A 67 1.24 -15.06 0.47
N THR A 68 2.46 -14.68 0.15
CA THR A 68 3.58 -15.60 0.13
C THR A 68 3.90 -16.11 1.53
N GLY A 69 3.54 -15.34 2.55
CA GLY A 69 3.76 -15.76 3.92
C GLY A 69 5.02 -15.19 4.55
N GLN A 70 5.49 -14.06 4.03
CA GLN A 70 6.68 -13.42 4.59
C GLN A 70 6.28 -12.58 5.79
N TYR A 71 5.58 -13.19 6.72
CA TYR A 71 5.12 -12.49 7.91
C TYR A 71 4.84 -13.45 9.05
N GLN A 72 4.37 -12.88 10.15
CA GLN A 72 4.03 -13.64 11.35
C GLN A 72 3.26 -12.75 12.31
N GLU A 73 3.49 -11.46 12.21
CA GLU A 73 2.81 -10.47 13.02
C GLU A 73 2.07 -9.49 12.10
N PRO A 74 0.75 -9.32 12.30
CA PRO A 74 -0.08 -8.44 11.45
C PRO A 74 0.39 -6.98 11.37
N TRP A 75 0.89 -6.42 12.47
CA TRP A 75 1.32 -5.00 12.45
C TRP A 75 2.33 -4.77 11.34
N GLN A 76 3.30 -5.66 11.22
CA GLN A 76 4.33 -5.54 10.20
C GLN A 76 3.71 -5.26 8.84
N TYR A 77 2.71 -6.05 8.47
CA TYR A 77 2.06 -5.87 7.18
C TYR A 77 1.44 -4.49 7.10
N VAL A 78 0.91 -4.05 8.24
CA VAL A 78 0.27 -2.75 8.32
C VAL A 78 1.28 -1.65 8.05
N ASP A 79 2.37 -1.70 8.77
CA ASP A 79 3.44 -0.72 8.59
C ASP A 79 3.84 -0.64 7.14
N ASP A 80 3.60 -1.71 6.38
CA ASP A 80 3.97 -1.73 4.97
C ASP A 80 2.89 -1.09 4.12
N VAL A 81 1.66 -1.53 4.31
CA VAL A 81 0.55 -0.97 3.56
C VAL A 81 0.40 0.51 3.86
N TRP A 82 0.72 0.90 5.09
CA TRP A 82 0.69 2.31 5.43
C TRP A 82 1.93 2.97 4.88
N LEU A 83 2.96 2.17 4.67
CA LEU A 83 4.17 2.66 4.04
C LEU A 83 3.80 3.07 2.63
N MET A 84 2.86 2.31 2.09
CA MET A 84 2.33 2.54 0.75
C MET A 84 1.56 3.85 0.70
N PHE A 85 0.47 3.97 1.48
CA PHE A 85 -0.28 5.21 1.47
C PHE A 85 0.66 6.37 1.82
N ASN A 86 1.70 6.04 2.58
CA ASN A 86 2.68 7.03 3.01
C ASN A 86 3.39 7.68 1.82
N ASN A 87 4.01 6.85 0.97
CA ASN A 87 4.73 7.36 -0.19
C ASN A 87 3.80 8.23 -1.03
N ALA A 88 2.55 7.83 -1.20
CA ALA A 88 1.64 8.59 -2.03
C ALA A 88 1.32 9.93 -1.40
N TRP A 89 1.46 9.98 -0.08
CA TRP A 89 1.11 11.17 0.69
C TRP A 89 2.27 12.14 0.87
N LEU A 90 3.34 11.69 1.50
CA LEU A 90 4.48 12.56 1.73
C LEU A 90 5.26 12.84 0.45
N TYR A 91 4.88 12.14 -0.63
CA TYR A 91 5.50 12.32 -1.93
C TYR A 91 4.73 13.33 -2.76
N ASN A 92 3.45 13.05 -2.99
CA ASN A 92 2.61 13.93 -3.78
C ASN A 92 2.01 15.02 -2.93
N ARG A 93 2.58 15.19 -1.72
CA ARG A 93 2.10 16.19 -0.78
C ARG A 93 0.60 16.03 -0.54
N LYS A 94 -0.21 16.53 -1.46
CA LYS A 94 -1.65 16.41 -1.35
C LYS A 94 -2.35 16.83 -2.64
N THR A 95 -1.83 17.86 -3.30
CA THR A 95 -2.42 18.35 -4.54
C THR A 95 -2.04 17.46 -5.73
N SER A 96 -2.79 16.38 -5.92
CA SER A 96 -2.54 15.45 -7.01
C SER A 96 -3.67 14.44 -7.16
N ARG A 97 -3.57 13.56 -8.15
CA ARG A 97 -4.58 12.53 -8.39
C ARG A 97 -4.41 11.39 -7.39
N VAL A 98 -3.18 10.95 -7.21
CA VAL A 98 -2.88 9.86 -6.29
C VAL A 98 -3.35 10.23 -4.88
N TYR A 99 -3.65 11.52 -4.67
CA TYR A 99 -4.14 11.97 -3.38
C TYR A 99 -5.48 11.29 -3.10
N LYS A 100 -6.34 11.29 -4.11
CA LYS A 100 -7.65 10.67 -4.02
C LYS A 100 -7.48 9.17 -3.85
N PHE A 101 -6.60 8.62 -4.68
CA PHE A 101 -6.34 7.19 -4.68
C PHE A 101 -5.81 6.72 -3.33
N CYS A 102 -4.87 7.46 -2.78
CA CYS A 102 -4.27 7.11 -1.52
C CYS A 102 -5.23 7.36 -0.36
N SER A 103 -5.88 8.52 -0.41
CA SER A 103 -6.83 8.91 0.61
C SER A 103 -7.71 7.74 1.02
N LYS A 104 -8.38 7.14 0.03
CA LYS A 104 -9.23 6.01 0.32
C LYS A 104 -8.43 4.81 0.81
N LEU A 105 -7.40 4.42 0.07
CA LEU A 105 -6.59 3.27 0.46
C LEU A 105 -6.33 3.23 1.95
N ALA A 106 -5.86 4.34 2.51
CA ALA A 106 -5.57 4.38 3.93
C ALA A 106 -6.88 4.34 4.73
N GLU A 107 -7.94 4.85 4.11
CA GLU A 107 -9.26 4.87 4.73
C GLU A 107 -9.85 3.46 4.82
N VAL A 108 -10.21 2.90 3.66
CA VAL A 108 -10.77 1.55 3.61
C VAL A 108 -9.89 0.64 4.44
N PHE A 109 -8.59 0.73 4.24
CA PHE A 109 -7.66 -0.12 4.97
C PHE A 109 -7.76 0.12 6.47
N GLU A 110 -7.77 1.37 6.91
CA GLU A 110 -7.88 1.65 8.32
C GLU A 110 -9.23 1.11 8.80
N GLN A 111 -10.08 0.88 7.82
CA GLN A 111 -11.42 0.36 8.03
C GLN A 111 -11.43 -1.16 7.91
N GLU A 112 -10.34 -1.70 7.33
CA GLU A 112 -10.19 -3.14 7.15
C GLU A 112 -9.28 -3.73 8.21
N ILE A 113 -8.28 -2.96 8.59
CA ILE A 113 -7.31 -3.36 9.59
C ILE A 113 -7.90 -3.25 10.99
N ASP A 114 -9.16 -2.83 11.09
CA ASP A 114 -9.78 -2.74 12.38
C ASP A 114 -10.18 -4.14 12.80
N PRO A 115 -11.00 -4.84 11.97
CA PRO A 115 -11.36 -6.21 12.24
C PRO A 115 -10.09 -7.06 12.31
N VAL A 116 -9.03 -6.54 11.69
CA VAL A 116 -7.75 -7.22 11.67
C VAL A 116 -7.01 -6.98 12.97
N MET A 117 -6.55 -5.75 13.16
CA MET A 117 -5.77 -5.41 14.34
C MET A 117 -6.45 -5.87 15.63
N GLN A 118 -7.73 -6.22 15.54
CA GLN A 118 -8.47 -6.70 16.70
C GLN A 118 -8.41 -8.23 16.80
N SER A 119 -8.54 -8.91 15.65
CA SER A 119 -8.50 -10.37 15.63
C SER A 119 -7.11 -10.86 15.22
N LEU A 120 -6.23 -9.91 15.02
CA LEU A 120 -4.85 -10.17 14.59
C LEU A 120 -3.86 -9.68 15.63
N GLY A 121 -4.18 -8.56 16.27
CA GLY A 121 -3.30 -8.00 17.27
C GLY A 121 -2.80 -6.61 16.89
N GLY B 1 1.18 6.03 -23.85
CA GLY B 1 2.37 5.14 -23.75
C GLY B 1 1.98 3.67 -23.69
N GLY B 2 0.93 3.37 -22.95
CA GLY B 2 0.47 2.00 -22.82
C GLY B 2 -0.45 1.79 -21.64
N ALA B 3 -0.03 2.27 -20.47
CA ALA B 3 -0.83 2.14 -19.26
C ALA B 3 -2.03 3.08 -19.28
N LYS B 4 -2.05 3.98 -20.26
CA LYS B 4 -3.14 4.95 -20.41
C LYS B 4 -3.21 5.89 -19.21
N ARG B 5 -3.81 5.42 -18.12
CA ARG B 5 -3.94 6.23 -16.92
C ARG B 5 -3.71 5.39 -15.67
N HIS B 6 -2.47 5.38 -15.18
CA HIS B 6 -2.12 4.62 -13.98
C HIS B 6 -1.24 5.45 -13.05
N ARG B 7 -0.80 4.83 -11.95
CA ARG B 7 0.03 5.53 -10.97
C ARG B 7 -0.62 6.83 -10.52
OH ALY B 8 4.21 8.02 -3.86
CH ALY B 8 3.69 7.96 -4.97
CH3 ALY B 8 2.60 6.91 -5.22
NZ ALY B 8 3.97 8.86 -5.91
CE ALY B 8 3.96 8.56 -7.34
CD ALY B 8 3.10 9.55 -8.11
CG ALY B 8 1.65 9.12 -8.11
CB ALY B 8 0.82 9.91 -9.09
CA ALY B 8 -0.32 9.09 -9.70
N ALY B 8 0.19 7.80 -10.14
C ALY B 8 -0.96 9.85 -10.84
O ALY B 8 -1.48 10.94 -10.66
HH31 ALY B 8 3.04 5.93 -5.17
HH32 ALY B 8 1.83 7.02 -4.47
HH33 ALY B 8 2.17 7.07 -6.20
HZ ALY B 8 4.18 9.78 -5.64
HE3 ALY B 8 4.97 8.61 -7.72
HE2 ALY B 8 3.55 7.57 -7.49
HD3 ALY B 8 3.17 10.52 -7.65
HD2 ALY B 8 3.45 9.61 -9.13
HG3 ALY B 8 1.60 8.08 -8.39
HG2 ALY B 8 1.25 9.26 -7.12
HB3 ALY B 8 0.40 10.76 -8.58
HB2 ALY B 8 1.47 10.25 -9.90
HA ALY B 8 -1.04 8.90 -8.94
H ALY B 8 1.16 7.65 -10.16
N VAL B 9 -0.94 9.24 -12.03
CA VAL B 9 -1.52 9.86 -13.21
C VAL B 9 -0.90 11.22 -13.46
N LEU B 10 0.38 11.23 -13.81
CA LEU B 10 1.08 12.48 -14.07
C LEU B 10 1.06 12.80 -15.57
N ARG B 11 0.94 11.76 -16.38
CA ARG B 11 0.92 11.91 -17.83
C ARG B 11 -0.25 12.78 -18.27
N ASP B 12 -0.18 13.24 -19.52
CA ASP B 12 -1.23 14.09 -20.08
C ASP B 12 -1.46 13.78 -21.55
N ASN B 13 -2.14 14.68 -22.24
CA ASN B 13 -2.44 14.51 -23.67
C ASN B 13 -3.33 13.29 -23.89
N ILE B 14 -3.77 13.12 -25.14
CA ILE B 14 -4.62 12.00 -25.50
C ILE B 14 -3.92 11.04 -26.45
N GLN B 15 -4.63 9.99 -26.85
CA GLN B 15 -4.06 8.99 -27.75
C GLN B 15 -3.66 9.63 -29.08
N GLY A 1 9.35 -18.02 14.67
CA GLY A 1 8.51 -18.45 15.83
C GLY A 1 8.70 -17.56 17.04
N SER A 2 7.59 -17.24 17.71
CA SER A 2 7.63 -16.38 18.89
C SER A 2 8.29 -15.04 18.57
N HIS A 3 7.99 -14.50 17.40
CA HIS A 3 8.55 -13.23 16.97
C HIS A 3 8.12 -12.09 17.89
N MET A 4 7.03 -11.41 17.54
CA MET A 4 6.53 -10.31 18.35
C MET A 4 5.92 -10.83 19.65
N ARG A 5 5.68 -9.93 20.60
CA ARG A 5 5.11 -10.30 21.87
C ARG A 5 3.64 -9.93 21.97
N LYS A 6 2.79 -10.73 21.30
CA LYS A 6 1.36 -10.51 21.31
C LYS A 6 0.63 -11.82 21.04
N LYS A 7 0.24 -12.03 19.79
CA LYS A 7 -0.44 -13.24 19.39
C LYS A 7 0.49 -14.12 18.60
N ILE A 8 0.78 -13.63 17.40
CA ILE A 8 1.64 -14.30 16.47
C ILE A 8 1.04 -15.63 16.04
N PHE A 9 0.41 -15.58 14.88
CA PHE A 9 -0.26 -16.73 14.32
C PHE A 9 0.53 -17.21 13.12
N LYS A 10 -0.10 -18.03 12.31
CA LYS A 10 0.52 -18.52 11.09
C LYS A 10 0.44 -17.40 10.05
N PRO A 11 1.46 -17.25 9.20
CA PRO A 11 1.45 -16.21 8.17
C PRO A 11 0.16 -16.23 7.35
N GLU A 12 -0.51 -17.38 7.37
CA GLU A 12 -1.76 -17.54 6.64
C GLU A 12 -2.91 -16.93 7.43
N GLU A 13 -2.85 -17.06 8.77
CA GLU A 13 -3.88 -16.51 9.64
C GLU A 13 -4.02 -15.04 9.34
N LEU A 14 -2.88 -14.39 9.36
CA LEU A 14 -2.80 -13.00 9.10
C LEU A 14 -3.42 -12.72 7.77
N ARG A 15 -2.92 -13.39 6.75
CA ARG A 15 -3.47 -13.22 5.40
C ARG A 15 -4.97 -13.28 5.43
N GLN A 16 -5.51 -14.07 6.35
CA GLN A 16 -6.96 -14.24 6.43
C GLN A 16 -7.63 -12.98 6.92
N ALA A 17 -6.93 -12.19 7.70
CA ALA A 17 -7.45 -10.94 8.16
C ALA A 17 -6.92 -9.80 7.27
N LEU A 18 -5.59 -9.75 7.16
CA LEU A 18 -4.86 -8.77 6.37
C LEU A 18 -5.29 -8.69 4.93
N MET A 19 -5.03 -9.74 4.16
CA MET A 19 -5.37 -9.70 2.75
C MET A 19 -6.74 -9.11 2.54
N PRO A 20 -7.78 -9.64 3.23
CA PRO A 20 -9.14 -9.10 3.11
C PRO A 20 -9.11 -7.59 3.16
N THR A 21 -8.29 -7.04 4.06
CA THR A 21 -8.14 -5.60 4.14
C THR A 21 -7.66 -5.11 2.79
N LEU A 22 -6.49 -5.61 2.39
CA LEU A 22 -5.90 -5.28 1.12
C LEU A 22 -6.91 -5.43 0.00
N GLU A 23 -7.97 -6.19 0.28
CA GLU A 23 -9.00 -6.42 -0.70
C GLU A 23 -10.01 -5.29 -0.75
N ALA A 24 -10.29 -4.62 0.38
CA ALA A 24 -11.20 -3.48 0.32
C ALA A 24 -10.52 -2.39 -0.50
N LEU A 25 -9.19 -2.33 -0.38
CA LEU A 25 -8.37 -1.40 -1.16
C LEU A 25 -8.31 -1.87 -2.61
N TYR A 26 -8.07 -3.17 -2.74
CA TYR A 26 -7.98 -3.81 -4.04
C TYR A 26 -9.31 -3.66 -4.76
N ARG A 27 -10.35 -3.43 -3.97
CA ARG A 27 -11.70 -3.28 -4.48
C ARG A 27 -11.98 -1.82 -4.81
N GLN A 28 -11.15 -0.92 -4.31
CA GLN A 28 -11.33 0.49 -4.59
C GLN A 28 -10.74 0.79 -5.97
N ASP A 29 -10.31 -0.30 -6.59
CA ASP A 29 -9.70 -0.37 -7.93
C ASP A 29 -8.88 0.85 -8.40
N PRO A 30 -9.46 1.90 -9.05
CA PRO A 30 -8.66 3.03 -9.58
C PRO A 30 -7.60 3.59 -8.64
N GLU A 31 -7.60 3.15 -7.40
CA GLU A 31 -6.65 3.66 -6.42
C GLU A 31 -5.62 2.62 -6.00
N SER A 32 -5.95 1.35 -6.17
CA SER A 32 -5.08 0.26 -5.79
C SER A 32 -4.24 -0.20 -6.96
N LEU A 33 -4.77 -0.09 -8.19
CA LEU A 33 -4.01 -0.47 -9.37
C LEU A 33 -2.61 0.13 -9.33
N PRO A 34 -2.49 1.46 -9.10
CA PRO A 34 -1.21 2.15 -9.01
C PRO A 34 -0.25 1.52 -7.98
N PHE A 35 -0.76 0.61 -7.15
CA PHE A 35 0.09 -0.02 -6.13
C PHE A 35 0.15 -1.54 -6.28
N ARG A 36 -0.96 -2.15 -6.67
CA ARG A 36 -1.02 -3.60 -6.83
C ARG A 36 0.17 -4.10 -7.61
N GLN A 37 0.65 -3.25 -8.52
CA GLN A 37 1.80 -3.55 -9.35
C GLN A 37 2.96 -2.64 -8.95
N PRO A 38 4.20 -3.04 -9.26
CA PRO A 38 5.38 -2.23 -8.92
C PRO A 38 5.24 -0.78 -9.39
N VAL A 39 5.32 0.16 -8.45
CA VAL A 39 5.23 1.58 -8.76
C VAL A 39 6.52 2.06 -9.38
N ASP A 40 6.83 1.52 -10.54
CA ASP A 40 8.04 1.89 -11.25
C ASP A 40 8.06 3.40 -11.45
N PRO A 41 8.98 4.12 -10.79
CA PRO A 41 9.08 5.57 -10.92
C PRO A 41 9.08 6.01 -12.39
N GLN A 42 9.21 5.02 -13.26
CA GLN A 42 9.25 5.26 -14.69
C GLN A 42 7.92 4.86 -15.36
N LEU A 43 7.28 3.81 -14.85
CA LEU A 43 6.02 3.37 -15.41
C LEU A 43 4.99 4.49 -15.34
N LEU A 44 5.18 5.43 -14.42
CA LEU A 44 4.25 6.53 -14.31
C LEU A 44 4.93 7.87 -14.58
N GLY A 45 6.02 8.17 -13.89
CA GLY A 45 6.73 9.40 -14.19
C GLY A 45 7.25 10.19 -13.00
N ILE A 46 7.51 9.54 -11.87
CA ILE A 46 8.06 10.27 -10.72
C ILE A 46 9.49 9.82 -10.38
N PRO A 47 10.50 10.41 -11.02
CA PRO A 47 11.92 10.07 -10.78
C PRO A 47 12.34 10.36 -9.34
N ASP A 48 11.60 11.26 -8.69
CA ASP A 48 11.90 11.65 -7.31
C ASP A 48 11.80 10.46 -6.35
N TYR A 49 11.32 9.31 -6.84
CA TYR A 49 11.22 8.13 -5.98
C TYR A 49 12.54 7.85 -5.26
N PHE A 50 12.41 7.27 -4.07
CA PHE A 50 13.57 6.92 -3.24
C PHE A 50 14.31 8.17 -2.76
N ASP A 51 13.72 9.33 -3.04
CA ASP A 51 14.31 10.60 -2.62
C ASP A 51 13.30 11.33 -1.76
N ILE A 52 12.30 10.58 -1.35
CA ILE A 52 11.20 11.12 -0.57
C ILE A 52 10.59 10.06 0.34
N VAL A 53 10.13 9.00 -0.29
CA VAL A 53 9.46 7.92 0.43
C VAL A 53 10.45 7.01 1.16
N LYS A 54 11.54 6.66 0.47
CA LYS A 54 12.58 5.79 1.02
C LYS A 54 12.11 4.34 1.07
N ASN A 55 10.80 4.16 1.24
CA ASN A 55 10.21 2.84 1.28
C ASN A 55 9.02 2.77 0.34
N PRO A 56 9.27 2.28 -0.88
CA PRO A 56 8.26 2.17 -1.93
C PRO A 56 7.35 0.96 -1.75
N MET A 57 6.91 0.72 -0.51
CA MET A 57 6.01 -0.40 -0.23
C MET A 57 4.75 -0.31 -1.08
N ASP A 58 4.74 -1.02 -2.19
CA ASP A 58 3.57 -1.02 -3.08
C ASP A 58 2.71 -2.25 -2.84
N LEU A 59 1.40 -2.11 -3.04
CA LEU A 59 0.47 -3.21 -2.85
C LEU A 59 0.96 -4.49 -3.53
N SER A 60 1.93 -4.34 -4.44
CA SER A 60 2.50 -5.50 -5.11
C SER A 60 3.36 -6.26 -4.12
N THR A 61 4.39 -5.61 -3.60
CA THR A 61 5.24 -6.24 -2.61
C THR A 61 4.38 -6.66 -1.44
N ILE A 62 3.42 -5.80 -1.11
CA ILE A 62 2.50 -6.04 -0.02
C ILE A 62 1.72 -7.33 -0.21
N LYS A 63 0.73 -7.30 -1.12
CA LYS A 63 -0.08 -8.47 -1.39
C LYS A 63 0.77 -9.71 -1.64
N ARG A 64 2.06 -9.52 -1.94
CA ARG A 64 2.94 -10.65 -2.18
C ARG A 64 3.43 -11.25 -0.87
N LYS A 65 4.30 -10.53 -0.15
CA LYS A 65 4.81 -11.03 1.13
C LYS A 65 3.69 -11.70 1.91
N LEU A 66 2.57 -10.98 2.05
CA LEU A 66 1.41 -11.53 2.72
C LEU A 66 1.12 -12.91 2.13
N ASP A 67 0.86 -12.90 0.83
CA ASP A 67 0.53 -14.10 0.06
C ASP A 67 1.58 -15.20 0.20
N THR A 68 2.82 -14.80 0.42
CA THR A 68 3.92 -15.74 0.52
C THR A 68 4.24 -16.11 1.97
N GLY A 69 3.71 -15.32 2.90
CA GLY A 69 3.93 -15.58 4.31
C GLY A 69 5.22 -14.99 4.84
N GLN A 70 5.52 -13.74 4.46
CA GLN A 70 6.72 -13.07 4.94
C GLN A 70 6.35 -11.96 5.90
N TYR A 71 5.75 -12.33 7.01
CA TYR A 71 5.33 -11.37 8.01
C TYR A 71 5.35 -11.96 9.42
N GLN A 72 4.37 -12.81 9.71
CA GLN A 72 4.23 -13.46 11.02
C GLN A 72 3.63 -12.48 12.02
N GLU A 73 3.52 -11.23 11.60
CA GLU A 73 2.97 -10.18 12.44
C GLU A 73 2.12 -9.23 11.60
N PRO A 74 0.82 -9.09 11.95
CA PRO A 74 -0.11 -8.21 11.22
C PRO A 74 0.33 -6.75 11.19
N TRP A 75 0.72 -6.21 12.35
CA TRP A 75 1.15 -4.80 12.42
C TRP A 75 2.17 -4.49 11.35
N GLN A 76 3.12 -5.40 11.15
CA GLN A 76 4.16 -5.21 10.15
C GLN A 76 3.53 -4.93 8.78
N TYR A 77 2.49 -5.68 8.45
CA TYR A 77 1.82 -5.50 7.18
C TYR A 77 1.12 -4.17 7.15
N VAL A 78 0.59 -3.79 8.29
CA VAL A 78 -0.09 -2.51 8.42
C VAL A 78 0.85 -1.39 8.12
N ASP A 79 1.99 -1.41 8.78
CA ASP A 79 3.02 -0.40 8.57
C ASP A 79 3.49 -0.42 7.13
N ASP A 80 3.28 -1.54 6.44
CA ASP A 80 3.72 -1.66 5.05
C ASP A 80 2.67 -1.08 4.12
N VAL A 81 1.43 -1.39 4.38
CA VAL A 81 0.34 -0.88 3.56
C VAL A 81 0.17 0.60 3.82
N TRP A 82 0.43 1.01 5.06
CA TRP A 82 0.37 2.41 5.40
C TRP A 82 1.59 3.08 4.81
N LEU A 83 2.63 2.28 4.62
CA LEU A 83 3.83 2.75 3.98
C LEU A 83 3.46 3.15 2.56
N MET A 84 2.59 2.33 1.98
CA MET A 84 2.07 2.56 0.64
C MET A 84 1.35 3.91 0.53
N PHE A 85 0.24 4.08 1.25
CA PHE A 85 -0.46 5.37 1.18
C PHE A 85 0.49 6.48 1.61
N ASN A 86 1.47 6.14 2.45
CA ASN A 86 2.45 7.10 2.95
C ASN A 86 3.29 7.69 1.81
N ASN A 87 3.92 6.84 1.01
CA ASN A 87 4.73 7.31 -0.11
C ASN A 87 3.89 8.21 -0.99
N ALA A 88 2.63 7.85 -1.17
CA ALA A 88 1.74 8.65 -2.02
C ALA A 88 1.43 9.99 -1.37
N TRP A 89 1.55 10.00 -0.05
CA TRP A 89 1.23 11.17 0.76
C TRP A 89 2.38 12.17 0.86
N LEU A 90 3.52 11.75 1.40
CA LEU A 90 4.65 12.64 1.57
C LEU A 90 5.39 12.88 0.25
N TYR A 91 4.98 12.15 -0.79
CA TYR A 91 5.57 12.28 -2.11
C TYR A 91 4.79 13.27 -2.95
N ASN A 92 3.51 12.98 -3.16
CA ASN A 92 2.65 13.83 -3.96
C ASN A 92 2.19 15.04 -3.16
N ARG A 93 2.95 15.35 -2.11
CA ARG A 93 2.65 16.48 -1.24
C ARG A 93 1.21 16.41 -0.76
N LYS A 94 0.29 17.01 -1.52
CA LYS A 94 -1.13 16.99 -1.14
C LYS A 94 -2.06 17.48 -2.25
N THR A 95 -1.56 17.60 -3.47
CA THR A 95 -2.37 18.06 -4.59
C THR A 95 -2.07 17.28 -5.87
N SER A 96 -2.54 16.04 -5.92
CA SER A 96 -2.32 15.20 -7.10
C SER A 96 -3.47 14.22 -7.30
N ARG A 97 -3.31 13.30 -8.26
CA ARG A 97 -4.33 12.30 -8.55
C ARG A 97 -4.21 11.13 -7.58
N VAL A 98 -3.00 10.57 -7.50
CA VAL A 98 -2.76 9.47 -6.59
C VAL A 98 -3.06 9.91 -5.16
N TYR A 99 -3.18 11.23 -4.98
CA TYR A 99 -3.51 11.81 -3.69
C TYR A 99 -4.87 11.30 -3.24
N LYS A 100 -5.80 11.24 -4.19
CA LYS A 100 -7.14 10.77 -3.93
C LYS A 100 -7.11 9.27 -3.71
N PHE A 101 -6.31 8.59 -4.53
CA PHE A 101 -6.19 7.15 -4.45
C PHE A 101 -5.67 6.70 -3.09
N CYS A 102 -4.62 7.34 -2.60
CA CYS A 102 -4.02 6.97 -1.32
C CYS A 102 -4.96 7.29 -0.17
N SER A 103 -5.61 8.44 -0.24
CA SER A 103 -6.54 8.88 0.80
C SER A 103 -7.52 7.76 1.16
N LYS A 104 -8.25 7.26 0.16
CA LYS A 104 -9.22 6.20 0.40
C LYS A 104 -8.59 4.95 0.97
N LEU A 105 -7.54 4.46 0.34
CA LEU A 105 -6.91 3.24 0.81
C LEU A 105 -6.65 3.27 2.30
N ALA A 106 -6.06 4.36 2.77
CA ALA A 106 -5.76 4.47 4.20
C ALA A 106 -7.07 4.50 4.97
N GLU A 107 -8.11 4.99 4.30
CA GLU A 107 -9.44 5.07 4.90
C GLU A 107 -10.05 3.68 5.04
N VAL A 108 -10.40 3.07 3.90
CA VAL A 108 -10.96 1.72 3.92
C VAL A 108 -10.06 0.87 4.76
N PHE A 109 -8.78 0.88 4.44
CA PHE A 109 -7.83 0.08 5.19
C PHE A 109 -7.85 0.34 6.68
N GLU A 110 -7.91 1.59 7.10
CA GLU A 110 -7.96 1.88 8.51
C GLU A 110 -9.24 1.26 9.07
N GLN A 111 -10.14 1.01 8.13
CA GLN A 111 -11.43 0.42 8.40
C GLN A 111 -11.40 -1.11 8.16
N GLU A 112 -10.38 -1.56 7.42
CA GLU A 112 -10.19 -2.97 7.11
C GLU A 112 -9.27 -3.61 8.15
N ILE A 113 -8.27 -2.83 8.54
CA ILE A 113 -7.25 -3.21 9.51
C ILE A 113 -7.80 -3.12 10.93
N ASP A 114 -9.06 -2.71 11.06
CA ASP A 114 -9.68 -2.64 12.37
C ASP A 114 -10.09 -4.05 12.78
N PRO A 115 -10.94 -4.72 11.96
CA PRO A 115 -11.32 -6.09 12.23
C PRO A 115 -10.07 -6.96 12.32
N VAL A 116 -9.02 -6.49 11.66
CA VAL A 116 -7.75 -7.18 11.66
C VAL A 116 -7.01 -6.93 12.97
N MET A 117 -6.55 -5.71 13.15
CA MET A 117 -5.77 -5.36 14.33
C MET A 117 -6.42 -5.86 15.62
N GLN A 118 -7.71 -6.21 15.56
CA GLN A 118 -8.41 -6.73 16.73
C GLN A 118 -8.36 -8.26 16.78
N SER A 119 -8.46 -8.90 15.61
CA SER A 119 -8.43 -10.35 15.53
C SER A 119 -7.04 -10.84 15.13
N LEU A 120 -6.13 -9.88 14.96
CA LEU A 120 -4.77 -10.12 14.55
C LEU A 120 -3.79 -9.62 15.62
N GLY A 121 -4.15 -8.51 16.26
CA GLY A 121 -3.31 -7.95 17.29
C GLY A 121 -4.09 -7.61 18.55
N GLY B 1 19.20 18.28 -14.90
CA GLY B 1 18.02 17.42 -14.60
C GLY B 1 16.84 17.71 -15.50
N GLY B 2 16.36 18.96 -15.46
CA GLY B 2 15.24 19.34 -16.29
C GLY B 2 13.95 18.64 -15.90
N ALA B 3 13.07 18.42 -16.87
CA ALA B 3 11.79 17.75 -16.62
C ALA B 3 10.91 18.56 -15.69
N LYS B 4 9.80 19.06 -16.22
CA LYS B 4 8.85 19.86 -15.43
C LYS B 4 7.43 19.33 -15.59
N ARG B 5 6.63 19.50 -14.53
CA ARG B 5 5.24 19.05 -14.54
C ARG B 5 5.15 17.56 -14.82
N HIS B 6 5.19 16.76 -13.75
CA HIS B 6 5.11 15.31 -13.87
C HIS B 6 4.80 14.67 -12.52
N ARG B 7 3.99 13.63 -12.53
CA ARG B 7 3.61 12.95 -11.29
C ARG B 7 2.94 11.60 -11.58
OH ALY B 8 4.53 8.01 -5.19
CH ALY B 8 3.78 7.09 -5.51
CH3 ALY B 8 2.59 6.75 -4.59
NZ ALY B 8 3.83 6.50 -6.69
CE ALY B 8 2.70 6.40 -7.59
CD ALY B 8 2.65 7.58 -8.54
CG ALY B 8 1.23 7.85 -9.00
CB ALY B 8 1.06 9.32 -9.35
CA ALY B 8 1.68 9.71 -10.68
N ALY B 8 2.35 10.99 -10.55
C ALY B 8 0.58 9.77 -11.75
O ALY B 8 0.09 8.74 -12.19
HH31 ALY B 8 2.85 6.98 -3.57
HH32 ALY B 8 1.73 7.33 -4.88
HH33 ALY B 8 2.36 5.70 -4.68
HZ ALY B 8 4.70 6.15 -7.00
HE3 ALY B 8 2.78 5.50 -8.16
HE2 ALY B 8 1.79 6.39 -7.02
HD3 ALY B 8 3.02 8.46 -8.04
HD2 ALY B 8 3.27 7.36 -9.40
HG3 ALY B 8 1.03 7.25 -9.87
HG2 ALY B 8 0.56 7.59 -8.20
HB3 ALY B 8 -0.01 9.52 -9.37
HB2 ALY B 8 1.52 9.89 -8.58
HA ALY B 8 2.41 8.96 -10.97
H ALY B 8 2.38 11.43 -9.67
N VAL B 9 0.21 11.01 -12.14
CA VAL B 9 -0.82 11.20 -13.16
C VAL B 9 -0.63 10.19 -14.29
N LEU B 10 -1.45 9.15 -14.30
CA LEU B 10 -1.33 8.11 -15.30
C LEU B 10 -2.66 7.43 -15.57
N ARG B 11 -2.89 7.09 -16.84
CA ARG B 11 -4.10 6.40 -17.26
C ARG B 11 -5.37 7.10 -16.73
N ASP B 12 -6.50 6.41 -16.84
CA ASP B 12 -7.78 6.95 -16.38
C ASP B 12 -8.15 8.24 -17.11
N ASN B 13 -7.55 8.43 -18.29
CA ASN B 13 -7.82 9.63 -19.09
C ASN B 13 -7.37 9.42 -20.53
N ILE B 14 -6.19 8.83 -20.70
CA ILE B 14 -5.64 8.58 -22.03
C ILE B 14 -5.46 7.08 -22.26
N GLN B 15 -6.46 6.46 -22.89
CA GLN B 15 -6.41 5.03 -23.17
C GLN B 15 -5.34 4.72 -24.21
N GLY A 1 11.01 -17.50 13.93
CA GLY A 1 10.16 -18.39 14.77
C GLY A 1 9.29 -17.61 15.74
N SER A 2 9.86 -16.56 16.31
CA SER A 2 9.14 -15.72 17.26
C SER A 2 9.71 -14.30 17.27
N HIS A 3 9.11 -13.43 16.47
CA HIS A 3 9.55 -12.04 16.39
C HIS A 3 9.03 -11.23 17.57
N MET A 4 7.81 -10.71 17.45
CA MET A 4 7.20 -9.92 18.51
C MET A 4 6.74 -10.82 19.65
N ARG A 5 6.20 -10.22 20.70
CA ARG A 5 5.72 -10.97 21.85
C ARG A 5 4.24 -10.74 22.07
N LYS A 6 3.50 -10.63 20.98
CA LYS A 6 2.07 -10.42 21.02
C LYS A 6 1.33 -11.75 20.86
N LYS A 7 0.31 -11.75 20.02
CA LYS A 7 -0.49 -12.93 19.76
C LYS A 7 0.28 -13.89 18.84
N ILE A 8 0.56 -13.43 17.62
CA ILE A 8 1.32 -14.20 16.63
C ILE A 8 0.66 -15.54 16.30
N PHE A 9 0.16 -15.64 15.07
CA PHE A 9 -0.48 -16.84 14.58
C PHE A 9 0.40 -17.44 13.49
N LYS A 10 -0.24 -17.86 12.41
CA LYS A 10 0.43 -18.39 11.26
C LYS A 10 0.35 -17.35 10.15
N PRO A 11 1.38 -17.20 9.31
CA PRO A 11 1.34 -16.22 8.22
C PRO A 11 0.05 -16.34 7.41
N GLU A 12 -0.59 -17.51 7.51
CA GLU A 12 -1.84 -17.76 6.81
C GLU A 12 -3.01 -17.12 7.55
N GLU A 13 -2.97 -17.21 8.89
CA GLU A 13 -3.99 -16.62 9.73
C GLU A 13 -4.14 -15.16 9.40
N LEU A 14 -3.01 -14.49 9.54
CA LEU A 14 -2.94 -13.08 9.27
C LEU A 14 -3.54 -12.82 7.92
N ARG A 15 -2.97 -13.45 6.90
CA ARG A 15 -3.48 -13.32 5.55
C ARG A 15 -5.00 -13.27 5.54
N GLN A 16 -5.61 -14.14 6.32
CA GLN A 16 -7.05 -14.24 6.38
C GLN A 16 -7.69 -12.94 6.78
N ALA A 17 -7.05 -12.25 7.69
CA ALA A 17 -7.54 -10.96 8.11
C ALA A 17 -6.95 -9.85 7.21
N LEU A 18 -5.63 -9.84 7.11
CA LEU A 18 -4.88 -8.89 6.32
C LEU A 18 -5.31 -8.80 4.87
N MET A 19 -5.07 -9.85 4.11
CA MET A 19 -5.42 -9.85 2.71
C MET A 19 -6.74 -9.15 2.46
N PRO A 20 -7.83 -9.56 3.14
CA PRO A 20 -9.13 -8.91 2.98
C PRO A 20 -8.97 -7.40 3.02
N THR A 21 -8.15 -6.93 3.96
CA THR A 21 -7.88 -5.51 4.05
C THR A 21 -7.29 -5.01 2.73
N LEU A 22 -6.21 -5.66 2.32
CA LEU A 22 -5.54 -5.35 1.06
C LEU A 22 -6.54 -5.37 -0.07
N GLU A 23 -7.57 -6.19 0.11
CA GLU A 23 -8.60 -6.36 -0.88
C GLU A 23 -9.53 -5.16 -0.93
N ALA A 24 -9.86 -4.59 0.24
CA ALA A 24 -10.73 -3.41 0.26
C ALA A 24 -10.10 -2.33 -0.59
N LEU A 25 -8.80 -2.25 -0.49
CA LEU A 25 -8.02 -1.29 -1.24
C LEU A 25 -8.03 -1.71 -2.70
N TYR A 26 -8.06 -3.01 -2.91
CA TYR A 26 -8.05 -3.57 -4.24
C TYR A 26 -9.38 -3.28 -4.92
N ARG A 27 -10.41 -3.04 -4.11
CA ARG A 27 -11.73 -2.71 -4.62
C ARG A 27 -11.71 -1.28 -5.11
N GLN A 28 -10.86 -0.50 -4.45
CA GLN A 28 -10.72 0.91 -4.78
C GLN A 28 -10.03 1.07 -6.12
N ASP A 29 -9.88 -0.06 -6.79
CA ASP A 29 -9.23 -0.20 -8.09
C ASP A 29 -8.50 1.08 -8.56
N PRO A 30 -9.16 2.10 -9.16
CA PRO A 30 -8.45 3.28 -9.64
C PRO A 30 -7.51 3.88 -8.60
N GLU A 31 -7.64 3.39 -7.38
CA GLU A 31 -6.83 3.86 -6.27
C GLU A 31 -5.78 2.82 -5.88
N SER A 32 -6.08 1.56 -6.11
CA SER A 32 -5.17 0.48 -5.78
C SER A 32 -4.20 0.18 -6.92
N LEU A 33 -4.68 0.19 -8.17
CA LEU A 33 -3.82 -0.09 -9.33
C LEU A 33 -2.46 0.59 -9.19
N PRO A 34 -2.43 1.92 -8.91
CA PRO A 34 -1.18 2.67 -8.75
C PRO A 34 -0.20 2.02 -7.76
N PHE A 35 -0.64 0.96 -7.05
CA PHE A 35 0.23 0.28 -6.09
C PHE A 35 0.20 -1.22 -6.28
N ARG A 36 -0.93 -1.76 -6.71
CA ARG A 36 -1.07 -3.21 -6.92
C ARG A 36 0.13 -3.71 -7.71
N GLN A 37 0.75 -2.77 -8.41
CA GLN A 37 1.94 -3.00 -9.20
C GLN A 37 2.98 -1.97 -8.79
N PRO A 38 4.28 -2.31 -8.83
CA PRO A 38 5.34 -1.38 -8.43
C PRO A 38 5.16 0.00 -9.07
N VAL A 39 5.05 1.03 -8.22
CA VAL A 39 4.87 2.41 -8.71
C VAL A 39 6.04 2.80 -9.59
N ASP A 40 5.98 2.38 -10.85
CA ASP A 40 7.04 2.68 -11.79
C ASP A 40 7.17 4.19 -12.00
N PRO A 41 8.34 4.76 -11.68
CA PRO A 41 8.59 6.19 -11.85
C PRO A 41 8.85 6.54 -13.31
N GLN A 42 8.30 5.71 -14.18
CA GLN A 42 8.47 5.87 -15.61
C GLN A 42 7.12 6.12 -16.27
N LEU A 43 6.14 5.25 -16.01
CA LEU A 43 4.80 5.43 -16.57
C LEU A 43 4.27 6.77 -16.10
N LEU A 44 4.74 7.17 -14.92
CA LEU A 44 4.35 8.40 -14.29
C LEU A 44 5.38 9.50 -14.57
N GLY A 45 6.65 9.12 -14.55
CA GLY A 45 7.72 10.06 -14.80
C GLY A 45 8.02 10.91 -13.58
N ILE A 46 8.23 10.24 -12.45
CA ILE A 46 8.51 10.93 -11.21
C ILE A 46 9.89 10.58 -10.66
N PRO A 47 10.94 11.26 -11.15
CA PRO A 47 12.32 11.02 -10.69
C PRO A 47 12.45 11.25 -9.18
N ASP A 48 11.50 12.00 -8.64
CA ASP A 48 11.49 12.30 -7.21
C ASP A 48 11.17 11.07 -6.38
N TYR A 49 10.92 9.95 -7.04
CA TYR A 49 10.62 8.72 -6.32
C TYR A 49 11.88 8.20 -5.65
N PHE A 50 11.70 7.54 -4.51
CA PHE A 50 12.83 7.03 -3.72
C PHE A 50 13.59 8.21 -3.12
N ASP A 51 13.13 9.42 -3.42
CA ASP A 51 13.74 10.66 -2.94
C ASP A 51 12.80 11.33 -1.96
N ILE A 52 11.74 10.61 -1.66
CA ILE A 52 10.69 11.10 -0.81
C ILE A 52 10.22 10.02 0.14
N VAL A 53 9.69 8.98 -0.48
CA VAL A 53 9.12 7.86 0.24
C VAL A 53 10.18 7.00 0.92
N LYS A 54 11.29 6.78 0.21
CA LYS A 54 12.42 5.99 0.71
C LYS A 54 12.09 4.49 0.68
N ASN A 55 10.82 4.17 0.93
CA ASN A 55 10.37 2.80 0.92
C ASN A 55 9.11 2.67 0.08
N PRO A 56 9.28 2.26 -1.19
CA PRO A 56 8.19 2.11 -2.15
C PRO A 56 7.35 0.86 -1.91
N MET A 57 6.78 0.74 -0.71
CA MET A 57 5.93 -0.40 -0.38
C MET A 57 4.66 -0.33 -1.21
N ASP A 58 4.68 -0.94 -2.39
CA ASP A 58 3.52 -0.93 -3.28
C ASP A 58 2.63 -2.13 -3.02
N LEU A 59 1.31 -1.92 -3.12
CA LEU A 59 0.32 -2.98 -2.92
C LEU A 59 0.74 -4.27 -3.60
N SER A 60 1.63 -4.15 -4.59
CA SER A 60 2.14 -5.32 -5.27
C SER A 60 2.97 -6.12 -4.30
N THR A 61 4.03 -5.48 -3.81
CA THR A 61 4.91 -6.10 -2.85
C THR A 61 4.10 -6.47 -1.61
N ILE A 62 3.17 -5.60 -1.25
CA ILE A 62 2.33 -5.79 -0.09
C ILE A 62 1.44 -7.04 -0.23
N LYS A 63 0.40 -6.92 -1.05
CA LYS A 63 -0.51 -8.05 -1.28
C LYS A 63 0.29 -9.32 -1.55
N ARG A 64 1.54 -9.16 -1.98
CA ARG A 64 2.41 -10.31 -2.23
C ARG A 64 2.96 -10.86 -0.94
N LYS A 65 3.91 -10.14 -0.32
CA LYS A 65 4.50 -10.58 0.95
C LYS A 65 3.44 -11.26 1.79
N LEU A 66 2.33 -10.57 1.97
CA LEU A 66 1.20 -11.09 2.73
C LEU A 66 0.86 -12.50 2.27
N ASP A 67 0.55 -12.59 0.99
CA ASP A 67 0.18 -13.83 0.32
C ASP A 67 1.24 -14.91 0.41
N THR A 68 2.47 -14.54 0.11
CA THR A 68 3.60 -15.45 0.09
C THR A 68 3.96 -15.94 1.49
N GLY A 69 3.57 -15.18 2.51
CA GLY A 69 3.84 -15.58 3.88
C GLY A 69 5.06 -14.90 4.48
N GLN A 70 5.41 -13.72 3.95
CA GLN A 70 6.56 -12.97 4.47
C GLN A 70 6.15 -12.15 5.67
N TYR A 71 5.52 -12.80 6.63
CA TYR A 71 5.05 -12.14 7.83
C TYR A 71 4.95 -13.11 8.99
N GLN A 72 4.45 -12.58 10.10
CA GLN A 72 4.26 -13.36 11.32
C GLN A 72 3.41 -12.54 12.28
N GLU A 73 3.57 -11.22 12.17
CA GLU A 73 2.81 -10.28 12.97
C GLU A 73 2.09 -9.32 12.03
N PRO A 74 0.76 -9.22 12.16
CA PRO A 74 -0.07 -8.34 11.30
C PRO A 74 0.41 -6.89 11.25
N TRP A 75 0.73 -6.33 12.42
CA TRP A 75 1.19 -4.94 12.49
C TRP A 75 2.24 -4.66 11.42
N GLN A 76 3.16 -5.60 11.24
CA GLN A 76 4.21 -5.46 10.23
C GLN A 76 3.61 -5.16 8.87
N TYR A 77 2.60 -5.95 8.50
CA TYR A 77 1.95 -5.76 7.21
C TYR A 77 1.30 -4.40 7.16
N VAL A 78 0.74 -4.00 8.29
CA VAL A 78 0.08 -2.71 8.41
C VAL A 78 1.06 -1.59 8.12
N ASP A 79 2.18 -1.64 8.81
CA ASP A 79 3.22 -0.64 8.64
C ASP A 79 3.69 -0.61 7.19
N ASP A 80 3.46 -1.71 6.46
CA ASP A 80 3.87 -1.77 5.07
C ASP A 80 2.84 -1.13 4.17
N VAL A 81 1.59 -1.51 4.38
CA VAL A 81 0.50 -0.96 3.58
C VAL A 81 0.36 0.52 3.89
N TRP A 82 0.62 0.90 5.14
CA TRP A 82 0.58 2.29 5.51
C TRP A 82 1.82 2.96 4.99
N LEU A 83 2.86 2.16 4.79
CA LEU A 83 4.07 2.66 4.20
C LEU A 83 3.70 3.14 2.82
N MET A 84 2.78 2.39 2.22
CA MET A 84 2.26 2.67 0.89
C MET A 84 1.47 3.98 0.87
N PHE A 85 0.34 4.05 1.59
CA PHE A 85 -0.44 5.29 1.62
C PHE A 85 0.46 6.45 2.05
N ASN A 86 1.46 6.15 2.87
CA ASN A 86 2.41 7.16 3.34
C ASN A 86 3.28 7.67 2.22
N ASN A 87 3.90 6.76 1.46
CA ASN A 87 4.74 7.17 0.32
C ASN A 87 3.93 8.11 -0.53
N ALA A 88 2.63 7.91 -0.51
CA ALA A 88 1.73 8.70 -1.31
C ALA A 88 1.56 10.09 -0.75
N TRP A 89 1.32 10.13 0.53
CA TRP A 89 1.06 11.35 1.24
C TRP A 89 2.30 12.21 1.43
N LEU A 90 3.38 11.62 1.94
CA LEU A 90 4.58 12.39 2.12
C LEU A 90 5.14 12.77 0.75
N TYR A 91 4.62 12.12 -0.31
CA TYR A 91 5.00 12.45 -1.67
C TYR A 91 4.09 13.55 -2.22
N ASN A 92 2.86 13.20 -2.65
CA ASN A 92 1.95 14.22 -3.12
C ASN A 92 0.61 14.00 -2.48
N ARG A 93 0.11 12.83 -2.79
CA ARG A 93 -1.19 12.34 -2.38
C ARG A 93 -1.77 13.03 -1.16
N LYS A 94 -3.02 13.46 -1.32
CA LYS A 94 -3.78 14.14 -0.28
C LYS A 94 -5.14 14.66 -0.81
N THR A 95 -5.17 15.56 -1.82
CA THR A 95 -6.47 16.03 -2.36
C THR A 95 -6.41 16.29 -3.87
N SER A 96 -6.66 15.24 -4.65
CA SER A 96 -6.68 15.35 -6.12
C SER A 96 -6.89 13.99 -6.78
N ARG A 97 -6.30 13.79 -7.97
CA ARG A 97 -6.47 12.52 -8.68
C ARG A 97 -5.77 11.37 -7.97
N VAL A 98 -4.44 11.31 -8.06
CA VAL A 98 -3.72 10.24 -7.39
C VAL A 98 -3.71 10.49 -5.91
N TYR A 99 -3.93 11.75 -5.55
CA TYR A 99 -3.97 12.14 -4.18
C TYR A 99 -5.12 11.41 -3.49
N LYS A 100 -6.30 11.46 -4.11
CA LYS A 100 -7.49 10.82 -3.59
C LYS A 100 -7.36 9.30 -3.59
N PHE A 101 -6.58 8.78 -4.54
CA PHE A 101 -6.42 7.33 -4.63
C PHE A 101 -5.83 6.81 -3.33
N CYS A 102 -4.82 7.50 -2.83
CA CYS A 102 -4.21 7.08 -1.58
C CYS A 102 -5.21 7.21 -0.44
N SER A 103 -5.84 8.39 -0.38
CA SER A 103 -6.82 8.70 0.65
C SER A 103 -7.70 7.51 1.00
N LYS A 104 -8.49 7.05 0.03
CA LYS A 104 -9.37 5.91 0.26
C LYS A 104 -8.59 4.71 0.73
N LEU A 105 -7.50 4.39 0.06
CA LEU A 105 -6.71 3.24 0.46
C LEU A 105 -6.44 3.24 1.95
N ALA A 106 -5.98 4.37 2.47
CA ALA A 106 -5.68 4.48 3.90
C ALA A 106 -6.97 4.51 4.70
N GLU A 107 -8.06 4.81 4.02
CA GLU A 107 -9.38 4.87 4.65
C GLU A 107 -9.98 3.47 4.82
N VAL A 108 -10.34 2.83 3.71
CA VAL A 108 -10.91 1.50 3.79
C VAL A 108 -10.01 0.65 4.63
N PHE A 109 -8.72 0.69 4.33
CA PHE A 109 -7.76 -0.10 5.05
C PHE A 109 -7.82 0.16 6.55
N GLU A 110 -7.85 1.43 6.95
CA GLU A 110 -7.91 1.75 8.35
C GLU A 110 -9.17 1.13 8.96
N GLN A 111 -10.12 0.83 8.08
CA GLN A 111 -11.37 0.23 8.45
C GLN A 111 -11.32 -1.29 8.29
N GLU A 112 -10.32 -1.76 7.53
CA GLU A 112 -10.12 -3.18 7.28
C GLU A 112 -9.13 -3.75 8.28
N ILE A 113 -8.16 -2.92 8.63
CA ILE A 113 -7.10 -3.26 9.56
C ILE A 113 -7.61 -3.15 10.99
N ASP A 114 -8.87 -2.73 11.13
CA ASP A 114 -9.48 -2.64 12.44
C ASP A 114 -9.94 -4.04 12.85
N PRO A 115 -10.81 -4.67 12.02
CA PRO A 115 -11.23 -6.03 12.27
C PRO A 115 -10.01 -6.93 12.34
N VAL A 116 -8.96 -6.48 11.66
CA VAL A 116 -7.69 -7.19 11.65
C VAL A 116 -6.95 -6.98 12.94
N MET A 117 -6.45 -5.78 13.13
CA MET A 117 -5.66 -5.47 14.32
C MET A 117 -6.33 -5.93 15.62
N GLN A 118 -7.62 -6.26 15.55
CA GLN A 118 -8.34 -6.74 16.71
C GLN A 118 -8.33 -8.27 16.79
N SER A 119 -8.45 -8.93 15.63
CA SER A 119 -8.45 -10.39 15.59
C SER A 119 -7.08 -10.90 15.14
N LEU A 120 -6.18 -9.95 14.96
CA LEU A 120 -4.82 -10.21 14.51
C LEU A 120 -3.81 -9.72 15.55
N GLY A 121 -4.15 -8.63 16.23
CA GLY A 121 -3.27 -8.07 17.24
C GLY A 121 -4.02 -7.61 18.48
N GLY B 1 -6.62 23.06 -22.22
CA GLY B 1 -6.69 22.02 -21.16
C GLY B 1 -6.18 22.52 -19.82
N GLY B 2 -6.00 21.59 -18.88
CA GLY B 2 -5.52 21.97 -17.56
C GLY B 2 -4.03 21.79 -17.40
N ALA B 3 -3.56 20.54 -17.56
CA ALA B 3 -2.14 20.23 -17.45
C ALA B 3 -1.61 20.63 -16.08
N LYS B 4 -0.27 20.75 -15.98
CA LYS B 4 0.38 21.14 -14.73
C LYS B 4 0.19 20.06 -13.66
N ARG B 5 1.11 20.04 -12.69
CA ARG B 5 1.06 19.08 -11.60
C ARG B 5 1.05 17.64 -12.14
N HIS B 6 2.22 17.15 -12.50
CA HIS B 6 2.36 15.79 -13.04
C HIS B 6 3.24 14.94 -12.14
N ARG B 7 2.60 14.06 -11.36
CA ARG B 7 3.32 13.18 -10.45
C ARG B 7 2.83 11.74 -10.58
OH ALY B 8 0.86 8.53 -6.48
CH ALY B 8 0.16 7.50 -6.45
CH3 ALY B 8 -0.96 7.41 -5.41
NZ ALY B 8 0.09 6.68 -7.49
CE ALY B 8 1.14 6.55 -8.48
CD ALY B 8 0.89 7.43 -9.69
CG ALY B 8 1.08 8.91 -9.36
CB ALY B 8 0.36 9.78 -10.36
CA ALY B 8 1.21 10.21 -11.56
N ALY B 8 1.77 11.54 -11.34
C ALY B 8 0.37 10.18 -12.83
O ALY B 8 -0.81 9.83 -12.80
HH31 ALY B 8 -1.64 6.63 -5.69
HH32 ALY B 8 -0.54 7.19 -4.44
HH33 ALY B 8 -1.48 8.35 -5.36
HZ ALY B 8 -0.72 6.14 -7.60
HE3 ALY B 8 2.09 6.81 -8.04
HE2 ALY B 8 1.16 5.53 -8.81
HD3 ALY B 8 1.58 7.15 -10.47
HD2 ALY B 8 -0.12 7.28 -10.04
HG3 ALY B 8 0.68 9.09 -8.38
HG2 ALY B 8 2.13 9.13 -9.39
HB3 ALY B 8 -0.50 9.24 -10.72
HB2 ALY B 8 0.01 10.65 -9.83
HA ALY B 8 2.03 9.52 -11.66
H ALY B 8 1.35 12.31 -11.78
N VAL B 9 1.00 10.52 -13.95
CA VAL B 9 0.31 10.52 -15.24
C VAL B 9 -0.28 9.14 -15.53
N LEU B 10 0.49 8.10 -15.22
CA LEU B 10 0.06 6.72 -15.43
C LEU B 10 -0.43 6.51 -16.85
N ARG B 11 0.49 6.18 -17.75
CA ARG B 11 0.15 5.94 -19.15
C ARG B 11 -0.82 4.77 -19.28
N ASP B 12 -1.76 4.87 -20.21
CA ASP B 12 -2.74 3.82 -20.42
C ASP B 12 -2.59 3.18 -21.80
N ASN B 13 -1.85 3.86 -22.68
CA ASN B 13 -1.63 3.37 -24.03
C ASN B 13 -0.46 2.38 -24.07
N ILE B 14 -0.47 1.45 -23.13
CA ILE B 14 0.58 0.44 -23.05
C ILE B 14 0.22 -0.80 -23.86
N GLN B 15 -1.08 -1.06 -23.98
CA GLN B 15 -1.56 -2.22 -24.73
C GLN B 15 -1.90 -1.83 -26.17
N GLY A 1 11.89 -9.16 13.04
CA GLY A 1 11.57 -10.47 13.67
C GLY A 1 10.46 -11.21 12.93
N SER A 2 9.75 -12.06 13.66
CA SER A 2 8.65 -12.83 13.08
C SER A 2 7.62 -13.20 14.13
N HIS A 3 8.06 -13.97 15.12
CA HIS A 3 7.18 -14.40 16.20
C HIS A 3 7.31 -13.51 17.44
N MET A 4 6.74 -12.31 17.36
CA MET A 4 6.79 -11.36 18.47
C MET A 4 6.11 -11.96 19.70
N ARG A 5 6.20 -11.24 20.83
CA ARG A 5 5.61 -11.71 22.08
C ARG A 5 4.17 -11.22 22.25
N LYS A 6 3.39 -11.25 21.18
CA LYS A 6 2.00 -10.83 21.24
C LYS A 6 1.07 -12.03 21.00
N LYS A 7 0.54 -12.15 19.79
CA LYS A 7 -0.34 -13.25 19.45
C LYS A 7 0.37 -14.19 18.49
N ILE A 8 0.60 -13.69 17.29
CA ILE A 8 1.31 -14.43 16.28
C ILE A 8 0.64 -15.75 15.97
N PHE A 9 0.00 -15.78 14.81
CA PHE A 9 -0.72 -16.93 14.35
C PHE A 9 -0.01 -17.50 13.15
N LYS A 10 -0.72 -18.32 12.39
CA LYS A 10 -0.18 -18.88 11.17
C LYS A 10 -0.19 -17.78 10.12
N PRO A 11 0.83 -17.69 9.25
CA PRO A 11 0.86 -16.65 8.22
C PRO A 11 -0.44 -16.65 7.41
N GLU A 12 -1.14 -17.78 7.47
CA GLU A 12 -2.42 -17.93 6.78
C GLU A 12 -3.51 -17.17 7.53
N GLU A 13 -3.46 -17.23 8.85
CA GLU A 13 -4.43 -16.54 9.70
C GLU A 13 -4.46 -15.08 9.33
N LEU A 14 -3.29 -14.50 9.40
CA LEU A 14 -3.09 -13.13 9.09
C LEU A 14 -3.69 -12.81 7.75
N ARG A 15 -3.24 -13.51 6.72
CA ARG A 15 -3.78 -13.29 5.39
C ARG A 15 -5.29 -13.27 5.42
N GLN A 16 -5.87 -14.04 6.33
CA GLN A 16 -7.32 -14.11 6.42
C GLN A 16 -7.91 -12.82 6.91
N ALA A 17 -7.16 -12.09 7.69
CA ALA A 17 -7.62 -10.81 8.15
C ALA A 17 -7.02 -9.71 7.25
N LEU A 18 -5.69 -9.71 7.18
CA LEU A 18 -4.91 -8.79 6.38
C LEU A 18 -5.30 -8.72 4.93
N MET A 19 -5.07 -9.79 4.21
CA MET A 19 -5.36 -9.81 2.80
C MET A 19 -6.70 -9.15 2.51
N PRO A 20 -7.79 -9.56 3.18
CA PRO A 20 -9.08 -8.94 2.98
C PRO A 20 -8.93 -7.44 2.98
N THR A 21 -8.11 -6.94 3.90
CA THR A 21 -7.82 -5.53 3.95
C THR A 21 -7.19 -5.10 2.62
N LEU A 22 -6.03 -5.67 2.31
CA LEU A 22 -5.33 -5.38 1.05
C LEU A 22 -6.30 -5.52 -0.12
N GLU A 23 -7.36 -6.28 0.12
CA GLU A 23 -8.35 -6.56 -0.90
C GLU A 23 -9.42 -5.47 -0.99
N ALA A 24 -9.78 -4.82 0.13
CA ALA A 24 -10.75 -3.72 0.06
C ALA A 24 -10.09 -2.58 -0.70
N LEU A 25 -8.77 -2.50 -0.57
CA LEU A 25 -7.97 -1.52 -1.28
C LEU A 25 -7.93 -1.90 -2.75
N TYR A 26 -7.70 -3.19 -2.99
CA TYR A 26 -7.65 -3.73 -4.33
C TYR A 26 -9.00 -3.50 -4.99
N ARG A 27 -10.03 -3.40 -4.13
CA ARG A 27 -11.39 -3.19 -4.59
C ARG A 27 -11.61 -1.72 -4.92
N GLN A 28 -10.71 -0.86 -4.42
CA GLN A 28 -10.79 0.56 -4.70
C GLN A 28 -10.18 0.84 -6.06
N ASP A 29 -9.97 -0.26 -6.77
CA ASP A 29 -9.37 -0.29 -8.11
C ASP A 29 -8.67 1.00 -8.53
N PRO A 30 -9.35 2.02 -9.11
CA PRO A 30 -8.64 3.19 -9.62
C PRO A 30 -7.76 3.86 -8.57
N GLU A 31 -7.89 3.43 -7.34
CA GLU A 31 -7.12 4.01 -6.25
C GLU A 31 -5.97 3.10 -5.82
N SER A 32 -6.07 1.82 -6.16
CA SER A 32 -5.06 0.84 -5.80
C SER A 32 -3.99 0.60 -6.88
N LEU A 33 -4.41 0.26 -8.13
CA LEU A 33 -3.46 -0.04 -9.23
C LEU A 33 -2.07 0.56 -9.05
N PRO A 34 -1.95 1.90 -8.93
CA PRO A 34 -0.67 2.60 -8.78
C PRO A 34 0.29 1.93 -7.80
N PHE A 35 -0.24 1.05 -6.95
CA PHE A 35 0.58 0.34 -5.97
C PHE A 35 0.49 -1.17 -6.19
N ARG A 36 -0.67 -1.62 -6.67
CA ARG A 36 -0.90 -3.04 -6.92
C ARG A 36 0.23 -3.63 -7.77
N GLN A 37 1.00 -2.75 -8.40
CA GLN A 37 2.11 -3.16 -9.27
C GLN A 37 3.18 -2.06 -9.46
N PRO A 38 2.79 -0.80 -9.74
CA PRO A 38 3.72 0.32 -10.00
C PRO A 38 4.49 0.82 -8.77
N VAL A 39 4.76 2.14 -8.79
CA VAL A 39 5.52 2.83 -7.74
C VAL A 39 7.00 2.62 -7.96
N ASP A 40 7.57 3.38 -8.88
CA ASP A 40 8.98 3.27 -9.20
C ASP A 40 9.44 4.47 -10.02
N PRO A 41 10.70 4.93 -9.80
CA PRO A 41 11.24 6.08 -10.54
C PRO A 41 11.58 5.74 -12.00
N GLN A 42 10.73 4.94 -12.63
CA GLN A 42 10.92 4.54 -14.02
C GLN A 42 9.60 4.64 -14.75
N LEU A 43 8.59 3.98 -14.20
CA LEU A 43 7.25 3.99 -14.78
C LEU A 43 6.71 5.40 -14.80
N LEU A 44 6.91 6.10 -13.69
CA LEU A 44 6.42 7.47 -13.55
C LEU A 44 7.47 8.46 -14.04
N GLY A 45 8.73 8.13 -13.80
CA GLY A 45 9.81 9.00 -14.24
C GLY A 45 10.01 10.18 -13.31
N ILE A 46 10.47 9.89 -12.10
CA ILE A 46 10.69 10.92 -11.10
C ILE A 46 11.83 10.55 -10.16
N PRO A 47 13.07 10.97 -10.48
CA PRO A 47 14.24 10.67 -9.65
C PRO A 47 14.04 11.00 -8.18
N ASP A 48 13.05 11.84 -7.90
CA ASP A 48 12.74 12.24 -6.53
C ASP A 48 12.45 11.03 -5.64
N TYR A 49 12.29 9.86 -6.26
CA TYR A 49 12.02 8.65 -5.51
C TYR A 49 13.15 8.36 -4.53
N PHE A 50 12.81 7.71 -3.43
CA PHE A 50 13.77 7.36 -2.40
C PHE A 50 14.36 8.62 -1.76
N ASP A 51 13.89 9.77 -2.19
CA ASP A 51 14.33 11.06 -1.66
C ASP A 51 13.19 11.69 -0.93
N ILE A 52 12.18 10.87 -0.70
CA ILE A 52 10.95 11.30 -0.09
C ILE A 52 10.32 10.18 0.72
N VAL A 53 9.91 9.16 0.00
CA VAL A 53 9.24 8.01 0.60
C VAL A 53 10.21 7.17 1.43
N LYS A 54 11.43 7.03 0.92
CA LYS A 54 12.49 6.26 1.58
C LYS A 54 12.23 4.76 1.45
N ASN A 55 10.95 4.40 1.45
CA ASN A 55 10.56 3.01 1.33
C ASN A 55 9.54 2.86 0.21
N PRO A 56 10.03 2.49 -0.98
CA PRO A 56 9.21 2.30 -2.17
C PRO A 56 8.37 1.02 -2.11
N MET A 57 7.20 1.14 -1.51
CA MET A 57 6.28 0.02 -1.36
C MET A 57 5.40 -0.11 -2.58
N ASP A 58 4.52 -1.09 -2.55
CA ASP A 58 3.59 -1.31 -3.65
C ASP A 58 2.69 -2.47 -3.29
N LEU A 59 1.38 -2.22 -3.35
CA LEU A 59 0.39 -3.24 -3.05
C LEU A 59 0.78 -4.57 -3.70
N SER A 60 1.65 -4.52 -4.70
CA SER A 60 2.14 -5.74 -5.31
C SER A 60 3.01 -6.44 -4.29
N THR A 61 4.01 -5.71 -3.79
CA THR A 61 4.89 -6.23 -2.75
C THR A 61 4.07 -6.53 -1.52
N ILE A 62 3.32 -5.52 -1.09
CA ILE A 62 2.45 -5.64 0.06
C ILE A 62 1.57 -6.89 -0.03
N LYS A 63 0.57 -6.85 -0.90
CA LYS A 63 -0.32 -8.00 -1.08
C LYS A 63 0.47 -9.30 -1.24
N ARG A 64 1.74 -9.20 -1.63
CA ARG A 64 2.56 -10.40 -1.80
C ARG A 64 3.16 -10.87 -0.48
N LYS A 65 4.13 -10.13 0.06
CA LYS A 65 4.75 -10.51 1.33
C LYS A 65 3.69 -11.05 2.27
N LEU A 66 2.52 -10.43 2.24
CA LEU A 66 1.40 -10.87 3.04
C LEU A 66 1.09 -12.31 2.64
N ASP A 67 0.57 -12.41 1.42
CA ASP A 67 0.17 -13.68 0.80
C ASP A 67 1.25 -14.75 0.84
N THR A 68 2.49 -14.35 1.07
CA THR A 68 3.61 -15.28 1.07
C THR A 68 4.03 -15.68 2.49
N GLY A 69 3.69 -14.84 3.47
CA GLY A 69 4.03 -15.15 4.85
C GLY A 69 5.40 -14.64 5.25
N GLN A 70 5.70 -13.40 4.89
CA GLN A 70 6.98 -12.80 5.23
C GLN A 70 6.84 -11.88 6.44
N TYR A 71 5.63 -11.85 6.99
CA TYR A 71 5.32 -11.01 8.14
C TYR A 71 5.32 -11.79 9.44
N GLN A 72 4.35 -12.70 9.58
CA GLN A 72 4.17 -13.52 10.77
C GLN A 72 3.45 -12.73 11.85
N GLU A 73 3.46 -11.41 11.67
CA GLU A 73 2.79 -10.49 12.58
C GLU A 73 2.04 -9.45 11.75
N PRO A 74 0.73 -9.29 11.99
CA PRO A 74 -0.10 -8.35 11.23
C PRO A 74 0.40 -6.90 11.22
N TRP A 75 0.88 -6.41 12.36
CA TRP A 75 1.39 -5.03 12.45
C TRP A 75 2.34 -4.74 11.30
N GLN A 76 3.36 -5.58 11.16
CA GLN A 76 4.36 -5.41 10.11
C GLN A 76 3.69 -5.14 8.76
N TYR A 77 2.62 -5.88 8.47
CA TYR A 77 1.95 -5.71 7.21
C TYR A 77 1.29 -4.33 7.16
N VAL A 78 0.74 -3.92 8.28
CA VAL A 78 0.09 -2.62 8.38
C VAL A 78 1.08 -1.52 8.08
N ASP A 79 2.20 -1.57 8.79
CA ASP A 79 3.25 -0.60 8.60
C ASP A 79 3.68 -0.57 7.13
N ASP A 80 3.47 -1.69 6.43
CA ASP A 80 3.86 -1.77 5.02
C ASP A 80 2.84 -1.12 4.11
N VAL A 81 1.57 -1.41 4.37
CA VAL A 81 0.50 -0.85 3.58
C VAL A 81 0.37 0.65 3.86
N TRP A 82 0.52 1.03 5.12
CA TRP A 82 0.48 2.44 5.46
C TRP A 82 1.71 3.10 4.91
N LEU A 83 2.72 2.27 4.70
CA LEU A 83 3.95 2.72 4.08
C LEU A 83 3.64 3.12 2.65
N MET A 84 2.69 2.39 2.08
CA MET A 84 2.22 2.62 0.71
C MET A 84 1.46 3.94 0.59
N PHE A 85 0.30 4.06 1.26
CA PHE A 85 -0.45 5.32 1.17
C PHE A 85 0.48 6.47 1.55
N ASN A 86 1.52 6.14 2.34
CA ASN A 86 2.49 7.14 2.78
C ASN A 86 3.26 7.73 1.60
N ASN A 87 3.92 6.87 0.81
CA ASN A 87 4.67 7.35 -0.35
C ASN A 87 3.78 8.22 -1.22
N ALA A 88 2.52 7.86 -1.35
CA ALA A 88 1.59 8.62 -2.19
C ALA A 88 1.30 9.98 -1.56
N TRP A 89 1.42 10.01 -0.24
CA TRP A 89 1.09 11.19 0.56
C TRP A 89 2.23 12.19 0.68
N LEU A 90 3.34 11.74 1.25
CA LEU A 90 4.47 12.63 1.45
C LEU A 90 5.26 12.86 0.16
N TYR A 91 4.89 12.12 -0.90
CA TYR A 91 5.53 12.29 -2.21
C TYR A 91 4.77 13.29 -3.05
N ASN A 92 3.49 12.99 -3.31
CA ASN A 92 2.68 13.86 -4.14
C ASN A 92 2.39 15.16 -3.41
N ARG A 93 2.93 15.28 -2.21
CA ARG A 93 2.77 16.48 -1.38
C ARG A 93 1.30 16.73 -1.05
N LYS A 94 0.54 17.22 -2.04
CA LYS A 94 -0.87 17.51 -1.87
C LYS A 94 -1.51 17.82 -3.20
N THR A 95 -0.97 17.21 -4.24
CA THR A 95 -1.42 17.43 -5.60
C THR A 95 -2.89 17.07 -5.77
N SER A 96 -3.17 15.80 -6.02
CA SER A 96 -4.55 15.34 -6.24
C SER A 96 -4.66 13.90 -6.73
N ARG A 97 -3.98 13.59 -7.84
CA ARG A 97 -4.05 12.25 -8.45
C ARG A 97 -4.02 11.13 -7.41
N VAL A 98 -2.84 10.83 -6.86
CA VAL A 98 -2.80 9.79 -5.86
C VAL A 98 -3.48 10.29 -4.62
N TYR A 99 -3.28 11.57 -4.33
CA TYR A 99 -3.89 12.19 -3.15
C TYR A 99 -5.26 11.56 -2.85
N LYS A 100 -6.02 11.33 -3.92
CA LYS A 100 -7.34 10.72 -3.80
C LYS A 100 -7.23 9.19 -3.75
N PHE A 101 -6.33 8.63 -4.56
CA PHE A 101 -6.14 7.17 -4.58
C PHE A 101 -5.70 6.66 -3.22
N CYS A 102 -4.72 7.32 -2.62
CA CYS A 102 -4.18 6.93 -1.32
C CYS A 102 -5.17 7.28 -0.21
N SER A 103 -5.83 8.42 -0.34
CA SER A 103 -6.81 8.86 0.66
C SER A 103 -7.75 7.72 1.01
N LYS A 104 -8.32 7.09 -0.01
CA LYS A 104 -9.23 5.98 0.22
C LYS A 104 -8.50 4.75 0.74
N LEU A 105 -7.50 4.29 0.01
CA LEU A 105 -6.76 3.11 0.42
C LEU A 105 -6.50 3.13 1.93
N ALA A 106 -6.03 4.26 2.43
CA ALA A 106 -5.76 4.38 3.87
C ALA A 106 -7.05 4.38 4.65
N GLU A 107 -8.12 4.90 4.04
CA GLU A 107 -9.44 4.94 4.66
C GLU A 107 -9.98 3.52 4.79
N VAL A 108 -10.32 2.91 3.65
CA VAL A 108 -10.81 1.53 3.65
C VAL A 108 -9.93 0.74 4.56
N PHE A 109 -8.64 0.74 4.28
CA PHE A 109 -7.68 -0.02 5.06
C PHE A 109 -7.77 0.26 6.55
N GLU A 110 -7.86 1.52 6.94
CA GLU A 110 -7.95 1.84 8.34
C GLU A 110 -9.23 1.21 8.89
N GLN A 111 -10.12 0.92 7.95
CA GLN A 111 -11.41 0.30 8.24
C GLN A 111 -11.34 -1.21 8.01
N GLU A 112 -10.36 -1.65 7.21
CA GLU A 112 -10.17 -3.05 6.90
C GLU A 112 -9.31 -3.68 7.99
N ILE A 113 -8.35 -2.88 8.46
CA ILE A 113 -7.40 -3.29 9.49
C ILE A 113 -8.01 -3.17 10.88
N ASP A 114 -9.26 -2.75 10.95
CA ASP A 114 -9.91 -2.65 12.24
C ASP A 114 -10.29 -4.05 12.69
N PRO A 115 -11.07 -4.78 11.86
CA PRO A 115 -11.41 -6.16 12.16
C PRO A 115 -10.13 -6.97 12.28
N VAL A 116 -9.08 -6.47 11.62
CA VAL A 116 -7.79 -7.13 11.64
C VAL A 116 -7.07 -6.86 12.94
N MET A 117 -6.61 -5.64 13.12
CA MET A 117 -5.83 -5.28 14.30
C MET A 117 -6.51 -5.73 15.59
N GLN A 118 -7.81 -6.06 15.51
CA GLN A 118 -8.53 -6.52 16.69
C GLN A 118 -8.51 -8.06 16.79
N SER A 119 -8.60 -8.74 15.65
CA SER A 119 -8.57 -10.20 15.63
C SER A 119 -7.21 -10.73 15.21
N LEU A 120 -6.29 -9.79 15.01
CA LEU A 120 -4.94 -10.10 14.57
C LEU A 120 -3.90 -9.66 15.60
N GLY A 121 -4.18 -8.55 16.27
CA GLY A 121 -3.26 -8.04 17.28
C GLY A 121 -3.83 -8.10 18.67
N GLY B 1 0.49 24.54 -20.86
CA GLY B 1 -0.71 23.71 -20.60
C GLY B 1 -1.50 24.18 -19.38
N GLY B 2 -0.78 24.69 -18.39
CA GLY B 2 -1.42 25.17 -17.18
C GLY B 2 -1.97 24.04 -16.33
N ALA B 3 -1.29 23.78 -15.20
CA ALA B 3 -1.70 22.71 -14.29
C ALA B 3 -1.75 21.37 -15.00
N LYS B 4 -0.64 20.65 -14.98
CA LYS B 4 -0.56 19.34 -15.63
C LYS B 4 -0.30 18.25 -14.60
N ARG B 5 -1.07 17.16 -14.71
CA ARG B 5 -0.94 16.04 -13.78
C ARG B 5 -0.19 14.89 -14.44
N HIS B 6 1.10 14.78 -14.14
CA HIS B 6 1.94 13.72 -14.70
C HIS B 6 3.06 13.36 -13.72
N ARG B 7 2.80 12.39 -12.85
CA ARG B 7 3.78 11.97 -11.86
C ARG B 7 3.44 10.58 -11.32
OH ALY B 8 4.19 8.94 -6.16
CH ALY B 8 3.93 7.75 -5.94
CH3 ALY B 8 3.58 7.33 -4.52
NZ ALY B 8 3.75 6.89 -6.92
CE ALY B 8 2.44 6.34 -7.27
CD ALY B 8 1.92 6.88 -8.58
CG ALY B 8 1.93 8.39 -8.59
CB ALY B 8 1.10 8.95 -9.73
CA ALY B 8 1.77 8.82 -11.09
N ALY B 8 2.22 10.13 -11.57
C ALY B 8 0.81 8.18 -12.08
O ALY B 8 0.32 8.83 -13.01
HH31 ALY B 8 4.00 8.03 -3.81
HH32 ALY B 8 2.50 7.32 -4.40
HH33 ALY B 8 3.98 6.35 -4.33
HZ ALY B 8 4.50 6.67 -7.51
HE3 ALY B 8 2.52 5.26 -7.33
HE2 ALY B 8 1.74 6.59 -6.49
HD3 ALY B 8 2.57 6.52 -9.38
HD2 ALY B 8 0.91 6.53 -8.74
HG3 ALY B 8 1.52 8.75 -7.65
HG2 ALY B 8 2.95 8.75 -8.68
HB3 ALY B 8 0.17 8.40 -9.75
HB2 ALY B 8 0.90 9.99 -9.53
HA ALY B 8 2.64 8.19 -11.00
H ALY B 8 1.59 10.69 -12.08
N VAL B 9 0.53 6.89 -11.86
CA VAL B 9 -0.39 6.15 -12.72
C VAL B 9 0.07 6.18 -14.17
N LEU B 10 1.24 5.59 -14.43
CA LEU B 10 1.79 5.57 -15.77
C LEU B 10 1.64 4.18 -16.40
N ARG B 11 2.59 3.29 -16.11
CA ARG B 11 2.56 1.94 -16.66
C ARG B 11 3.64 1.07 -16.03
N ASP B 12 4.06 0.02 -16.73
CA ASP B 12 5.09 -0.87 -16.23
C ASP B 12 5.69 -1.69 -17.37
N ASN B 13 7.02 -1.63 -17.51
CA ASN B 13 7.72 -2.37 -18.56
C ASN B 13 7.57 -3.86 -18.37
N ILE B 14 7.01 -4.54 -19.38
CA ILE B 14 6.81 -5.98 -19.32
C ILE B 14 6.58 -6.55 -20.72
N GLN B 15 7.33 -7.58 -21.07
CA GLN B 15 7.21 -8.22 -22.37
C GLN B 15 7.19 -9.74 -22.24
N GLY A 1 6.63 -20.15 14.07
CA GLY A 1 5.28 -19.80 14.59
C GLY A 1 5.34 -18.93 15.83
N SER A 2 6.38 -18.12 15.93
CA SER A 2 6.56 -17.24 17.09
C SER A 2 7.53 -16.11 16.77
N HIS A 3 7.12 -14.88 17.08
CA HIS A 3 7.95 -13.71 16.82
C HIS A 3 7.78 -12.67 17.94
N MET A 4 6.79 -11.79 17.79
CA MET A 4 6.53 -10.76 18.79
C MET A 4 6.03 -11.38 20.09
N ARG A 5 5.70 -10.53 21.05
CA ARG A 5 5.23 -10.97 22.35
C ARG A 5 3.70 -11.03 22.39
N LYS A 6 3.05 -10.36 21.45
CA LYS A 6 1.59 -10.33 21.40
C LYS A 6 1.04 -11.69 20.96
N LYS A 7 0.09 -11.68 20.01
CA LYS A 7 -0.51 -12.90 19.53
C LYS A 7 0.48 -13.72 18.72
N ILE A 8 0.70 -13.26 17.49
CA ILE A 8 1.60 -13.92 16.56
C ILE A 8 1.07 -15.30 16.22
N PHE A 9 0.42 -15.37 15.07
CA PHE A 9 -0.17 -16.60 14.57
C PHE A 9 0.65 -17.10 13.40
N LYS A 10 -0.02 -17.83 12.51
CA LYS A 10 0.61 -18.31 11.31
C LYS A 10 0.44 -17.25 10.22
N PRO A 11 1.42 -17.11 9.30
CA PRO A 11 1.32 -16.12 8.24
C PRO A 11 0.01 -16.23 7.47
N GLU A 12 -0.65 -17.38 7.62
CA GLU A 12 -1.93 -17.63 6.96
C GLU A 12 -3.07 -17.01 7.76
N GLU A 13 -2.96 -17.11 9.09
CA GLU A 13 -3.96 -16.54 9.98
C GLU A 13 -4.11 -15.08 9.67
N LEU A 14 -2.99 -14.41 9.72
CA LEU A 14 -2.93 -13.00 9.44
C LEU A 14 -3.55 -12.76 8.10
N ARG A 15 -2.96 -13.38 7.08
CA ARG A 15 -3.46 -13.26 5.73
C ARG A 15 -4.97 -13.28 5.70
N GLN A 16 -5.54 -14.16 6.51
CA GLN A 16 -6.98 -14.30 6.57
C GLN A 16 -7.64 -12.99 6.93
N ALA A 17 -7.00 -12.26 7.82
CA ALA A 17 -7.50 -10.96 8.20
C ALA A 17 -6.92 -9.87 7.26
N LEU A 18 -5.60 -9.84 7.19
CA LEU A 18 -4.84 -8.91 6.36
C LEU A 18 -5.25 -8.88 4.90
N MET A 19 -4.99 -9.95 4.18
CA MET A 19 -5.30 -10.00 2.77
C MET A 19 -6.63 -9.32 2.47
N PRO A 20 -7.72 -9.72 3.15
CA PRO A 20 -9.02 -9.09 2.95
C PRO A 20 -8.88 -7.58 2.95
N THR A 21 -8.08 -7.07 3.90
CA THR A 21 -7.82 -5.64 3.98
C THR A 21 -7.24 -5.14 2.65
N LEU A 22 -6.14 -5.79 2.23
CA LEU A 22 -5.47 -5.47 0.97
C LEU A 22 -6.48 -5.49 -0.17
N GLU A 23 -7.38 -6.45 -0.11
CA GLU A 23 -8.40 -6.63 -1.12
C GLU A 23 -9.35 -5.45 -1.17
N ALA A 24 -9.73 -4.92 0.00
CA ALA A 24 -10.63 -3.77 0.03
C ALA A 24 -10.01 -2.63 -0.74
N LEU A 25 -8.69 -2.54 -0.64
CA LEU A 25 -7.93 -1.53 -1.35
C LEU A 25 -7.85 -1.90 -2.80
N TYR A 26 -7.89 -3.21 -3.06
CA TYR A 26 -7.82 -3.72 -4.40
C TYR A 26 -9.12 -3.40 -5.13
N ARG A 27 -10.17 -3.15 -4.34
CA ARG A 27 -11.46 -2.77 -4.88
C ARG A 27 -11.36 -1.33 -5.28
N GLN A 28 -10.55 -0.61 -4.52
CA GLN A 28 -10.29 0.79 -4.78
C GLN A 28 -9.28 0.89 -5.89
N ASP A 29 -9.40 -0.04 -6.85
CA ASP A 29 -8.54 -0.09 -8.02
C ASP A 29 -8.00 1.27 -8.44
N PRO A 30 -8.82 2.20 -8.98
CA PRO A 30 -8.28 3.47 -9.46
C PRO A 30 -7.42 4.17 -8.42
N GLU A 31 -7.54 3.72 -7.20
CA GLU A 31 -6.79 4.26 -6.08
C GLU A 31 -5.59 3.39 -5.74
N SER A 32 -5.70 2.09 -6.02
CA SER A 32 -4.64 1.14 -5.70
C SER A 32 -3.66 0.79 -6.85
N LEU A 33 -4.10 0.61 -8.12
CA LEU A 33 -3.15 0.23 -9.20
C LEU A 33 -1.75 0.77 -8.90
N PRO A 34 -1.61 2.10 -8.72
CA PRO A 34 -0.34 2.74 -8.40
C PRO A 34 0.57 1.85 -7.55
N PHE A 35 -0.01 1.23 -6.53
CA PHE A 35 0.74 0.35 -5.63
C PHE A 35 0.54 -1.11 -5.98
N ARG A 36 -0.68 -1.48 -6.42
CA ARG A 36 -0.97 -2.86 -6.79
C ARG A 36 0.16 -3.42 -7.65
N GLN A 37 0.84 -2.50 -8.32
CA GLN A 37 1.98 -2.80 -9.17
C GLN A 37 3.11 -1.81 -8.84
N PRO A 38 4.37 -2.29 -8.70
CA PRO A 38 5.50 -1.44 -8.35
C PRO A 38 5.54 -0.15 -9.16
N VAL A 39 5.29 0.98 -8.48
CA VAL A 39 5.29 2.27 -9.15
C VAL A 39 6.69 2.62 -9.62
N ASP A 40 6.81 3.01 -10.88
CA ASP A 40 8.11 3.33 -11.45
C ASP A 40 8.28 4.83 -11.67
N PRO A 41 9.44 5.38 -11.30
CA PRO A 41 9.74 6.80 -11.47
C PRO A 41 10.27 7.08 -12.87
N GLN A 42 9.74 6.36 -13.84
CA GLN A 42 10.16 6.49 -15.23
C GLN A 42 8.96 6.58 -16.14
N LEU A 43 7.93 5.82 -15.82
CA LEU A 43 6.69 5.85 -16.61
C LEU A 43 6.26 7.29 -16.73
N LEU A 44 6.43 8.01 -15.63
CA LEU A 44 6.10 9.42 -15.56
C LEU A 44 7.37 10.23 -15.76
N GLY A 45 8.48 9.65 -15.30
CA GLY A 45 9.77 10.29 -15.42
C GLY A 45 10.14 11.16 -14.23
N ILE A 46 9.83 10.69 -13.03
CA ILE A 46 10.15 11.43 -11.81
C ILE A 46 11.10 10.66 -10.90
N PRO A 47 12.42 10.73 -11.17
CA PRO A 47 13.45 10.05 -10.37
C PRO A 47 13.34 10.31 -8.86
N ASP A 48 12.61 11.35 -8.51
CA ASP A 48 12.40 11.74 -7.10
C ASP A 48 12.11 10.54 -6.19
N TYR A 49 11.69 9.40 -6.75
CA TYR A 49 11.41 8.23 -5.93
C TYR A 49 12.64 7.85 -5.11
N PHE A 50 12.39 7.22 -3.96
CA PHE A 50 13.46 6.80 -3.06
C PHE A 50 14.16 8.01 -2.44
N ASP A 51 13.73 9.22 -2.81
CA ASP A 51 14.33 10.44 -2.30
C ASP A 51 13.31 11.17 -1.44
N ILE A 52 12.29 10.44 -1.05
CA ILE A 52 11.19 10.99 -0.30
C ILE A 52 10.55 9.93 0.59
N VAL A 53 10.09 8.88 -0.07
CA VAL A 53 9.40 7.79 0.60
C VAL A 53 10.38 6.91 1.39
N LYS A 54 11.56 6.67 0.80
CA LYS A 54 12.61 5.88 1.44
C LYS A 54 12.27 4.39 1.49
N ASN A 55 11.00 4.06 1.53
CA ASN A 55 10.59 2.65 1.59
C ASN A 55 9.44 2.35 0.63
N PRO A 56 9.76 2.36 -0.66
CA PRO A 56 8.82 2.07 -1.73
C PRO A 56 8.03 0.78 -1.50
N MET A 57 6.89 0.91 -0.81
CA MET A 57 6.03 -0.25 -0.54
C MET A 57 4.78 -0.19 -1.40
N ASP A 58 4.72 -1.06 -2.39
CA ASP A 58 3.57 -1.09 -3.30
C ASP A 58 2.71 -2.32 -3.03
N LEU A 59 1.38 -2.12 -3.08
CA LEU A 59 0.42 -3.20 -2.85
C LEU A 59 0.84 -4.48 -3.54
N SER A 60 1.69 -4.38 -4.55
CA SER A 60 2.17 -5.57 -5.23
C SER A 60 3.01 -6.35 -4.24
N THR A 61 4.04 -5.67 -3.72
CA THR A 61 4.92 -6.25 -2.72
C THR A 61 4.09 -6.58 -1.48
N ILE A 62 3.22 -5.65 -1.12
CA ILE A 62 2.36 -5.82 0.04
C ILE A 62 1.50 -7.07 -0.05
N LYS A 63 0.48 -7.02 -0.90
CA LYS A 63 -0.40 -8.17 -1.09
C LYS A 63 0.43 -9.46 -1.29
N ARG A 64 1.69 -9.30 -1.72
CA ARG A 64 2.57 -10.45 -1.94
C ARG A 64 3.15 -10.97 -0.62
N LYS A 65 4.10 -10.25 -0.03
CA LYS A 65 4.72 -10.69 1.24
C LYS A 65 3.66 -11.24 2.16
N LEU A 66 2.51 -10.59 2.18
CA LEU A 66 1.39 -11.05 3.00
C LEU A 66 1.08 -12.49 2.62
N ASP A 67 0.87 -12.66 1.33
CA ASP A 67 0.56 -13.95 0.72
C ASP A 67 1.65 -14.99 0.93
N THR A 68 2.88 -14.56 0.68
CA THR A 68 4.04 -15.42 0.78
C THR A 68 4.34 -15.81 2.23
N GLY A 69 3.93 -14.96 3.16
CA GLY A 69 4.14 -15.24 4.57
C GLY A 69 5.40 -14.61 5.13
N GLN A 70 5.69 -13.38 4.73
CA GLN A 70 6.87 -12.68 5.21
C GLN A 70 6.49 -11.61 6.23
N TYR A 71 5.73 -12.04 7.23
CA TYR A 71 5.27 -11.12 8.27
C TYR A 71 5.28 -11.78 9.65
N GLN A 72 4.39 -12.76 9.83
CA GLN A 72 4.22 -13.47 11.10
C GLN A 72 3.43 -12.61 12.08
N GLU A 73 3.60 -11.31 11.99
CA GLU A 73 2.86 -10.38 12.83
C GLU A 73 2.09 -9.40 11.94
N PRO A 74 0.79 -9.22 12.20
CA PRO A 74 -0.06 -8.33 11.39
C PRO A 74 0.40 -6.88 11.34
N TRP A 75 0.94 -6.37 12.45
CA TRP A 75 1.37 -4.96 12.49
C TRP A 75 2.35 -4.65 11.37
N GLN A 76 3.35 -5.51 11.21
CA GLN A 76 4.36 -5.32 10.18
C GLN A 76 3.71 -5.05 8.83
N TYR A 77 2.67 -5.81 8.50
CA TYR A 77 1.99 -5.65 7.25
C TYR A 77 1.31 -4.29 7.19
N VAL A 78 0.83 -3.85 8.35
CA VAL A 78 0.16 -2.57 8.44
C VAL A 78 1.13 -1.43 8.22
N ASP A 79 2.23 -1.49 8.94
CA ASP A 79 3.26 -0.48 8.82
C ASP A 79 3.74 -0.40 7.37
N ASP A 80 3.52 -1.46 6.60
CA ASP A 80 3.96 -1.48 5.20
C ASP A 80 2.88 -0.91 4.30
N VAL A 81 1.65 -1.34 4.50
CA VAL A 81 0.53 -0.86 3.70
C VAL A 81 0.31 0.61 3.98
N TRP A 82 0.57 1.02 5.22
CA TRP A 82 0.46 2.41 5.59
C TRP A 82 1.66 3.15 5.08
N LEU A 83 2.78 2.44 4.97
CA LEU A 83 3.97 3.02 4.41
C LEU A 83 3.66 3.28 2.94
N MET A 84 2.86 2.38 2.38
CA MET A 84 2.41 2.50 1.01
C MET A 84 1.61 3.80 0.82
N PHE A 85 0.47 3.95 1.52
CA PHE A 85 -0.28 5.18 1.37
C PHE A 85 0.62 6.36 1.75
N ASN A 86 1.66 6.06 2.55
CA ASN A 86 2.60 7.07 2.99
C ASN A 86 3.41 7.64 1.83
N ASN A 87 4.06 6.76 1.05
CA ASN A 87 4.82 7.22 -0.10
C ASN A 87 3.95 8.10 -0.96
N ALA A 88 2.70 7.70 -1.13
CA ALA A 88 1.75 8.44 -1.94
C ALA A 88 1.41 9.78 -1.31
N TRP A 89 1.54 9.81 0.00
CA TRP A 89 1.19 10.98 0.81
C TRP A 89 2.31 12.02 0.89
N LEU A 90 3.45 11.63 1.43
CA LEU A 90 4.55 12.57 1.59
C LEU A 90 5.29 12.81 0.26
N TYR A 91 4.93 12.05 -0.77
CA TYR A 91 5.51 12.19 -2.10
C TYR A 91 4.67 13.14 -2.94
N ASN A 92 3.39 12.78 -3.09
CA ASN A 92 2.47 13.59 -3.88
C ASN A 92 1.94 14.74 -3.05
N ARG A 93 2.63 15.01 -1.94
CA ARG A 93 2.26 16.07 -1.02
C ARG A 93 0.77 16.20 -0.82
N LYS A 94 0.14 17.06 -1.60
CA LYS A 94 -1.27 17.28 -1.45
C LYS A 94 -1.84 17.99 -2.67
N THR A 95 -3.16 18.02 -2.69
CA THR A 95 -3.94 18.66 -3.75
C THR A 95 -3.61 18.08 -5.12
N SER A 96 -3.53 16.76 -5.18
CA SER A 96 -3.26 16.05 -6.42
C SER A 96 -4.30 14.96 -6.66
N ARG A 97 -4.24 14.30 -7.81
CA ARG A 97 -5.18 13.23 -8.11
C ARG A 97 -4.87 12.02 -7.25
N VAL A 98 -3.59 11.68 -7.19
CA VAL A 98 -3.15 10.57 -6.38
C VAL A 98 -3.54 10.79 -4.93
N TYR A 99 -3.57 12.04 -4.51
CA TYR A 99 -3.96 12.39 -3.15
C TYR A 99 -5.29 11.70 -2.81
N LYS A 100 -6.11 11.47 -3.84
CA LYS A 100 -7.39 10.81 -3.66
C LYS A 100 -7.21 9.30 -3.68
N PHE A 101 -6.32 8.82 -4.55
CA PHE A 101 -6.06 7.39 -4.65
C PHE A 101 -5.51 6.85 -3.33
N CYS A 102 -4.57 7.57 -2.76
CA CYS A 102 -3.95 7.16 -1.51
C CYS A 102 -4.88 7.37 -0.32
N SER A 103 -5.57 8.51 -0.32
CA SER A 103 -6.48 8.86 0.76
C SER A 103 -7.44 7.71 1.07
N LYS A 104 -8.18 7.28 0.06
CA LYS A 104 -9.13 6.19 0.22
C LYS A 104 -8.42 4.90 0.64
N LEU A 105 -7.34 4.54 -0.03
CA LEU A 105 -6.63 3.32 0.33
C LEU A 105 -6.43 3.20 1.84
N ALA A 106 -5.97 4.27 2.46
CA ALA A 106 -5.75 4.27 3.91
C ALA A 106 -7.09 4.25 4.63
N GLU A 107 -8.11 4.76 3.95
CA GLU A 107 -9.46 4.81 4.50
C GLU A 107 -10.03 3.41 4.61
N VAL A 108 -10.32 2.81 3.46
CA VAL A 108 -10.85 1.46 3.41
C VAL A 108 -10.00 0.56 4.27
N PHE A 109 -8.68 0.68 4.13
CA PHE A 109 -7.78 -0.14 4.90
C PHE A 109 -7.91 0.11 6.38
N GLU A 110 -8.00 1.37 6.79
CA GLU A 110 -8.15 1.67 8.20
C GLU A 110 -9.49 1.10 8.66
N GLN A 111 -10.30 0.80 7.66
CA GLN A 111 -11.63 0.23 7.87
C GLN A 111 -11.59 -1.29 7.74
N GLU A 112 -10.47 -1.80 7.23
CA GLU A 112 -10.27 -3.24 7.05
C GLU A 112 -9.36 -3.80 8.12
N ILE A 113 -8.39 -2.99 8.50
CA ILE A 113 -7.42 -3.35 9.52
C ILE A 113 -8.02 -3.26 10.91
N ASP A 114 -9.27 -2.84 11.01
CA ASP A 114 -9.91 -2.77 12.31
C ASP A 114 -10.26 -4.18 12.72
N PRO A 115 -11.04 -4.90 11.89
CA PRO A 115 -11.35 -6.29 12.17
C PRO A 115 -10.06 -7.08 12.27
N VAL A 116 -9.01 -6.56 11.62
CA VAL A 116 -7.71 -7.19 11.63
C VAL A 116 -6.98 -6.90 12.92
N MET A 117 -6.52 -5.67 13.09
CA MET A 117 -5.75 -5.30 14.26
C MET A 117 -6.43 -5.76 15.55
N GLN A 118 -7.70 -6.12 15.48
CA GLN A 118 -8.44 -6.58 16.65
C GLN A 118 -8.40 -8.12 16.77
N SER A 119 -8.48 -8.81 15.63
CA SER A 119 -8.45 -10.27 15.62
C SER A 119 -7.06 -10.77 15.22
N LEU A 120 -6.17 -9.83 15.02
CA LEU A 120 -4.80 -10.08 14.61
C LEU A 120 -3.80 -9.59 15.65
N GLY A 121 -4.15 -8.48 16.30
CA GLY A 121 -3.28 -7.93 17.32
C GLY A 121 -4.03 -7.52 18.57
N GLY B 1 1.19 24.74 -24.84
CA GLY B 1 1.77 24.33 -23.52
C GLY B 1 0.96 23.23 -22.86
N GLY B 2 1.16 23.06 -21.56
CA GLY B 2 0.44 22.04 -20.82
C GLY B 2 1.27 21.44 -19.70
N ALA B 3 1.07 20.15 -19.45
CA ALA B 3 1.80 19.44 -18.40
C ALA B 3 1.62 20.14 -17.05
N LYS B 4 0.47 19.92 -16.42
CA LYS B 4 0.18 20.51 -15.12
C LYS B 4 0.69 19.62 -13.99
N ARG B 5 0.40 18.33 -14.09
CA ARG B 5 0.83 17.37 -13.08
C ARG B 5 1.78 16.33 -13.70
N HIS B 6 2.71 15.83 -12.90
CA HIS B 6 3.67 14.84 -13.37
C HIS B 6 4.28 14.06 -12.22
N ARG B 7 3.84 14.37 -11.00
CA ARG B 7 4.35 13.69 -9.82
C ARG B 7 3.92 12.22 -9.80
OH ALY B 8 0.84 7.37 -4.88
CH ALY B 8 0.06 6.92 -5.71
CH3 ALY B 8 -1.42 6.75 -5.35
NZ ALY B 8 0.43 6.73 -6.97
CE ALY B 8 1.78 6.40 -7.37
CD ALY B 8 2.54 7.59 -7.92
CG ALY B 8 1.59 8.66 -8.40
CB ALY B 8 2.27 9.90 -8.96
CA ALY B 8 3.72 10.16 -8.51
N ALY B 8 4.08 11.57 -8.65
C ALY B 8 4.64 9.29 -9.34
O ALY B 8 5.04 9.70 -10.42
HH31 ALY B 8 -1.73 5.74 -5.56
HH32 ALY B 8 -1.55 6.95 -4.29
HH33 ALY B 8 -2.02 7.44 -5.91
HZ ALY B 8 -0.25 6.82 -7.68
HE3 ALY B 8 2.32 6.02 -6.50
HE2 ALY B 8 1.74 5.64 -8.13
HD3 ALY B 8 3.18 7.99 -7.14
HD2 ALY B 8 3.13 7.26 -8.75
HG3 ALY B 8 0.97 8.24 -9.17
HG2 ALY B 8 0.99 8.97 -7.58
HB3 ALY B 8 2.28 9.82 -10.04
HB2 ALY B 8 1.68 10.74 -8.69
HA ALY B 8 3.82 9.87 -7.47
H ALY B 8 4.45 12.04 -7.88
N VAL B 9 4.97 8.13 -8.81
CA VAL B 9 5.79 7.17 -9.51
C VAL B 9 4.89 6.19 -10.29
N LEU B 10 3.67 6.65 -10.65
CA LEU B 10 2.68 5.82 -11.37
C LEU B 10 2.94 5.71 -12.87
N ARG B 11 1.96 5.18 -13.60
CA ARG B 11 2.07 5.04 -15.06
C ARG B 11 0.81 5.54 -15.76
N ASP B 12 1.01 6.29 -16.83
CA ASP B 12 -0.12 6.83 -17.60
C ASP B 12 -0.60 5.83 -18.64
N ASN B 13 -0.44 4.54 -18.33
CA ASN B 13 -0.85 3.47 -19.24
C ASN B 13 -0.06 3.51 -20.53
N ILE B 14 -0.08 2.39 -21.27
CA ILE B 14 0.63 2.29 -22.54
C ILE B 14 2.12 2.57 -22.35
N GLN B 15 2.89 1.54 -22.02
CA GLN B 15 4.32 1.68 -21.83
C GLN B 15 5.07 1.49 -23.14
#